data_2EDX
#
_entry.id   2EDX
#
_entity_poly.entity_id   1
_entity_poly.type   'polypeptide(L)'
_entity_poly.pdbx_seq_one_letter_code
;GSSGSSGTIEARTAQSTPSAPPQKVMCVSMGSTTVRVSWVPPPADSRNGVITQYSVAYEAVDGEDRGRHVVDGISREHSS
WDLVGLEKWTEYRVWVRAHTDVGPGPESSPVLVRTDEDVPSGPPRKVESGPSSG
;
_entity_poly.pdbx_strand_id   A
#
# COMPACT_ATOMS: atom_id res chain seq x y z
N GLY A 1 24.23 23.22 -15.55
CA GLY A 1 23.61 22.41 -16.59
C GLY A 1 22.21 21.99 -16.25
N SER A 2 21.43 21.62 -17.27
CA SER A 2 20.05 21.20 -17.06
C SER A 2 19.54 20.42 -18.27
N SER A 3 19.26 19.13 -18.07
CA SER A 3 18.76 18.28 -19.15
C SER A 3 17.42 17.67 -18.77
N GLY A 4 16.42 17.87 -19.63
CA GLY A 4 15.11 17.33 -19.37
C GLY A 4 14.06 18.42 -19.20
N SER A 5 13.03 18.38 -20.05
CA SER A 5 11.96 19.38 -20.00
C SER A 5 10.64 18.71 -19.63
N SER A 6 9.61 19.54 -19.41
CA SER A 6 8.30 19.05 -19.04
C SER A 6 7.36 19.07 -20.23
N GLY A 7 6.36 18.19 -20.22
CA GLY A 7 5.41 18.13 -21.31
C GLY A 7 5.21 16.72 -21.84
N THR A 8 4.27 16.00 -21.23
CA THR A 8 3.99 14.63 -21.63
C THR A 8 2.56 14.49 -22.13
N ILE A 9 2.41 14.07 -23.39
CA ILE A 9 1.09 13.91 -23.99
C ILE A 9 0.51 12.54 -23.65
N GLU A 10 -0.74 12.32 -24.04
CA GLU A 10 -1.42 11.06 -23.77
C GLU A 10 -1.25 10.09 -24.94
N ALA A 11 -1.29 8.80 -24.64
CA ALA A 11 -1.15 7.77 -25.67
C ALA A 11 -1.85 6.49 -25.25
N ARG A 12 -2.30 5.72 -26.24
CA ARG A 12 -3.00 4.46 -25.99
C ARG A 12 -2.06 3.44 -25.36
N THR A 13 -0.92 3.21 -26.01
CA THR A 13 0.06 2.26 -25.51
C THR A 13 1.00 2.91 -24.49
N ALA A 14 1.01 2.37 -23.28
CA ALA A 14 1.86 2.89 -22.22
C ALA A 14 3.20 3.37 -22.78
N GLN A 15 3.74 4.43 -22.20
CA GLN A 15 5.01 4.99 -22.64
C GLN A 15 6.11 4.69 -21.62
N SER A 16 5.95 5.21 -20.41
CA SER A 16 6.94 5.01 -19.35
C SER A 16 6.26 4.69 -18.03
N THR A 17 7.02 4.16 -17.09
CA THR A 17 6.49 3.81 -15.78
C THR A 17 6.11 5.05 -14.99
N PRO A 18 5.12 4.91 -14.10
CA PRO A 18 4.63 6.01 -13.26
C PRO A 18 5.65 6.44 -12.21
N SER A 19 5.59 7.71 -11.81
CA SER A 19 6.51 8.24 -10.82
C SER A 19 5.78 8.57 -9.52
N ALA A 20 4.83 9.49 -9.62
CA ALA A 20 4.05 9.91 -8.46
C ALA A 20 3.21 8.75 -7.91
N PRO A 21 2.27 8.26 -8.74
CA PRO A 21 1.39 7.15 -8.36
C PRO A 21 2.14 5.83 -8.27
N PRO A 22 1.65 4.92 -7.41
CA PRO A 22 0.44 5.18 -6.60
C PRO A 22 0.70 6.21 -5.51
N GLN A 23 -0.32 7.02 -5.22
CA GLN A 23 -0.21 8.05 -4.21
C GLN A 23 -1.42 8.04 -3.29
N LYS A 24 -1.34 8.81 -2.21
CA LYS A 24 -2.44 8.89 -1.24
C LYS A 24 -2.79 7.52 -0.70
N VAL A 25 -1.77 6.66 -0.55
CA VAL A 25 -1.98 5.31 -0.04
C VAL A 25 -2.45 5.34 1.41
N MET A 26 -3.72 5.03 1.62
CA MET A 26 -4.30 5.01 2.96
C MET A 26 -4.63 3.58 3.39
N CYS A 27 -3.92 3.10 4.41
CA CYS A 27 -4.13 1.75 4.91
C CYS A 27 -4.88 1.78 6.25
N VAL A 28 -5.71 0.77 6.47
CA VAL A 28 -6.49 0.68 7.71
C VAL A 28 -6.71 -0.76 8.12
N SER A 29 -6.62 -1.03 9.42
CA SER A 29 -6.81 -2.37 9.94
C SER A 29 -8.29 -2.76 9.93
N MET A 30 -8.67 -3.59 8.97
CA MET A 30 -10.06 -4.04 8.85
C MET A 30 -10.53 -4.67 10.16
N GLY A 31 -9.65 -5.42 10.81
CA GLY A 31 -10.00 -6.07 12.05
C GLY A 31 -8.80 -6.25 12.96
N SER A 32 -8.42 -7.51 13.20
CA SER A 32 -7.30 -7.81 14.07
C SER A 32 -6.22 -8.57 13.30
N THR A 33 -6.63 -9.43 12.38
CA THR A 33 -5.71 -10.22 11.59
C THR A 33 -5.86 -9.90 10.10
N THR A 34 -6.64 -8.87 9.79
CA THR A 34 -6.87 -8.47 8.41
C THR A 34 -6.66 -6.98 8.23
N VAL A 35 -6.04 -6.59 7.12
CA VAL A 35 -5.79 -5.18 6.82
C VAL A 35 -6.32 -4.81 5.45
N ARG A 36 -6.71 -3.54 5.30
CA ARG A 36 -7.23 -3.05 4.03
C ARG A 36 -6.49 -1.79 3.59
N VAL A 37 -5.83 -1.88 2.44
CA VAL A 37 -5.08 -0.75 1.91
C VAL A 37 -5.65 -0.29 0.57
N SER A 38 -5.89 1.00 0.45
CA SER A 38 -6.45 1.57 -0.77
C SER A 38 -5.59 2.73 -1.28
N TRP A 39 -5.48 2.86 -2.59
CA TRP A 39 -4.69 3.92 -3.20
C TRP A 39 -5.49 4.63 -4.30
N VAL A 40 -5.05 5.84 -4.65
CA VAL A 40 -5.72 6.62 -5.68
C VAL A 40 -5.19 6.26 -7.07
N PRO A 41 -6.12 6.12 -8.03
CA PRO A 41 -5.77 5.79 -9.42
C PRO A 41 -5.04 6.93 -10.12
N PRO A 42 -4.21 6.57 -11.12
CA PRO A 42 -3.44 7.55 -11.89
C PRO A 42 -4.33 8.38 -12.81
N PRO A 43 -3.89 9.62 -13.10
CA PRO A 43 -4.63 10.54 -13.98
C PRO A 43 -4.62 10.09 -15.42
N ALA A 44 -5.54 10.64 -16.21
CA ALA A 44 -5.64 10.29 -17.62
C ALA A 44 -4.85 11.27 -18.49
N ASP A 45 -5.03 12.57 -18.23
CA ASP A 45 -4.33 13.60 -18.98
C ASP A 45 -2.86 13.24 -19.17
N SER A 46 -2.18 12.97 -18.05
CA SER A 46 -0.76 12.62 -18.09
C SER A 46 -0.55 11.21 -17.54
N ARG A 47 -1.20 10.23 -18.16
CA ARG A 47 -1.08 8.84 -17.74
C ARG A 47 0.26 8.26 -18.18
N ASN A 48 1.21 8.19 -17.25
CA ASN A 48 2.52 7.66 -17.55
C ASN A 48 2.43 6.25 -18.13
N GLY A 49 1.51 5.45 -17.60
CA GLY A 49 1.34 4.10 -18.09
C GLY A 49 0.05 3.47 -17.60
N VAL A 50 -0.56 2.63 -18.44
CA VAL A 50 -1.81 1.97 -18.09
C VAL A 50 -1.57 0.83 -17.11
N ILE A 51 -1.92 1.06 -15.84
CA ILE A 51 -1.73 0.05 -14.81
C ILE A 51 -2.32 -1.29 -15.24
N THR A 52 -1.46 -2.27 -15.41
CA THR A 52 -1.89 -3.61 -15.82
C THR A 52 -2.18 -4.48 -14.61
N GLN A 53 -1.44 -4.27 -13.54
CA GLN A 53 -1.62 -5.05 -12.31
C GLN A 53 -1.04 -4.31 -11.11
N TYR A 54 -1.54 -4.64 -9.92
CA TYR A 54 -1.09 -4.01 -8.69
C TYR A 54 -0.39 -5.01 -7.78
N SER A 55 0.67 -4.57 -7.12
CA SER A 55 1.42 -5.44 -6.21
C SER A 55 1.38 -4.90 -4.79
N VAL A 56 1.09 -5.78 -3.83
CA VAL A 56 1.02 -5.39 -2.44
C VAL A 56 1.92 -6.28 -1.58
N ALA A 57 2.45 -5.71 -0.51
CA ALA A 57 3.33 -6.45 0.40
C ALA A 57 3.18 -5.96 1.83
N TYR A 58 3.43 -6.85 2.79
CA TYR A 58 3.32 -6.50 4.20
C TYR A 58 4.37 -7.24 5.03
N GLU A 59 4.83 -6.61 6.10
CA GLU A 59 5.83 -7.20 6.97
C GLU A 59 5.75 -6.62 8.37
N ALA A 60 5.75 -7.50 9.38
CA ALA A 60 5.67 -7.08 10.77
C ALA A 60 6.91 -6.27 11.17
N VAL A 61 6.71 -5.01 11.52
CA VAL A 61 7.80 -4.14 11.92
C VAL A 61 8.19 -4.37 13.38
N ASP A 62 7.19 -4.48 14.24
CA ASP A 62 7.43 -4.71 15.66
C ASP A 62 6.89 -6.07 16.09
N GLY A 63 7.12 -7.08 15.25
CA GLY A 63 6.65 -8.42 15.55
C GLY A 63 7.76 -9.45 15.47
N GLU A 64 7.55 -10.60 16.11
CA GLU A 64 8.54 -11.66 16.12
C GLU A 64 8.89 -12.08 14.68
N ASP A 65 7.86 -12.32 13.88
CA ASP A 65 8.05 -12.72 12.48
C ASP A 65 8.33 -11.51 11.61
N ARG A 66 9.55 -11.45 11.05
CA ARG A 66 9.94 -10.34 10.19
C ARG A 66 9.85 -10.75 8.72
N GLY A 67 9.01 -11.73 8.43
CA GLY A 67 8.85 -12.19 7.06
C GLY A 67 7.90 -11.33 6.26
N ARG A 68 8.41 -10.70 5.21
CA ARG A 68 7.60 -9.83 4.36
C ARG A 68 6.88 -10.64 3.29
N HIS A 69 5.56 -10.57 3.28
CA HIS A 69 4.76 -11.29 2.31
C HIS A 69 4.45 -10.42 1.09
N VAL A 70 4.10 -11.06 -0.02
CA VAL A 70 3.79 -10.33 -1.25
C VAL A 70 2.61 -10.96 -1.97
N VAL A 71 1.60 -10.15 -2.26
CA VAL A 71 0.40 -10.63 -2.95
C VAL A 71 0.59 -10.58 -4.46
N ASP A 72 0.20 -11.66 -5.14
CA ASP A 72 0.31 -11.75 -6.59
C ASP A 72 -1.03 -12.05 -7.22
N GLY A 73 -1.23 -11.56 -8.44
CA GLY A 73 -2.48 -11.79 -9.14
C GLY A 73 -3.58 -10.85 -8.70
N ILE A 74 -3.29 -9.54 -8.77
CA ILE A 74 -4.27 -8.53 -8.37
C ILE A 74 -4.79 -7.77 -9.58
N SER A 75 -6.11 -7.68 -9.69
CA SER A 75 -6.75 -6.99 -10.81
C SER A 75 -6.38 -5.50 -10.79
N ARG A 76 -6.11 -4.95 -11.97
CA ARG A 76 -5.75 -3.55 -12.09
C ARG A 76 -6.95 -2.65 -11.77
N GLU A 77 -8.14 -3.23 -11.85
CA GLU A 77 -9.36 -2.48 -11.57
C GLU A 77 -9.61 -2.38 -10.07
N HIS A 78 -8.72 -2.97 -9.28
CA HIS A 78 -8.83 -2.95 -7.83
C HIS A 78 -7.70 -2.13 -7.21
N SER A 79 -8.01 -0.88 -6.84
CA SER A 79 -7.01 0.00 -6.24
C SER A 79 -6.91 -0.25 -4.74
N SER A 80 -7.39 -1.40 -4.30
CA SER A 80 -7.35 -1.76 -2.89
C SER A 80 -7.22 -3.27 -2.71
N TRP A 81 -6.75 -3.68 -1.53
CA TRP A 81 -6.59 -5.10 -1.24
C TRP A 81 -6.81 -5.38 0.24
N ASP A 82 -7.28 -6.58 0.54
CA ASP A 82 -7.54 -6.97 1.93
C ASP A 82 -6.58 -8.08 2.37
N LEU A 83 -5.55 -7.71 3.12
CA LEU A 83 -4.57 -8.67 3.61
C LEU A 83 -5.16 -9.53 4.72
N VAL A 84 -4.87 -10.83 4.67
CA VAL A 84 -5.37 -11.77 5.67
C VAL A 84 -4.27 -12.72 6.12
N GLY A 85 -4.06 -12.80 7.43
CA GLY A 85 -3.05 -13.69 7.97
C GLY A 85 -1.94 -12.93 8.67
N LEU A 86 -2.31 -12.11 9.65
CA LEU A 86 -1.33 -11.33 10.40
C LEU A 86 -1.58 -11.47 11.90
N GLU A 87 -0.70 -10.86 12.70
CA GLU A 87 -0.82 -10.91 14.14
C GLU A 87 -1.81 -9.87 14.65
N LYS A 88 -2.33 -10.10 15.85
CA LYS A 88 -3.29 -9.19 16.45
C LYS A 88 -2.59 -8.15 17.32
N TRP A 89 -3.08 -6.92 17.27
CA TRP A 89 -2.50 -5.83 18.05
C TRP A 89 -1.02 -5.65 17.72
N THR A 90 -0.71 -5.62 16.43
CA THR A 90 0.67 -5.46 15.98
C THR A 90 0.74 -4.57 14.74
N GLU A 91 1.74 -3.70 14.70
CA GLU A 91 1.93 -2.80 13.57
C GLU A 91 2.51 -3.55 12.37
N TYR A 92 2.13 -3.12 11.17
CA TYR A 92 2.61 -3.75 9.95
C TYR A 92 2.84 -2.71 8.86
N ARG A 93 3.92 -2.87 8.11
CA ARG A 93 4.25 -1.95 7.04
C ARG A 93 3.79 -2.50 5.69
N VAL A 94 2.77 -1.86 5.11
CA VAL A 94 2.23 -2.28 3.83
C VAL A 94 2.80 -1.43 2.69
N TRP A 95 3.31 -2.11 1.67
CA TRP A 95 3.89 -1.43 0.51
C TRP A 95 3.14 -1.80 -0.76
N VAL A 96 2.44 -0.82 -1.34
CA VAL A 96 1.69 -1.04 -2.57
C VAL A 96 2.26 -0.24 -3.72
N ARG A 97 2.41 -0.87 -4.88
CA ARG A 97 2.96 -0.20 -6.05
C ARG A 97 2.11 -0.50 -7.29
N ALA A 98 2.42 0.16 -8.39
CA ALA A 98 1.69 -0.02 -9.63
C ALA A 98 2.62 -0.46 -10.76
N HIS A 99 2.26 -1.56 -11.42
CA HIS A 99 3.07 -2.08 -12.53
C HIS A 99 2.43 -1.77 -13.88
N THR A 100 3.26 -1.47 -14.86
CA THR A 100 2.76 -1.14 -16.20
C THR A 100 3.39 -2.05 -17.25
N ASP A 101 2.84 -2.01 -18.46
CA ASP A 101 3.35 -2.83 -19.55
C ASP A 101 4.73 -2.37 -19.99
N VAL A 102 5.19 -1.24 -19.42
CA VAL A 102 6.50 -0.69 -19.75
C VAL A 102 7.55 -1.14 -18.74
N GLY A 103 7.09 -1.44 -17.53
CA GLY A 103 8.01 -1.88 -16.49
C GLY A 103 7.42 -1.71 -15.10
N PRO A 104 8.09 -2.32 -14.09
CA PRO A 104 7.64 -2.25 -12.70
C PRO A 104 7.83 -0.86 -12.10
N GLY A 105 7.23 -0.63 -10.94
CA GLY A 105 7.34 0.65 -10.28
C GLY A 105 7.86 0.53 -8.87
N PRO A 106 8.44 1.63 -8.34
CA PRO A 106 8.99 1.68 -6.99
C PRO A 106 7.91 1.62 -5.91
N GLU A 107 8.29 1.18 -4.73
CA GLU A 107 7.35 1.07 -3.62
C GLU A 107 6.74 2.43 -3.29
N SER A 108 5.61 2.41 -2.60
CA SER A 108 4.91 3.65 -2.23
C SER A 108 5.09 3.93 -0.74
N SER A 109 4.55 5.06 -0.30
CA SER A 109 4.66 5.47 1.10
C SER A 109 3.98 4.44 2.01
N PRO A 110 4.79 3.81 2.88
CA PRO A 110 4.29 2.80 3.82
C PRO A 110 3.42 3.41 4.91
N VAL A 111 2.29 2.76 5.19
CA VAL A 111 1.37 3.23 6.22
C VAL A 111 1.36 2.30 7.42
N LEU A 112 1.73 2.84 8.58
CA LEU A 112 1.76 2.06 9.81
C LEU A 112 0.37 1.90 10.41
N VAL A 113 -0.12 0.66 10.44
CA VAL A 113 -1.44 0.39 10.98
C VAL A 113 -1.38 -0.63 12.12
N ARG A 114 -2.05 -0.32 13.23
CA ARG A 114 -2.06 -1.21 14.39
C ARG A 114 -3.38 -1.97 14.48
N THR A 115 -3.32 -3.27 14.20
CA THR A 115 -4.51 -4.11 14.24
C THR A 115 -5.19 -4.03 15.60
N ASP A 116 -6.47 -4.37 15.65
CA ASP A 116 -7.24 -4.34 16.89
C ASP A 116 -6.48 -5.04 18.01
N GLU A 117 -6.85 -4.72 19.26
CA GLU A 117 -6.20 -5.32 20.41
C GLU A 117 -7.03 -6.48 20.96
N ASP A 118 -6.34 -7.49 21.49
CA ASP A 118 -7.01 -8.66 22.05
C ASP A 118 -7.23 -8.49 23.54
N VAL A 119 -6.17 -8.16 24.27
CA VAL A 119 -6.25 -7.98 25.71
C VAL A 119 -7.23 -6.87 26.07
N PRO A 120 -7.86 -6.99 27.25
CA PRO A 120 -8.82 -5.99 27.73
C PRO A 120 -8.15 -4.68 28.11
N SER A 121 -6.84 -4.60 27.89
CA SER A 121 -6.08 -3.39 28.22
C SER A 121 -6.07 -2.43 27.04
N GLY A 122 -6.59 -1.22 27.27
CA GLY A 122 -6.62 -0.22 26.21
C GLY A 122 -5.30 0.53 26.08
N PRO A 123 -5.07 1.11 24.89
CA PRO A 123 -3.85 1.87 24.61
C PRO A 123 -3.80 3.19 25.37
N PRO A 124 -2.62 3.82 25.39
CA PRO A 124 -2.41 5.09 26.08
C PRO A 124 -3.12 6.25 25.40
N ARG A 125 -3.31 7.35 26.12
CA ARG A 125 -3.97 8.52 25.59
C ARG A 125 -3.08 9.75 25.67
N LYS A 126 -2.45 10.10 24.55
CA LYS A 126 -1.57 11.26 24.50
C LYS A 126 -2.29 12.47 23.91
N VAL A 127 -2.54 13.47 24.75
CA VAL A 127 -3.22 14.68 24.30
C VAL A 127 -2.23 15.66 23.65
N GLU A 128 -2.77 16.55 22.83
CA GLU A 128 -1.93 17.53 22.13
C GLU A 128 -2.79 18.53 21.37
N SER A 129 -2.36 19.79 21.34
CA SER A 129 -3.09 20.84 20.65
C SER A 129 -2.67 20.93 19.19
N GLY A 130 -3.61 21.26 18.31
CA GLY A 130 -3.33 21.37 16.91
C GLY A 130 -3.20 22.80 16.44
N PRO A 131 -2.09 23.12 15.75
CA PRO A 131 -1.82 24.47 15.25
C PRO A 131 -2.77 24.85 14.11
N SER A 132 -2.52 26.02 13.51
CA SER A 132 -3.33 26.49 12.41
C SER A 132 -2.84 25.92 11.07
N SER A 133 -3.68 25.10 10.46
CA SER A 133 -3.32 24.48 9.18
C SER A 133 -4.30 24.91 8.08
N GLY A 134 -3.84 24.84 6.83
CA GLY A 134 -4.67 25.23 5.72
C GLY A 134 -5.03 26.70 5.75
N GLY A 1 16.47 -16.96 14.67
CA GLY A 1 17.29 -16.82 13.48
C GLY A 1 17.96 -15.46 13.41
N SER A 2 19.16 -15.44 12.84
CA SER A 2 19.92 -14.19 12.71
C SER A 2 20.68 -14.14 11.38
N SER A 3 20.62 -13.00 10.71
CA SER A 3 21.29 -12.82 9.44
C SER A 3 22.23 -11.62 9.47
N GLY A 4 23.18 -11.61 8.55
CA GLY A 4 24.15 -10.51 8.50
C GLY A 4 23.80 -9.50 7.42
N SER A 5 24.38 -9.69 6.23
CA SER A 5 24.14 -8.78 5.12
C SER A 5 22.66 -8.42 5.01
N SER A 6 22.38 -7.13 4.88
CA SER A 6 21.01 -6.66 4.77
C SER A 6 20.92 -5.45 3.84
N GLY A 7 19.98 -5.50 2.90
CA GLY A 7 19.81 -4.41 1.97
C GLY A 7 18.51 -4.50 1.19
N THR A 8 18.19 -3.46 0.43
CA THR A 8 16.98 -3.43 -0.37
C THR A 8 17.28 -3.17 -1.83
N ILE A 9 16.95 -4.14 -2.68
CA ILE A 9 17.20 -4.02 -4.11
C ILE A 9 16.07 -3.25 -4.79
N GLU A 10 16.38 -2.64 -5.93
CA GLU A 10 15.38 -1.87 -6.68
C GLU A 10 15.93 -1.49 -8.06
N ALA A 11 15.11 -1.72 -9.09
CA ALA A 11 15.50 -1.40 -10.45
C ALA A 11 14.29 -1.06 -11.31
N ARG A 12 14.37 0.05 -12.04
CA ARG A 12 13.28 0.48 -12.90
C ARG A 12 13.03 -0.53 -14.02
N THR A 13 14.02 -0.69 -14.89
CA THR A 13 13.91 -1.62 -16.00
C THR A 13 12.55 -1.50 -16.68
N ALA A 14 12.16 -0.27 -17.00
CA ALA A 14 10.88 -0.02 -17.65
C ALA A 14 10.94 1.23 -18.50
N GLN A 15 10.33 1.18 -19.68
CA GLN A 15 10.31 2.31 -20.60
C GLN A 15 9.51 3.47 -20.00
N SER A 16 8.37 3.15 -19.41
CA SER A 16 7.51 4.18 -18.81
C SER A 16 6.78 3.62 -17.59
N THR A 17 6.82 4.36 -16.49
CA THR A 17 6.16 3.94 -15.26
C THR A 17 5.67 5.15 -14.46
N PRO A 18 4.64 4.93 -13.64
CA PRO A 18 4.05 5.98 -12.80
C PRO A 18 4.99 6.42 -11.68
N SER A 19 4.94 7.71 -11.34
CA SER A 19 5.78 8.25 -10.27
C SER A 19 4.98 8.48 -9.00
N ALA A 20 3.93 9.29 -9.11
CA ALA A 20 3.08 9.59 -7.96
C ALA A 20 2.27 8.36 -7.55
N PRO A 21 1.35 7.93 -8.43
CA PRO A 21 0.50 6.76 -8.17
C PRO A 21 1.29 5.45 -8.19
N PRO A 22 0.96 4.56 -7.25
CA PRO A 22 -0.09 4.81 -6.24
C PRO A 22 0.32 5.87 -5.24
N GLN A 23 -0.54 6.86 -5.05
CA GLN A 23 -0.28 7.95 -4.10
C GLN A 23 -1.33 7.98 -3.00
N LYS A 24 -1.20 8.94 -2.10
CA LYS A 24 -2.14 9.09 -0.99
C LYS A 24 -2.64 7.73 -0.52
N VAL A 25 -1.72 6.78 -0.39
CA VAL A 25 -2.08 5.43 0.05
C VAL A 25 -2.55 5.44 1.50
N MET A 26 -3.84 5.15 1.70
CA MET A 26 -4.43 5.12 3.03
C MET A 26 -4.76 3.70 3.44
N CYS A 27 -4.09 3.22 4.48
CA CYS A 27 -4.32 1.86 4.98
C CYS A 27 -5.10 1.89 6.28
N VAL A 28 -5.94 0.87 6.48
CA VAL A 28 -6.75 0.78 7.69
C VAL A 28 -6.92 -0.67 8.13
N SER A 29 -6.86 -0.91 9.43
CA SER A 29 -7.00 -2.25 9.97
C SER A 29 -8.47 -2.68 9.97
N MET A 30 -8.78 -3.70 9.19
CA MET A 30 -10.14 -4.22 9.10
C MET A 30 -10.55 -4.91 10.39
N GLY A 31 -9.67 -5.77 10.90
CA GLY A 31 -9.96 -6.50 12.12
C GLY A 31 -8.73 -6.67 12.99
N SER A 32 -8.36 -7.93 13.24
CA SER A 32 -7.20 -8.23 14.07
C SER A 32 -6.11 -8.89 13.24
N THR A 33 -6.51 -9.70 12.27
CA THR A 33 -5.56 -10.39 11.41
C THR A 33 -5.79 -10.04 9.94
N THR A 34 -6.55 -8.98 9.71
CA THR A 34 -6.85 -8.54 8.35
C THR A 34 -6.72 -7.03 8.23
N VAL A 35 -6.17 -6.57 7.10
CA VAL A 35 -6.00 -5.15 6.85
C VAL A 35 -6.46 -4.76 5.45
N ARG A 36 -7.04 -3.57 5.34
CA ARG A 36 -7.53 -3.08 4.05
C ARG A 36 -6.78 -1.84 3.61
N VAL A 37 -5.92 -2.00 2.61
CA VAL A 37 -5.12 -0.88 2.10
C VAL A 37 -5.72 -0.34 0.80
N SER A 38 -5.76 0.99 0.68
CA SER A 38 -6.31 1.62 -0.50
C SER A 38 -5.37 2.72 -1.01
N TRP A 39 -5.22 2.79 -2.33
CA TRP A 39 -4.35 3.79 -2.94
C TRP A 39 -5.08 4.55 -4.04
N VAL A 40 -4.62 5.76 -4.34
CA VAL A 40 -5.23 6.58 -5.37
C VAL A 40 -4.79 6.13 -6.77
N PRO A 41 -5.77 5.84 -7.63
CA PRO A 41 -5.50 5.39 -8.99
C PRO A 41 -4.95 6.51 -9.87
N PRO A 42 -4.11 6.13 -10.84
CA PRO A 42 -3.49 7.09 -11.77
C PRO A 42 -4.50 7.69 -12.73
N PRO A 43 -4.25 8.95 -13.14
CA PRO A 43 -5.13 9.67 -14.08
C PRO A 43 -5.06 9.10 -15.49
N ALA A 44 -5.89 8.09 -15.75
CA ALA A 44 -5.93 7.46 -17.07
C ALA A 44 -5.75 8.49 -18.18
N ASP A 45 -6.51 9.58 -18.10
CA ASP A 45 -6.43 10.63 -19.09
C ASP A 45 -5.01 11.17 -19.21
N SER A 46 -4.34 10.82 -20.31
CA SER A 46 -2.97 11.26 -20.54
C SER A 46 -2.05 10.78 -19.43
N ARG A 47 -2.36 9.61 -18.87
CA ARG A 47 -1.56 9.04 -17.79
C ARG A 47 -0.10 8.93 -18.20
N ASN A 48 0.71 8.33 -17.33
CA ASN A 48 2.13 8.16 -17.60
C ASN A 48 2.44 6.72 -17.99
N GLY A 49 1.77 5.78 -17.33
CA GLY A 49 1.99 4.37 -17.62
C GLY A 49 0.71 3.56 -17.54
N VAL A 50 0.52 2.67 -18.52
CA VAL A 50 -0.67 1.83 -18.56
C VAL A 50 -0.62 0.74 -17.50
N ILE A 51 -1.40 0.91 -16.44
CA ILE A 51 -1.44 -0.06 -15.35
C ILE A 51 -2.02 -1.39 -15.82
N THR A 52 -1.26 -2.46 -15.61
CA THR A 52 -1.70 -3.80 -16.02
C THR A 52 -2.04 -4.65 -14.80
N GLN A 53 -1.51 -4.27 -13.65
CA GLN A 53 -1.76 -5.00 -12.42
C GLN A 53 -1.16 -4.28 -11.21
N TYR A 54 -1.63 -4.61 -10.02
CA TYR A 54 -1.14 -3.99 -8.80
C TYR A 54 -0.55 -5.03 -7.85
N SER A 55 0.56 -4.67 -7.21
CA SER A 55 1.22 -5.58 -6.28
C SER A 55 1.23 -5.00 -4.86
N VAL A 56 1.11 -5.88 -3.87
CA VAL A 56 1.10 -5.47 -2.47
C VAL A 56 2.13 -6.25 -1.66
N ALA A 57 2.55 -5.66 -0.55
CA ALA A 57 3.53 -6.31 0.32
C ALA A 57 3.34 -5.88 1.77
N TYR A 58 3.50 -6.84 2.69
CA TYR A 58 3.34 -6.56 4.10
C TYR A 58 4.43 -7.25 4.92
N GLU A 59 4.93 -6.57 5.94
CA GLU A 59 5.98 -7.11 6.79
C GLU A 59 5.84 -6.59 8.22
N ALA A 60 5.90 -7.50 9.18
CA ALA A 60 5.79 -7.13 10.59
C ALA A 60 7.09 -6.53 11.11
N VAL A 61 7.05 -5.23 11.43
CA VAL A 61 8.22 -4.53 11.93
C VAL A 61 8.40 -4.76 13.43
N ASP A 62 7.28 -4.92 14.13
CA ASP A 62 7.31 -5.15 15.56
C ASP A 62 6.74 -6.53 15.91
N GLY A 63 6.75 -7.42 14.93
CA GLY A 63 6.22 -8.75 15.15
C GLY A 63 7.32 -9.79 15.31
N GLU A 64 6.92 -11.05 15.47
CA GLU A 64 7.88 -12.13 15.64
C GLU A 64 8.60 -12.43 14.32
N ASP A 65 7.82 -12.64 13.26
CA ASP A 65 8.38 -12.93 11.94
C ASP A 65 8.44 -11.67 11.09
N ARG A 66 9.65 -11.26 10.73
CA ARG A 66 9.84 -10.07 9.91
C ARG A 66 9.88 -10.43 8.43
N GLY A 67 9.25 -11.54 8.08
CA GLY A 67 9.22 -11.97 6.69
C GLY A 67 8.28 -11.15 5.84
N ARG A 68 8.84 -10.42 4.88
CA ARG A 68 8.03 -9.57 4.01
C ARG A 68 7.28 -10.42 2.98
N HIS A 69 5.95 -10.31 2.99
CA HIS A 69 5.12 -11.06 2.06
C HIS A 69 4.69 -10.20 0.89
N VAL A 70 4.27 -10.85 -0.20
CA VAL A 70 3.84 -10.13 -1.39
C VAL A 70 2.59 -10.77 -1.99
N VAL A 71 1.64 -9.93 -2.42
CA VAL A 71 0.41 -10.41 -3.01
C VAL A 71 0.50 -10.47 -4.53
N ASP A 72 0.07 -11.58 -5.11
CA ASP A 72 0.11 -11.76 -6.55
C ASP A 72 -1.28 -12.11 -7.10
N GLY A 73 -1.54 -11.70 -8.33
CA GLY A 73 -2.83 -11.98 -8.95
C GLY A 73 -3.89 -10.99 -8.54
N ILE A 74 -3.57 -9.70 -8.67
CA ILE A 74 -4.50 -8.65 -8.31
C ILE A 74 -4.99 -7.90 -9.56
N SER A 75 -6.31 -7.74 -9.66
CA SER A 75 -6.90 -7.04 -10.80
C SER A 75 -6.53 -5.56 -10.79
N ARG A 76 -6.13 -5.05 -11.95
CA ARG A 76 -5.75 -3.65 -12.07
C ARG A 76 -6.92 -2.74 -11.76
N GLU A 77 -8.13 -3.29 -11.79
CA GLU A 77 -9.33 -2.51 -11.50
C GLU A 77 -9.62 -2.49 -10.00
N HIS A 78 -8.58 -2.72 -9.21
CA HIS A 78 -8.73 -2.73 -7.75
C HIS A 78 -7.61 -1.92 -7.08
N SER A 79 -7.91 -0.67 -6.75
CA SER A 79 -6.93 0.21 -6.11
C SER A 79 -6.85 -0.07 -4.61
N SER A 80 -7.39 -1.21 -4.20
CA SER A 80 -7.38 -1.58 -2.78
C SER A 80 -7.29 -3.10 -2.63
N TRP A 81 -6.84 -3.55 -1.46
CA TRP A 81 -6.71 -4.97 -1.18
C TRP A 81 -6.90 -5.25 0.30
N ASP A 82 -7.31 -6.48 0.62
CA ASP A 82 -7.54 -6.87 2.01
C ASP A 82 -6.58 -7.99 2.40
N LEU A 83 -5.54 -7.63 3.16
CA LEU A 83 -4.55 -8.60 3.61
C LEU A 83 -5.14 -9.51 4.68
N VAL A 84 -4.67 -10.76 4.71
CA VAL A 84 -5.14 -11.73 5.69
C VAL A 84 -4.00 -12.61 6.18
N GLY A 85 -3.98 -12.87 7.49
CA GLY A 85 -2.94 -13.71 8.06
C GLY A 85 -1.85 -12.89 8.73
N LEU A 86 -2.25 -11.95 9.57
CA LEU A 86 -1.31 -11.09 10.28
C LEU A 86 -1.48 -11.24 11.79
N GLU A 87 -0.51 -10.69 12.54
CA GLU A 87 -0.56 -10.77 13.99
C GLU A 87 -1.62 -9.83 14.55
N LYS A 88 -2.02 -10.08 15.80
CA LYS A 88 -3.04 -9.25 16.45
C LYS A 88 -2.38 -8.16 17.29
N TRP A 89 -2.92 -6.94 17.20
CA TRP A 89 -2.40 -5.81 17.95
C TRP A 89 -0.92 -5.58 17.63
N THR A 90 -0.59 -5.64 16.34
CA THR A 90 0.78 -5.44 15.91
C THR A 90 0.85 -4.57 14.65
N GLU A 91 1.86 -3.72 14.58
CA GLU A 91 2.04 -2.83 13.44
C GLU A 91 2.57 -3.59 12.22
N TYR A 92 2.13 -3.19 11.05
CA TYR A 92 2.56 -3.84 9.81
C TYR A 92 2.76 -2.82 8.69
N ARG A 93 3.97 -2.74 8.16
CA ARG A 93 4.29 -1.81 7.09
C ARG A 93 3.89 -2.39 5.73
N VAL A 94 2.84 -1.82 5.14
CA VAL A 94 2.37 -2.28 3.83
C VAL A 94 2.91 -1.40 2.72
N TRP A 95 3.27 -2.03 1.60
CA TRP A 95 3.79 -1.30 0.45
C TRP A 95 3.09 -1.73 -0.83
N VAL A 96 2.32 -0.81 -1.41
CA VAL A 96 1.59 -1.09 -2.64
C VAL A 96 2.16 -0.28 -3.80
N ARG A 97 2.34 -0.94 -4.95
CA ARG A 97 2.87 -0.29 -6.13
C ARG A 97 2.13 -0.75 -7.39
N ALA A 98 2.15 0.09 -8.42
CA ALA A 98 1.48 -0.23 -9.68
C ALA A 98 2.45 -0.85 -10.67
N HIS A 99 1.98 -1.87 -11.38
CA HIS A 99 2.80 -2.56 -12.37
C HIS A 99 2.36 -2.22 -13.79
N THR A 100 3.28 -1.72 -14.60
CA THR A 100 2.98 -1.34 -15.97
C THR A 100 3.25 -2.50 -16.93
N ASP A 101 2.64 -2.45 -18.10
CA ASP A 101 2.82 -3.49 -19.10
C ASP A 101 4.27 -3.54 -19.58
N VAL A 102 5.04 -2.54 -19.19
CA VAL A 102 6.45 -2.47 -19.59
C VAL A 102 7.35 -2.99 -18.47
N GLY A 103 6.87 -2.92 -17.24
CA GLY A 103 7.65 -3.38 -16.11
C GLY A 103 7.03 -3.00 -14.78
N PRO A 104 7.69 -3.37 -13.67
CA PRO A 104 7.21 -3.07 -12.32
C PRO A 104 7.29 -1.59 -11.99
N GLY A 105 6.84 -1.23 -10.79
CA GLY A 105 6.88 0.16 -10.37
C GLY A 105 7.41 0.33 -8.97
N PRO A 106 7.77 1.58 -8.62
CA PRO A 106 8.30 1.90 -7.29
C PRO A 106 7.26 1.78 -6.19
N GLU A 107 7.71 1.61 -4.95
CA GLU A 107 6.82 1.48 -3.82
C GLU A 107 6.20 2.83 -3.45
N SER A 108 5.27 2.80 -2.52
CA SER A 108 4.59 4.02 -2.08
C SER A 108 4.83 4.27 -0.59
N SER A 109 4.27 5.37 -0.08
CA SER A 109 4.43 5.72 1.32
C SER A 109 3.80 4.65 2.23
N PRO A 110 4.63 4.05 3.08
CA PRO A 110 4.19 3.01 4.02
C PRO A 110 3.29 3.57 5.12
N VAL A 111 2.13 2.94 5.31
CA VAL A 111 1.19 3.37 6.34
C VAL A 111 1.22 2.43 7.53
N LEU A 112 1.48 2.99 8.71
CA LEU A 112 1.52 2.20 9.94
C LEU A 112 0.12 1.95 10.47
N VAL A 113 -0.28 0.68 10.50
CA VAL A 113 -1.59 0.29 11.00
C VAL A 113 -1.48 -0.77 12.07
N ARG A 114 -2.12 -0.53 13.21
CA ARG A 114 -2.10 -1.48 14.32
C ARG A 114 -3.41 -2.24 14.41
N THR A 115 -3.37 -3.51 14.04
CA THR A 115 -4.56 -4.36 14.07
C THR A 115 -5.26 -4.26 15.42
N ASP A 116 -6.52 -4.69 15.45
CA ASP A 116 -7.31 -4.65 16.68
C ASP A 116 -6.59 -5.37 17.81
N GLU A 117 -6.84 -4.94 19.05
CA GLU A 117 -6.22 -5.55 20.22
C GLU A 117 -7.04 -6.72 20.72
N ASP A 118 -6.37 -7.74 21.25
CA ASP A 118 -7.04 -8.92 21.77
C ASP A 118 -7.50 -8.68 23.21
N VAL A 119 -6.64 -8.11 24.03
CA VAL A 119 -6.96 -7.83 25.42
C VAL A 119 -8.39 -7.29 25.55
N PRO A 120 -9.03 -7.60 26.69
CA PRO A 120 -10.40 -7.16 26.97
C PRO A 120 -10.49 -5.66 27.20
N SER A 121 -9.36 -4.97 27.05
CA SER A 121 -9.31 -3.52 27.25
C SER A 121 -10.02 -2.80 26.12
N GLY A 122 -10.43 -1.56 26.38
CA GLY A 122 -11.11 -0.77 25.36
C GLY A 122 -11.12 0.71 25.69
N PRO A 123 -10.09 1.43 25.21
CA PRO A 123 -9.96 2.86 25.44
C PRO A 123 -11.00 3.67 24.68
N PRO A 124 -11.67 4.61 25.39
CA PRO A 124 -12.70 5.45 24.80
C PRO A 124 -12.12 6.47 23.82
N ARG A 125 -12.60 6.43 22.57
CA ARG A 125 -12.13 7.35 21.55
C ARG A 125 -13.30 7.88 20.72
N LYS A 126 -13.11 9.07 20.14
CA LYS A 126 -14.15 9.68 19.32
C LYS A 126 -13.62 10.01 17.92
N VAL A 127 -14.35 9.55 16.90
CA VAL A 127 -13.95 9.79 15.52
C VAL A 127 -14.49 11.13 15.02
N GLU A 128 -13.70 11.80 14.19
CA GLU A 128 -14.10 13.09 13.64
C GLU A 128 -13.40 13.36 12.31
N SER A 129 -14.09 14.06 11.41
CA SER A 129 -13.53 14.37 10.10
C SER A 129 -14.02 15.74 9.62
N GLY A 130 -13.17 16.43 8.87
CA GLY A 130 -13.53 17.74 8.36
C GLY A 130 -12.71 18.14 7.15
N PRO A 131 -13.13 17.67 5.97
CA PRO A 131 -12.43 17.97 4.71
C PRO A 131 -12.58 19.43 4.30
N SER A 132 -12.05 19.77 3.13
CA SER A 132 -12.12 21.13 2.62
C SER A 132 -11.99 21.16 1.10
N SER A 133 -12.17 22.35 0.52
CA SER A 133 -12.08 22.50 -0.93
C SER A 133 -10.80 23.24 -1.31
N GLY A 134 -10.63 24.43 -0.76
CA GLY A 134 -9.45 25.22 -1.06
C GLY A 134 -9.06 25.17 -2.52
N GLY A 1 42.10 8.17 0.84
CA GLY A 1 41.13 8.62 -0.14
C GLY A 1 39.91 7.73 -0.20
N SER A 2 39.19 7.79 -1.33
CA SER A 2 37.99 6.98 -1.51
C SER A 2 38.04 6.23 -2.83
N SER A 3 37.07 5.34 -3.03
CA SER A 3 37.00 4.55 -4.26
C SER A 3 36.53 5.41 -5.44
N GLY A 4 36.75 4.90 -6.65
CA GLY A 4 36.34 5.62 -7.84
C GLY A 4 34.86 5.50 -8.11
N SER A 5 34.41 4.28 -8.41
CA SER A 5 33.01 4.03 -8.71
C SER A 5 32.35 3.23 -7.58
N SER A 6 31.03 3.14 -7.62
CA SER A 6 30.28 2.40 -6.61
C SER A 6 29.49 1.26 -7.24
N GLY A 7 28.71 1.59 -8.27
CA GLY A 7 27.91 0.58 -8.94
C GLY A 7 27.84 0.80 -10.43
N THR A 8 27.08 1.82 -10.86
CA THR A 8 26.92 2.13 -12.26
C THR A 8 26.76 0.87 -13.10
N ILE A 9 25.78 0.04 -12.72
CA ILE A 9 25.52 -1.20 -13.44
C ILE A 9 24.18 -1.13 -14.18
N GLU A 10 23.93 -2.14 -15.01
CA GLU A 10 22.69 -2.21 -15.77
C GLU A 10 21.80 -3.32 -15.27
N ALA A 11 20.51 -3.03 -15.13
CA ALA A 11 19.54 -4.01 -14.65
C ALA A 11 18.25 -3.95 -15.46
N ARG A 12 17.34 -4.89 -15.20
CA ARG A 12 16.07 -4.95 -15.91
C ARG A 12 15.11 -3.87 -15.38
N THR A 13 14.95 -2.80 -16.17
CA THR A 13 14.06 -1.71 -15.79
C THR A 13 13.06 -1.40 -16.89
N ALA A 14 11.79 -1.29 -16.53
CA ALA A 14 10.74 -0.98 -17.49
C ALA A 14 11.06 0.28 -18.28
N GLN A 15 10.14 0.68 -19.15
CA GLN A 15 10.33 1.87 -19.96
C GLN A 15 9.55 3.06 -19.39
N SER A 16 8.25 2.90 -19.26
CA SER A 16 7.40 3.96 -18.73
C SER A 16 6.70 3.50 -17.46
N THR A 17 7.31 3.80 -16.31
CA THR A 17 6.75 3.42 -15.02
C THR A 17 6.36 4.65 -14.20
N PRO A 18 5.33 4.50 -13.35
CA PRO A 18 4.84 5.58 -12.51
C PRO A 18 5.82 5.94 -11.40
N SER A 19 5.90 7.23 -11.08
CA SER A 19 6.81 7.71 -10.04
C SER A 19 6.05 7.99 -8.75
N ALA A 20 5.08 8.89 -8.81
CA ALA A 20 4.27 9.25 -7.65
C ALA A 20 3.32 8.11 -7.28
N PRO A 21 2.40 7.80 -8.20
CA PRO A 21 1.41 6.74 -8.00
C PRO A 21 2.04 5.35 -7.99
N PRO A 22 1.46 4.44 -7.19
CA PRO A 22 0.29 4.74 -6.36
C PRO A 22 0.62 5.68 -5.21
N GLN A 23 -0.15 6.75 -5.07
CA GLN A 23 0.06 7.73 -4.01
C GLN A 23 -1.14 7.79 -3.08
N LYS A 24 -1.06 8.64 -2.06
CA LYS A 24 -2.14 8.80 -1.11
C LYS A 24 -2.62 7.44 -0.59
N VAL A 25 -1.69 6.49 -0.49
CA VAL A 25 -2.02 5.15 -0.02
C VAL A 25 -2.54 5.19 1.42
N MET A 26 -3.83 4.95 1.58
CA MET A 26 -4.45 4.95 2.90
C MET A 26 -4.77 3.53 3.35
N CYS A 27 -4.09 3.09 4.41
CA CYS A 27 -4.30 1.75 4.95
C CYS A 27 -5.10 1.80 6.24
N VAL A 28 -6.06 0.86 6.38
CA VAL A 28 -6.89 0.80 7.56
C VAL A 28 -7.08 -0.64 8.03
N SER A 29 -6.80 -0.87 9.31
CA SER A 29 -6.93 -2.21 9.88
C SER A 29 -8.39 -2.65 9.91
N MET A 30 -8.69 -3.77 9.27
CA MET A 30 -10.03 -4.30 9.22
C MET A 30 -10.43 -4.90 10.56
N GLY A 31 -9.57 -5.76 11.10
CA GLY A 31 -9.84 -6.39 12.37
C GLY A 31 -8.59 -6.61 13.20
N SER A 32 -8.19 -7.87 13.33
CA SER A 32 -7.00 -8.22 14.11
C SER A 32 -5.94 -8.84 13.21
N THR A 33 -6.37 -9.68 12.29
CA THR A 33 -5.45 -10.36 11.37
C THR A 33 -5.78 -10.00 9.92
N THR A 34 -6.50 -8.91 9.73
CA THR A 34 -6.87 -8.46 8.39
C THR A 34 -6.70 -6.95 8.26
N VAL A 35 -6.20 -6.51 7.10
CA VAL A 35 -5.99 -5.09 6.84
C VAL A 35 -6.47 -4.71 5.45
N ARG A 36 -6.93 -3.47 5.31
CA ARG A 36 -7.42 -2.99 4.02
C ARG A 36 -6.62 -1.78 3.55
N VAL A 37 -5.79 -1.99 2.53
CA VAL A 37 -4.96 -0.93 1.98
C VAL A 37 -5.49 -0.46 0.63
N SER A 38 -5.77 0.84 0.53
CA SER A 38 -6.28 1.41 -0.71
C SER A 38 -5.41 2.57 -1.18
N TRP A 39 -5.33 2.75 -2.49
CA TRP A 39 -4.53 3.84 -3.06
C TRP A 39 -5.32 4.60 -4.11
N VAL A 40 -4.83 5.79 -4.46
CA VAL A 40 -5.50 6.62 -5.45
C VAL A 40 -5.02 6.28 -6.86
N PRO A 41 -5.98 6.12 -7.79
CA PRO A 41 -5.67 5.79 -9.19
C PRO A 41 -5.01 6.96 -9.92
N PRO A 42 -4.10 6.63 -10.86
CA PRO A 42 -3.38 7.62 -11.65
C PRO A 42 -4.29 8.34 -12.65
N PRO A 43 -3.96 9.60 -12.94
CA PRO A 43 -4.73 10.43 -13.89
C PRO A 43 -4.59 9.94 -15.33
N ALA A 44 -5.70 9.94 -16.05
CA ALA A 44 -5.69 9.51 -17.45
C ALA A 44 -4.68 10.30 -18.27
N ASP A 45 -4.87 11.62 -18.31
CA ASP A 45 -3.97 12.49 -19.06
C ASP A 45 -2.63 12.63 -18.35
N SER A 46 -1.60 12.96 -19.12
CA SER A 46 -0.26 13.13 -18.56
C SER A 46 0.11 11.93 -17.69
N ARG A 47 -0.11 10.73 -18.20
CA ARG A 47 0.20 9.51 -17.46
C ARG A 47 1.49 8.89 -17.97
N ASN A 48 2.34 8.46 -17.04
CA ASN A 48 3.62 7.84 -17.39
C ASN A 48 3.39 6.47 -18.03
N GLY A 49 2.72 5.59 -17.30
CA GLY A 49 2.46 4.26 -17.80
C GLY A 49 1.07 3.76 -17.45
N VAL A 50 0.41 3.11 -18.40
CA VAL A 50 -0.93 2.59 -18.18
C VAL A 50 -0.91 1.38 -17.25
N ILE A 51 -1.37 1.59 -16.02
CA ILE A 51 -1.40 0.51 -15.03
C ILE A 51 -1.93 -0.78 -15.64
N THR A 52 -1.34 -1.91 -15.25
CA THR A 52 -1.75 -3.21 -15.75
C THR A 52 -2.02 -4.18 -14.61
N GLN A 53 -1.23 -4.08 -13.55
CA GLN A 53 -1.38 -4.95 -12.39
C GLN A 53 -0.97 -4.23 -11.12
N TYR A 54 -1.53 -4.68 -9.98
CA TYR A 54 -1.22 -4.07 -8.70
C TYR A 54 -0.65 -5.11 -7.74
N SER A 55 0.35 -4.69 -6.96
CA SER A 55 1.00 -5.58 -6.00
C SER A 55 0.93 -5.00 -4.60
N VAL A 56 0.88 -5.89 -3.60
CA VAL A 56 0.81 -5.46 -2.20
C VAL A 56 1.71 -6.31 -1.33
N ALA A 57 2.54 -5.65 -0.53
CA ALA A 57 3.46 -6.35 0.37
C ALA A 57 3.29 -5.87 1.81
N TYR A 58 3.42 -6.80 2.75
CA TYR A 58 3.28 -6.48 4.17
C TYR A 58 4.36 -7.17 4.99
N GLU A 59 4.97 -6.43 5.91
CA GLU A 59 6.02 -6.98 6.77
C GLU A 59 5.95 -6.36 8.16
N ALA A 60 5.95 -7.22 9.18
CA ALA A 60 5.90 -6.76 10.55
C ALA A 60 7.14 -5.96 10.92
N VAL A 61 6.93 -4.83 11.58
CA VAL A 61 8.04 -3.96 11.99
C VAL A 61 8.34 -4.12 13.48
N ASP A 62 7.31 -4.40 14.26
CA ASP A 62 7.47 -4.58 15.70
C ASP A 62 7.00 -5.98 16.12
N GLY A 63 6.99 -6.91 15.18
CA GLY A 63 6.57 -8.26 15.48
C GLY A 63 7.73 -9.21 15.68
N GLU A 64 7.43 -10.49 15.86
CA GLU A 64 8.46 -11.50 16.08
C GLU A 64 9.23 -11.77 14.78
N ASP A 65 8.50 -12.06 13.71
CA ASP A 65 9.10 -12.34 12.42
C ASP A 65 8.96 -11.14 11.49
N ARG A 66 10.07 -10.77 10.85
CA ARG A 66 10.07 -9.63 9.92
C ARG A 66 9.87 -10.11 8.48
N GLY A 67 9.23 -11.26 8.33
CA GLY A 67 8.99 -11.80 7.00
C GLY A 67 8.06 -10.94 6.18
N ARG A 68 8.55 -10.44 5.05
CA ARG A 68 7.76 -9.59 4.17
C ARG A 68 7.04 -10.42 3.11
N HIS A 69 5.71 -10.43 3.17
CA HIS A 69 4.91 -11.19 2.21
C HIS A 69 4.57 -10.33 0.99
N VAL A 70 4.20 -10.99 -0.10
CA VAL A 70 3.85 -10.30 -1.33
C VAL A 70 2.60 -10.89 -1.96
N VAL A 71 1.69 -10.03 -2.39
CA VAL A 71 0.45 -10.47 -3.02
C VAL A 71 0.55 -10.43 -4.54
N ASP A 72 0.17 -11.52 -5.18
CA ASP A 72 0.22 -11.61 -6.64
C ASP A 72 -1.14 -11.99 -7.22
N GLY A 73 -1.42 -11.53 -8.43
CA GLY A 73 -2.69 -11.82 -9.07
C GLY A 73 -3.79 -10.90 -8.61
N ILE A 74 -3.55 -9.59 -8.70
CA ILE A 74 -4.53 -8.60 -8.30
C ILE A 74 -5.10 -7.85 -9.51
N SER A 75 -6.42 -7.77 -9.59
CA SER A 75 -7.07 -7.08 -10.69
C SER A 75 -6.72 -5.60 -10.70
N ARG A 76 -6.28 -5.10 -11.84
CA ARG A 76 -5.91 -3.70 -11.98
C ARG A 76 -7.09 -2.79 -11.63
N GLU A 77 -8.30 -3.33 -11.73
CA GLU A 77 -9.51 -2.56 -11.42
C GLU A 77 -9.74 -2.50 -9.91
N HIS A 78 -8.73 -2.91 -9.15
CA HIS A 78 -8.82 -2.90 -7.69
C HIS A 78 -7.69 -2.07 -7.09
N SER A 79 -8.00 -0.84 -6.70
CA SER A 79 -7.01 0.05 -6.11
C SER A 79 -6.87 -0.22 -4.61
N SER A 80 -7.39 -1.35 -4.16
CA SER A 80 -7.32 -1.72 -2.76
C SER A 80 -7.22 -3.24 -2.60
N TRP A 81 -6.80 -3.68 -1.42
CA TRP A 81 -6.66 -5.10 -1.14
C TRP A 81 -6.88 -5.39 0.34
N ASP A 82 -7.37 -6.60 0.64
CA ASP A 82 -7.63 -7.00 2.01
C ASP A 82 -6.67 -8.11 2.44
N LEU A 83 -5.60 -7.73 3.13
CA LEU A 83 -4.62 -8.70 3.60
C LEU A 83 -5.20 -9.59 4.69
N VAL A 84 -4.79 -10.86 4.69
CA VAL A 84 -5.27 -11.82 5.69
C VAL A 84 -4.16 -12.77 6.11
N GLY A 85 -3.93 -12.86 7.42
CA GLY A 85 -2.90 -13.75 7.92
C GLY A 85 -1.77 -13.00 8.59
N LEU A 86 -2.12 -11.99 9.39
CA LEU A 86 -1.12 -11.19 10.09
C LEU A 86 -1.19 -11.42 11.59
N GLU A 87 -0.36 -10.69 12.34
CA GLU A 87 -0.33 -10.82 13.79
C GLU A 87 -1.39 -9.94 14.44
N LYS A 88 -1.71 -10.24 15.69
CA LYS A 88 -2.71 -9.47 16.44
C LYS A 88 -2.06 -8.35 17.23
N TRP A 89 -2.68 -7.17 17.20
CA TRP A 89 -2.17 -6.02 17.92
C TRP A 89 -0.70 -5.78 17.58
N THR A 90 -0.39 -5.78 16.28
CA THR A 90 0.98 -5.56 15.83
C THR A 90 1.01 -4.68 14.58
N GLU A 91 1.95 -3.74 14.56
CA GLU A 91 2.08 -2.84 13.42
C GLU A 91 2.64 -3.57 12.21
N TYR A 92 2.21 -3.15 11.02
CA TYR A 92 2.66 -3.77 9.78
C TYR A 92 2.81 -2.73 8.68
N ARG A 93 3.99 -2.72 8.05
CA ARG A 93 4.27 -1.78 6.98
C ARG A 93 3.83 -2.33 5.62
N VAL A 94 2.76 -1.76 5.08
CA VAL A 94 2.23 -2.21 3.79
C VAL A 94 2.78 -1.35 2.65
N TRP A 95 3.21 -2.00 1.58
CA TRP A 95 3.75 -1.30 0.42
C TRP A 95 3.05 -1.73 -0.86
N VAL A 96 2.30 -0.81 -1.46
CA VAL A 96 1.59 -1.11 -2.70
C VAL A 96 2.17 -0.33 -3.88
N ARG A 97 2.46 -1.05 -4.96
CA ARG A 97 3.02 -0.41 -6.15
C ARG A 97 2.13 -0.65 -7.36
N ALA A 98 2.44 0.03 -8.46
CA ALA A 98 1.66 -0.11 -9.69
C ALA A 98 2.51 -0.69 -10.81
N HIS A 99 2.11 -1.86 -11.30
CA HIS A 99 2.84 -2.53 -12.37
C HIS A 99 2.29 -2.11 -13.74
N THR A 100 3.19 -1.92 -14.70
CA THR A 100 2.80 -1.51 -16.04
C THR A 100 3.15 -2.59 -17.07
N ASP A 101 2.55 -2.50 -18.25
CA ASP A 101 2.80 -3.47 -19.31
C ASP A 101 4.28 -3.47 -19.70
N VAL A 102 4.94 -2.34 -19.48
CA VAL A 102 6.36 -2.20 -19.81
C VAL A 102 7.23 -2.85 -18.75
N GLY A 103 6.73 -2.90 -17.52
CA GLY A 103 7.48 -3.49 -16.42
C GLY A 103 6.98 -3.03 -15.07
N PRO A 104 7.64 -3.50 -13.99
CA PRO A 104 7.29 -3.15 -12.62
C PRO A 104 7.60 -1.69 -12.29
N GLY A 105 7.11 -1.24 -11.14
CA GLY A 105 7.35 0.14 -10.73
C GLY A 105 7.81 0.24 -9.30
N PRO A 106 8.10 1.47 -8.85
CA PRO A 106 8.56 1.73 -7.47
C PRO A 106 7.45 1.51 -6.45
N GLU A 107 7.80 1.68 -5.17
CA GLU A 107 6.83 1.51 -4.10
C GLU A 107 6.17 2.83 -3.73
N SER A 108 5.27 2.78 -2.77
CA SER A 108 4.56 3.98 -2.33
C SER A 108 4.79 4.24 -0.84
N SER A 109 4.18 5.30 -0.32
CA SER A 109 4.32 5.66 1.08
C SER A 109 3.62 4.64 1.98
N PRO A 110 4.40 3.90 2.76
CA PRO A 110 3.88 2.87 3.68
C PRO A 110 3.12 3.48 4.84
N VAL A 111 1.96 2.90 5.16
CA VAL A 111 1.14 3.39 6.27
C VAL A 111 1.20 2.43 7.45
N LEU A 112 1.54 2.96 8.62
CA LEU A 112 1.64 2.16 9.84
C LEU A 112 0.26 1.93 10.44
N VAL A 113 -0.16 0.67 10.49
CA VAL A 113 -1.46 0.32 11.05
C VAL A 113 -1.32 -0.74 12.14
N ARG A 114 -2.02 -0.52 13.26
CA ARG A 114 -1.97 -1.44 14.38
C ARG A 114 -3.26 -2.25 14.48
N THR A 115 -3.17 -3.55 14.20
CA THR A 115 -4.34 -4.42 14.26
C THR A 115 -4.99 -4.39 15.64
N ASP A 116 -6.26 -4.77 15.69
CA ASP A 116 -7.00 -4.78 16.95
C ASP A 116 -6.27 -5.61 18.00
N GLU A 117 -6.62 -5.39 19.26
CA GLU A 117 -5.99 -6.11 20.37
C GLU A 117 -6.91 -7.23 20.87
N ASP A 118 -6.32 -8.39 21.14
CA ASP A 118 -7.07 -9.53 21.63
C ASP A 118 -7.83 -9.19 22.91
N VAL A 119 -7.10 -8.68 23.90
CA VAL A 119 -7.70 -8.30 25.18
C VAL A 119 -8.59 -7.08 25.02
N PRO A 120 -9.61 -6.97 25.89
CA PRO A 120 -10.55 -5.84 25.88
C PRO A 120 -9.90 -4.54 26.32
N SER A 121 -8.59 -4.59 26.58
CA SER A 121 -7.85 -3.41 27.01
C SER A 121 -8.53 -2.76 28.22
N GLY A 122 -8.82 -3.58 29.23
CA GLY A 122 -9.47 -3.07 30.43
C GLY A 122 -10.57 -2.08 30.12
N PRO A 123 -11.80 -2.59 29.96
CA PRO A 123 -12.97 -1.76 29.65
C PRO A 123 -13.38 -0.89 30.84
N PRO A 124 -13.46 0.43 30.60
CA PRO A 124 -13.85 1.41 31.63
C PRO A 124 -15.31 1.28 32.02
N ARG A 125 -15.77 2.16 32.90
CA ARG A 125 -17.16 2.16 33.35
C ARG A 125 -18.10 2.40 32.19
N LYS A 126 -19.41 2.36 32.47
CA LYS A 126 -20.42 2.57 31.44
C LYS A 126 -20.47 4.03 31.02
N VAL A 127 -20.92 4.28 29.79
CA VAL A 127 -21.01 5.63 29.27
C VAL A 127 -19.76 6.44 29.59
N GLU A 128 -18.62 5.75 29.62
CA GLU A 128 -17.35 6.40 29.91
C GLU A 128 -17.19 7.69 29.09
N SER A 129 -16.49 8.66 29.66
CA SER A 129 -16.27 9.94 28.99
C SER A 129 -14.79 10.14 28.68
N GLY A 130 -14.51 10.59 27.46
CA GLY A 130 -13.13 10.82 27.05
C GLY A 130 -12.89 10.42 25.61
N PRO A 131 -11.79 10.92 25.04
CA PRO A 131 -11.41 10.62 23.65
C PRO A 131 -10.96 9.18 23.47
N SER A 132 -10.56 8.84 22.25
CA SER A 132 -10.11 7.48 21.94
C SER A 132 -8.59 7.40 22.00
N SER A 133 -7.92 8.15 21.12
CA SER A 133 -6.47 8.15 21.08
C SER A 133 -5.89 9.16 22.07
N GLY A 134 -4.64 8.94 22.46
CA GLY A 134 -3.98 9.83 23.40
C GLY A 134 -2.69 10.39 22.87
N GLY A 1 30.66 -8.57 8.82
CA GLY A 1 30.53 -8.80 7.39
C GLY A 1 29.92 -10.15 7.07
N SER A 2 29.61 -10.37 5.80
CA SER A 2 29.02 -11.63 5.36
C SER A 2 29.02 -11.74 3.84
N SER A 3 29.10 -12.97 3.34
CA SER A 3 29.10 -13.20 1.90
C SER A 3 27.94 -14.10 1.50
N GLY A 4 27.79 -14.31 0.19
CA GLY A 4 26.72 -15.15 -0.31
C GLY A 4 26.96 -15.61 -1.74
N SER A 5 26.24 -15.01 -2.68
CA SER A 5 26.37 -15.36 -4.09
C SER A 5 26.72 -14.14 -4.92
N SER A 6 27.08 -14.37 -6.18
CA SER A 6 27.44 -13.28 -7.08
C SER A 6 26.74 -13.44 -8.43
N GLY A 7 26.22 -12.34 -8.95
CA GLY A 7 25.53 -12.37 -10.22
C GLY A 7 25.25 -10.98 -10.77
N THR A 8 25.28 -10.84 -12.09
CA THR A 8 25.04 -9.56 -12.73
C THR A 8 23.59 -9.44 -13.19
N ILE A 9 22.88 -8.45 -12.66
CA ILE A 9 21.49 -8.23 -13.01
C ILE A 9 21.32 -6.95 -13.82
N GLU A 10 20.90 -7.10 -15.08
CA GLU A 10 20.70 -5.96 -15.96
C GLU A 10 19.28 -5.94 -16.51
N ALA A 11 18.46 -5.02 -16.00
CA ALA A 11 17.08 -4.90 -16.45
C ALA A 11 16.88 -3.63 -17.28
N ARG A 12 15.91 -3.66 -18.18
CA ARG A 12 15.61 -2.51 -19.02
C ARG A 12 14.47 -1.68 -18.44
N THR A 13 14.83 -0.68 -17.64
CA THR A 13 13.83 0.19 -17.02
C THR A 13 12.79 0.65 -18.03
N ALA A 14 11.52 0.49 -17.67
CA ALA A 14 10.43 0.89 -18.55
C ALA A 14 10.52 2.38 -18.89
N GLN A 15 9.53 2.87 -19.64
CA GLN A 15 9.50 4.27 -20.04
C GLN A 15 8.13 4.90 -19.73
N SER A 16 7.08 4.09 -19.84
CA SER A 16 5.73 4.57 -19.58
C SER A 16 5.30 4.21 -18.17
N THR A 17 6.27 4.06 -17.27
CA THR A 17 5.99 3.72 -15.88
C THR A 17 5.63 4.96 -15.08
N PRO A 18 4.74 4.78 -14.08
CA PRO A 18 4.29 5.87 -13.21
C PRO A 18 5.39 6.37 -12.29
N SER A 19 5.43 7.67 -12.07
CA SER A 19 6.44 8.28 -11.20
C SER A 19 5.88 8.54 -9.81
N ALA A 20 4.85 9.39 -9.74
CA ALA A 20 4.22 9.73 -8.47
C ALA A 20 3.40 8.56 -7.94
N PRO A 21 2.34 8.19 -8.70
CA PRO A 21 1.44 7.09 -8.33
C PRO A 21 2.13 5.73 -8.45
N PRO A 22 1.61 4.75 -7.70
CA PRO A 22 0.44 4.94 -6.82
C PRO A 22 0.78 5.82 -5.61
N GLN A 23 -0.10 6.76 -5.32
CA GLN A 23 0.10 7.66 -4.18
C GLN A 23 -1.15 7.72 -3.30
N LYS A 24 -1.12 8.58 -2.30
CA LYS A 24 -2.25 8.73 -1.39
C LYS A 24 -2.77 7.38 -0.93
N VAL A 25 -1.85 6.52 -0.50
CA VAL A 25 -2.22 5.18 -0.03
C VAL A 25 -2.69 5.23 1.42
N MET A 26 -3.99 4.99 1.62
CA MET A 26 -4.57 5.00 2.95
C MET A 26 -4.91 3.58 3.41
N CYS A 27 -4.25 3.12 4.46
CA CYS A 27 -4.48 1.79 4.99
C CYS A 27 -5.29 1.84 6.28
N VAL A 28 -6.10 0.82 6.51
CA VAL A 28 -6.93 0.76 7.70
C VAL A 28 -7.07 -0.68 8.20
N SER A 29 -6.88 -0.88 9.50
CA SER A 29 -6.99 -2.21 10.09
C SER A 29 -8.44 -2.66 10.12
N MET A 30 -8.77 -3.62 9.25
CA MET A 30 -10.12 -4.15 9.17
C MET A 30 -10.52 -4.82 10.49
N GLY A 31 -9.63 -5.67 11.00
CA GLY A 31 -9.91 -6.36 12.25
C GLY A 31 -8.66 -6.54 13.10
N SER A 32 -8.26 -7.79 13.31
CA SER A 32 -7.08 -8.09 14.11
C SER A 32 -6.02 -8.77 13.26
N THR A 33 -6.44 -9.63 12.36
CA THR A 33 -5.52 -10.35 11.48
C THR A 33 -5.75 -9.99 10.02
N THR A 34 -6.52 -8.93 9.79
CA THR A 34 -6.83 -8.49 8.43
C THR A 34 -6.65 -6.98 8.30
N VAL A 35 -6.14 -6.55 7.15
CA VAL A 35 -5.93 -5.13 6.90
C VAL A 35 -6.41 -4.75 5.51
N ARG A 36 -6.90 -3.52 5.37
CA ARG A 36 -7.40 -3.03 4.09
C ARG A 36 -6.59 -1.81 3.63
N VAL A 37 -5.82 -1.99 2.56
CA VAL A 37 -5.00 -0.90 2.03
C VAL A 37 -5.55 -0.43 0.68
N SER A 38 -5.74 0.88 0.55
CA SER A 38 -6.26 1.46 -0.68
C SER A 38 -5.38 2.61 -1.14
N TRP A 39 -5.33 2.83 -2.45
CA TRP A 39 -4.53 3.91 -3.02
C TRP A 39 -5.34 4.71 -4.03
N VAL A 40 -4.80 5.85 -4.44
CA VAL A 40 -5.47 6.72 -5.41
C VAL A 40 -5.66 6.00 -6.73
N PRO A 41 -6.84 6.16 -7.34
CA PRO A 41 -7.17 5.55 -8.63
C PRO A 41 -6.40 6.17 -9.79
N PRO A 42 -6.11 5.34 -10.81
CA PRO A 42 -5.37 5.79 -11.99
C PRO A 42 -6.18 6.76 -12.86
N PRO A 43 -5.77 8.03 -12.87
CA PRO A 43 -6.44 9.08 -13.65
C PRO A 43 -6.25 8.89 -15.15
N ALA A 44 -6.63 9.91 -15.92
CA ALA A 44 -6.49 9.86 -17.37
C ALA A 44 -5.78 11.10 -17.90
N ASP A 45 -6.24 12.27 -17.47
CA ASP A 45 -5.63 13.53 -17.90
C ASP A 45 -4.11 13.45 -17.85
N SER A 46 -3.58 13.24 -16.65
CA SER A 46 -2.14 13.15 -16.46
C SER A 46 -1.69 11.70 -16.30
N ARG A 47 -2.18 10.84 -17.19
CA ARG A 47 -1.84 9.42 -17.14
C ARG A 47 -0.51 9.16 -17.84
N ASN A 48 0.47 8.70 -17.08
CA ASN A 48 1.80 8.40 -17.63
C ASN A 48 1.74 7.21 -18.58
N GLY A 49 1.00 6.18 -18.19
CA GLY A 49 0.88 5.00 -19.02
C GLY A 49 -0.41 4.24 -18.77
N VAL A 50 -0.30 2.94 -18.55
CA VAL A 50 -1.46 2.10 -18.30
C VAL A 50 -1.17 1.06 -17.21
N ILE A 51 -1.96 1.11 -16.14
CA ILE A 51 -1.80 0.17 -15.03
C ILE A 51 -2.13 -1.25 -15.45
N THR A 52 -1.13 -2.13 -15.40
CA THR A 52 -1.32 -3.53 -15.78
C THR A 52 -1.80 -4.36 -14.60
N GLN A 53 -1.23 -4.09 -13.42
CA GLN A 53 -1.61 -4.81 -12.22
C GLN A 53 -1.07 -4.10 -10.97
N TYR A 54 -1.56 -4.53 -9.81
CA TYR A 54 -1.13 -3.93 -8.55
C TYR A 54 -0.50 -4.98 -7.63
N SER A 55 0.69 -4.69 -7.14
CA SER A 55 1.40 -5.60 -6.25
C SER A 55 1.46 -5.06 -4.83
N VAL A 56 1.00 -5.86 -3.88
CA VAL A 56 0.99 -5.45 -2.47
C VAL A 56 1.97 -6.29 -1.65
N ALA A 57 2.46 -5.72 -0.56
CA ALA A 57 3.39 -6.42 0.31
C ALA A 57 3.27 -5.95 1.76
N TYR A 58 3.40 -6.88 2.69
CA TYR A 58 3.29 -6.55 4.11
C TYR A 58 4.36 -7.29 4.92
N GLU A 59 4.92 -6.59 5.91
CA GLU A 59 5.96 -7.19 6.75
C GLU A 59 5.91 -6.59 8.16
N ALA A 60 5.83 -7.45 9.16
CA ALA A 60 5.78 -7.01 10.55
C ALA A 60 7.01 -6.19 10.90
N VAL A 61 6.79 -4.96 11.37
CA VAL A 61 7.88 -4.08 11.75
C VAL A 61 8.37 -4.39 13.16
N ASP A 62 7.44 -4.67 14.06
CA ASP A 62 7.78 -4.98 15.44
C ASP A 62 7.16 -6.32 15.86
N GLY A 63 7.12 -7.26 14.93
CA GLY A 63 6.56 -8.56 15.22
C GLY A 63 7.63 -9.61 15.44
N GLU A 64 7.21 -10.88 15.49
CA GLU A 64 8.15 -11.99 15.70
C GLU A 64 8.78 -12.41 14.38
N ASP A 65 7.97 -12.51 13.33
CA ASP A 65 8.46 -12.90 12.02
C ASP A 65 8.58 -11.69 11.09
N ARG A 66 9.80 -11.39 10.66
CA ARG A 66 10.04 -10.26 9.78
C ARG A 66 9.89 -10.67 8.31
N GLY A 67 9.11 -11.72 8.08
CA GLY A 67 8.90 -12.20 6.72
C GLY A 67 7.94 -11.31 5.95
N ARG A 68 8.44 -10.70 4.87
CA ARG A 68 7.62 -9.83 4.05
C ARG A 68 6.86 -10.63 2.98
N HIS A 69 5.54 -10.57 3.04
CA HIS A 69 4.70 -11.29 2.10
C HIS A 69 4.42 -10.43 0.86
N VAL A 70 4.01 -11.07 -0.23
CA VAL A 70 3.71 -10.38 -1.46
C VAL A 70 2.47 -10.95 -2.14
N VAL A 71 1.50 -10.09 -2.41
CA VAL A 71 0.26 -10.52 -3.06
C VAL A 71 0.39 -10.48 -4.58
N ASP A 72 0.06 -11.60 -5.21
CA ASP A 72 0.13 -11.70 -6.66
C ASP A 72 -1.23 -12.03 -7.26
N GLY A 73 -1.47 -11.58 -8.48
CA GLY A 73 -2.74 -11.83 -9.15
C GLY A 73 -3.82 -10.88 -8.70
N ILE A 74 -3.51 -9.59 -8.71
CA ILE A 74 -4.48 -8.57 -8.31
C ILE A 74 -4.98 -7.78 -9.52
N SER A 75 -6.30 -7.63 -9.61
CA SER A 75 -6.90 -6.90 -10.72
C SER A 75 -6.44 -5.44 -10.71
N ARG A 76 -6.04 -4.95 -11.88
CA ARG A 76 -5.58 -3.57 -12.01
C ARG A 76 -6.71 -2.59 -11.74
N GLU A 77 -7.94 -3.11 -11.75
CA GLU A 77 -9.12 -2.26 -11.51
C GLU A 77 -9.40 -2.15 -10.02
N HIS A 78 -8.57 -2.80 -9.21
CA HIS A 78 -8.73 -2.77 -7.76
C HIS A 78 -7.61 -1.98 -7.10
N SER A 79 -7.89 -0.74 -6.74
CA SER A 79 -6.90 0.12 -6.10
C SER A 79 -6.84 -0.14 -4.60
N SER A 80 -7.33 -1.30 -4.18
CA SER A 80 -7.33 -1.67 -2.77
C SER A 80 -7.25 -3.18 -2.60
N TRP A 81 -6.77 -3.62 -1.45
CA TRP A 81 -6.64 -5.04 -1.16
C TRP A 81 -6.81 -5.32 0.33
N ASP A 82 -7.33 -6.50 0.65
CA ASP A 82 -7.55 -6.88 2.03
C ASP A 82 -6.58 -7.98 2.46
N LEU A 83 -5.54 -7.59 3.19
CA LEU A 83 -4.54 -8.53 3.66
C LEU A 83 -5.12 -9.47 4.71
N VAL A 84 -4.73 -10.74 4.64
CA VAL A 84 -5.22 -11.73 5.59
C VAL A 84 -4.10 -12.67 6.03
N GLY A 85 -3.90 -12.79 7.34
CA GLY A 85 -2.86 -13.65 7.87
C GLY A 85 -1.78 -12.87 8.59
N LEU A 86 -2.18 -11.96 9.47
CA LEU A 86 -1.23 -11.14 10.21
C LEU A 86 -1.42 -11.34 11.71
N GLU A 87 -0.55 -10.72 12.51
CA GLU A 87 -0.61 -10.82 13.95
C GLU A 87 -1.64 -9.83 14.52
N LYS A 88 -1.97 -10.01 15.80
CA LYS A 88 -2.93 -9.14 16.46
C LYS A 88 -2.22 -8.09 17.31
N TRP A 89 -2.75 -6.88 17.31
CA TRP A 89 -2.17 -5.79 18.08
C TRP A 89 -0.70 -5.59 17.72
N THR A 90 -0.41 -5.54 16.42
CA THR A 90 0.95 -5.36 15.95
C THR A 90 1.00 -4.47 14.71
N GLU A 91 2.03 -3.64 14.62
CA GLU A 91 2.17 -2.73 13.49
C GLU A 91 2.71 -3.48 12.27
N TYR A 92 2.24 -3.08 11.09
CA TYR A 92 2.67 -3.71 9.85
C TYR A 92 2.85 -2.67 8.74
N ARG A 93 3.98 -2.75 8.04
CA ARG A 93 4.28 -1.83 6.96
C ARG A 93 3.83 -2.38 5.62
N VAL A 94 2.78 -1.80 5.06
CA VAL A 94 2.25 -2.23 3.78
C VAL A 94 2.79 -1.39 2.64
N TRP A 95 3.34 -2.04 1.63
CA TRP A 95 3.89 -1.33 0.47
C TRP A 95 3.15 -1.72 -0.80
N VAL A 96 2.45 -0.76 -1.39
CA VAL A 96 1.69 -1.00 -2.62
C VAL A 96 2.27 -0.19 -3.78
N ARG A 97 2.54 -0.87 -4.88
CA ARG A 97 3.09 -0.22 -6.07
C ARG A 97 2.35 -0.66 -7.33
N ALA A 98 2.29 0.22 -8.31
CA ALA A 98 1.61 -0.07 -9.57
C ALA A 98 2.60 -0.58 -10.62
N HIS A 99 2.21 -1.63 -11.33
CA HIS A 99 3.06 -2.21 -12.36
C HIS A 99 2.46 -1.99 -13.75
N THR A 100 3.32 -1.69 -14.72
CA THR A 100 2.86 -1.46 -16.08
C THR A 100 3.41 -2.52 -17.03
N ASP A 101 2.77 -2.66 -18.18
CA ASP A 101 3.18 -3.64 -19.18
C ASP A 101 4.61 -3.38 -19.65
N VAL A 102 5.04 -2.13 -19.53
CA VAL A 102 6.39 -1.75 -19.93
C VAL A 102 7.40 -2.06 -18.84
N GLY A 103 6.93 -2.17 -17.61
CA GLY A 103 7.81 -2.47 -16.50
C GLY A 103 7.24 -2.02 -15.17
N PRO A 104 7.82 -2.53 -14.07
CA PRO A 104 7.37 -2.19 -12.71
C PRO A 104 7.72 -0.76 -12.33
N GLY A 105 7.23 -0.32 -11.18
CA GLY A 105 7.50 1.03 -10.72
C GLY A 105 7.95 1.08 -9.27
N PRO A 106 8.21 2.29 -8.76
CA PRO A 106 8.65 2.50 -7.39
C PRO A 106 7.56 2.20 -6.37
N GLU A 107 7.95 2.07 -5.11
CA GLU A 107 6.99 1.79 -4.04
C GLU A 107 6.33 3.08 -3.55
N SER A 108 5.29 2.92 -2.74
CA SER A 108 4.56 4.07 -2.20
C SER A 108 4.88 4.29 -0.73
N SER A 109 4.21 5.25 -0.11
CA SER A 109 4.43 5.55 1.29
C SER A 109 3.79 4.49 2.19
N PRO A 110 4.63 3.84 3.01
CA PRO A 110 4.18 2.78 3.93
C PRO A 110 3.35 3.36 5.07
N VAL A 111 2.10 2.90 5.18
CA VAL A 111 1.20 3.35 6.23
C VAL A 111 1.22 2.40 7.42
N LEU A 112 1.59 2.93 8.59
CA LEU A 112 1.65 2.12 9.80
C LEU A 112 0.26 1.93 10.39
N VAL A 113 -0.17 0.68 10.48
CA VAL A 113 -1.48 0.35 11.04
C VAL A 113 -1.36 -0.68 12.16
N ARG A 114 -2.07 -0.43 13.26
CA ARG A 114 -2.05 -1.33 14.40
C ARG A 114 -3.34 -2.14 14.48
N THR A 115 -3.23 -3.43 14.17
CA THR A 115 -4.39 -4.32 14.21
C THR A 115 -5.08 -4.29 15.57
N ASP A 116 -6.35 -4.66 15.60
CA ASP A 116 -7.11 -4.67 16.84
C ASP A 116 -6.56 -5.72 17.81
N GLU A 117 -6.71 -5.46 19.10
CA GLU A 117 -6.23 -6.37 20.13
C GLU A 117 -7.07 -7.65 20.16
N ASP A 118 -6.43 -8.77 20.47
CA ASP A 118 -7.12 -10.05 20.54
C ASP A 118 -8.50 -9.89 21.19
N VAL A 119 -8.61 -8.94 22.12
CA VAL A 119 -9.86 -8.68 22.81
C VAL A 119 -10.51 -7.41 22.31
N PRO A 120 -11.86 -7.40 22.27
CA PRO A 120 -12.63 -6.24 21.81
C PRO A 120 -12.56 -5.08 22.79
N SER A 121 -11.78 -5.24 23.86
CA SER A 121 -11.62 -4.21 24.88
C SER A 121 -10.45 -3.30 24.55
N GLY A 122 -10.73 -2.22 23.81
CA GLY A 122 -9.69 -1.28 23.44
C GLY A 122 -9.73 0.00 24.28
N PRO A 123 -9.41 1.12 23.64
CA PRO A 123 -9.40 2.43 24.31
C PRO A 123 -10.80 2.91 24.66
N PRO A 124 -10.88 3.98 25.47
CA PRO A 124 -12.16 4.56 25.90
C PRO A 124 -12.89 5.24 24.75
N ARG A 125 -14.17 4.91 24.59
CA ARG A 125 -15.00 5.48 23.53
C ARG A 125 -14.61 6.94 23.29
N LYS A 126 -14.70 7.38 22.05
CA LYS A 126 -14.37 8.75 21.68
C LYS A 126 -14.80 9.72 22.78
N VAL A 127 -14.06 10.81 22.93
CA VAL A 127 -14.35 11.81 23.94
C VAL A 127 -14.35 13.21 23.34
N GLU A 128 -15.29 14.04 23.78
CA GLU A 128 -15.40 15.42 23.28
C GLU A 128 -14.04 16.10 23.30
N SER A 129 -13.85 17.06 22.41
CA SER A 129 -12.60 17.79 22.32
C SER A 129 -12.07 18.14 23.71
N GLY A 130 -11.01 17.46 24.12
CA GLY A 130 -10.43 17.72 25.42
C GLY A 130 -9.09 18.42 25.34
N PRO A 131 -8.03 17.65 25.05
CA PRO A 131 -6.67 18.19 24.93
C PRO A 131 -6.50 19.07 23.70
N SER A 132 -5.33 19.69 23.58
CA SER A 132 -5.04 20.56 22.45
C SER A 132 -3.78 20.11 21.72
N SER A 133 -3.37 20.88 20.73
CA SER A 133 -2.18 20.56 19.95
C SER A 133 -1.04 20.10 20.86
N GLY A 134 -0.15 19.27 20.32
CA GLY A 134 0.97 18.77 21.09
C GLY A 134 0.68 17.41 21.71
N GLY A 1 21.29 27.63 -15.24
CA GLY A 1 20.12 26.77 -15.36
C GLY A 1 19.50 26.84 -16.74
N SER A 2 18.71 25.83 -17.09
CA SER A 2 18.05 25.77 -18.39
C SER A 2 16.81 24.89 -18.33
N SER A 3 15.73 25.36 -18.95
CA SER A 3 14.48 24.61 -18.97
C SER A 3 14.34 23.81 -20.25
N GLY A 4 13.36 22.92 -20.29
CA GLY A 4 13.14 22.11 -21.48
C GLY A 4 12.10 21.02 -21.25
N SER A 5 11.03 21.05 -22.03
CA SER A 5 9.97 20.07 -21.91
C SER A 5 9.37 19.72 -23.27
N SER A 6 8.77 18.55 -23.36
CA SER A 6 8.16 18.10 -24.62
C SER A 6 6.70 17.70 -24.40
N GLY A 7 5.86 18.05 -25.37
CA GLY A 7 4.44 17.72 -25.27
C GLY A 7 3.86 17.30 -26.60
N THR A 8 4.39 16.23 -27.18
CA THR A 8 3.92 15.73 -28.45
C THR A 8 2.40 15.59 -28.46
N ILE A 9 1.75 16.22 -29.43
CA ILE A 9 0.30 16.17 -29.54
C ILE A 9 -0.19 14.72 -29.58
N GLU A 10 -0.77 14.27 -28.48
CA GLU A 10 -1.28 12.91 -28.38
C GLU A 10 -2.62 12.88 -27.65
N ALA A 11 -3.37 11.79 -27.83
CA ALA A 11 -4.66 11.64 -27.19
C ALA A 11 -4.67 10.44 -26.25
N ARG A 12 -3.65 9.59 -26.38
CA ARG A 12 -3.55 8.39 -25.54
C ARG A 12 -2.23 7.67 -25.81
N THR A 13 -1.40 7.58 -24.77
CA THR A 13 -0.11 6.90 -24.88
C THR A 13 0.35 6.38 -23.52
N ALA A 14 0.71 5.10 -23.49
CA ALA A 14 1.18 4.48 -22.25
C ALA A 14 2.48 3.72 -22.49
N GLN A 15 3.59 4.46 -22.53
CA GLN A 15 4.90 3.86 -22.75
C GLN A 15 5.89 4.32 -21.69
N SER A 16 5.47 4.25 -20.42
CA SER A 16 6.32 4.67 -19.32
C SER A 16 5.72 4.22 -17.98
N THR A 17 6.56 4.21 -16.94
CA THR A 17 6.12 3.81 -15.61
C THR A 17 5.77 5.02 -14.75
N PRO A 18 4.88 4.82 -13.78
CA PRO A 18 4.44 5.89 -12.88
C PRO A 18 5.55 6.32 -11.92
N SER A 19 5.65 7.62 -11.69
CA SER A 19 6.66 8.16 -10.79
C SER A 19 6.06 8.53 -9.44
N ALA A 20 5.02 9.36 -9.46
CA ALA A 20 4.35 9.78 -8.24
C ALA A 20 3.52 8.64 -7.65
N PRO A 21 2.48 8.23 -8.39
CA PRO A 21 1.59 7.14 -7.96
C PRO A 21 2.28 5.78 -7.97
N PRO A 22 1.72 4.82 -7.21
CA PRO A 22 0.52 5.06 -6.40
C PRO A 22 0.79 5.99 -5.21
N GLN A 23 -0.08 6.97 -5.03
CA GLN A 23 0.06 7.92 -3.94
C GLN A 23 -1.18 7.92 -3.05
N LYS A 24 -1.20 8.82 -2.07
CA LYS A 24 -2.33 8.93 -1.16
C LYS A 24 -2.81 7.56 -0.72
N VAL A 25 -1.87 6.66 -0.46
CA VAL A 25 -2.19 5.30 -0.02
C VAL A 25 -2.66 5.29 1.43
N MET A 26 -3.96 5.09 1.63
CA MET A 26 -4.52 5.04 2.97
C MET A 26 -4.83 3.61 3.39
N CYS A 27 -4.22 3.18 4.49
CA CYS A 27 -4.43 1.83 5.00
C CYS A 27 -5.20 1.85 6.32
N VAL A 28 -6.02 0.82 6.53
CA VAL A 28 -6.80 0.72 7.75
C VAL A 28 -6.96 -0.73 8.20
N SER A 29 -6.85 -0.96 9.50
CA SER A 29 -6.96 -2.31 10.06
C SER A 29 -8.43 -2.76 10.06
N MET A 30 -8.74 -3.69 9.17
CA MET A 30 -10.11 -4.21 9.07
C MET A 30 -10.52 -4.91 10.36
N GLY A 31 -9.60 -5.67 10.93
CA GLY A 31 -9.88 -6.38 12.17
C GLY A 31 -8.65 -6.57 13.03
N SER A 32 -8.24 -7.81 13.20
CA SER A 32 -7.07 -8.13 14.02
C SER A 32 -6.00 -8.83 13.18
N THR A 33 -6.43 -9.60 12.20
CA THR A 33 -5.52 -10.32 11.33
C THR A 33 -5.76 -9.97 9.87
N THR A 34 -6.49 -8.89 9.63
CA THR A 34 -6.79 -8.44 8.28
C THR A 34 -6.66 -6.93 8.16
N VAL A 35 -6.10 -6.48 7.04
CA VAL A 35 -5.91 -5.06 6.79
C VAL A 35 -6.42 -4.66 5.40
N ARG A 36 -6.96 -3.45 5.30
CA ARG A 36 -7.48 -2.96 4.04
C ARG A 36 -6.71 -1.72 3.58
N VAL A 37 -5.89 -1.90 2.55
CA VAL A 37 -5.09 -0.80 2.01
C VAL A 37 -5.66 -0.32 0.68
N SER A 38 -5.84 1.00 0.56
CA SER A 38 -6.37 1.60 -0.65
C SER A 38 -5.52 2.78 -1.10
N TRP A 39 -5.31 2.89 -2.41
CA TRP A 39 -4.51 3.97 -2.97
C TRP A 39 -5.29 4.73 -4.04
N VAL A 40 -4.86 5.95 -4.35
CA VAL A 40 -5.51 6.77 -5.35
C VAL A 40 -5.36 6.16 -6.74
N PRO A 41 -6.50 5.93 -7.41
CA PRO A 41 -6.52 5.35 -8.76
C PRO A 41 -5.99 6.31 -9.81
N PRO A 42 -5.35 5.75 -10.85
CA PRO A 42 -4.77 6.54 -11.94
C PRO A 42 -5.84 7.19 -12.81
N PRO A 43 -5.77 8.52 -12.97
CA PRO A 43 -6.73 9.28 -13.77
C PRO A 43 -6.57 9.01 -15.27
N ALA A 44 -7.34 9.72 -16.08
CA ALA A 44 -7.29 9.56 -17.52
C ALA A 44 -6.59 10.73 -18.19
N ASP A 45 -6.96 11.94 -17.77
CA ASP A 45 -6.36 13.15 -18.33
C ASP A 45 -4.83 13.03 -18.39
N SER A 46 -4.22 12.86 -17.23
CA SER A 46 -2.76 12.74 -17.15
C SER A 46 -2.36 11.37 -16.63
N ARG A 47 -1.58 10.64 -17.42
CA ARG A 47 -1.12 9.31 -17.04
C ARG A 47 0.17 8.94 -17.78
N ASN A 48 1.15 8.46 -17.03
CA ASN A 48 2.43 8.07 -17.61
C ASN A 48 2.29 6.83 -18.47
N GLY A 49 1.79 5.75 -17.86
CA GLY A 49 1.61 4.50 -18.59
C GLY A 49 0.25 3.89 -18.33
N VAL A 50 0.17 2.56 -18.46
CA VAL A 50 -1.08 1.84 -18.24
C VAL A 50 -0.89 0.71 -17.24
N ILE A 51 -1.46 0.88 -16.06
CA ILE A 51 -1.36 -0.14 -15.01
C ILE A 51 -1.89 -1.49 -15.50
N THR A 52 -1.03 -2.50 -15.43
CA THR A 52 -1.41 -3.85 -15.85
C THR A 52 -1.76 -4.73 -14.66
N GLN A 53 -1.23 -4.38 -13.50
CA GLN A 53 -1.49 -5.14 -12.28
C GLN A 53 -0.95 -4.40 -11.05
N TYR A 54 -1.53 -4.70 -9.90
CA TYR A 54 -1.12 -4.07 -8.65
C TYR A 54 -0.51 -5.10 -7.69
N SER A 55 0.54 -4.69 -6.98
CA SER A 55 1.20 -5.57 -6.02
C SER A 55 1.13 -5.00 -4.62
N VAL A 56 1.04 -5.88 -3.63
CA VAL A 56 0.96 -5.47 -2.23
C VAL A 56 1.84 -6.35 -1.35
N ALA A 57 2.67 -5.71 -0.52
CA ALA A 57 3.55 -6.43 0.37
C ALA A 57 3.41 -5.95 1.81
N TYR A 58 3.37 -6.88 2.76
CA TYR A 58 3.22 -6.54 4.16
C TYR A 58 4.32 -7.22 5.00
N GLU A 59 4.95 -6.44 5.87
CA GLU A 59 6.01 -6.96 6.73
C GLU A 59 5.94 -6.32 8.11
N ALA A 60 5.95 -7.17 9.14
CA ALA A 60 5.90 -6.69 10.52
C ALA A 60 7.15 -5.91 10.87
N VAL A 61 6.98 -4.81 11.61
CA VAL A 61 8.10 -3.97 12.02
C VAL A 61 8.45 -4.21 13.49
N ASP A 62 7.43 -4.23 14.34
CA ASP A 62 7.63 -4.45 15.77
C ASP A 62 6.99 -5.76 16.21
N GLY A 63 6.89 -6.70 15.29
CA GLY A 63 6.29 -7.99 15.61
C GLY A 63 7.33 -9.06 15.87
N GLU A 64 6.86 -10.29 16.09
CA GLU A 64 7.77 -11.40 16.36
C GLU A 64 8.45 -11.86 15.08
N ASP A 65 7.67 -12.03 14.01
CA ASP A 65 8.21 -12.46 12.73
C ASP A 65 8.19 -11.32 11.72
N ARG A 66 9.37 -10.91 11.27
CA ARG A 66 9.48 -9.82 10.30
C ARG A 66 9.41 -10.35 8.87
N GLY A 67 8.77 -11.51 8.71
CA GLY A 67 8.65 -12.11 7.39
C GLY A 67 7.77 -11.29 6.46
N ARG A 68 8.39 -10.68 5.47
CA ARG A 68 7.67 -9.85 4.50
C ARG A 68 6.97 -10.73 3.46
N HIS A 69 5.67 -10.52 3.28
CA HIS A 69 4.89 -11.27 2.32
C HIS A 69 4.52 -10.41 1.11
N VAL A 70 4.16 -11.07 0.02
CA VAL A 70 3.78 -10.37 -1.20
C VAL A 70 2.53 -10.98 -1.82
N VAL A 71 1.65 -10.11 -2.32
CA VAL A 71 0.40 -10.57 -2.95
C VAL A 71 0.51 -10.55 -4.47
N ASP A 72 0.09 -11.65 -5.10
CA ASP A 72 0.14 -11.76 -6.55
C ASP A 72 -1.23 -12.07 -7.12
N GLY A 73 -1.49 -11.61 -8.34
CA GLY A 73 -2.76 -11.86 -8.98
C GLY A 73 -3.83 -10.87 -8.54
N ILE A 74 -3.54 -9.58 -8.70
CA ILE A 74 -4.48 -8.54 -8.31
C ILE A 74 -5.04 -7.82 -9.53
N SER A 75 -6.37 -7.81 -9.65
CA SER A 75 -7.03 -7.16 -10.77
C SER A 75 -6.69 -5.66 -10.81
N ARG A 76 -6.19 -5.21 -11.96
CA ARG A 76 -5.82 -3.82 -12.13
C ARG A 76 -6.99 -2.91 -11.79
N GLU A 77 -8.19 -3.46 -11.78
CA GLU A 77 -9.40 -2.69 -11.47
C GLU A 77 -9.64 -2.65 -9.96
N HIS A 78 -8.57 -2.83 -9.19
CA HIS A 78 -8.67 -2.82 -7.74
C HIS A 78 -7.63 -1.87 -7.13
N SER A 79 -8.08 -0.70 -6.71
CA SER A 79 -7.19 0.30 -6.12
C SER A 79 -6.98 0.02 -4.63
N SER A 80 -7.48 -1.12 -4.18
CA SER A 80 -7.35 -1.50 -2.78
C SER A 80 -7.22 -3.02 -2.64
N TRP A 81 -6.83 -3.46 -1.45
CA TRP A 81 -6.67 -4.89 -1.18
C TRP A 81 -6.92 -5.21 0.29
N ASP A 82 -7.31 -6.44 0.56
CA ASP A 82 -7.58 -6.88 1.93
C ASP A 82 -6.66 -8.02 2.33
N LEU A 83 -5.65 -7.71 3.13
CA LEU A 83 -4.69 -8.71 3.59
C LEU A 83 -5.32 -9.62 4.64
N VAL A 84 -4.89 -10.88 4.66
CA VAL A 84 -5.42 -11.85 5.61
C VAL A 84 -4.32 -12.78 6.11
N GLY A 85 -4.18 -12.85 7.43
CA GLY A 85 -3.15 -13.72 8.01
C GLY A 85 -2.01 -12.92 8.62
N LEU A 86 -2.35 -11.99 9.51
CA LEU A 86 -1.35 -11.17 10.16
C LEU A 86 -1.44 -11.30 11.69
N GLU A 87 -0.47 -10.72 12.38
CA GLU A 87 -0.43 -10.78 13.84
C GLU A 87 -1.46 -9.82 14.45
N LYS A 88 -1.81 -10.05 15.70
CA LYS A 88 -2.78 -9.20 16.40
C LYS A 88 -2.07 -8.11 17.20
N TRP A 89 -2.67 -6.94 17.24
CA TRP A 89 -2.09 -5.81 17.98
C TRP A 89 -0.63 -5.60 17.59
N THR A 90 -0.34 -5.72 16.30
CA THR A 90 1.02 -5.54 15.80
C THR A 90 1.03 -4.68 14.55
N GLU A 91 2.03 -3.79 14.46
CA GLU A 91 2.15 -2.90 13.31
C GLU A 91 2.66 -3.67 12.09
N TYR A 92 2.23 -3.24 10.91
CA TYR A 92 2.63 -3.89 9.66
C TYR A 92 2.81 -2.86 8.55
N ARG A 93 4.02 -2.81 7.99
CA ARG A 93 4.32 -1.87 6.92
C ARG A 93 3.88 -2.43 5.56
N VAL A 94 2.83 -1.84 5.00
CA VAL A 94 2.31 -2.28 3.72
C VAL A 94 2.87 -1.43 2.58
N TRP A 95 3.24 -2.08 1.48
CA TRP A 95 3.79 -1.39 0.33
C TRP A 95 3.04 -1.76 -0.94
N VAL A 96 2.33 -0.79 -1.50
CA VAL A 96 1.55 -1.01 -2.72
C VAL A 96 2.12 -0.20 -3.89
N ARG A 97 2.46 -0.89 -4.97
CA ARG A 97 3.02 -0.24 -6.15
C ARG A 97 2.22 -0.62 -7.39
N ALA A 98 2.22 0.28 -8.38
CA ALA A 98 1.50 0.05 -9.62
C ALA A 98 2.45 -0.41 -10.73
N HIS A 99 2.13 -1.55 -11.35
CA HIS A 99 2.96 -2.09 -12.41
C HIS A 99 2.34 -1.81 -13.78
N THR A 100 3.20 -1.61 -14.78
CA THR A 100 2.73 -1.33 -16.13
C THR A 100 3.28 -2.34 -17.13
N ASP A 101 2.66 -2.40 -18.31
CA ASP A 101 3.11 -3.32 -19.34
C ASP A 101 4.46 -2.92 -19.91
N VAL A 102 4.93 -1.74 -19.51
CA VAL A 102 6.22 -1.23 -19.97
C VAL A 102 7.33 -1.61 -19.01
N GLY A 103 6.96 -1.90 -17.76
CA GLY A 103 7.95 -2.28 -16.77
C GLY A 103 7.45 -2.08 -15.36
N PRO A 104 8.24 -2.53 -14.37
CA PRO A 104 7.89 -2.41 -12.95
C PRO A 104 7.95 -0.97 -12.47
N GLY A 105 7.37 -0.72 -11.30
CA GLY A 105 7.36 0.62 -10.74
C GLY A 105 7.85 0.65 -9.29
N PRO A 106 8.16 1.86 -8.81
CA PRO A 106 8.64 2.05 -7.43
C PRO A 106 7.55 1.80 -6.39
N GLU A 107 7.93 1.83 -5.12
CA GLU A 107 6.98 1.61 -4.04
C GLU A 107 6.37 2.93 -3.57
N SER A 108 5.39 2.84 -2.68
CA SER A 108 4.72 4.02 -2.17
C SER A 108 5.01 4.21 -0.67
N SER A 109 4.40 5.22 -0.08
CA SER A 109 4.60 5.50 1.34
C SER A 109 3.94 4.44 2.20
N PRO A 110 4.76 3.77 3.03
CA PRO A 110 4.28 2.70 3.92
C PRO A 110 3.42 3.25 5.06
N VAL A 111 2.19 2.77 5.16
CA VAL A 111 1.28 3.21 6.19
C VAL A 111 1.35 2.28 7.40
N LEU A 112 1.54 2.87 8.58
CA LEU A 112 1.63 2.11 9.82
C LEU A 112 0.24 1.86 10.40
N VAL A 113 -0.15 0.59 10.48
CA VAL A 113 -1.45 0.23 11.02
C VAL A 113 -1.32 -0.83 12.11
N ARG A 114 -1.95 -0.59 13.26
CA ARG A 114 -1.90 -1.53 14.37
C ARG A 114 -3.20 -2.31 14.48
N THR A 115 -3.16 -3.58 14.09
CA THR A 115 -4.34 -4.43 14.14
C THR A 115 -5.01 -4.36 15.51
N ASP A 116 -6.25 -4.81 15.58
CA ASP A 116 -7.01 -4.80 16.82
C ASP A 116 -6.29 -5.65 17.88
N GLU A 117 -6.55 -5.32 19.14
CA GLU A 117 -5.93 -6.06 20.25
C GLU A 117 -6.87 -7.12 20.80
N ASP A 118 -6.31 -8.20 21.33
CA ASP A 118 -7.09 -9.29 21.88
C ASP A 118 -7.51 -8.98 23.32
N VAL A 119 -6.59 -8.45 24.10
CA VAL A 119 -6.87 -8.11 25.48
C VAL A 119 -7.84 -6.94 25.59
N PRO A 120 -8.65 -6.93 26.65
CA PRO A 120 -9.64 -5.87 26.88
C PRO A 120 -8.99 -4.54 27.25
N SER A 121 -7.66 -4.50 27.23
CA SER A 121 -6.92 -3.30 27.56
C SER A 121 -6.85 -2.36 26.36
N GLY A 122 -7.75 -1.38 26.33
CA GLY A 122 -7.78 -0.43 25.23
C GLY A 122 -6.96 0.81 25.52
N PRO A 123 -6.19 1.26 24.52
CA PRO A 123 -5.35 2.45 24.65
C PRO A 123 -6.17 3.74 24.74
N PRO A 124 -5.52 4.83 25.20
CA PRO A 124 -6.17 6.13 25.33
C PRO A 124 -6.49 6.76 23.98
N ARG A 125 -7.78 6.90 23.68
CA ARG A 125 -8.21 7.48 22.42
C ARG A 125 -7.60 8.87 22.22
N LYS A 126 -7.04 9.10 21.03
CA LYS A 126 -6.43 10.39 20.72
C LYS A 126 -6.33 10.59 19.22
N VAL A 127 -6.91 11.68 18.73
CA VAL A 127 -6.89 11.99 17.30
C VAL A 127 -5.49 11.82 16.73
N GLU A 128 -5.40 11.18 15.57
CA GLU A 128 -4.12 10.94 14.90
C GLU A 128 -3.93 11.89 13.73
N SER A 129 -2.72 11.90 13.18
CA SER A 129 -2.41 12.77 12.05
C SER A 129 -1.46 12.08 11.08
N GLY A 130 -1.13 12.77 9.99
CA GLY A 130 -0.24 12.20 9.00
C GLY A 130 0.80 13.19 8.51
N PRO A 131 2.02 12.69 8.24
CA PRO A 131 3.13 13.53 7.77
C PRO A 131 2.91 14.04 6.35
N SER A 132 3.89 14.77 5.83
CA SER A 132 3.80 15.31 4.49
C SER A 132 4.86 14.69 3.58
N SER A 133 4.49 14.44 2.33
CA SER A 133 5.39 13.84 1.36
C SER A 133 6.11 14.92 0.56
N GLY A 134 5.35 15.86 0.02
CA GLY A 134 5.92 16.93 -0.77
C GLY A 134 4.98 18.11 -0.94
N GLY A 1 35.43 2.84 6.76
CA GLY A 1 35.88 1.48 6.54
C GLY A 1 34.84 0.63 5.83
N SER A 2 34.62 0.92 4.55
CA SER A 2 33.64 0.19 3.76
C SER A 2 34.24 -1.10 3.20
N SER A 3 33.38 -2.07 2.90
CA SER A 3 33.82 -3.35 2.37
C SER A 3 33.35 -3.54 0.94
N GLY A 4 34.10 -4.33 0.17
CA GLY A 4 33.75 -4.58 -1.22
C GLY A 4 33.80 -6.04 -1.57
N SER A 5 33.05 -6.43 -2.60
CA SER A 5 33.02 -7.82 -3.04
C SER A 5 32.71 -7.91 -4.53
N SER A 6 33.49 -8.71 -5.25
CA SER A 6 33.30 -8.87 -6.69
C SER A 6 31.89 -9.36 -6.99
N GLY A 7 31.19 -8.63 -7.86
CA GLY A 7 29.83 -9.00 -8.22
C GLY A 7 29.15 -7.94 -9.06
N THR A 8 29.12 -8.17 -10.37
CA THR A 8 28.49 -7.23 -11.30
C THR A 8 27.12 -6.81 -10.80
N ILE A 9 26.63 -5.68 -11.32
CA ILE A 9 25.32 -5.17 -10.93
C ILE A 9 24.22 -5.70 -11.85
N GLU A 10 23.09 -6.10 -11.26
CA GLU A 10 21.97 -6.61 -12.03
C GLU A 10 20.67 -5.89 -11.67
N ALA A 11 19.91 -5.52 -12.68
CA ALA A 11 18.64 -4.82 -12.47
C ALA A 11 17.81 -4.80 -13.74
N ARG A 12 16.58 -4.30 -13.64
CA ARG A 12 15.69 -4.21 -14.79
C ARG A 12 14.99 -2.86 -14.83
N THR A 13 14.75 -2.37 -16.05
CA THR A 13 14.10 -1.07 -16.24
C THR A 13 12.84 -1.22 -17.10
N ALA A 14 12.06 -0.15 -17.17
CA ALA A 14 10.84 -0.15 -17.97
C ALA A 14 10.74 1.11 -18.83
N GLN A 15 9.99 1.01 -19.92
CA GLN A 15 9.81 2.12 -20.83
C GLN A 15 8.99 3.23 -20.19
N SER A 16 7.76 2.90 -19.82
CA SER A 16 6.86 3.86 -19.19
C SER A 16 6.36 3.35 -17.84
N THR A 17 6.70 4.07 -16.79
CA THR A 17 6.29 3.69 -15.43
C THR A 17 5.91 4.92 -14.61
N PRO A 18 4.91 4.74 -13.73
CA PRO A 18 4.43 5.83 -12.86
C PRO A 18 5.45 6.20 -11.79
N SER A 19 5.54 7.49 -11.49
CA SER A 19 6.48 7.97 -10.48
C SER A 19 5.76 8.28 -9.17
N ALA A 20 4.80 9.19 -9.22
CA ALA A 20 4.04 9.56 -8.04
C ALA A 20 3.18 8.40 -7.55
N PRO A 21 2.19 8.02 -8.35
CA PRO A 21 1.28 6.91 -8.02
C PRO A 21 1.97 5.56 -8.07
N PRO A 22 1.45 4.59 -7.29
CA PRO A 22 0.27 4.82 -6.44
C PRO A 22 0.58 5.73 -5.26
N GLN A 23 -0.26 6.76 -5.09
CA GLN A 23 -0.08 7.71 -4.00
C GLN A 23 -1.33 7.77 -3.13
N LYS A 24 -1.30 8.64 -2.13
CA LYS A 24 -2.42 8.81 -1.22
C LYS A 24 -2.92 7.45 -0.72
N VAL A 25 -2.00 6.51 -0.55
CA VAL A 25 -2.34 5.17 -0.09
C VAL A 25 -2.71 5.19 1.39
N MET A 26 -4.00 5.02 1.68
CA MET A 26 -4.47 4.99 3.06
C MET A 26 -4.83 3.58 3.50
N CYS A 27 -4.11 3.08 4.49
CA CYS A 27 -4.35 1.74 5.01
C CYS A 27 -5.11 1.79 6.32
N VAL A 28 -5.92 0.76 6.57
CA VAL A 28 -6.70 0.69 7.81
C VAL A 28 -6.90 -0.75 8.24
N SER A 29 -6.70 -1.01 9.54
CA SER A 29 -6.85 -2.35 10.09
C SER A 29 -8.33 -2.76 10.12
N MET A 30 -8.71 -3.65 9.22
CA MET A 30 -10.09 -4.12 9.16
C MET A 30 -10.49 -4.79 10.47
N GLY A 31 -9.57 -5.55 11.05
CA GLY A 31 -9.86 -6.24 12.29
C GLY A 31 -8.62 -6.45 13.13
N SER A 32 -8.24 -7.72 13.32
CA SER A 32 -7.07 -8.06 14.10
C SER A 32 -6.01 -8.74 13.24
N THR A 33 -6.46 -9.60 12.34
CA THR A 33 -5.56 -10.32 11.45
C THR A 33 -5.84 -9.98 9.99
N THR A 34 -6.55 -8.89 9.76
CA THR A 34 -6.88 -8.45 8.42
C THR A 34 -6.69 -6.95 8.26
N VAL A 35 -6.10 -6.53 7.14
CA VAL A 35 -5.87 -5.13 6.88
C VAL A 35 -6.39 -4.73 5.50
N ARG A 36 -6.85 -3.50 5.39
CA ARG A 36 -7.38 -2.99 4.12
C ARG A 36 -6.61 -1.76 3.65
N VAL A 37 -5.91 -1.91 2.53
CA VAL A 37 -5.12 -0.82 1.98
C VAL A 37 -5.73 -0.30 0.69
N SER A 38 -5.84 1.03 0.57
CA SER A 38 -6.41 1.64 -0.62
C SER A 38 -5.55 2.81 -1.09
N TRP A 39 -5.51 3.02 -2.41
CA TRP A 39 -4.72 4.09 -3.00
C TRP A 39 -5.50 4.79 -4.10
N VAL A 40 -5.01 5.97 -4.50
CA VAL A 40 -5.67 6.74 -5.55
C VAL A 40 -5.50 6.06 -6.91
N PRO A 41 -6.62 5.91 -7.63
CA PRO A 41 -6.63 5.29 -8.96
C PRO A 41 -5.95 6.15 -10.01
N PRO A 42 -5.52 5.51 -11.12
CA PRO A 42 -4.85 6.21 -12.22
C PRO A 42 -5.79 7.13 -12.99
N PRO A 43 -5.58 8.45 -12.86
CA PRO A 43 -6.41 9.45 -13.53
C PRO A 43 -6.18 9.47 -15.04
N ALA A 44 -7.25 9.24 -15.80
CA ALA A 44 -7.17 9.23 -17.25
C ALA A 44 -6.60 10.56 -17.77
N ASP A 45 -7.10 11.66 -17.24
CA ASP A 45 -6.64 12.98 -17.66
C ASP A 45 -5.14 12.98 -17.93
N SER A 46 -4.36 12.69 -16.90
CA SER A 46 -2.90 12.66 -17.03
C SER A 46 -2.35 11.28 -16.65
N ARG A 47 -1.74 10.61 -17.61
CA ARG A 47 -1.17 9.28 -17.38
C ARG A 47 0.17 9.13 -18.10
N ASN A 48 1.15 8.58 -17.39
CA ASN A 48 2.48 8.39 -17.96
C ASN A 48 2.59 7.02 -18.64
N GLY A 49 2.00 6.01 -18.01
CA GLY A 49 2.04 4.68 -18.57
C GLY A 49 0.70 3.98 -18.49
N VAL A 50 0.71 2.66 -18.61
CA VAL A 50 -0.51 1.86 -18.55
C VAL A 50 -0.43 0.79 -17.46
N ILE A 51 -1.26 0.92 -16.45
CA ILE A 51 -1.28 -0.04 -15.34
C ILE A 51 -1.92 -1.35 -15.78
N THR A 52 -1.16 -2.44 -15.66
CA THR A 52 -1.65 -3.76 -16.03
C THR A 52 -2.01 -4.58 -14.80
N GLN A 53 -1.47 -4.19 -13.66
CA GLN A 53 -1.73 -4.90 -12.41
C GLN A 53 -1.11 -4.15 -11.23
N TYR A 54 -1.52 -4.53 -10.02
CA TYR A 54 -1.02 -3.90 -8.81
C TYR A 54 -0.45 -4.94 -7.84
N SER A 55 0.69 -4.62 -7.24
CA SER A 55 1.34 -5.53 -6.30
C SER A 55 1.34 -4.94 -4.89
N VAL A 56 1.21 -5.81 -3.90
CA VAL A 56 1.20 -5.37 -2.50
C VAL A 56 2.20 -6.17 -1.67
N ALA A 57 2.57 -5.64 -0.52
CA ALA A 57 3.52 -6.30 0.37
C ALA A 57 3.29 -5.89 1.81
N TYR A 58 3.46 -6.84 2.72
CA TYR A 58 3.28 -6.58 4.16
C TYR A 58 4.30 -7.33 4.99
N GLU A 59 4.93 -6.63 5.93
CA GLU A 59 5.92 -7.24 6.80
C GLU A 59 5.83 -6.68 8.21
N ALA A 60 5.82 -7.57 9.19
CA ALA A 60 5.74 -7.17 10.60
C ALA A 60 6.94 -6.33 11.01
N VAL A 61 6.68 -5.23 11.68
CA VAL A 61 7.74 -4.33 12.14
C VAL A 61 8.29 -4.77 13.48
N ASP A 62 7.39 -4.99 14.44
CA ASP A 62 7.80 -5.41 15.78
C ASP A 62 7.08 -6.70 16.17
N GLY A 63 6.89 -7.59 15.19
CA GLY A 63 6.23 -8.85 15.46
C GLY A 63 7.20 -9.97 15.77
N GLU A 64 6.75 -11.21 15.62
CA GLU A 64 7.60 -12.36 15.89
C GLU A 64 8.47 -12.70 14.69
N ASP A 65 7.87 -12.70 13.51
CA ASP A 65 8.61 -13.00 12.29
C ASP A 65 8.70 -11.77 11.39
N ARG A 66 9.91 -11.43 10.97
CA ARG A 66 10.12 -10.27 10.12
C ARG A 66 10.01 -10.65 8.64
N GLY A 67 9.31 -11.75 8.37
CA GLY A 67 9.14 -12.21 7.01
C GLY A 67 8.17 -11.36 6.22
N ARG A 68 8.66 -10.73 5.15
CA ARG A 68 7.82 -9.88 4.32
C ARG A 68 7.05 -10.71 3.30
N HIS A 69 5.78 -10.39 3.12
CA HIS A 69 4.93 -11.10 2.17
C HIS A 69 4.54 -10.19 1.00
N VAL A 70 4.12 -10.81 -0.10
CA VAL A 70 3.73 -10.06 -1.28
C VAL A 70 2.47 -10.66 -1.92
N VAL A 71 1.58 -9.80 -2.39
CA VAL A 71 0.35 -10.24 -3.02
C VAL A 71 0.48 -10.24 -4.54
N ASP A 72 0.09 -11.35 -5.17
CA ASP A 72 0.17 -11.48 -6.61
C ASP A 72 -1.19 -11.83 -7.21
N GLY A 73 -1.43 -11.40 -8.44
CA GLY A 73 -2.70 -11.67 -9.08
C GLY A 73 -3.79 -10.71 -8.66
N ILE A 74 -3.52 -9.42 -8.79
CA ILE A 74 -4.48 -8.38 -8.43
C ILE A 74 -5.01 -7.66 -9.66
N SER A 75 -6.33 -7.58 -9.78
CA SER A 75 -6.96 -6.91 -10.91
C SER A 75 -6.63 -5.42 -10.92
N ARG A 76 -6.17 -4.94 -12.07
CA ARG A 76 -5.81 -3.53 -12.20
C ARG A 76 -7.00 -2.62 -11.89
N GLU A 77 -8.18 -3.23 -11.80
CA GLU A 77 -9.40 -2.48 -11.50
C GLU A 77 -9.65 -2.44 -10.00
N HIS A 78 -8.65 -2.81 -9.22
CA HIS A 78 -8.76 -2.81 -7.77
C HIS A 78 -7.66 -1.97 -7.14
N SER A 79 -8.01 -0.74 -6.76
CA SER A 79 -7.05 0.18 -6.14
C SER A 79 -6.94 -0.07 -4.65
N SER A 80 -7.43 -1.23 -4.21
CA SER A 80 -7.40 -1.59 -2.79
C SER A 80 -7.27 -3.10 -2.61
N TRP A 81 -6.86 -3.51 -1.43
CA TRP A 81 -6.69 -4.92 -1.12
C TRP A 81 -6.90 -5.20 0.36
N ASP A 82 -7.39 -6.39 0.68
CA ASP A 82 -7.64 -6.78 2.05
C ASP A 82 -6.72 -7.93 2.48
N LEU A 83 -5.64 -7.58 3.18
CA LEU A 83 -4.68 -8.58 3.63
C LEU A 83 -5.28 -9.44 4.74
N VAL A 84 -4.86 -10.70 4.80
CA VAL A 84 -5.35 -11.63 5.81
C VAL A 84 -4.24 -12.53 6.31
N GLY A 85 -4.22 -12.77 7.62
CA GLY A 85 -3.20 -13.61 8.21
C GLY A 85 -2.07 -12.82 8.82
N LEU A 86 -2.40 -11.97 9.80
CA LEU A 86 -1.40 -11.15 10.46
C LEU A 86 -1.52 -11.27 11.98
N GLU A 87 -0.51 -10.80 12.69
CA GLU A 87 -0.50 -10.85 14.15
C GLU A 87 -1.51 -9.86 14.74
N LYS A 88 -2.02 -10.17 15.92
CA LYS A 88 -2.98 -9.31 16.59
C LYS A 88 -2.26 -8.25 17.43
N TRP A 89 -2.75 -7.01 17.36
CA TRP A 89 -2.16 -5.92 18.13
C TRP A 89 -0.69 -5.72 17.74
N THR A 90 -0.42 -5.73 16.44
CA THR A 90 0.94 -5.55 15.95
C THR A 90 0.97 -4.67 14.70
N GLU A 91 1.95 -3.77 14.64
CA GLU A 91 2.08 -2.88 13.50
C GLU A 91 2.64 -3.60 12.29
N TYR A 92 2.21 -3.19 11.10
CA TYR A 92 2.66 -3.81 9.86
C TYR A 92 2.83 -2.77 8.76
N ARG A 93 4.02 -2.74 8.15
CA ARG A 93 4.31 -1.80 7.09
C ARG A 93 3.91 -2.37 5.73
N VAL A 94 2.85 -1.80 5.15
CA VAL A 94 2.36 -2.25 3.85
C VAL A 94 2.94 -1.40 2.72
N TRP A 95 3.37 -2.05 1.66
CA TRP A 95 3.94 -1.36 0.51
C TRP A 95 3.22 -1.75 -0.78
N VAL A 96 2.48 -0.81 -1.35
CA VAL A 96 1.75 -1.05 -2.58
C VAL A 96 2.35 -0.27 -3.75
N ARG A 97 2.47 -0.93 -4.90
CA ARG A 97 3.04 -0.29 -6.08
C ARG A 97 2.29 -0.74 -7.33
N ALA A 98 2.38 0.07 -8.39
CA ALA A 98 1.72 -0.24 -9.66
C ALA A 98 2.67 -0.95 -10.61
N HIS A 99 2.10 -1.71 -11.55
CA HIS A 99 2.89 -2.44 -12.52
C HIS A 99 2.43 -2.14 -13.94
N THR A 100 3.34 -1.67 -14.78
CA THR A 100 3.01 -1.34 -16.16
C THR A 100 3.35 -2.49 -17.09
N ASP A 101 2.55 -2.66 -18.14
CA ASP A 101 2.76 -3.73 -19.11
C ASP A 101 4.21 -3.76 -19.56
N VAL A 102 4.92 -2.66 -19.38
CA VAL A 102 6.32 -2.56 -19.78
C VAL A 102 7.23 -3.07 -18.67
N GLY A 103 6.80 -2.91 -17.42
CA GLY A 103 7.60 -3.35 -16.29
C GLY A 103 7.09 -2.81 -14.97
N PRO A 104 7.70 -3.26 -13.87
CA PRO A 104 7.32 -2.84 -12.52
C PRO A 104 7.69 -1.38 -12.25
N GLY A 105 7.39 -0.92 -11.05
CA GLY A 105 7.69 0.46 -10.68
C GLY A 105 8.13 0.59 -9.23
N PRO A 106 8.30 1.83 -8.77
CA PRO A 106 8.72 2.12 -7.40
C PRO A 106 7.63 1.79 -6.38
N GLU A 107 7.94 2.02 -5.10
CA GLU A 107 6.98 1.74 -4.04
C GLU A 107 6.34 3.04 -3.54
N SER A 108 5.28 2.90 -2.75
CA SER A 108 4.57 4.06 -2.21
C SER A 108 4.90 4.25 -0.73
N SER A 109 4.22 5.21 -0.10
CA SER A 109 4.44 5.49 1.31
C SER A 109 3.77 4.44 2.18
N PRO A 110 4.59 3.73 2.99
CA PRO A 110 4.10 2.68 3.89
C PRO A 110 3.29 3.25 5.04
N VAL A 111 2.04 2.79 5.16
CA VAL A 111 1.16 3.25 6.23
C VAL A 111 1.21 2.31 7.43
N LEU A 112 1.58 2.85 8.58
CA LEU A 112 1.67 2.05 9.81
C LEU A 112 0.29 1.84 10.42
N VAL A 113 -0.14 0.58 10.48
CA VAL A 113 -1.44 0.24 11.03
C VAL A 113 -1.29 -0.79 12.15
N ARG A 114 -1.99 -0.56 13.26
CA ARG A 114 -1.95 -1.46 14.39
C ARG A 114 -3.25 -2.27 14.51
N THR A 115 -3.18 -3.54 14.15
CA THR A 115 -4.35 -4.42 14.22
C THR A 115 -5.00 -4.37 15.60
N ASP A 116 -6.27 -4.75 15.66
CA ASP A 116 -7.00 -4.74 16.92
C ASP A 116 -6.31 -5.63 17.95
N GLU A 117 -6.60 -5.39 19.22
CA GLU A 117 -6.01 -6.16 20.31
C GLU A 117 -6.97 -7.24 20.81
N ASP A 118 -6.42 -8.38 21.18
CA ASP A 118 -7.23 -9.49 21.68
C ASP A 118 -7.50 -9.34 23.17
N VAL A 119 -6.53 -8.78 23.90
CA VAL A 119 -6.67 -8.57 25.33
C VAL A 119 -7.89 -7.72 25.65
N PRO A 120 -8.49 -7.97 26.83
CA PRO A 120 -9.67 -7.24 27.28
C PRO A 120 -9.36 -5.79 27.63
N SER A 121 -8.12 -5.38 27.41
CA SER A 121 -7.69 -4.02 27.70
C SER A 121 -7.78 -3.14 26.45
N GLY A 122 -7.86 -1.84 26.66
CA GLY A 122 -7.96 -0.91 25.55
C GLY A 122 -7.54 0.50 25.93
N PRO A 123 -8.00 1.49 25.16
CA PRO A 123 -7.68 2.90 25.39
C PRO A 123 -8.35 3.44 26.65
N PRO A 124 -7.71 4.44 27.28
CA PRO A 124 -8.23 5.06 28.50
C PRO A 124 -9.47 5.89 28.25
N ARG A 125 -10.29 6.07 29.28
CA ARG A 125 -11.52 6.85 29.17
C ARG A 125 -11.45 8.10 30.04
N LYS A 126 -12.14 9.15 29.60
CA LYS A 126 -12.16 10.40 30.35
C LYS A 126 -12.49 10.17 31.81
N VAL A 127 -11.46 9.90 32.61
CA VAL A 127 -11.64 9.66 34.04
C VAL A 127 -11.15 10.84 34.86
N GLU A 128 -12.08 11.68 35.30
CA GLU A 128 -11.75 12.85 36.10
C GLU A 128 -10.58 13.61 35.49
N SER A 129 -10.63 13.80 34.17
CA SER A 129 -9.58 14.50 33.45
C SER A 129 -9.59 15.99 33.81
N GLY A 130 -8.62 16.40 34.62
CA GLY A 130 -8.53 17.79 35.02
C GLY A 130 -7.10 18.25 35.21
N PRO A 131 -6.90 19.57 35.17
CA PRO A 131 -5.56 20.17 35.33
C PRO A 131 -5.03 20.03 36.75
N SER A 132 -3.80 20.49 36.96
CA SER A 132 -3.17 20.41 38.27
C SER A 132 -2.61 21.77 38.69
N SER A 133 -3.12 22.30 39.80
CA SER A 133 -2.67 23.59 40.30
C SER A 133 -1.17 23.75 40.14
N GLY A 134 -0.42 22.80 40.70
CA GLY A 134 1.03 22.85 40.60
C GLY A 134 1.70 22.69 41.96
N GLY A 1 -1.21 24.65 -10.90
CA GLY A 1 -1.15 25.03 -12.29
C GLY A 1 -2.52 25.23 -12.91
N SER A 2 -2.62 25.01 -14.21
CA SER A 2 -3.88 25.17 -14.93
C SER A 2 -4.04 24.10 -16.01
N SER A 3 -5.28 23.80 -16.35
CA SER A 3 -5.57 22.79 -17.37
C SER A 3 -6.91 23.06 -18.04
N GLY A 4 -6.97 22.82 -19.34
CA GLY A 4 -8.20 23.04 -20.09
C GLY A 4 -8.17 22.40 -21.46
N SER A 5 -9.24 21.69 -21.80
CA SER A 5 -9.34 21.02 -23.10
C SER A 5 -9.33 22.04 -24.23
N SER A 6 -8.40 21.86 -25.17
CA SER A 6 -8.28 22.76 -26.30
C SER A 6 -9.19 22.31 -27.45
N GLY A 7 -8.97 21.09 -27.92
CA GLY A 7 -9.78 20.57 -29.02
C GLY A 7 -9.78 19.05 -29.06
N THR A 8 -8.60 18.47 -29.16
CA THR A 8 -8.47 17.02 -29.22
C THR A 8 -7.17 16.56 -28.56
N ILE A 9 -7.29 15.71 -27.54
CA ILE A 9 -6.13 15.19 -26.83
C ILE A 9 -5.65 13.88 -27.45
N GLU A 10 -4.34 13.76 -27.62
CA GLU A 10 -3.75 12.55 -28.20
C GLU A 10 -2.41 12.25 -27.55
N ALA A 11 -2.30 11.07 -26.92
CA ALA A 11 -1.06 10.66 -26.28
C ALA A 11 -0.64 9.28 -26.75
N ARG A 12 0.59 9.19 -27.25
CA ARG A 12 1.12 7.92 -27.74
C ARG A 12 1.17 6.88 -26.62
N THR A 13 1.29 5.61 -27.00
CA THR A 13 1.35 4.53 -26.03
C THR A 13 2.41 4.80 -24.96
N ALA A 14 1.97 4.86 -23.70
CA ALA A 14 2.87 5.11 -22.59
C ALA A 14 4.07 4.16 -22.62
N GLN A 15 5.26 4.71 -22.45
CA GLN A 15 6.48 3.91 -22.46
C GLN A 15 7.37 4.24 -21.27
N SER A 16 6.78 4.23 -20.08
CA SER A 16 7.52 4.54 -18.86
C SER A 16 6.73 4.10 -17.62
N THR A 17 7.40 4.11 -16.47
CA THR A 17 6.77 3.72 -15.22
C THR A 17 6.31 4.93 -14.43
N PRO A 18 5.22 4.76 -13.66
CA PRO A 18 4.65 5.83 -12.84
C PRO A 18 5.54 6.19 -11.66
N SER A 19 5.58 7.47 -11.33
CA SER A 19 6.40 7.95 -10.21
C SER A 19 5.54 8.24 -8.98
N ALA A 20 4.61 9.17 -9.13
CA ALA A 20 3.72 9.54 -8.03
C ALA A 20 2.84 8.37 -7.62
N PRO A 21 1.96 7.94 -8.54
CA PRO A 21 1.04 6.82 -8.30
C PRO A 21 1.77 5.49 -8.23
N PRO A 22 1.28 4.58 -7.36
CA PRO A 22 0.12 4.86 -6.51
C PRO A 22 0.42 5.90 -5.43
N GLN A 23 -0.43 6.91 -5.33
CA GLN A 23 -0.25 7.97 -4.35
C GLN A 23 -1.44 8.02 -3.39
N LYS A 24 -1.25 8.68 -2.25
CA LYS A 24 -2.31 8.81 -1.25
C LYS A 24 -2.67 7.45 -0.67
N VAL A 25 -1.70 6.54 -0.63
CA VAL A 25 -1.92 5.21 -0.09
C VAL A 25 -2.38 5.26 1.36
N MET A 26 -3.66 4.97 1.58
CA MET A 26 -4.21 4.99 2.93
C MET A 26 -4.58 3.57 3.38
N CYS A 27 -3.93 3.12 4.45
CA CYS A 27 -4.18 1.78 4.98
C CYS A 27 -4.98 1.86 6.27
N VAL A 28 -5.86 0.88 6.48
CA VAL A 28 -6.69 0.84 7.68
C VAL A 28 -6.94 -0.60 8.13
N SER A 29 -6.57 -0.90 9.37
CA SER A 29 -6.75 -2.24 9.92
C SER A 29 -8.23 -2.60 9.98
N MET A 30 -8.58 -3.71 9.33
CA MET A 30 -9.97 -4.18 9.32
C MET A 30 -10.31 -4.92 10.59
N GLY A 31 -9.34 -5.67 11.12
CA GLY A 31 -9.56 -6.42 12.33
C GLY A 31 -8.28 -6.62 13.13
N SER A 32 -7.88 -7.87 13.31
CA SER A 32 -6.68 -8.19 14.06
C SER A 32 -5.67 -8.93 13.19
N THR A 33 -6.18 -9.70 12.24
CA THR A 33 -5.32 -10.47 11.34
C THR A 33 -5.58 -10.08 9.89
N THR A 34 -6.39 -9.05 9.68
CA THR A 34 -6.72 -8.59 8.34
C THR A 34 -6.57 -7.07 8.24
N VAL A 35 -6.09 -6.61 7.08
CA VAL A 35 -5.90 -5.18 6.86
C VAL A 35 -6.42 -4.77 5.48
N ARG A 36 -6.87 -3.53 5.38
CA ARG A 36 -7.40 -3.01 4.11
C ARG A 36 -6.58 -1.82 3.63
N VAL A 37 -5.93 -1.99 2.48
CA VAL A 37 -5.11 -0.92 1.90
C VAL A 37 -5.65 -0.49 0.55
N SER A 38 -5.84 0.81 0.38
CA SER A 38 -6.35 1.36 -0.87
C SER A 38 -5.55 2.59 -1.29
N TRP A 39 -5.53 2.84 -2.59
CA TRP A 39 -4.79 3.98 -3.14
C TRP A 39 -5.67 4.79 -4.08
N VAL A 40 -5.20 5.98 -4.45
CA VAL A 40 -5.94 6.85 -5.35
C VAL A 40 -5.66 6.50 -6.80
N PRO A 41 -6.75 6.24 -7.56
CA PRO A 41 -6.65 5.89 -8.98
C PRO A 41 -6.21 7.06 -9.84
N PRO A 42 -5.16 6.84 -10.66
CA PRO A 42 -4.61 7.86 -11.55
C PRO A 42 -5.57 8.20 -12.69
N PRO A 43 -5.50 9.46 -13.16
CA PRO A 43 -6.35 9.93 -14.26
C PRO A 43 -5.97 9.31 -15.60
N ALA A 44 -6.79 8.39 -16.07
CA ALA A 44 -6.54 7.72 -17.35
C ALA A 44 -6.11 8.71 -18.41
N ASP A 45 -6.86 9.80 -18.55
CA ASP A 45 -6.56 10.84 -19.53
C ASP A 45 -5.06 11.12 -19.57
N SER A 46 -4.43 10.79 -20.70
CA SER A 46 -3.00 11.00 -20.86
C SER A 46 -2.24 10.60 -19.60
N ARG A 47 -2.61 9.44 -19.05
CA ARG A 47 -1.95 8.94 -17.85
C ARG A 47 -0.45 8.79 -18.06
N ASN A 48 0.25 8.35 -17.02
CA ASN A 48 1.69 8.17 -17.09
C ASN A 48 2.04 6.78 -17.64
N GLY A 49 1.27 5.78 -17.22
CA GLY A 49 1.52 4.43 -17.68
C GLY A 49 0.32 3.52 -17.49
N VAL A 50 0.13 2.58 -18.40
CA VAL A 50 -0.99 1.65 -18.34
C VAL A 50 -0.82 0.67 -17.18
N ILE A 51 -1.57 0.89 -16.10
CA ILE A 51 -1.51 0.03 -14.93
C ILE A 51 -1.93 -1.40 -15.27
N THR A 52 -0.96 -2.23 -15.61
CA THR A 52 -1.22 -3.62 -15.96
C THR A 52 -1.77 -4.39 -14.76
N GLN A 53 -1.14 -4.19 -13.61
CA GLN A 53 -1.56 -4.87 -12.39
C GLN A 53 -0.99 -4.17 -11.15
N TYR A 54 -1.46 -4.58 -9.98
CA TYR A 54 -1.01 -3.98 -8.73
C TYR A 54 -0.40 -5.04 -7.82
N SER A 55 0.70 -4.69 -7.16
CA SER A 55 1.38 -5.60 -6.26
C SER A 55 1.37 -5.07 -4.83
N VAL A 56 0.97 -5.92 -3.90
CA VAL A 56 0.92 -5.54 -2.49
C VAL A 56 1.88 -6.38 -1.65
N ALA A 57 2.37 -5.81 -0.55
CA ALA A 57 3.29 -6.50 0.33
C ALA A 57 3.18 -5.98 1.76
N TYR A 58 3.46 -6.84 2.72
CA TYR A 58 3.39 -6.45 4.13
C TYR A 58 4.49 -7.16 4.93
N GLU A 59 4.96 -6.49 5.99
CA GLU A 59 6.01 -7.05 6.84
C GLU A 59 5.94 -6.46 8.24
N ALA A 60 5.87 -7.33 9.24
CA ALA A 60 5.80 -6.89 10.63
C ALA A 60 6.97 -5.99 10.98
N VAL A 61 6.69 -4.95 11.75
CA VAL A 61 7.72 -4.00 12.15
C VAL A 61 8.38 -4.42 13.47
N ASP A 62 7.57 -4.92 14.40
CA ASP A 62 8.07 -5.37 15.69
C ASP A 62 7.55 -6.77 16.02
N GLY A 63 6.99 -7.43 15.02
CA GLY A 63 6.46 -8.77 15.23
C GLY A 63 7.55 -9.82 15.27
N GLU A 64 7.18 -11.02 15.71
CA GLU A 64 8.14 -12.12 15.80
C GLU A 64 8.72 -12.46 14.43
N ASP A 65 7.85 -12.57 13.44
CA ASP A 65 8.28 -12.88 12.08
C ASP A 65 8.45 -11.62 11.26
N ARG A 66 9.67 -11.37 10.78
CA ARG A 66 9.95 -10.19 9.98
C ARG A 66 9.89 -10.51 8.49
N GLY A 67 9.17 -11.58 8.15
CA GLY A 67 9.04 -11.97 6.77
C GLY A 67 8.04 -11.12 6.00
N ARG A 68 8.50 -10.47 4.95
CA ARG A 68 7.65 -9.62 4.13
C ARG A 68 6.87 -10.44 3.11
N HIS A 69 5.55 -10.45 3.23
CA HIS A 69 4.70 -11.20 2.31
C HIS A 69 4.34 -10.35 1.09
N VAL A 70 3.92 -11.03 0.02
CA VAL A 70 3.55 -10.33 -1.21
C VAL A 70 2.31 -10.97 -1.85
N VAL A 71 1.34 -10.15 -2.19
CA VAL A 71 0.11 -10.62 -2.80
C VAL A 71 0.26 -10.76 -4.31
N ASP A 72 -0.25 -11.86 -4.86
CA ASP A 72 -0.16 -12.10 -6.29
C ASP A 72 -1.54 -12.35 -6.89
N GLY A 73 -1.71 -11.98 -8.15
CA GLY A 73 -2.99 -12.17 -8.82
C GLY A 73 -3.97 -11.06 -8.50
N ILE A 74 -3.53 -9.82 -8.65
CA ILE A 74 -4.38 -8.66 -8.37
C ILE A 74 -4.73 -7.92 -9.65
N SER A 75 -6.02 -7.67 -9.86
CA SER A 75 -6.49 -6.97 -11.05
C SER A 75 -6.10 -5.50 -11.00
N ARG A 76 -5.87 -4.91 -12.17
CA ARG A 76 -5.48 -3.51 -12.26
C ARG A 76 -6.67 -2.61 -11.93
N GLU A 77 -7.86 -3.19 -11.89
CA GLU A 77 -9.07 -2.44 -11.58
C GLU A 77 -9.32 -2.41 -10.07
N HIS A 78 -8.41 -3.01 -9.31
CA HIS A 78 -8.53 -3.06 -7.86
C HIS A 78 -7.54 -2.11 -7.21
N SER A 79 -8.00 -0.91 -6.86
CA SER A 79 -7.16 0.09 -6.23
C SER A 79 -7.07 -0.15 -4.72
N SER A 80 -7.47 -1.34 -4.29
CA SER A 80 -7.44 -1.70 -2.89
C SER A 80 -7.33 -3.21 -2.70
N TRP A 81 -6.87 -3.63 -1.53
CA TRP A 81 -6.72 -5.05 -1.23
C TRP A 81 -6.86 -5.31 0.26
N ASP A 82 -7.42 -6.47 0.61
CA ASP A 82 -7.60 -6.83 2.01
C ASP A 82 -6.65 -7.96 2.41
N LEU A 83 -5.58 -7.60 3.11
CA LEU A 83 -4.59 -8.57 3.55
C LEU A 83 -5.17 -9.49 4.61
N VAL A 84 -4.76 -10.75 4.59
CA VAL A 84 -5.23 -11.73 5.56
C VAL A 84 -4.12 -12.68 5.98
N GLY A 85 -3.93 -12.82 7.29
CA GLY A 85 -2.89 -13.68 7.80
C GLY A 85 -1.79 -12.92 8.51
N LEU A 86 -2.16 -12.08 9.46
CA LEU A 86 -1.19 -11.29 10.21
C LEU A 86 -1.38 -11.48 11.72
N GLU A 87 -0.46 -10.92 12.50
CA GLU A 87 -0.52 -11.03 13.95
C GLU A 87 -1.48 -10.00 14.53
N LYS A 88 -1.94 -10.24 15.75
CA LYS A 88 -2.85 -9.34 16.42
C LYS A 88 -2.11 -8.38 17.35
N TRP A 89 -2.49 -7.11 17.33
CA TRP A 89 -1.86 -6.10 18.17
C TRP A 89 -0.40 -5.91 17.77
N THR A 90 -0.15 -5.80 16.46
CA THR A 90 1.20 -5.60 15.95
C THR A 90 1.19 -4.73 14.69
N GLU A 91 2.05 -3.73 14.68
CA GLU A 91 2.14 -2.82 13.53
C GLU A 91 2.70 -3.54 12.31
N TYR A 92 2.18 -3.19 11.14
CA TYR A 92 2.62 -3.81 9.89
C TYR A 92 2.80 -2.77 8.81
N ARG A 93 3.93 -2.83 8.10
CA ARG A 93 4.22 -1.89 7.04
C ARG A 93 3.83 -2.47 5.68
N VAL A 94 2.77 -1.92 5.09
CA VAL A 94 2.28 -2.37 3.80
C VAL A 94 2.80 -1.48 2.67
N TRP A 95 3.29 -2.11 1.61
CA TRP A 95 3.82 -1.38 0.47
C TRP A 95 3.08 -1.76 -0.81
N VAL A 96 2.32 -0.84 -1.36
CA VAL A 96 1.57 -1.07 -2.58
C VAL A 96 2.10 -0.23 -3.73
N ARG A 97 2.36 -0.88 -4.87
CA ARG A 97 2.88 -0.19 -6.04
C ARG A 97 2.11 -0.59 -7.29
N ALA A 98 2.24 0.20 -8.35
CA ALA A 98 1.56 -0.07 -9.60
C ALA A 98 2.52 -0.63 -10.64
N HIS A 99 2.06 -1.61 -11.40
CA HIS A 99 2.88 -2.23 -12.43
C HIS A 99 2.38 -1.88 -13.83
N THR A 100 3.30 -1.56 -14.73
CA THR A 100 2.95 -1.18 -16.10
C THR A 100 3.56 -2.16 -17.10
N ASP A 101 2.98 -2.21 -18.29
CA ASP A 101 3.47 -3.09 -19.34
C ASP A 101 4.95 -2.85 -19.61
N VAL A 102 5.40 -1.63 -19.33
CA VAL A 102 6.80 -1.27 -19.55
C VAL A 102 7.69 -1.86 -18.46
N GLY A 103 7.11 -2.09 -17.28
CA GLY A 103 7.87 -2.64 -16.18
C GLY A 103 7.36 -2.18 -14.83
N PRO A 104 7.87 -2.78 -13.75
CA PRO A 104 7.48 -2.43 -12.38
C PRO A 104 7.97 -1.05 -11.96
N GLY A 105 7.53 -0.59 -10.80
CA GLY A 105 7.94 0.71 -10.30
C GLY A 105 8.27 0.69 -8.83
N PRO A 106 8.63 1.87 -8.28
CA PRO A 106 8.98 2.01 -6.88
C PRO A 106 7.78 1.85 -5.96
N GLU A 107 8.03 1.62 -4.67
CA GLU A 107 6.97 1.44 -3.69
C GLU A 107 6.40 2.79 -3.26
N SER A 108 5.36 2.75 -2.45
CA SER A 108 4.71 3.98 -1.96
C SER A 108 4.97 4.16 -0.47
N SER A 109 4.51 5.29 0.07
CA SER A 109 4.69 5.59 1.47
C SER A 109 4.01 4.55 2.35
N PRO A 110 4.81 3.85 3.17
CA PRO A 110 4.30 2.81 4.07
C PRO A 110 3.45 3.39 5.20
N VAL A 111 2.24 2.88 5.34
CA VAL A 111 1.33 3.34 6.39
C VAL A 111 1.35 2.39 7.59
N LEU A 112 1.69 2.92 8.75
CA LEU A 112 1.75 2.13 9.98
C LEU A 112 0.35 1.94 10.56
N VAL A 113 -0.08 0.68 10.64
CA VAL A 113 -1.39 0.35 11.19
C VAL A 113 -1.28 -0.70 12.29
N ARG A 114 -2.01 -0.47 13.38
CA ARG A 114 -1.99 -1.38 14.52
C ARG A 114 -3.23 -2.28 14.50
N THR A 115 -3.01 -3.57 14.24
CA THR A 115 -4.11 -4.54 14.21
C THR A 115 -4.73 -4.73 15.59
N ASP A 116 -6.05 -4.73 15.64
CA ASP A 116 -6.76 -4.90 16.90
C ASP A 116 -6.07 -5.93 17.78
N GLU A 117 -6.27 -5.82 19.09
CA GLU A 117 -5.65 -6.74 20.04
C GLU A 117 -6.54 -7.97 20.25
N ASP A 118 -5.90 -9.11 20.45
CA ASP A 118 -6.62 -10.37 20.67
C ASP A 118 -7.41 -10.32 21.97
N VAL A 119 -6.73 -9.93 23.05
CA VAL A 119 -7.37 -9.84 24.36
C VAL A 119 -8.41 -8.72 24.39
N PRO A 120 -9.49 -8.95 25.14
CA PRO A 120 -10.58 -7.97 25.28
C PRO A 120 -10.16 -6.75 26.08
N SER A 121 -8.89 -6.71 26.48
CA SER A 121 -8.36 -5.60 27.26
C SER A 121 -8.54 -4.28 26.50
N GLY A 122 -8.98 -3.25 27.22
CA GLY A 122 -9.18 -1.95 26.60
C GLY A 122 -9.73 -2.06 25.19
N PRO A 123 -11.01 -2.43 25.08
CA PRO A 123 -11.69 -2.58 23.79
C PRO A 123 -11.91 -1.24 23.09
N PRO A 124 -11.91 -1.26 21.75
CA PRO A 124 -12.12 -0.05 20.95
C PRO A 124 -13.55 0.47 21.04
N ARG A 125 -13.77 1.67 20.52
CA ARG A 125 -15.09 2.28 20.53
C ARG A 125 -15.48 2.77 19.14
N LYS A 126 -16.66 2.37 18.69
CA LYS A 126 -17.17 2.77 17.38
C LYS A 126 -17.83 4.14 17.45
N VAL A 127 -17.53 4.98 16.47
CA VAL A 127 -18.10 6.33 16.41
C VAL A 127 -19.49 6.30 15.77
N GLU A 128 -20.17 7.45 15.81
CA GLU A 128 -21.49 7.56 15.23
C GLU A 128 -21.61 8.81 14.36
N SER A 129 -22.11 8.63 13.14
CA SER A 129 -22.26 9.74 12.20
C SER A 129 -23.66 10.34 12.29
N GLY A 130 -23.78 11.60 11.89
CA GLY A 130 -25.07 12.28 11.95
C GLY A 130 -25.14 13.46 11.00
N PRO A 131 -26.35 13.74 10.50
CA PRO A 131 -26.57 14.86 9.58
C PRO A 131 -26.43 16.21 10.25
N SER A 132 -26.15 17.24 9.45
CA SER A 132 -25.97 18.59 9.98
C SER A 132 -27.11 19.50 9.53
N SER A 133 -27.29 20.61 10.23
CA SER A 133 -28.35 21.56 9.90
C SER A 133 -29.70 20.86 9.84
N GLY A 134 -29.94 19.96 10.78
CA GLY A 134 -31.21 19.24 10.82
C GLY A 134 -31.04 17.79 10.42
N GLY A 1 8.19 26.85 -4.69
CA GLY A 1 8.64 26.78 -6.07
C GLY A 1 8.16 25.52 -6.76
N SER A 2 8.79 25.20 -7.89
CA SER A 2 8.42 24.01 -8.65
C SER A 2 9.66 23.33 -9.24
N SER A 3 9.44 22.26 -9.99
CA SER A 3 10.53 21.51 -10.60
C SER A 3 11.30 22.39 -11.59
N GLY A 4 12.63 22.40 -11.45
CA GLY A 4 13.45 23.20 -12.34
C GLY A 4 13.29 22.80 -13.79
N SER A 5 14.40 22.41 -14.41
CA SER A 5 14.38 22.01 -15.83
C SER A 5 14.09 20.52 -15.97
N SER A 6 13.52 20.14 -17.10
CA SER A 6 13.19 18.74 -17.35
C SER A 6 14.17 18.12 -18.33
N GLY A 7 14.13 16.80 -18.46
CA GLY A 7 15.02 16.10 -19.37
C GLY A 7 14.53 14.71 -19.72
N THR A 8 14.13 13.95 -18.70
CA THR A 8 13.64 12.60 -18.90
C THR A 8 12.80 12.50 -20.17
N ILE A 9 12.97 11.40 -20.91
CA ILE A 9 12.22 11.19 -22.14
C ILE A 9 10.73 11.28 -21.90
N GLU A 10 10.00 11.78 -22.90
CA GLU A 10 8.55 11.92 -22.79
C GLU A 10 7.84 10.70 -23.39
N ALA A 11 7.20 9.92 -22.53
CA ALA A 11 6.49 8.73 -22.97
C ALA A 11 5.16 9.10 -23.64
N ARG A 12 5.06 8.80 -24.93
CA ARG A 12 3.85 9.11 -25.70
C ARG A 12 2.80 8.03 -25.50
N THR A 13 3.17 6.78 -25.84
CA THR A 13 2.26 5.66 -25.71
C THR A 13 2.46 4.94 -24.38
N ALA A 14 2.27 5.67 -23.29
CA ALA A 14 2.43 5.10 -21.96
C ALA A 14 3.64 4.19 -21.89
N GLN A 15 4.72 4.59 -22.57
CA GLN A 15 5.95 3.81 -22.58
C GLN A 15 6.84 4.17 -21.40
N SER A 16 6.26 4.16 -20.21
CA SER A 16 7.00 4.49 -18.99
C SER A 16 6.24 4.04 -17.75
N THR A 17 6.85 4.25 -16.59
CA THR A 17 6.23 3.85 -15.32
C THR A 17 5.82 5.08 -14.51
N PRO A 18 4.72 4.94 -13.74
CA PRO A 18 4.20 6.03 -12.90
C PRO A 18 5.12 6.33 -11.72
N SER A 19 5.07 7.58 -11.26
CA SER A 19 5.90 8.01 -10.13
C SER A 19 5.04 8.24 -8.89
N ALA A 20 4.01 9.06 -9.03
CA ALA A 20 3.12 9.36 -7.92
C ALA A 20 2.22 8.18 -7.60
N PRO A 21 1.35 7.81 -8.56
CA PRO A 21 0.42 6.69 -8.40
C PRO A 21 1.13 5.35 -8.40
N PRO A 22 0.75 4.47 -7.45
CA PRO A 22 -0.29 4.78 -6.46
C PRO A 22 0.16 5.83 -5.45
N GLN A 23 -0.68 6.85 -5.25
CA GLN A 23 -0.36 7.91 -4.32
C GLN A 23 -1.31 7.89 -3.12
N LYS A 24 -1.16 8.85 -2.23
CA LYS A 24 -2.01 8.95 -1.04
C LYS A 24 -2.44 7.56 -0.57
N VAL A 25 -1.48 6.64 -0.51
CA VAL A 25 -1.76 5.28 -0.07
C VAL A 25 -2.20 5.25 1.39
N MET A 26 -3.49 5.01 1.61
CA MET A 26 -4.03 4.95 2.95
C MET A 26 -4.35 3.51 3.36
N CYS A 27 -3.83 3.10 4.51
CA CYS A 27 -4.06 1.74 5.00
C CYS A 27 -4.85 1.76 6.31
N VAL A 28 -5.72 0.77 6.49
CA VAL A 28 -6.53 0.68 7.70
C VAL A 28 -6.83 -0.77 8.04
N SER A 29 -6.64 -1.12 9.32
CA SER A 29 -6.89 -2.48 9.78
C SER A 29 -8.38 -2.80 9.78
N MET A 30 -8.76 -3.81 9.02
CA MET A 30 -10.15 -4.21 8.93
C MET A 30 -10.62 -4.88 10.22
N GLY A 31 -9.73 -5.68 10.82
CA GLY A 31 -10.07 -6.36 12.06
C GLY A 31 -8.86 -6.55 12.96
N SER A 32 -8.46 -7.79 13.15
CA SER A 32 -7.31 -8.12 14.00
C SER A 32 -6.20 -8.79 13.19
N THR A 33 -6.61 -9.63 12.24
CA THR A 33 -5.65 -10.34 11.40
C THR A 33 -5.86 -10.02 9.93
N THR A 34 -6.61 -8.95 9.66
CA THR A 34 -6.89 -8.53 8.30
C THR A 34 -6.75 -7.02 8.15
N VAL A 35 -6.12 -6.59 7.05
CA VAL A 35 -5.93 -5.18 6.79
C VAL A 35 -6.42 -4.80 5.39
N ARG A 36 -6.96 -3.59 5.27
CA ARG A 36 -7.46 -3.12 3.99
C ARG A 36 -6.75 -1.83 3.57
N VAL A 37 -5.96 -1.93 2.50
CA VAL A 37 -5.22 -0.77 2.00
C VAL A 37 -5.81 -0.28 0.68
N SER A 38 -5.91 1.04 0.55
CA SER A 38 -6.46 1.64 -0.66
C SER A 38 -5.58 2.78 -1.15
N TRP A 39 -5.47 2.91 -2.47
CA TRP A 39 -4.65 3.96 -3.07
C TRP A 39 -5.43 4.71 -4.13
N VAL A 40 -5.04 5.96 -4.37
CA VAL A 40 -5.71 6.80 -5.37
C VAL A 40 -5.53 6.22 -6.77
N PRO A 41 -6.66 5.90 -7.42
CA PRO A 41 -6.65 5.34 -8.78
C PRO A 41 -6.22 6.35 -9.82
N PRO A 42 -5.43 5.89 -10.81
CA PRO A 42 -4.93 6.75 -11.88
C PRO A 42 -6.04 7.17 -12.85
N PRO A 43 -6.03 8.46 -13.22
CA PRO A 43 -7.04 9.02 -14.14
C PRO A 43 -6.86 8.51 -15.56
N ALA A 44 -7.96 8.46 -16.31
CA ALA A 44 -7.94 8.00 -17.68
C ALA A 44 -7.71 9.15 -18.65
N ASP A 45 -7.08 10.21 -18.15
CA ASP A 45 -6.80 11.38 -18.98
C ASP A 45 -5.31 11.71 -18.97
N SER A 46 -4.66 11.51 -20.11
CA SER A 46 -3.23 11.78 -20.23
C SER A 46 -2.46 11.15 -19.08
N ARG A 47 -2.86 9.94 -18.70
CA ARG A 47 -2.21 9.23 -17.61
C ARG A 47 -0.74 8.96 -17.93
N ASN A 48 0.05 8.69 -16.90
CA ASN A 48 1.47 8.40 -17.07
C ASN A 48 1.68 7.03 -17.69
N GLY A 49 1.11 6.01 -17.06
CA GLY A 49 1.25 4.66 -17.57
C GLY A 49 0.03 3.80 -17.28
N VAL A 50 -0.32 2.94 -18.22
CA VAL A 50 -1.47 2.06 -18.07
C VAL A 50 -1.16 0.90 -17.12
N ILE A 51 -1.75 0.93 -15.93
CA ILE A 51 -1.53 -0.11 -14.94
C ILE A 51 -2.12 -1.44 -15.41
N THR A 52 -1.30 -2.48 -15.42
CA THR A 52 -1.75 -3.80 -15.84
C THR A 52 -2.01 -4.71 -14.64
N GLN A 53 -1.41 -4.36 -13.50
CA GLN A 53 -1.58 -5.13 -12.28
C GLN A 53 -1.01 -4.39 -11.07
N TYR A 54 -1.57 -4.67 -9.90
CA TYR A 54 -1.12 -4.02 -8.67
C TYR A 54 -0.51 -5.04 -7.71
N SER A 55 0.54 -4.63 -7.00
CA SER A 55 1.21 -5.50 -6.05
C SER A 55 1.13 -4.93 -4.64
N VAL A 56 1.01 -5.81 -3.65
CA VAL A 56 0.93 -5.40 -2.26
C VAL A 56 1.76 -6.32 -1.36
N ALA A 57 2.59 -5.71 -0.52
CA ALA A 57 3.43 -6.47 0.39
C ALA A 57 3.24 -6.01 1.83
N TYR A 58 3.45 -6.93 2.77
CA TYR A 58 3.29 -6.62 4.19
C TYR A 58 4.39 -7.28 5.02
N GLU A 59 4.88 -6.55 6.02
CA GLU A 59 5.94 -7.07 6.88
C GLU A 59 5.83 -6.45 8.28
N ALA A 60 5.77 -7.31 9.29
CA ALA A 60 5.67 -6.85 10.68
C ALA A 60 6.95 -6.15 11.11
N VAL A 61 6.81 -4.92 11.58
CA VAL A 61 7.96 -4.14 12.03
C VAL A 61 8.19 -4.32 13.52
N ASP A 62 7.11 -4.56 14.26
CA ASP A 62 7.20 -4.76 15.70
C ASP A 62 6.62 -6.11 16.10
N GLY A 63 6.54 -7.03 15.14
CA GLY A 63 6.00 -8.34 15.41
C GLY A 63 7.07 -9.36 15.75
N GLU A 64 6.73 -10.64 15.63
CA GLU A 64 7.67 -11.72 15.93
C GLU A 64 8.50 -12.07 14.69
N ASP A 65 7.81 -12.23 13.55
CA ASP A 65 8.49 -12.57 12.31
C ASP A 65 8.65 -11.33 11.43
N ARG A 66 9.89 -11.05 11.03
CA ARG A 66 10.18 -9.89 10.19
C ARG A 66 10.14 -10.27 8.71
N GLY A 67 9.42 -11.35 8.40
CA GLY A 67 9.30 -11.79 7.02
C GLY A 67 8.30 -10.98 6.23
N ARG A 68 8.76 -10.38 5.13
CA ARG A 68 7.90 -9.58 4.28
C ARG A 68 7.23 -10.44 3.22
N HIS A 69 5.89 -10.41 3.20
CA HIS A 69 5.13 -11.19 2.23
C HIS A 69 4.73 -10.33 1.03
N VAL A 70 4.39 -10.98 -0.07
CA VAL A 70 3.99 -10.28 -1.28
C VAL A 70 2.73 -10.88 -1.88
N VAL A 71 1.84 -10.02 -2.36
CA VAL A 71 0.59 -10.47 -2.96
C VAL A 71 0.68 -10.50 -4.48
N ASP A 72 0.27 -11.61 -5.08
CA ASP A 72 0.30 -11.76 -6.53
C ASP A 72 -1.08 -12.11 -7.07
N GLY A 73 -1.35 -11.69 -8.31
CA GLY A 73 -2.63 -11.98 -8.92
C GLY A 73 -3.71 -11.00 -8.50
N ILE A 74 -3.43 -9.71 -8.66
CA ILE A 74 -4.38 -8.67 -8.29
C ILE A 74 -4.94 -7.98 -9.54
N SER A 75 -6.26 -7.98 -9.66
CA SER A 75 -6.92 -7.35 -10.80
C SER A 75 -6.62 -5.85 -10.84
N ARG A 76 -6.10 -5.39 -11.98
CA ARG A 76 -5.77 -3.98 -12.15
C ARG A 76 -6.96 -3.10 -11.84
N GLU A 77 -8.14 -3.69 -11.81
CA GLU A 77 -9.38 -2.96 -11.53
C GLU A 77 -9.62 -2.88 -10.02
N HIS A 78 -8.59 -3.17 -9.24
CA HIS A 78 -8.70 -3.13 -7.78
C HIS A 78 -7.68 -2.16 -7.19
N SER A 79 -8.14 -0.94 -6.92
CA SER A 79 -7.27 0.09 -6.35
C SER A 79 -7.08 -0.13 -4.85
N SER A 80 -7.52 -1.29 -4.36
CA SER A 80 -7.40 -1.61 -2.95
C SER A 80 -7.24 -3.12 -2.76
N TRP A 81 -6.76 -3.51 -1.58
CA TRP A 81 -6.56 -4.92 -1.27
C TRP A 81 -6.80 -5.19 0.22
N ASP A 82 -7.25 -6.40 0.53
CA ASP A 82 -7.52 -6.78 1.91
C ASP A 82 -6.61 -7.94 2.34
N LEU A 83 -5.57 -7.60 3.08
CA LEU A 83 -4.61 -8.60 3.56
C LEU A 83 -5.26 -9.51 4.58
N VAL A 84 -4.81 -10.77 4.63
CA VAL A 84 -5.35 -11.74 5.56
C VAL A 84 -4.24 -12.63 6.13
N GLY A 85 -4.18 -12.71 7.46
CA GLY A 85 -3.17 -13.52 8.10
C GLY A 85 -2.10 -12.68 8.77
N LEU A 86 -2.53 -11.77 9.65
CA LEU A 86 -1.60 -10.90 10.36
C LEU A 86 -1.85 -10.95 11.86
N GLU A 87 -0.82 -10.65 12.64
CA GLU A 87 -0.91 -10.67 14.09
C GLU A 87 -1.98 -9.68 14.57
N LYS A 88 -2.33 -9.77 15.86
CA LYS A 88 -3.32 -8.88 16.44
C LYS A 88 -2.66 -7.80 17.29
N TRP A 89 -3.18 -6.58 17.19
CA TRP A 89 -2.63 -5.46 17.96
C TRP A 89 -1.13 -5.29 17.69
N THR A 90 -0.76 -5.31 16.42
CA THR A 90 0.63 -5.16 16.02
C THR A 90 0.76 -4.34 14.74
N GLU A 91 1.74 -3.45 14.70
CA GLU A 91 1.97 -2.62 13.53
C GLU A 91 2.52 -3.44 12.37
N TYR A 92 2.09 -3.11 11.17
CA TYR A 92 2.54 -3.82 9.97
C TYR A 92 2.83 -2.85 8.82
N ARG A 93 3.97 -3.01 8.18
CA ARG A 93 4.37 -2.15 7.08
C ARG A 93 3.83 -2.69 5.75
N VAL A 94 2.93 -1.95 5.14
CA VAL A 94 2.34 -2.36 3.86
C VAL A 94 2.87 -1.49 2.72
N TRP A 95 3.27 -2.14 1.63
CA TRP A 95 3.79 -1.44 0.47
C TRP A 95 3.00 -1.81 -0.78
N VAL A 96 2.43 -0.80 -1.44
CA VAL A 96 1.66 -1.01 -2.65
C VAL A 96 2.18 -0.16 -3.80
N ARG A 97 2.35 -0.78 -4.96
CA ARG A 97 2.86 -0.08 -6.13
C ARG A 97 2.03 -0.43 -7.38
N ALA A 98 2.30 0.26 -8.48
CA ALA A 98 1.57 0.02 -9.72
C ALA A 98 2.51 -0.51 -10.80
N HIS A 99 2.10 -1.59 -11.45
CA HIS A 99 2.90 -2.20 -12.50
C HIS A 99 2.28 -1.95 -13.87
N THR A 100 3.09 -1.49 -14.82
CA THR A 100 2.62 -1.21 -16.17
C THR A 100 3.23 -2.18 -17.18
N ASP A 101 2.62 -2.26 -18.35
CA ASP A 101 3.10 -3.14 -19.41
C ASP A 101 4.58 -2.88 -19.71
N VAL A 102 5.02 -1.66 -19.43
CA VAL A 102 6.41 -1.28 -19.67
C VAL A 102 7.34 -1.93 -18.66
N GLY A 103 6.83 -2.15 -17.44
CA GLY A 103 7.63 -2.77 -16.41
C GLY A 103 7.18 -2.38 -15.02
N PRO A 104 7.80 -2.99 -14.00
CA PRO A 104 7.47 -2.72 -12.59
C PRO A 104 7.91 -1.33 -12.16
N GLY A 105 7.47 -0.92 -10.97
CA GLY A 105 7.83 0.38 -10.46
C GLY A 105 8.28 0.34 -9.01
N PRO A 106 8.70 1.49 -8.48
CA PRO A 106 9.18 1.60 -7.10
C PRO A 106 8.04 1.43 -6.08
N GLU A 107 8.39 1.47 -4.80
CA GLU A 107 7.41 1.33 -3.74
C GLU A 107 6.75 2.66 -3.43
N SER A 108 5.64 2.61 -2.68
CA SER A 108 4.92 3.82 -2.31
C SER A 108 5.04 4.10 -0.82
N SER A 109 4.59 5.28 -0.41
CA SER A 109 4.66 5.68 1.00
C SER A 109 4.00 4.64 1.89
N PRO A 110 4.79 3.97 2.73
CA PRO A 110 4.31 2.94 3.65
C PRO A 110 3.45 3.52 4.77
N VAL A 111 2.40 2.80 5.15
CA VAL A 111 1.51 3.25 6.20
C VAL A 111 1.53 2.28 7.38
N LEU A 112 1.56 2.83 8.59
CA LEU A 112 1.59 2.01 9.79
C LEU A 112 0.18 1.84 10.36
N VAL A 113 -0.26 0.58 10.45
CA VAL A 113 -1.58 0.27 10.98
C VAL A 113 -1.50 -0.70 12.14
N ARG A 114 -2.23 -0.40 13.21
CA ARG A 114 -2.24 -1.24 14.40
C ARG A 114 -3.53 -2.06 14.47
N THR A 115 -3.45 -3.33 14.12
CA THR A 115 -4.61 -4.21 14.15
C THR A 115 -5.35 -4.09 15.48
N ASP A 116 -6.57 -4.62 15.50
CA ASP A 116 -7.39 -4.57 16.71
C ASP A 116 -6.69 -5.27 17.88
N GLU A 117 -7.04 -4.88 19.10
CA GLU A 117 -6.45 -5.47 20.29
C GLU A 117 -6.63 -6.98 20.31
N ASP A 118 -5.92 -7.66 21.20
CA ASP A 118 -6.01 -9.11 21.32
C ASP A 118 -6.37 -9.51 22.74
N VAL A 119 -6.15 -8.61 23.68
CA VAL A 119 -6.46 -8.87 25.09
C VAL A 119 -7.95 -8.69 25.37
N PRO A 120 -8.46 -9.39 26.39
CA PRO A 120 -9.87 -9.31 26.78
C PRO A 120 -10.23 -7.97 27.40
N SER A 121 -9.25 -7.07 27.44
CA SER A 121 -9.46 -5.74 28.01
C SER A 121 -10.81 -5.17 27.57
N GLY A 122 -11.26 -4.12 28.26
CA GLY A 122 -12.53 -3.49 27.94
C GLY A 122 -12.59 -3.02 26.50
N PRO A 123 -13.45 -2.03 26.23
CA PRO A 123 -13.63 -1.47 24.89
C PRO A 123 -12.42 -0.66 24.43
N PRO A 124 -12.13 -0.72 23.13
CA PRO A 124 -10.99 0.00 22.54
C PRO A 124 -11.21 1.51 22.53
N ARG A 125 -10.31 2.24 21.86
CA ARG A 125 -10.41 3.68 21.77
C ARG A 125 -10.63 4.12 20.33
N LYS A 126 -11.79 4.72 20.07
CA LYS A 126 -12.13 5.20 18.74
C LYS A 126 -11.57 6.60 18.49
N VAL A 127 -11.08 6.83 17.28
CA VAL A 127 -10.51 8.11 16.91
C VAL A 127 -11.53 8.99 16.21
N GLU A 128 -12.76 9.00 16.74
CA GLU A 128 -13.84 9.80 16.17
C GLU A 128 -14.22 9.28 14.79
N SER A 129 -14.18 7.96 14.63
CA SER A 129 -14.51 7.34 13.35
C SER A 129 -15.76 6.47 13.49
N GLY A 130 -16.77 6.76 12.67
CA GLY A 130 -18.00 6.00 12.72
C GLY A 130 -18.76 6.04 11.40
N PRO A 131 -19.75 5.14 11.26
CA PRO A 131 -20.57 5.06 10.05
C PRO A 131 -21.49 6.27 9.88
N SER A 132 -22.21 6.31 8.77
CA SER A 132 -23.13 7.42 8.50
C SER A 132 -24.12 7.03 7.39
N SER A 133 -25.20 7.81 7.29
CA SER A 133 -26.22 7.55 6.27
C SER A 133 -27.00 8.82 5.97
N GLY A 134 -27.30 9.03 4.69
CA GLY A 134 -28.05 10.21 4.29
C GLY A 134 -29.54 9.94 4.18
N GLY A 1 21.12 3.33 12.92
CA GLY A 1 21.36 3.86 11.60
C GLY A 1 21.76 2.79 10.59
N SER A 2 22.86 2.12 10.87
CA SER A 2 23.36 1.06 9.99
C SER A 2 23.08 1.41 8.53
N SER A 3 23.47 2.62 8.13
CA SER A 3 23.27 3.08 6.76
C SER A 3 24.60 3.17 6.01
N GLY A 4 24.53 3.45 4.72
CA GLY A 4 25.72 3.56 3.91
C GLY A 4 25.73 4.79 3.04
N SER A 5 26.88 5.08 2.44
CA SER A 5 27.01 6.25 1.57
C SER A 5 27.60 5.86 0.21
N SER A 6 28.75 5.20 0.25
CA SER A 6 29.42 4.76 -0.97
C SER A 6 28.53 3.81 -1.77
N GLY A 7 28.29 4.16 -3.03
CA GLY A 7 27.46 3.33 -3.88
C GLY A 7 26.84 4.10 -5.02
N THR A 8 27.34 3.87 -6.24
CA THR A 8 26.83 4.55 -7.42
C THR A 8 26.42 3.56 -8.50
N ILE A 9 25.82 2.45 -8.08
CA ILE A 9 25.37 1.42 -9.02
C ILE A 9 24.25 1.94 -9.91
N GLU A 10 23.87 1.13 -10.88
CA GLU A 10 22.79 1.50 -11.80
C GLU A 10 21.60 0.57 -11.65
N ALA A 11 20.45 1.14 -11.29
CA ALA A 11 19.23 0.37 -11.11
C ALA A 11 18.36 0.43 -12.36
N ARG A 12 18.13 -0.74 -12.97
CA ARG A 12 17.31 -0.82 -14.18
C ARG A 12 15.89 -0.36 -13.90
N THR A 13 15.30 0.34 -14.86
CA THR A 13 13.94 0.86 -14.72
C THR A 13 13.19 0.76 -16.04
N ALA A 14 11.93 0.31 -15.97
CA ALA A 14 11.09 0.17 -17.15
C ALA A 14 11.15 1.43 -18.01
N GLN A 15 10.50 1.37 -19.17
CA GLN A 15 10.47 2.51 -20.08
C GLN A 15 9.51 3.58 -19.59
N SER A 16 8.24 3.21 -19.47
CA SER A 16 7.22 4.16 -19.02
C SER A 16 6.53 3.64 -17.75
N THR A 17 6.76 4.34 -16.65
CA THR A 17 6.17 3.96 -15.36
C THR A 17 5.77 5.19 -14.56
N PRO A 18 4.75 5.03 -13.70
CA PRO A 18 4.25 6.11 -12.86
C PRO A 18 5.23 6.49 -11.75
N SER A 19 5.15 7.73 -11.28
CA SER A 19 6.04 8.20 -10.23
C SER A 19 5.26 8.41 -8.93
N ALA A 20 4.26 9.29 -8.98
CA ALA A 20 3.44 9.58 -7.81
C ALA A 20 2.51 8.41 -7.47
N PRO A 21 1.62 8.09 -8.42
CA PRO A 21 0.66 6.99 -8.25
C PRO A 21 1.33 5.63 -8.28
N PRO A 22 0.85 4.71 -7.42
CA PRO A 22 -0.25 5.00 -6.48
C PRO A 22 0.16 5.98 -5.38
N GLN A 23 -0.69 6.95 -5.12
CA GLN A 23 -0.42 7.94 -4.09
C GLN A 23 -1.50 7.92 -3.01
N LYS A 24 -1.39 8.84 -2.05
CA LYS A 24 -2.36 8.93 -0.96
C LYS A 24 -2.71 7.54 -0.44
N VAL A 25 -1.71 6.67 -0.36
CA VAL A 25 -1.91 5.32 0.13
C VAL A 25 -2.36 5.32 1.59
N MET A 26 -3.63 5.02 1.80
CA MET A 26 -4.20 4.99 3.15
C MET A 26 -4.57 3.56 3.55
N CYS A 27 -3.86 3.02 4.54
CA CYS A 27 -4.12 1.67 5.01
C CYS A 27 -4.87 1.69 6.33
N VAL A 28 -5.78 0.73 6.49
CA VAL A 28 -6.58 0.65 7.72
C VAL A 28 -6.81 -0.81 8.13
N SER A 29 -6.64 -1.09 9.41
CA SER A 29 -6.81 -2.45 9.92
C SER A 29 -8.30 -2.82 9.94
N MET A 30 -8.70 -3.69 9.02
CA MET A 30 -10.08 -4.13 8.93
C MET A 30 -10.52 -4.78 10.24
N GLY A 31 -9.63 -5.54 10.86
CA GLY A 31 -9.95 -6.20 12.11
C GLY A 31 -8.73 -6.42 12.98
N SER A 32 -8.36 -7.68 13.17
CA SER A 32 -7.21 -8.02 14.00
C SER A 32 -6.14 -8.74 13.17
N THR A 33 -6.58 -9.61 12.28
CA THR A 33 -5.67 -10.36 11.43
C THR A 33 -5.89 -10.04 9.96
N THR A 34 -6.59 -8.94 9.70
CA THR A 34 -6.88 -8.51 8.35
C THR A 34 -6.68 -7.00 8.18
N VAL A 35 -6.09 -6.60 7.06
CA VAL A 35 -5.85 -5.19 6.79
C VAL A 35 -6.37 -4.80 5.42
N ARG A 36 -6.83 -3.55 5.31
CA ARG A 36 -7.36 -3.06 4.04
C ARG A 36 -6.61 -1.81 3.60
N VAL A 37 -5.88 -1.94 2.49
CA VAL A 37 -5.10 -0.82 1.95
C VAL A 37 -5.73 -0.30 0.66
N SER A 38 -5.86 1.02 0.57
CA SER A 38 -6.45 1.65 -0.62
C SER A 38 -5.57 2.79 -1.11
N TRP A 39 -5.49 2.95 -2.43
CA TRP A 39 -4.69 3.99 -3.03
C TRP A 39 -5.45 4.69 -4.16
N VAL A 40 -5.05 5.92 -4.47
CA VAL A 40 -5.70 6.69 -5.52
C VAL A 40 -5.32 6.16 -6.90
N PRO A 41 -6.36 5.89 -7.72
CA PRO A 41 -6.18 5.36 -9.07
C PRO A 41 -5.56 6.39 -10.01
N PRO A 42 -4.67 5.93 -10.90
CA PRO A 42 -3.99 6.79 -11.88
C PRO A 42 -4.94 7.30 -12.95
N PRO A 43 -5.22 8.61 -12.92
CA PRO A 43 -6.11 9.25 -13.90
C PRO A 43 -5.50 9.31 -15.29
N ALA A 44 -6.29 8.89 -16.29
CA ALA A 44 -5.82 8.90 -17.67
C ALA A 44 -5.20 10.24 -18.04
N ASP A 45 -5.95 11.31 -17.81
CA ASP A 45 -5.47 12.65 -18.11
C ASP A 45 -4.08 12.89 -17.52
N SER A 46 -3.14 13.27 -18.39
CA SER A 46 -1.76 13.51 -17.94
C SER A 46 -1.17 12.27 -17.30
N ARG A 47 -1.42 11.11 -17.90
CA ARG A 47 -0.91 9.85 -17.39
C ARG A 47 0.35 9.44 -18.13
N ASN A 48 1.35 8.97 -17.38
CA ASN A 48 2.61 8.53 -17.97
C ASN A 48 2.45 7.19 -18.67
N GLY A 49 1.89 6.21 -17.96
CA GLY A 49 1.69 4.90 -18.53
C GLY A 49 0.36 4.28 -18.13
N VAL A 50 0.20 3.00 -18.41
CA VAL A 50 -1.03 2.30 -18.08
C VAL A 50 -0.76 1.11 -17.16
N ILE A 51 -1.42 1.10 -16.01
CA ILE A 51 -1.24 0.03 -15.03
C ILE A 51 -1.93 -1.26 -15.49
N THR A 52 -1.22 -2.38 -15.41
CA THR A 52 -1.76 -3.66 -15.82
C THR A 52 -2.05 -4.55 -14.61
N GLN A 53 -1.43 -4.22 -13.48
CA GLN A 53 -1.62 -4.98 -12.25
C GLN A 53 -0.98 -4.28 -11.06
N TYR A 54 -1.50 -4.54 -9.87
CA TYR A 54 -0.98 -3.91 -8.66
C TYR A 54 -0.34 -4.96 -7.75
N SER A 55 0.78 -4.58 -7.13
CA SER A 55 1.50 -5.49 -6.23
C SER A 55 1.43 -4.99 -4.80
N VAL A 56 0.88 -5.82 -3.91
CA VAL A 56 0.75 -5.47 -2.51
C VAL A 56 1.66 -6.34 -1.65
N ALA A 57 2.27 -5.73 -0.63
CA ALA A 57 3.16 -6.45 0.27
C ALA A 57 3.05 -5.91 1.69
N TYR A 58 3.38 -6.75 2.66
CA TYR A 58 3.31 -6.37 4.07
C TYR A 58 4.40 -7.08 4.88
N GLU A 59 4.88 -6.41 5.92
CA GLU A 59 5.91 -6.98 6.78
C GLU A 59 5.81 -6.42 8.19
N ALA A 60 5.85 -7.31 9.18
CA ALA A 60 5.77 -6.91 10.58
C ALA A 60 7.06 -6.24 11.03
N VAL A 61 6.97 -4.95 11.36
CA VAL A 61 8.14 -4.21 11.81
C VAL A 61 8.35 -4.38 13.31
N ASP A 62 7.26 -4.44 14.07
CA ASP A 62 7.33 -4.61 15.51
C ASP A 62 6.90 -6.01 15.91
N GLY A 63 7.06 -6.96 14.99
CA GLY A 63 6.68 -8.33 15.27
C GLY A 63 7.87 -9.27 15.21
N GLU A 64 7.70 -10.47 15.77
CA GLU A 64 8.77 -11.47 15.78
C GLU A 64 9.18 -11.84 14.36
N ASP A 65 8.18 -12.11 13.51
CA ASP A 65 8.44 -12.48 12.13
C ASP A 65 8.74 -11.25 11.29
N ARG A 66 9.94 -11.20 10.73
CA ARG A 66 10.37 -10.07 9.90
C ARG A 66 10.27 -10.42 8.42
N GLY A 67 9.49 -11.45 8.11
CA GLY A 67 9.34 -11.87 6.73
C GLY A 67 8.27 -11.08 6.00
N ARG A 68 8.68 -10.37 4.95
CA ARG A 68 7.74 -9.56 4.17
C ARG A 68 6.99 -10.43 3.16
N HIS A 69 5.67 -10.40 3.26
CA HIS A 69 4.82 -11.18 2.36
C HIS A 69 4.50 -10.41 1.09
N VAL A 70 4.11 -11.12 0.04
CA VAL A 70 3.78 -10.49 -1.22
C VAL A 70 2.54 -11.14 -1.86
N VAL A 71 1.57 -10.31 -2.24
CA VAL A 71 0.35 -10.82 -2.86
C VAL A 71 0.45 -10.78 -4.38
N ASP A 72 0.02 -11.86 -5.02
CA ASP A 72 0.05 -11.97 -6.47
C ASP A 72 -1.34 -12.19 -7.04
N GLY A 73 -1.57 -11.67 -8.25
CA GLY A 73 -2.87 -11.82 -8.88
C GLY A 73 -3.88 -10.80 -8.37
N ILE A 74 -3.52 -9.52 -8.48
CA ILE A 74 -4.40 -8.45 -8.02
C ILE A 74 -4.99 -7.69 -9.21
N SER A 75 -6.31 -7.71 -9.32
CA SER A 75 -7.00 -7.02 -10.41
C SER A 75 -6.61 -5.56 -10.46
N ARG A 76 -6.23 -5.09 -11.65
CA ARG A 76 -5.83 -3.69 -11.84
C ARG A 76 -7.00 -2.76 -11.56
N GLU A 77 -8.21 -3.29 -11.62
CA GLU A 77 -9.42 -2.50 -11.38
C GLU A 77 -9.67 -2.33 -9.89
N HIS A 78 -8.82 -2.96 -9.07
CA HIS A 78 -8.95 -2.88 -7.62
C HIS A 78 -7.85 -2.01 -7.02
N SER A 79 -8.19 -0.77 -6.71
CA SER A 79 -7.23 0.16 -6.13
C SER A 79 -7.03 -0.11 -4.64
N SER A 80 -7.57 -1.24 -4.18
CA SER A 80 -7.45 -1.61 -2.77
C SER A 80 -7.34 -3.12 -2.62
N TRP A 81 -6.87 -3.56 -1.47
CA TRP A 81 -6.72 -4.99 -1.19
C TRP A 81 -6.95 -5.28 0.29
N ASP A 82 -7.34 -6.53 0.58
CA ASP A 82 -7.59 -6.94 1.97
C ASP A 82 -6.65 -8.07 2.37
N LEU A 83 -5.58 -7.73 3.08
CA LEU A 83 -4.62 -8.72 3.53
C LEU A 83 -5.22 -9.65 4.56
N VAL A 84 -4.73 -10.89 4.62
CA VAL A 84 -5.23 -11.87 5.56
C VAL A 84 -4.09 -12.72 6.11
N GLY A 85 -4.00 -12.80 7.44
CA GLY A 85 -2.96 -13.58 8.08
C GLY A 85 -1.89 -12.71 8.71
N LEU A 86 -2.28 -11.91 9.70
CA LEU A 86 -1.35 -11.02 10.39
C LEU A 86 -1.55 -11.10 11.90
N GLU A 87 -0.55 -10.65 12.65
CA GLU A 87 -0.61 -10.66 14.10
C GLU A 87 -1.67 -9.69 14.61
N LYS A 88 -2.13 -9.91 15.83
CA LYS A 88 -3.15 -9.05 16.44
C LYS A 88 -2.51 -7.97 17.29
N TRP A 89 -3.01 -6.75 17.17
CA TRP A 89 -2.48 -5.62 17.94
C TRP A 89 -1.01 -5.39 17.64
N THR A 90 -0.65 -5.43 16.36
CA THR A 90 0.73 -5.23 15.93
C THR A 90 0.79 -4.39 14.67
N GLU A 91 1.80 -3.52 14.59
CA GLU A 91 1.98 -2.65 13.44
C GLU A 91 2.50 -3.44 12.24
N TYR A 92 2.08 -3.04 11.05
CA TYR A 92 2.51 -3.72 9.82
C TYR A 92 2.78 -2.71 8.71
N ARG A 93 3.92 -2.87 8.05
CA ARG A 93 4.30 -1.96 6.96
C ARG A 93 3.83 -2.51 5.62
N VAL A 94 2.83 -1.87 5.04
CA VAL A 94 2.29 -2.29 3.75
C VAL A 94 2.86 -1.44 2.62
N TRP A 95 3.25 -2.10 1.53
CA TRP A 95 3.81 -1.41 0.37
C TRP A 95 3.05 -1.76 -0.90
N VAL A 96 2.39 -0.77 -1.49
CA VAL A 96 1.63 -0.98 -2.71
C VAL A 96 2.21 -0.19 -3.87
N ARG A 97 2.55 -0.88 -4.94
CA ARG A 97 3.13 -0.24 -6.12
C ARG A 97 2.28 -0.53 -7.37
N ALA A 98 2.61 0.15 -8.46
CA ALA A 98 1.87 -0.03 -9.71
C ALA A 98 2.75 -0.67 -10.78
N HIS A 99 2.24 -1.72 -11.41
CA HIS A 99 2.99 -2.43 -12.45
C HIS A 99 2.43 -2.10 -13.83
N THR A 100 3.28 -1.59 -14.72
CA THR A 100 2.87 -1.24 -16.07
C THR A 100 3.09 -2.41 -17.03
N ASP A 101 2.46 -2.33 -18.20
CA ASP A 101 2.58 -3.38 -19.20
C ASP A 101 4.02 -3.45 -19.73
N VAL A 102 4.83 -2.47 -19.34
CA VAL A 102 6.22 -2.42 -19.78
C VAL A 102 7.16 -2.99 -18.71
N GLY A 103 6.73 -2.89 -17.46
CA GLY A 103 7.54 -3.39 -16.36
C GLY A 103 7.00 -2.97 -15.00
N PRO A 104 7.75 -3.30 -13.94
CA PRO A 104 7.35 -2.96 -12.57
C PRO A 104 7.43 -1.45 -12.29
N GLY A 105 7.28 -1.08 -11.03
CA GLY A 105 7.34 0.32 -10.65
C GLY A 105 7.79 0.52 -9.22
N PRO A 106 8.08 1.78 -8.85
CA PRO A 106 8.53 2.13 -7.51
C PRO A 106 7.42 1.99 -6.48
N GLU A 107 7.79 1.63 -5.24
CA GLU A 107 6.82 1.47 -4.17
C GLU A 107 6.30 2.83 -3.70
N SER A 108 5.42 2.79 -2.70
CA SER A 108 4.84 4.02 -2.15
C SER A 108 5.16 4.16 -0.67
N SER A 109 4.64 5.22 -0.06
CA SER A 109 4.86 5.47 1.36
C SER A 109 4.14 4.43 2.22
N PRO A 110 4.91 3.72 3.06
CA PRO A 110 4.37 2.69 3.95
C PRO A 110 3.51 3.28 5.06
N VAL A 111 2.28 2.78 5.17
CA VAL A 111 1.35 3.26 6.19
C VAL A 111 1.36 2.33 7.40
N LEU A 112 1.71 2.87 8.56
CA LEU A 112 1.75 2.08 9.80
C LEU A 112 0.35 1.96 10.40
N VAL A 113 -0.17 0.74 10.45
CA VAL A 113 -1.48 0.49 11.01
C VAL A 113 -1.42 -0.56 12.12
N ARG A 114 -2.09 -0.28 13.23
CA ARG A 114 -2.12 -1.19 14.37
C ARG A 114 -3.43 -1.98 14.41
N THR A 115 -3.35 -3.27 14.16
CA THR A 115 -4.52 -4.13 14.16
C THR A 115 -5.24 -4.07 15.51
N ASP A 116 -6.54 -4.37 15.50
CA ASP A 116 -7.34 -4.34 16.71
C ASP A 116 -6.65 -5.10 17.84
N GLU A 117 -6.90 -4.69 19.08
CA GLU A 117 -6.30 -5.33 20.24
C GLU A 117 -7.18 -6.47 20.74
N ASP A 118 -6.55 -7.45 21.38
CA ASP A 118 -7.27 -8.60 21.92
C ASP A 118 -7.64 -8.37 23.39
N VAL A 119 -6.65 -7.96 24.17
CA VAL A 119 -6.87 -7.71 25.60
C VAL A 119 -7.28 -6.27 25.84
N PRO A 120 -8.17 -6.07 26.83
CA PRO A 120 -8.67 -4.74 27.19
C PRO A 120 -7.60 -3.88 27.85
N SER A 121 -6.39 -4.42 27.94
CA SER A 121 -5.27 -3.70 28.56
C SER A 121 -5.25 -2.24 28.12
N GLY A 122 -5.15 -1.34 29.09
CA GLY A 122 -5.13 0.08 28.79
C GLY A 122 -4.23 0.40 27.61
N PRO A 123 -4.65 1.37 26.78
CA PRO A 123 -3.89 1.79 25.60
C PRO A 123 -2.61 2.54 25.97
N PRO A 124 -1.57 2.34 25.15
CA PRO A 124 -0.26 2.99 25.37
C PRO A 124 -0.31 4.50 25.12
N ARG A 125 0.62 5.22 25.71
CA ARG A 125 0.69 6.67 25.55
C ARG A 125 0.85 7.05 24.09
N LYS A 126 -0.06 7.87 23.59
CA LYS A 126 -0.02 8.33 22.20
C LYS A 126 1.28 9.08 21.91
N VAL A 127 1.98 8.67 20.87
CA VAL A 127 3.24 9.31 20.48
C VAL A 127 3.03 10.25 19.29
N GLU A 128 3.66 11.41 19.35
CA GLU A 128 3.55 12.39 18.28
C GLU A 128 4.47 12.03 17.11
N SER A 129 3.87 11.51 16.04
CA SER A 129 4.63 11.12 14.86
C SER A 129 5.91 10.40 15.26
N GLY A 130 5.86 9.66 16.36
CA GLY A 130 7.02 8.94 16.83
C GLY A 130 8.17 9.86 17.22
N PRO A 131 8.82 9.56 18.35
CA PRO A 131 9.95 10.36 18.85
C PRO A 131 11.19 10.24 17.96
N SER A 132 11.18 9.23 17.09
CA SER A 132 12.31 9.01 16.20
C SER A 132 12.92 10.33 15.73
N SER A 133 14.24 10.41 15.75
CA SER A 133 14.94 11.62 15.32
C SER A 133 16.43 11.35 15.13
N GLY A 134 17.04 12.10 14.22
CA GLY A 134 18.46 11.93 13.96
C GLY A 134 19.19 13.25 13.84
N GLY A 1 25.78 -21.17 0.99
CA GLY A 1 26.42 -19.92 0.65
C GLY A 1 25.49 -18.95 -0.04
N SER A 2 25.00 -17.97 0.72
CA SER A 2 24.09 -16.97 0.18
C SER A 2 24.84 -15.69 -0.22
N SER A 3 24.11 -14.73 -0.76
CA SER A 3 24.71 -13.48 -1.19
C SER A 3 25.83 -13.05 -0.25
N GLY A 4 26.81 -12.34 -0.78
CA GLY A 4 27.93 -11.90 0.03
C GLY A 4 29.07 -11.33 -0.81
N SER A 5 28.71 -10.52 -1.80
CA SER A 5 29.70 -9.91 -2.68
C SER A 5 29.07 -8.82 -3.54
N SER A 6 29.89 -8.18 -4.37
CA SER A 6 29.41 -7.12 -5.25
C SER A 6 28.01 -7.43 -5.76
N GLY A 7 27.07 -6.55 -5.45
CA GLY A 7 25.70 -6.75 -5.89
C GLY A 7 25.31 -5.82 -7.01
N THR A 8 25.35 -4.52 -6.74
CA THR A 8 25.00 -3.53 -7.75
C THR A 8 23.72 -3.90 -8.49
N ILE A 9 22.84 -4.61 -7.80
CA ILE A 9 21.57 -5.05 -8.38
C ILE A 9 21.00 -3.97 -9.31
N GLU A 10 20.30 -4.41 -10.35
CA GLU A 10 19.71 -3.49 -11.31
C GLU A 10 18.29 -3.94 -11.70
N ALA A 11 17.45 -2.99 -12.05
CA ALA A 11 16.08 -3.28 -12.44
C ALA A 11 15.83 -2.91 -13.90
N ARG A 12 15.10 -3.78 -14.61
CA ARG A 12 14.80 -3.54 -16.01
C ARG A 12 14.42 -2.08 -16.25
N THR A 13 14.84 -1.55 -17.40
CA THR A 13 14.53 -0.16 -17.74
C THR A 13 13.16 -0.05 -18.39
N ALA A 14 12.13 0.08 -17.55
CA ALA A 14 10.76 0.21 -18.03
C ALA A 14 10.63 1.37 -19.02
N GLN A 15 9.76 1.20 -20.02
CA GLN A 15 9.55 2.24 -21.02
C GLN A 15 8.82 3.44 -20.41
N SER A 16 7.76 3.17 -19.67
CA SER A 16 6.98 4.23 -19.04
C SER A 16 6.40 3.76 -17.71
N THR A 17 6.83 4.39 -16.62
CA THR A 17 6.37 4.04 -15.29
C THR A 17 5.84 5.27 -14.55
N PRO A 18 4.87 5.06 -13.64
CA PRO A 18 4.28 6.13 -12.86
C PRO A 18 5.25 6.70 -11.82
N SER A 19 5.06 7.98 -11.49
CA SER A 19 5.92 8.63 -10.51
C SER A 19 5.19 8.83 -9.18
N ALA A 20 4.10 9.59 -9.21
CA ALA A 20 3.32 9.86 -8.02
C ALA A 20 2.55 8.61 -7.58
N PRO A 21 1.67 8.12 -8.46
CA PRO A 21 0.85 6.93 -8.18
C PRO A 21 1.69 5.66 -8.16
N PRO A 22 1.34 4.73 -7.25
CA PRO A 22 0.22 4.92 -6.32
C PRO A 22 0.51 5.98 -5.28
N GLN A 23 -0.42 6.93 -5.11
CA GLN A 23 -0.25 8.00 -4.14
C GLN A 23 -1.38 7.97 -3.11
N LYS A 24 -1.39 8.98 -2.24
CA LYS A 24 -2.41 9.07 -1.20
C LYS A 24 -2.75 7.68 -0.64
N VAL A 25 -1.73 6.84 -0.53
CA VAL A 25 -1.92 5.49 -0.01
C VAL A 25 -2.35 5.52 1.45
N MET A 26 -3.59 5.09 1.72
CA MET A 26 -4.12 5.07 3.07
C MET A 26 -4.46 3.64 3.50
N CYS A 27 -3.82 3.17 4.55
CA CYS A 27 -4.06 1.82 5.06
C CYS A 27 -4.88 1.86 6.35
N VAL A 28 -5.77 0.88 6.50
CA VAL A 28 -6.61 0.80 7.69
C VAL A 28 -6.86 -0.64 8.10
N SER A 29 -6.70 -0.93 9.39
CA SER A 29 -6.90 -2.27 9.91
C SER A 29 -8.39 -2.66 9.87
N MET A 30 -8.69 -3.73 9.16
CA MET A 30 -10.07 -4.19 9.04
C MET A 30 -10.53 -4.85 10.34
N GLY A 31 -9.66 -5.67 10.92
CA GLY A 31 -10.00 -6.35 12.16
C GLY A 31 -8.79 -6.58 13.04
N SER A 32 -8.44 -7.84 13.25
CA SER A 32 -7.30 -8.20 14.08
C SER A 32 -6.20 -8.83 13.25
N THR A 33 -6.58 -9.68 12.30
CA THR A 33 -5.63 -10.36 11.44
C THR A 33 -5.88 -10.03 9.97
N THR A 34 -6.61 -8.95 9.74
CA THR A 34 -6.92 -8.52 8.38
C THR A 34 -6.75 -7.01 8.22
N VAL A 35 -6.18 -6.60 7.09
CA VAL A 35 -5.95 -5.19 6.82
C VAL A 35 -6.48 -4.80 5.45
N ARG A 36 -6.96 -3.57 5.33
CA ARG A 36 -7.50 -3.07 4.07
C ARG A 36 -6.74 -1.84 3.60
N VAL A 37 -5.95 -2.00 2.53
CA VAL A 37 -5.18 -0.89 1.99
C VAL A 37 -5.74 -0.44 0.64
N SER A 38 -5.85 0.87 0.47
CA SER A 38 -6.38 1.44 -0.77
C SER A 38 -5.50 2.59 -1.25
N TRP A 39 -5.55 2.85 -2.55
CA TRP A 39 -4.76 3.93 -3.14
C TRP A 39 -5.55 4.66 -4.21
N VAL A 40 -5.19 5.91 -4.47
CA VAL A 40 -5.87 6.72 -5.48
C VAL A 40 -6.22 5.88 -6.70
N PRO A 41 -7.45 6.07 -7.22
CA PRO A 41 -7.94 5.35 -8.40
C PRO A 41 -7.23 5.76 -9.67
N PRO A 42 -7.44 4.99 -10.75
CA PRO A 42 -6.83 5.26 -12.06
C PRO A 42 -7.41 6.52 -12.72
N PRO A 43 -6.59 7.57 -12.80
CA PRO A 43 -7.00 8.84 -13.40
C PRO A 43 -7.17 8.74 -14.91
N ALA A 44 -8.30 9.24 -15.41
CA ALA A 44 -8.58 9.20 -16.85
C ALA A 44 -8.06 10.45 -17.54
N ASP A 45 -8.04 11.56 -16.82
CA ASP A 45 -7.56 12.83 -17.36
C ASP A 45 -6.03 12.89 -17.36
N SER A 46 -5.44 12.68 -16.19
CA SER A 46 -3.99 12.72 -16.05
C SER A 46 -3.44 11.32 -15.79
N ARG A 47 -3.13 10.60 -16.86
CA ARG A 47 -2.58 9.25 -16.75
C ARG A 47 -1.22 9.15 -17.42
N ASN A 48 -0.21 8.78 -16.65
CA ASN A 48 1.15 8.66 -17.16
C ASN A 48 1.23 7.53 -18.19
N GLY A 49 0.72 6.36 -17.82
CA GLY A 49 0.75 5.22 -18.73
C GLY A 49 -0.49 4.35 -18.60
N VAL A 50 -0.28 3.03 -18.62
CA VAL A 50 -1.39 2.10 -18.50
C VAL A 50 -1.10 1.03 -17.45
N ILE A 51 -1.91 0.99 -16.41
CA ILE A 51 -1.74 0.00 -15.34
C ILE A 51 -2.16 -1.38 -15.79
N THR A 52 -1.31 -2.37 -15.56
CA THR A 52 -1.60 -3.75 -15.94
C THR A 52 -1.95 -4.59 -14.72
N GLN A 53 -1.37 -4.25 -13.58
CA GLN A 53 -1.61 -4.97 -12.34
C GLN A 53 -1.00 -4.24 -11.15
N TYR A 54 -1.55 -4.50 -9.96
CA TYR A 54 -1.05 -3.87 -8.74
C TYR A 54 -0.39 -4.90 -7.83
N SER A 55 0.70 -4.48 -7.18
CA SER A 55 1.44 -5.37 -6.29
C SER A 55 1.34 -4.86 -4.85
N VAL A 56 1.10 -5.79 -3.92
CA VAL A 56 0.99 -5.44 -2.50
C VAL A 56 1.93 -6.29 -1.66
N ALA A 57 2.41 -5.72 -0.55
CA ALA A 57 3.31 -6.44 0.33
C ALA A 57 3.12 -5.99 1.78
N TYR A 58 3.45 -6.87 2.72
CA TYR A 58 3.31 -6.56 4.14
C TYR A 58 4.37 -7.28 4.97
N GLU A 59 4.92 -6.57 5.95
CA GLU A 59 5.96 -7.14 6.81
C GLU A 59 5.89 -6.54 8.22
N ALA A 60 5.96 -7.39 9.22
CA ALA A 60 5.91 -6.95 10.61
C ALA A 60 7.19 -6.23 11.00
N VAL A 61 7.04 -5.05 11.61
CA VAL A 61 8.18 -4.26 12.04
C VAL A 61 8.46 -4.45 13.53
N ASP A 62 7.39 -4.67 14.29
CA ASP A 62 7.51 -4.87 15.73
C ASP A 62 6.79 -6.13 16.17
N GLY A 63 6.81 -7.15 15.32
CA GLY A 63 6.17 -8.40 15.63
C GLY A 63 7.15 -9.53 15.89
N GLU A 64 6.70 -10.77 15.71
CA GLU A 64 7.55 -11.93 15.92
C GLU A 64 8.27 -12.31 14.64
N ASP A 65 7.52 -12.43 13.55
CA ASP A 65 8.08 -12.80 12.26
C ASP A 65 8.26 -11.56 11.38
N ARG A 66 9.50 -11.28 11.01
CA ARG A 66 9.80 -10.13 10.16
C ARG A 66 9.83 -10.52 8.69
N GLY A 67 9.06 -11.57 8.35
CA GLY A 67 9.02 -12.03 6.98
C GLY A 67 8.12 -11.18 6.11
N ARG A 68 8.68 -10.61 5.06
CA ARG A 68 7.91 -9.76 4.14
C ARG A 68 7.13 -10.60 3.15
N HIS A 69 5.81 -10.42 3.14
CA HIS A 69 4.95 -11.17 2.22
C HIS A 69 4.55 -10.31 1.03
N VAL A 70 4.12 -10.96 -0.04
CA VAL A 70 3.71 -10.26 -1.26
C VAL A 70 2.49 -10.92 -1.89
N VAL A 71 1.50 -10.10 -2.25
CA VAL A 71 0.28 -10.60 -2.86
C VAL A 71 0.42 -10.67 -4.38
N ASP A 72 -0.04 -11.77 -4.96
CA ASP A 72 0.03 -11.97 -6.41
C ASP A 72 -1.35 -12.26 -6.98
N GLY A 73 -1.57 -11.87 -8.24
CA GLY A 73 -2.85 -12.09 -8.88
C GLY A 73 -3.88 -11.04 -8.51
N ILE A 74 -3.53 -9.77 -8.70
CA ILE A 74 -4.43 -8.68 -8.38
C ILE A 74 -4.90 -7.98 -9.65
N SER A 75 -6.22 -7.81 -9.77
CA SER A 75 -6.81 -7.15 -10.93
C SER A 75 -6.42 -5.68 -10.98
N ARG A 76 -5.95 -5.23 -12.14
CA ARG A 76 -5.56 -3.84 -12.32
C ARG A 76 -6.69 -2.90 -11.94
N GLU A 77 -7.90 -3.43 -11.89
CA GLU A 77 -9.07 -2.62 -11.53
C GLU A 77 -9.35 -2.70 -10.03
N HIS A 78 -8.30 -2.92 -9.26
CA HIS A 78 -8.44 -3.01 -7.80
C HIS A 78 -7.44 -2.08 -7.11
N SER A 79 -7.91 -0.86 -6.81
CA SER A 79 -7.06 0.13 -6.16
C SER A 79 -6.99 -0.13 -4.66
N SER A 80 -7.46 -1.30 -4.24
CA SER A 80 -7.46 -1.67 -2.82
C SER A 80 -7.33 -3.18 -2.66
N TRP A 81 -6.87 -3.60 -1.48
CA TRP A 81 -6.71 -5.02 -1.19
C TRP A 81 -6.92 -5.30 0.28
N ASP A 82 -7.37 -6.51 0.60
CA ASP A 82 -7.62 -6.91 1.97
C ASP A 82 -6.67 -8.02 2.40
N LEU A 83 -5.59 -7.64 3.07
CA LEU A 83 -4.60 -8.61 3.54
C LEU A 83 -5.16 -9.48 4.64
N VAL A 84 -4.87 -10.77 4.58
CA VAL A 84 -5.35 -11.72 5.59
C VAL A 84 -4.24 -12.69 5.99
N GLY A 85 -4.05 -12.83 7.31
CA GLY A 85 -3.02 -13.73 7.81
C GLY A 85 -1.91 -12.98 8.53
N LEU A 86 -2.28 -12.00 9.33
CA LEU A 86 -1.30 -11.20 10.07
C LEU A 86 -1.48 -11.40 11.57
N GLU A 87 -0.61 -10.77 12.35
CA GLU A 87 -0.66 -10.87 13.80
C GLU A 87 -1.73 -9.94 14.38
N LYS A 88 -2.10 -10.17 15.63
CA LYS A 88 -3.11 -9.35 16.29
C LYS A 88 -2.45 -8.29 17.17
N TRP A 89 -3.00 -7.08 17.15
CA TRP A 89 -2.46 -5.98 17.94
C TRP A 89 -0.98 -5.77 17.65
N THR A 90 -0.63 -5.69 16.37
CA THR A 90 0.75 -5.49 15.96
C THR A 90 0.82 -4.62 14.72
N GLU A 91 1.83 -3.74 14.68
CA GLU A 91 2.01 -2.84 13.53
C GLU A 91 2.57 -3.61 12.34
N TYR A 92 2.16 -3.19 11.14
CA TYR A 92 2.61 -3.82 9.91
C TYR A 92 2.85 -2.79 8.81
N ARG A 93 3.99 -2.90 8.15
CA ARG A 93 4.33 -1.97 7.08
C ARG A 93 3.92 -2.54 5.72
N VAL A 94 2.89 -1.95 5.14
CA VAL A 94 2.39 -2.39 3.83
C VAL A 94 2.94 -1.52 2.71
N TRP A 95 3.40 -2.16 1.64
CA TRP A 95 3.94 -1.44 0.49
C TRP A 95 3.22 -1.82 -0.79
N VAL A 96 2.47 -0.88 -1.34
CA VAL A 96 1.71 -1.12 -2.57
C VAL A 96 2.30 -0.32 -3.73
N ARG A 97 2.47 -0.98 -4.86
CA ARG A 97 3.02 -0.33 -6.05
C ARG A 97 2.19 -0.66 -7.29
N ALA A 98 2.39 0.12 -8.35
CA ALA A 98 1.65 -0.09 -9.60
C ALA A 98 2.58 -0.57 -10.71
N HIS A 99 2.31 -1.76 -11.23
CA HIS A 99 3.13 -2.33 -12.30
C HIS A 99 2.55 -1.97 -13.66
N THR A 100 3.43 -1.62 -14.60
CA THR A 100 3.01 -1.26 -15.95
C THR A 100 3.37 -2.35 -16.95
N ASP A 101 2.56 -2.50 -17.99
CA ASP A 101 2.80 -3.50 -19.01
C ASP A 101 4.24 -3.44 -19.50
N VAL A 102 4.86 -2.27 -19.39
CA VAL A 102 6.24 -2.09 -19.82
C VAL A 102 7.21 -2.58 -18.74
N GLY A 103 6.85 -2.38 -17.49
CA GLY A 103 7.70 -2.81 -16.39
C GLY A 103 7.10 -2.51 -15.03
N PRO A 104 7.67 -3.10 -13.98
CA PRO A 104 7.20 -2.90 -12.61
C PRO A 104 7.49 -1.50 -12.09
N GLY A 105 7.04 -1.22 -10.87
CA GLY A 105 7.26 0.08 -10.27
C GLY A 105 7.70 0.00 -8.83
N PRO A 106 8.25 1.11 -8.31
CA PRO A 106 8.73 1.19 -6.93
C PRO A 106 7.59 1.15 -5.92
N GLU A 107 7.94 1.00 -4.64
CA GLU A 107 6.94 0.96 -3.58
C GLU A 107 6.46 2.36 -3.23
N SER A 108 5.41 2.44 -2.43
CA SER A 108 4.84 3.71 -2.01
C SER A 108 5.09 3.97 -0.52
N SER A 109 4.63 5.12 -0.05
CA SER A 109 4.80 5.49 1.36
C SER A 109 4.15 4.46 2.27
N PRO A 110 4.97 3.81 3.11
CA PRO A 110 4.49 2.79 4.06
C PRO A 110 3.65 3.39 5.17
N VAL A 111 2.42 2.89 5.32
CA VAL A 111 1.52 3.37 6.36
C VAL A 111 1.48 2.41 7.55
N LEU A 112 1.73 2.95 8.74
CA LEU A 112 1.72 2.14 9.95
C LEU A 112 0.31 1.96 10.48
N VAL A 113 -0.15 0.70 10.49
CA VAL A 113 -1.49 0.39 10.96
C VAL A 113 -1.45 -0.67 12.06
N ARG A 114 -2.14 -0.40 13.17
CA ARG A 114 -2.17 -1.32 14.28
C ARG A 114 -3.47 -2.13 14.28
N THR A 115 -3.35 -3.43 14.03
CA THR A 115 -4.51 -4.31 14.00
C THR A 115 -5.21 -4.36 15.36
N ASP A 116 -6.51 -4.57 15.33
CA ASP A 116 -7.30 -4.64 16.56
C ASP A 116 -6.71 -5.68 17.52
N GLU A 117 -7.04 -5.55 18.80
CA GLU A 117 -6.56 -6.47 19.82
C GLU A 117 -7.36 -7.76 19.82
N ASP A 118 -6.73 -8.85 20.25
CA ASP A 118 -7.40 -10.15 20.30
C ASP A 118 -8.87 -10.00 20.64
N VAL A 119 -9.16 -9.11 21.58
CA VAL A 119 -10.55 -8.87 22.01
C VAL A 119 -11.28 -7.99 21.00
N PRO A 120 -12.60 -8.17 20.90
CA PRO A 120 -13.45 -7.41 19.99
C PRO A 120 -13.59 -5.95 20.42
N SER A 121 -12.88 -5.58 21.48
CA SER A 121 -12.92 -4.21 21.99
C SER A 121 -11.99 -3.30 21.19
N GLY A 122 -12.02 -2.02 21.52
CA GLY A 122 -11.17 -1.06 20.83
C GLY A 122 -10.78 0.11 21.71
N PRO A 123 -11.50 1.24 21.54
CA PRO A 123 -11.24 2.45 22.32
C PRO A 123 -11.65 2.31 23.78
N PRO A 124 -10.64 2.28 24.67
CA PRO A 124 -10.86 2.15 26.11
C PRO A 124 -11.50 3.38 26.72
N ARG A 125 -12.24 3.19 27.80
CA ARG A 125 -12.91 4.29 28.48
C ARG A 125 -11.90 5.35 28.90
N LYS A 126 -11.69 6.34 28.04
CA LYS A 126 -10.75 7.42 28.32
C LYS A 126 -11.24 8.26 29.50
N VAL A 127 -10.30 8.60 30.39
CA VAL A 127 -10.63 9.40 31.56
C VAL A 127 -9.52 10.40 31.87
N GLU A 128 -9.88 11.67 32.00
CA GLU A 128 -8.91 12.71 32.29
C GLU A 128 -7.57 12.42 31.62
N SER A 129 -7.63 11.92 30.40
CA SER A 129 -6.41 11.58 29.66
C SER A 129 -6.75 11.16 28.23
N GLY A 130 -5.72 10.82 27.46
CA GLY A 130 -5.93 10.41 26.09
C GLY A 130 -4.73 9.66 25.52
N PRO A 131 -3.73 10.43 25.05
CA PRO A 131 -2.50 9.86 24.47
C PRO A 131 -1.63 9.18 25.52
N SER A 132 -2.10 9.16 26.76
CA SER A 132 -1.36 8.56 27.86
C SER A 132 -0.66 7.28 27.39
N SER A 133 0.66 7.26 27.48
CA SER A 133 1.44 6.11 27.08
C SER A 133 2.69 5.95 27.95
N GLY A 134 2.74 4.88 28.72
CA GLY A 134 3.87 4.63 29.60
C GLY A 134 3.78 5.42 30.89
N GLY A 1 -2.33 22.87 1.04
CA GLY A 1 -2.65 24.22 0.58
C GLY A 1 -1.52 24.83 -0.22
N SER A 2 -1.22 24.23 -1.37
CA SER A 2 -0.15 24.72 -2.24
C SER A 2 -0.44 24.38 -3.69
N SER A 3 0.24 25.08 -4.60
CA SER A 3 0.06 24.86 -6.03
C SER A 3 1.40 24.67 -6.73
N GLY A 4 1.38 23.97 -7.85
CA GLY A 4 2.61 23.75 -8.60
C GLY A 4 2.35 23.45 -10.07
N SER A 5 3.31 23.78 -10.92
CA SER A 5 3.18 23.55 -12.35
C SER A 5 3.91 22.28 -12.78
N SER A 6 3.58 21.77 -13.95
CA SER A 6 4.20 20.56 -14.47
C SER A 6 4.23 20.56 -15.99
N GLY A 7 5.12 19.76 -16.56
CA GLY A 7 5.23 19.68 -18.01
C GLY A 7 5.74 18.34 -18.49
N THR A 8 4.87 17.34 -18.50
CA THR A 8 5.24 16.00 -18.92
C THR A 8 4.75 15.73 -20.35
N ILE A 9 5.70 15.59 -21.28
CA ILE A 9 5.36 15.32 -22.67
C ILE A 9 4.41 14.13 -22.79
N GLU A 10 4.12 13.74 -24.02
CA GLU A 10 3.22 12.61 -24.27
C GLU A 10 3.88 11.60 -25.21
N ALA A 11 3.61 10.32 -24.97
CA ALA A 11 4.16 9.26 -25.79
C ALA A 11 3.08 8.30 -26.27
N ARG A 12 3.14 7.92 -27.54
CA ARG A 12 2.16 7.02 -28.12
C ARG A 12 1.84 5.88 -27.17
N THR A 13 2.84 5.03 -26.89
CA THR A 13 2.67 3.91 -26.00
C THR A 13 3.43 4.11 -24.69
N ALA A 14 2.86 3.62 -23.60
CA ALA A 14 3.49 3.76 -22.28
C ALA A 14 4.80 2.99 -22.22
N GLN A 15 5.92 3.71 -22.27
CA GLN A 15 7.24 3.10 -22.23
C GLN A 15 8.03 3.60 -21.02
N SER A 16 7.40 3.56 -19.85
CA SER A 16 8.04 4.02 -18.63
C SER A 16 7.24 3.59 -17.40
N THR A 17 7.79 3.84 -16.22
CA THR A 17 7.13 3.47 -14.97
C THR A 17 6.67 4.72 -14.20
N PRO A 18 5.55 4.59 -13.48
CA PRO A 18 5.00 5.70 -12.68
C PRO A 18 5.86 6.04 -11.48
N SER A 19 6.13 7.34 -11.30
CA SER A 19 6.94 7.80 -10.19
C SER A 19 6.08 8.24 -9.02
N ALA A 20 5.14 9.14 -9.28
CA ALA A 20 4.24 9.64 -8.25
C ALA A 20 3.27 8.55 -7.80
N PRO A 21 2.35 8.16 -8.71
CA PRO A 21 1.36 7.12 -8.43
C PRO A 21 1.97 5.74 -8.31
N PRO A 22 1.31 4.86 -7.54
CA PRO A 22 0.06 5.20 -6.84
C PRO A 22 0.28 6.18 -5.70
N GLN A 23 -0.71 7.04 -5.46
CA GLN A 23 -0.62 8.03 -4.40
C GLN A 23 -1.85 7.98 -3.50
N LYS A 24 -1.81 8.74 -2.41
CA LYS A 24 -2.92 8.77 -1.46
C LYS A 24 -3.11 7.41 -0.80
N VAL A 25 -2.03 6.64 -0.72
CA VAL A 25 -2.07 5.33 -0.10
C VAL A 25 -2.52 5.42 1.36
N MET A 26 -3.71 4.91 1.64
CA MET A 26 -4.25 4.93 3.00
C MET A 26 -4.59 3.52 3.47
N CYS A 27 -3.86 3.05 4.46
CA CYS A 27 -4.09 1.71 5.00
C CYS A 27 -4.86 1.78 6.32
N VAL A 28 -5.90 0.96 6.44
CA VAL A 28 -6.72 0.94 7.64
C VAL A 28 -6.93 -0.49 8.13
N SER A 29 -6.62 -0.73 9.41
CA SER A 29 -6.77 -2.05 10.01
C SER A 29 -8.23 -2.48 10.00
N MET A 30 -8.56 -3.43 9.13
CA MET A 30 -9.92 -3.93 9.02
C MET A 30 -10.37 -4.57 10.33
N GLY A 31 -9.51 -5.43 10.89
CA GLY A 31 -9.84 -6.10 12.14
C GLY A 31 -8.62 -6.30 13.02
N SER A 32 -8.27 -7.56 13.25
CA SER A 32 -7.12 -7.90 14.08
C SER A 32 -6.05 -8.61 13.27
N THR A 33 -6.49 -9.45 12.33
CA THR A 33 -5.57 -10.19 11.48
C THR A 33 -5.80 -9.88 10.01
N THR A 34 -6.50 -8.77 9.75
CA THR A 34 -6.79 -8.36 8.38
C THR A 34 -6.59 -6.86 8.21
N VAL A 35 -6.09 -6.45 7.05
CA VAL A 35 -5.85 -5.04 6.76
C VAL A 35 -6.39 -4.67 5.39
N ARG A 36 -6.93 -3.46 5.28
CA ARG A 36 -7.47 -2.97 4.02
C ARG A 36 -6.73 -1.74 3.54
N VAL A 37 -5.97 -1.88 2.46
CA VAL A 37 -5.20 -0.78 1.91
C VAL A 37 -5.78 -0.34 0.56
N SER A 38 -6.00 0.96 0.42
CA SER A 38 -6.55 1.50 -0.82
C SER A 38 -5.76 2.73 -1.27
N TRP A 39 -5.77 2.99 -2.57
CA TRP A 39 -5.06 4.14 -3.13
C TRP A 39 -5.94 4.91 -4.10
N VAL A 40 -5.54 6.15 -4.41
CA VAL A 40 -6.30 6.99 -5.32
C VAL A 40 -6.19 6.49 -6.75
N PRO A 41 -7.36 6.23 -7.37
CA PRO A 41 -7.42 5.74 -8.75
C PRO A 41 -6.99 6.79 -9.76
N PRO A 42 -5.83 6.57 -10.40
CA PRO A 42 -5.29 7.50 -11.39
C PRO A 42 -6.11 7.49 -12.69
N PRO A 43 -6.39 8.70 -13.21
CA PRO A 43 -7.17 8.86 -14.45
C PRO A 43 -6.39 8.40 -15.67
N ALA A 44 -6.96 7.45 -16.41
CA ALA A 44 -6.32 6.92 -17.62
C ALA A 44 -5.65 8.03 -18.40
N ASP A 45 -6.45 8.98 -18.89
CA ASP A 45 -5.92 10.10 -19.67
C ASP A 45 -4.83 10.83 -18.90
N SER A 46 -3.81 11.28 -19.62
CA SER A 46 -2.69 12.00 -19.00
C SER A 46 -1.92 11.08 -18.07
N ARG A 47 -1.67 9.85 -18.52
CA ARG A 47 -0.93 8.87 -17.72
C ARG A 47 0.47 8.66 -18.28
N ASN A 48 1.40 8.31 -17.40
CA ASN A 48 2.79 8.08 -17.81
C ASN A 48 3.10 6.58 -17.82
N GLY A 49 2.09 5.77 -17.55
CA GLY A 49 2.27 4.34 -17.54
C GLY A 49 0.96 3.58 -17.44
N VAL A 50 0.80 2.57 -18.29
CA VAL A 50 -0.42 1.77 -18.30
C VAL A 50 -0.41 0.73 -17.17
N ILE A 51 -1.22 0.98 -16.15
CA ILE A 51 -1.30 0.07 -15.01
C ILE A 51 -1.72 -1.32 -15.45
N THR A 52 -0.80 -2.28 -15.35
CA THR A 52 -1.09 -3.65 -15.74
C THR A 52 -1.62 -4.46 -14.56
N GLN A 53 -1.13 -4.14 -13.36
CA GLN A 53 -1.56 -4.83 -12.15
C GLN A 53 -0.97 -4.17 -10.92
N TYR A 54 -1.57 -4.45 -9.76
CA TYR A 54 -1.10 -3.89 -8.50
C TYR A 54 -0.47 -4.95 -7.62
N SER A 55 0.58 -4.58 -6.89
CA SER A 55 1.28 -5.52 -6.02
C SER A 55 1.31 -4.99 -4.58
N VAL A 56 0.72 -5.76 -3.68
CA VAL A 56 0.68 -5.39 -2.26
C VAL A 56 1.50 -6.33 -1.41
N ALA A 57 2.33 -5.77 -0.53
CA ALA A 57 3.17 -6.57 0.35
C ALA A 57 2.99 -6.16 1.81
N TYR A 58 3.40 -7.04 2.71
CA TYR A 58 3.28 -6.77 4.14
C TYR A 58 4.42 -7.43 4.92
N GLU A 59 4.95 -6.72 5.90
CA GLU A 59 6.03 -7.23 6.73
C GLU A 59 5.95 -6.69 8.15
N ALA A 60 5.94 -7.60 9.13
CA ALA A 60 5.88 -7.21 10.53
C ALA A 60 7.17 -6.54 10.98
N VAL A 61 7.13 -5.22 11.15
CA VAL A 61 8.29 -4.47 11.58
C VAL A 61 8.56 -4.66 13.07
N ASP A 62 7.49 -4.91 13.82
CA ASP A 62 7.60 -5.11 15.26
C ASP A 62 7.35 -6.57 15.62
N GLY A 63 6.81 -7.33 14.67
CA GLY A 63 6.53 -8.74 14.91
C GLY A 63 7.80 -9.57 15.02
N GLU A 64 7.66 -10.76 15.60
CA GLU A 64 8.81 -11.65 15.77
C GLU A 64 9.42 -12.02 14.42
N ASP A 65 8.55 -12.34 13.45
CA ASP A 65 8.99 -12.72 12.12
C ASP A 65 8.94 -11.52 11.18
N ARG A 66 10.10 -11.14 10.65
CA ARG A 66 10.19 -10.02 9.74
C ARG A 66 10.05 -10.47 8.29
N GLY A 67 9.37 -11.59 8.10
CA GLY A 67 9.17 -12.12 6.76
C GLY A 67 8.21 -11.29 5.94
N ARG A 68 8.73 -10.59 4.94
CA ARG A 68 7.91 -9.74 4.08
C ARG A 68 7.19 -10.59 3.03
N HIS A 69 5.86 -10.55 3.07
CA HIS A 69 5.05 -11.31 2.12
C HIS A 69 4.65 -10.43 0.93
N VAL A 70 4.27 -11.08 -0.16
CA VAL A 70 3.86 -10.36 -1.37
C VAL A 70 2.58 -10.95 -1.96
N VAL A 71 1.68 -10.08 -2.39
CA VAL A 71 0.41 -10.51 -2.97
C VAL A 71 0.49 -10.53 -4.49
N ASP A 72 0.03 -11.63 -5.09
CA ASP A 72 0.05 -11.77 -6.54
C ASP A 72 -1.35 -12.05 -7.07
N GLY A 73 -1.61 -11.61 -8.30
CA GLY A 73 -2.91 -11.82 -8.91
C GLY A 73 -3.93 -10.79 -8.46
N ILE A 74 -3.57 -9.51 -8.58
CA ILE A 74 -4.47 -8.43 -8.19
C ILE A 74 -4.97 -7.66 -9.40
N SER A 75 -6.29 -7.57 -9.53
CA SER A 75 -6.90 -6.87 -10.65
C SER A 75 -6.46 -5.42 -10.68
N ARG A 76 -6.16 -4.91 -11.88
CA ARG A 76 -5.71 -3.53 -12.05
C ARG A 76 -6.85 -2.56 -11.77
N GLU A 77 -8.09 -3.07 -11.84
CA GLU A 77 -9.26 -2.24 -11.59
C GLU A 77 -9.53 -2.10 -10.10
N HIS A 78 -8.79 -2.85 -9.30
CA HIS A 78 -8.94 -2.80 -7.84
C HIS A 78 -7.85 -1.96 -7.20
N SER A 79 -8.20 -0.73 -6.86
CA SER A 79 -7.24 0.20 -6.24
C SER A 79 -7.14 -0.06 -4.73
N SER A 80 -7.60 -1.23 -4.31
CA SER A 80 -7.57 -1.59 -2.90
C SER A 80 -7.40 -3.09 -2.72
N TRP A 81 -6.94 -3.50 -1.54
CA TRP A 81 -6.73 -4.91 -1.25
C TRP A 81 -6.91 -5.18 0.24
N ASP A 82 -7.36 -6.40 0.57
CA ASP A 82 -7.58 -6.78 1.96
C ASP A 82 -6.60 -7.90 2.36
N LEU A 83 -5.53 -7.51 3.04
CA LEU A 83 -4.52 -8.47 3.49
C LEU A 83 -5.07 -9.33 4.63
N VAL A 84 -4.86 -10.64 4.52
CA VAL A 84 -5.32 -11.57 5.56
C VAL A 84 -4.19 -12.49 6.01
N GLY A 85 -3.96 -12.54 7.31
CA GLY A 85 -2.91 -13.38 7.86
C GLY A 85 -1.82 -12.58 8.55
N LEU A 86 -2.22 -11.82 9.57
CA LEU A 86 -1.27 -11.00 10.32
C LEU A 86 -1.48 -11.16 11.82
N GLU A 87 -0.54 -10.64 12.61
CA GLU A 87 -0.63 -10.73 14.06
C GLU A 87 -1.67 -9.75 14.60
N LYS A 88 -2.09 -9.96 15.84
CA LYS A 88 -3.09 -9.11 16.48
C LYS A 88 -2.41 -8.03 17.33
N TRP A 89 -2.92 -6.82 17.24
CA TRP A 89 -2.36 -5.70 18.00
C TRP A 89 -0.88 -5.52 17.70
N THR A 90 -0.55 -5.54 16.41
CA THR A 90 0.84 -5.37 15.98
C THR A 90 0.93 -4.52 14.72
N GLU A 91 2.02 -3.76 14.60
CA GLU A 91 2.22 -2.90 13.45
C GLU A 91 2.72 -3.70 12.25
N TYR A 92 2.27 -3.33 11.06
CA TYR A 92 2.66 -4.02 9.84
C TYR A 92 2.91 -3.03 8.71
N ARG A 93 4.10 -3.08 8.13
CA ARG A 93 4.46 -2.19 7.04
C ARG A 93 3.99 -2.74 5.70
N VAL A 94 2.99 -2.10 5.11
CA VAL A 94 2.45 -2.53 3.83
C VAL A 94 2.96 -1.65 2.69
N TRP A 95 3.32 -2.28 1.58
CA TRP A 95 3.83 -1.57 0.42
C TRP A 95 3.04 -1.92 -0.83
N VAL A 96 2.30 -0.94 -1.36
CA VAL A 96 1.50 -1.16 -2.56
C VAL A 96 1.92 -0.21 -3.67
N ARG A 97 2.15 -0.75 -4.86
CA ARG A 97 2.56 0.05 -6.01
C ARG A 97 1.85 -0.42 -7.28
N ALA A 98 2.04 0.32 -8.36
CA ALA A 98 1.41 -0.02 -9.63
C ALA A 98 2.43 -0.55 -10.63
N HIS A 99 2.31 -1.83 -10.97
CA HIS A 99 3.23 -2.45 -11.91
C HIS A 99 2.80 -2.19 -13.36
N THR A 100 3.78 -1.89 -14.21
CA THR A 100 3.49 -1.61 -15.61
C THR A 100 4.17 -2.63 -16.52
N ASP A 101 3.68 -2.73 -17.75
CA ASP A 101 4.24 -3.67 -18.72
C ASP A 101 5.73 -3.43 -18.92
N VAL A 102 6.15 -2.18 -18.73
CA VAL A 102 7.55 -1.81 -18.89
C VAL A 102 8.40 -2.38 -17.75
N GLY A 103 7.76 -2.62 -16.62
CA GLY A 103 8.48 -3.16 -15.46
C GLY A 103 8.02 -2.54 -14.16
N PRO A 104 8.30 -3.23 -13.05
CA PRO A 104 7.92 -2.76 -11.71
C PRO A 104 8.72 -1.55 -11.27
N GLY A 105 8.28 -0.92 -10.19
CA GLY A 105 8.98 0.26 -9.68
C GLY A 105 9.13 0.24 -8.18
N PRO A 106 9.57 1.37 -7.60
CA PRO A 106 9.77 1.51 -6.16
C PRO A 106 8.45 1.50 -5.39
N GLU A 107 8.45 0.88 -4.22
CA GLU A 107 7.26 0.81 -3.38
C GLU A 107 6.72 2.21 -3.08
N SER A 108 5.51 2.27 -2.53
CA SER A 108 4.89 3.54 -2.20
C SER A 108 5.07 3.87 -0.73
N SER A 109 4.50 4.99 -0.30
CA SER A 109 4.61 5.42 1.10
C SER A 109 4.00 4.38 2.02
N PRO A 110 4.85 3.75 2.84
CA PRO A 110 4.41 2.72 3.79
C PRO A 110 3.61 3.30 4.95
N VAL A 111 2.37 2.84 5.09
CA VAL A 111 1.50 3.32 6.15
C VAL A 111 1.53 2.39 7.35
N LEU A 112 1.86 2.94 8.51
CA LEU A 112 1.93 2.14 9.74
C LEU A 112 0.54 1.96 10.34
N VAL A 113 0.09 0.72 10.41
CA VAL A 113 -1.22 0.40 10.97
C VAL A 113 -1.11 -0.66 12.05
N ARG A 114 -1.84 -0.46 13.15
CA ARG A 114 -1.82 -1.40 14.27
C ARG A 114 -3.15 -2.14 14.36
N THR A 115 -3.13 -3.43 14.01
CA THR A 115 -4.33 -4.25 14.07
C THR A 115 -5.03 -4.12 15.41
N ASP A 116 -6.34 -4.39 15.43
CA ASP A 116 -7.12 -4.31 16.66
C ASP A 116 -6.46 -5.12 17.77
N GLU A 117 -6.81 -4.79 19.01
CA GLU A 117 -6.25 -5.49 20.17
C GLU A 117 -7.23 -6.54 20.68
N ASP A 118 -6.69 -7.65 21.16
CA ASP A 118 -7.51 -8.74 21.69
C ASP A 118 -7.76 -8.56 23.18
N VAL A 119 -6.69 -8.38 23.94
CA VAL A 119 -6.79 -8.20 25.38
C VAL A 119 -7.10 -6.75 25.73
N PRO A 120 -7.75 -6.54 26.88
CA PRO A 120 -8.12 -5.20 27.36
C PRO A 120 -6.91 -4.38 27.78
N SER A 121 -5.73 -4.95 27.61
CA SER A 121 -4.48 -4.27 27.98
C SER A 121 -4.59 -2.78 27.72
N GLY A 122 -4.30 -1.98 28.75
CA GLY A 122 -4.36 -0.54 28.62
C GLY A 122 -5.79 -0.05 28.44
N PRO A 123 -5.94 1.29 28.40
CA PRO A 123 -7.26 1.92 28.24
C PRO A 123 -7.83 1.71 26.84
N PRO A 124 -9.16 1.58 26.76
CA PRO A 124 -9.87 1.38 25.49
C PRO A 124 -9.83 2.62 24.61
N ARG A 125 -8.94 2.61 23.62
CA ARG A 125 -8.79 3.74 22.70
C ARG A 125 -9.93 3.74 21.67
N LYS A 126 -10.37 4.94 21.29
CA LYS A 126 -11.44 5.07 20.33
C LYS A 126 -10.89 5.45 18.95
N VAL A 127 -11.20 4.63 17.95
CA VAL A 127 -10.73 4.88 16.59
C VAL A 127 -11.90 4.89 15.61
N GLU A 128 -11.82 5.77 14.62
CA GLU A 128 -12.88 5.88 13.61
C GLU A 128 -12.29 6.32 12.26
N SER A 129 -12.45 5.47 11.26
CA SER A 129 -11.93 5.76 9.93
C SER A 129 -13.01 6.41 9.06
N GLY A 130 -12.61 7.40 8.27
CA GLY A 130 -13.55 8.09 7.41
C GLY A 130 -12.90 9.21 6.62
N PRO A 131 -12.68 8.97 5.31
CA PRO A 131 -12.06 9.96 4.42
C PRO A 131 -12.97 11.15 4.16
N SER A 132 -12.80 12.20 4.93
CA SER A 132 -13.62 13.41 4.78
C SER A 132 -12.85 14.65 5.23
N SER A 133 -13.19 15.79 4.66
CA SER A 133 -12.53 17.05 4.99
C SER A 133 -13.47 17.95 5.80
N GLY A 134 -14.63 18.25 5.23
CA GLY A 134 -15.59 19.11 5.91
C GLY A 134 -16.66 19.63 4.97
N GLY A 1 25.10 -9.83 -35.30
CA GLY A 1 25.84 -9.69 -34.06
C GLY A 1 25.42 -10.71 -33.02
N SER A 2 26.40 -11.30 -32.35
CA SER A 2 26.13 -12.31 -31.32
C SER A 2 25.08 -11.80 -30.34
N SER A 3 25.40 -10.71 -29.64
CA SER A 3 24.49 -10.13 -28.67
C SER A 3 23.46 -9.23 -29.35
N GLY A 4 22.24 -9.75 -29.52
CA GLY A 4 21.20 -8.97 -30.15
C GLY A 4 19.82 -9.52 -29.86
N SER A 5 19.59 -9.93 -28.61
CA SER A 5 18.31 -10.49 -28.20
C SER A 5 17.42 -9.40 -27.60
N SER A 6 16.77 -8.63 -28.47
CA SER A 6 15.89 -7.56 -28.02
C SER A 6 14.83 -7.25 -29.08
N GLY A 7 13.66 -6.82 -28.62
CA GLY A 7 12.58 -6.49 -29.53
C GLY A 7 11.59 -5.50 -28.94
N THR A 8 12.11 -4.38 -28.47
CA THR A 8 11.27 -3.35 -27.87
C THR A 8 11.06 -2.18 -28.84
N ILE A 9 9.80 -1.79 -29.02
CA ILE A 9 9.47 -0.69 -29.91
C ILE A 9 9.00 0.54 -29.13
N GLU A 10 8.91 1.66 -29.81
CA GLU A 10 8.48 2.91 -29.18
C GLU A 10 6.95 3.03 -29.19
N ALA A 11 6.36 3.11 -28.01
CA ALA A 11 4.92 3.23 -27.87
C ALA A 11 4.50 4.68 -27.62
N ARG A 12 3.21 4.96 -27.80
CA ARG A 12 2.69 6.30 -27.59
C ARG A 12 1.64 6.31 -26.49
N THR A 13 1.67 5.29 -25.64
CA THR A 13 0.71 5.19 -24.55
C THR A 13 1.42 4.99 -23.22
N ALA A 14 2.13 3.86 -23.07
CA ALA A 14 2.85 3.56 -21.85
C ALA A 14 4.35 3.76 -22.04
N GLN A 15 4.89 4.79 -21.41
CA GLN A 15 6.31 5.09 -21.50
C GLN A 15 7.10 4.38 -20.40
N SER A 16 6.99 4.88 -19.19
CA SER A 16 7.69 4.30 -18.05
C SER A 16 6.76 4.17 -16.85
N THR A 17 7.27 3.56 -15.78
CA THR A 17 6.49 3.37 -14.56
C THR A 17 6.03 4.71 -13.99
N PRO A 18 4.89 4.69 -13.29
CA PRO A 18 4.32 5.90 -12.68
C PRO A 18 5.15 6.39 -11.50
N SER A 19 5.17 7.71 -11.31
CA SER A 19 5.93 8.32 -10.21
C SER A 19 5.03 8.57 -9.01
N ALA A 20 3.91 9.24 -9.24
CA ALA A 20 2.96 9.55 -8.17
C ALA A 20 2.14 8.31 -7.79
N PRO A 21 1.29 7.87 -8.71
CA PRO A 21 0.43 6.70 -8.50
C PRO A 21 1.23 5.40 -8.47
N PRO A 22 0.88 4.52 -7.51
CA PRO A 22 -0.18 4.78 -6.54
C PRO A 22 0.19 5.87 -5.54
N GLN A 23 -0.73 6.80 -5.33
CA GLN A 23 -0.49 7.90 -4.40
C GLN A 23 -1.50 7.88 -3.27
N LYS A 24 -1.36 8.81 -2.32
CA LYS A 24 -2.27 8.90 -1.19
C LYS A 24 -2.69 7.51 -0.71
N VAL A 25 -1.71 6.65 -0.50
CA VAL A 25 -1.97 5.28 -0.04
C VAL A 25 -2.41 5.27 1.41
N MET A 26 -3.69 5.01 1.63
CA MET A 26 -4.24 4.96 2.98
C MET A 26 -4.56 3.53 3.40
N CYS A 27 -3.98 3.09 4.51
CA CYS A 27 -4.20 1.74 5.02
C CYS A 27 -4.92 1.77 6.35
N VAL A 28 -5.93 0.92 6.49
CA VAL A 28 -6.71 0.84 7.72
C VAL A 28 -6.89 -0.60 8.17
N SER A 29 -6.85 -0.82 9.48
CA SER A 29 -7.02 -2.16 10.04
C SER A 29 -8.48 -2.59 10.01
N MET A 30 -8.77 -3.61 9.20
CA MET A 30 -10.14 -4.12 9.08
C MET A 30 -10.57 -4.84 10.36
N GLY A 31 -9.66 -5.63 10.91
CA GLY A 31 -9.97 -6.36 12.13
C GLY A 31 -8.74 -6.55 13.01
N SER A 32 -8.36 -7.81 13.22
CA SER A 32 -7.21 -8.11 14.06
C SER A 32 -6.12 -8.82 13.24
N THR A 33 -6.55 -9.59 12.25
CA THR A 33 -5.62 -10.32 11.39
C THR A 33 -5.82 -9.97 9.93
N THR A 34 -6.55 -8.88 9.68
CA THR A 34 -6.82 -8.43 8.32
C THR A 34 -6.67 -6.92 8.20
N VAL A 35 -6.13 -6.48 7.08
CA VAL A 35 -5.93 -5.05 6.84
C VAL A 35 -6.45 -4.65 5.46
N ARG A 36 -6.98 -3.43 5.37
CA ARG A 36 -7.52 -2.93 4.10
C ARG A 36 -6.73 -1.72 3.63
N VAL A 37 -6.08 -1.84 2.48
CA VAL A 37 -5.30 -0.75 1.91
C VAL A 37 -5.90 -0.26 0.60
N SER A 38 -5.95 1.06 0.43
CA SER A 38 -6.50 1.65 -0.78
C SER A 38 -5.62 2.80 -1.27
N TRP A 39 -5.53 2.93 -2.59
CA TRP A 39 -4.71 3.99 -3.19
C TRP A 39 -5.48 4.69 -4.32
N VAL A 40 -5.07 5.91 -4.62
CA VAL A 40 -5.71 6.69 -5.68
C VAL A 40 -5.32 6.17 -7.07
N PRO A 41 -6.31 5.71 -7.83
CA PRO A 41 -6.09 5.18 -9.19
C PRO A 41 -5.70 6.27 -10.17
N PRO A 42 -4.73 5.95 -11.04
CA PRO A 42 -4.24 6.89 -12.06
C PRO A 42 -5.27 7.16 -13.15
N PRO A 43 -5.68 8.43 -13.29
CA PRO A 43 -6.66 8.84 -14.29
C PRO A 43 -6.12 8.76 -15.71
N ALA A 44 -6.78 7.99 -16.56
CA ALA A 44 -6.37 7.83 -17.94
C ALA A 44 -6.17 9.18 -18.62
N ASP A 45 -6.74 10.23 -18.02
CA ASP A 45 -6.62 11.58 -18.56
C ASP A 45 -5.19 12.09 -18.41
N SER A 46 -4.61 11.90 -17.23
CA SER A 46 -3.25 12.34 -16.96
C SER A 46 -2.43 11.22 -16.35
N ARG A 47 -1.72 10.48 -17.22
CA ARG A 47 -0.89 9.37 -16.77
C ARG A 47 0.24 9.11 -17.76
N ASN A 48 1.28 8.42 -17.30
CA ASN A 48 2.43 8.11 -18.15
C ASN A 48 2.70 6.61 -18.16
N GLY A 49 1.82 5.85 -17.51
CA GLY A 49 1.97 4.40 -17.46
C GLY A 49 0.65 3.68 -17.37
N VAL A 50 0.47 2.68 -18.22
CA VAL A 50 -0.76 1.90 -18.23
C VAL A 50 -0.73 0.78 -17.19
N ILE A 51 -1.45 0.97 -16.10
CA ILE A 51 -1.50 -0.02 -15.04
C ILE A 51 -2.10 -1.33 -15.52
N THR A 52 -1.34 -2.42 -15.40
CA THR A 52 -1.81 -3.73 -15.83
C THR A 52 -2.04 -4.65 -14.64
N GLN A 53 -1.48 -4.27 -13.48
CA GLN A 53 -1.64 -5.06 -12.27
C GLN A 53 -1.09 -4.31 -11.06
N TYR A 54 -1.58 -4.66 -9.88
CA TYR A 54 -1.14 -4.03 -8.65
C TYR A 54 -0.51 -5.05 -7.69
N SER A 55 0.52 -4.62 -6.98
CA SER A 55 1.20 -5.50 -6.04
C SER A 55 1.15 -4.92 -4.63
N VAL A 56 1.05 -5.80 -3.63
CA VAL A 56 0.99 -5.38 -2.24
C VAL A 56 1.86 -6.28 -1.36
N ALA A 57 2.68 -5.66 -0.52
CA ALA A 57 3.55 -6.40 0.38
C ALA A 57 3.34 -5.98 1.83
N TYR A 58 3.52 -6.92 2.75
CA TYR A 58 3.34 -6.66 4.17
C TYR A 58 4.41 -7.36 5.00
N GLU A 59 4.96 -6.64 5.97
CA GLU A 59 6.00 -7.20 6.83
C GLU A 59 5.86 -6.67 8.25
N ALA A 60 5.95 -7.57 9.22
CA ALA A 60 5.83 -7.21 10.63
C ALA A 60 7.09 -6.51 11.12
N VAL A 61 6.92 -5.32 11.69
CA VAL A 61 8.05 -4.55 12.20
C VAL A 61 8.27 -4.82 13.70
N ASP A 62 7.19 -5.13 14.40
CA ASP A 62 7.27 -5.41 15.82
C ASP A 62 6.65 -6.77 16.14
N GLY A 63 6.92 -7.75 15.29
CA GLY A 63 6.38 -9.08 15.50
C GLY A 63 7.46 -10.12 15.73
N GLU A 64 7.09 -11.39 15.65
CA GLU A 64 8.04 -12.47 15.85
C GLU A 64 8.80 -12.79 14.56
N ASP A 65 8.10 -12.69 13.44
CA ASP A 65 8.69 -12.97 12.14
C ASP A 65 8.80 -11.69 11.31
N ARG A 66 10.03 -11.32 10.98
CA ARG A 66 10.27 -10.10 10.19
C ARG A 66 10.24 -10.42 8.69
N GLY A 67 9.66 -11.57 8.35
CA GLY A 67 9.58 -11.97 6.96
C GLY A 67 8.51 -11.20 6.20
N ARG A 68 8.93 -10.51 5.14
CA ARG A 68 7.99 -9.73 4.33
C ARG A 68 7.27 -10.63 3.32
N HIS A 69 5.98 -10.37 3.13
CA HIS A 69 5.18 -11.15 2.19
C HIS A 69 4.76 -10.30 1.00
N VAL A 70 4.36 -10.96 -0.09
CA VAL A 70 3.93 -10.27 -1.30
C VAL A 70 2.67 -10.90 -1.87
N VAL A 71 1.75 -10.06 -2.33
CA VAL A 71 0.51 -10.53 -2.92
C VAL A 71 0.56 -10.52 -4.44
N ASP A 72 0.16 -11.63 -5.04
CA ASP A 72 0.18 -11.75 -6.50
C ASP A 72 -1.22 -12.08 -7.03
N GLY A 73 -1.50 -11.63 -8.24
CA GLY A 73 -2.81 -11.88 -8.84
C GLY A 73 -3.86 -10.90 -8.38
N ILE A 74 -3.57 -9.61 -8.51
CA ILE A 74 -4.49 -8.57 -8.10
C ILE A 74 -5.08 -7.84 -9.31
N SER A 75 -6.40 -7.68 -9.32
CA SER A 75 -7.08 -7.00 -10.42
C SER A 75 -6.64 -5.54 -10.51
N ARG A 76 -6.29 -5.10 -11.72
CA ARG A 76 -5.85 -3.74 -11.94
C ARG A 76 -7.00 -2.75 -11.67
N GLU A 77 -8.23 -3.25 -11.72
CA GLU A 77 -9.39 -2.42 -11.48
C GLU A 77 -9.64 -2.23 -9.98
N HIS A 78 -8.82 -2.90 -9.17
CA HIS A 78 -8.95 -2.81 -7.72
C HIS A 78 -7.84 -1.94 -7.13
N SER A 79 -8.18 -0.71 -6.77
CA SER A 79 -7.20 0.21 -6.21
C SER A 79 -7.03 -0.05 -4.71
N SER A 80 -7.53 -1.18 -4.25
CA SER A 80 -7.43 -1.54 -2.83
C SER A 80 -7.28 -3.05 -2.67
N TRP A 81 -6.85 -3.47 -1.48
CA TRP A 81 -6.67 -4.89 -1.20
C TRP A 81 -6.88 -5.18 0.28
N ASP A 82 -7.28 -6.41 0.59
CA ASP A 82 -7.52 -6.81 1.97
C ASP A 82 -6.56 -7.92 2.39
N LEU A 83 -5.55 -7.55 3.17
CA LEU A 83 -4.55 -8.51 3.65
C LEU A 83 -5.17 -9.47 4.65
N VAL A 84 -4.71 -10.72 4.62
CA VAL A 84 -5.21 -11.74 5.54
C VAL A 84 -4.10 -12.68 5.98
N GLY A 85 -3.93 -12.83 7.29
CA GLY A 85 -2.90 -13.70 7.82
C GLY A 85 -1.81 -12.93 8.55
N LEU A 86 -2.22 -11.94 9.33
CA LEU A 86 -1.27 -11.12 10.09
C LEU A 86 -1.46 -11.34 11.59
N GLU A 87 -0.51 -10.85 12.37
CA GLU A 87 -0.57 -10.97 13.82
C GLU A 87 -1.56 -9.99 14.42
N LYS A 88 -2.11 -10.34 15.59
CA LYS A 88 -3.06 -9.48 16.27
C LYS A 88 -2.36 -8.44 17.13
N TRP A 89 -2.90 -7.23 17.14
CA TRP A 89 -2.32 -6.14 17.94
C TRP A 89 -0.84 -5.96 17.60
N THR A 90 -0.55 -5.83 16.31
CA THR A 90 0.83 -5.65 15.86
C THR A 90 0.88 -4.77 14.62
N GLU A 91 1.86 -3.86 14.58
CA GLU A 91 2.03 -2.96 13.45
C GLU A 91 2.56 -3.70 12.23
N TYR A 92 2.14 -3.28 11.05
CA TYR A 92 2.57 -3.90 9.82
C TYR A 92 2.77 -2.87 8.71
N ARG A 93 3.95 -2.87 8.10
CA ARG A 93 4.27 -1.93 7.03
C ARG A 93 3.83 -2.48 5.68
N VAL A 94 2.79 -1.88 5.12
CA VAL A 94 2.27 -2.31 3.82
C VAL A 94 2.81 -1.44 2.69
N TRP A 95 3.29 -2.08 1.63
CA TRP A 95 3.85 -1.37 0.49
C TRP A 95 3.11 -1.74 -0.79
N VAL A 96 2.43 -0.76 -1.37
CA VAL A 96 1.68 -0.99 -2.61
C VAL A 96 2.27 -0.18 -3.77
N ARG A 97 2.44 -0.84 -4.91
CA ARG A 97 3.00 -0.19 -6.09
C ARG A 97 2.21 -0.57 -7.34
N ALA A 98 2.36 0.23 -8.39
CA ALA A 98 1.67 -0.02 -9.65
C ALA A 98 2.61 -0.61 -10.68
N HIS A 99 2.16 -1.65 -11.37
CA HIS A 99 2.97 -2.31 -12.40
C HIS A 99 2.41 -2.02 -13.79
N THR A 100 3.30 -1.61 -14.70
CA THR A 100 2.89 -1.29 -16.06
C THR A 100 3.46 -2.31 -17.05
N ASP A 101 3.01 -2.24 -18.29
CA ASP A 101 3.47 -3.15 -19.33
C ASP A 101 4.92 -2.85 -19.71
N VAL A 102 5.46 -1.76 -19.17
CA VAL A 102 6.83 -1.36 -19.45
C VAL A 102 7.80 -1.94 -18.41
N GLY A 103 7.25 -2.32 -17.26
CA GLY A 103 8.07 -2.88 -16.19
C GLY A 103 7.56 -2.52 -14.82
N PRO A 104 8.18 -3.12 -13.78
CA PRO A 104 7.80 -2.88 -12.39
C PRO A 104 8.17 -1.47 -11.92
N GLY A 105 7.61 -1.07 -10.78
CA GLY A 105 7.90 0.26 -10.25
C GLY A 105 8.38 0.21 -8.82
N PRO A 106 8.73 1.39 -8.27
CA PRO A 106 9.22 1.50 -6.89
C PRO A 106 8.12 1.24 -5.86
N GLU A 107 8.38 1.62 -4.61
CA GLU A 107 7.41 1.43 -3.54
C GLU A 107 6.77 2.75 -3.16
N SER A 108 5.66 2.68 -2.43
CA SER A 108 4.94 3.87 -2.00
C SER A 108 5.14 4.11 -0.50
N SER A 109 4.55 5.20 0.00
CA SER A 109 4.67 5.55 1.41
C SER A 109 4.02 4.48 2.29
N PRO A 110 4.84 3.86 3.14
CA PRO A 110 4.37 2.81 4.06
C PRO A 110 3.47 3.36 5.16
N VAL A 111 2.27 2.79 5.29
CA VAL A 111 1.31 3.21 6.30
C VAL A 111 1.33 2.28 7.50
N LEU A 112 1.68 2.81 8.66
CA LEU A 112 1.73 2.02 9.89
C LEU A 112 0.34 1.83 10.47
N VAL A 113 -0.12 0.58 10.50
CA VAL A 113 -1.44 0.26 11.02
C VAL A 113 -1.35 -0.79 12.12
N ARG A 114 -2.06 -0.57 13.22
CA ARG A 114 -2.07 -1.50 14.33
C ARG A 114 -3.38 -2.28 14.40
N THR A 115 -3.30 -3.57 14.10
CA THR A 115 -4.49 -4.43 14.11
C THR A 115 -5.15 -4.42 15.48
N ASP A 116 -6.47 -4.59 15.49
CA ASP A 116 -7.23 -4.60 16.74
C ASP A 116 -6.60 -5.57 17.75
N GLU A 117 -6.76 -5.25 19.04
CA GLU A 117 -6.21 -6.08 20.10
C GLU A 117 -7.18 -7.17 20.49
N ASP A 118 -6.68 -8.21 21.15
CA ASP A 118 -7.51 -9.32 21.60
C ASP A 118 -8.08 -9.06 22.99
N VAL A 119 -7.25 -8.52 23.87
CA VAL A 119 -7.67 -8.22 25.23
C VAL A 119 -8.30 -6.83 25.32
N PRO A 120 -9.38 -6.71 26.10
CA PRO A 120 -10.08 -5.44 26.29
C PRO A 120 -9.26 -4.44 27.10
N SER A 121 -8.04 -4.82 27.44
CA SER A 121 -7.16 -3.96 28.22
C SER A 121 -6.00 -3.46 27.36
N GLY A 122 -5.33 -2.40 27.83
CA GLY A 122 -4.22 -1.83 27.10
C GLY A 122 -3.54 -0.69 27.83
N PRO A 123 -2.22 -0.78 27.99
CA PRO A 123 -1.44 0.25 28.69
C PRO A 123 -1.35 1.55 27.90
N PRO A 124 -1.15 2.66 28.62
CA PRO A 124 -1.05 3.99 28.00
C PRO A 124 0.24 4.15 27.18
N ARG A 125 0.17 3.82 25.90
CA ARG A 125 1.32 3.94 25.02
C ARG A 125 1.74 5.40 24.86
N LYS A 126 3.06 5.62 24.77
CA LYS A 126 3.60 6.96 24.61
C LYS A 126 4.88 6.94 23.79
N VAL A 127 5.00 7.87 22.84
CA VAL A 127 6.18 7.96 22.00
C VAL A 127 7.45 7.66 22.80
N GLU A 128 8.05 6.51 22.53
CA GLU A 128 9.26 6.10 23.22
C GLU A 128 9.94 4.93 22.51
N SER A 129 11.20 5.11 22.15
CA SER A 129 11.95 4.07 21.46
C SER A 129 11.98 2.77 22.28
N GLY A 130 11.99 1.64 21.60
CA GLY A 130 12.01 0.36 22.27
C GLY A 130 13.18 -0.51 21.84
N PRO A 131 14.35 -0.29 22.45
CA PRO A 131 15.57 -1.06 22.13
C PRO A 131 15.48 -2.51 22.60
N SER A 132 14.73 -2.73 23.68
CA SER A 132 14.57 -4.07 24.22
C SER A 132 14.25 -5.07 23.11
N SER A 133 15.10 -6.08 22.97
CA SER A 133 14.91 -7.11 21.95
C SER A 133 15.47 -8.45 22.42
N GLY A 134 14.95 -9.53 21.84
CA GLY A 134 15.41 -10.86 22.20
C GLY A 134 14.35 -11.66 22.95
N GLY A 1 -23.63 27.19 -43.30
CA GLY A 1 -24.26 26.82 -42.04
C GLY A 1 -23.70 25.53 -41.47
N SER A 2 -22.53 25.60 -40.85
CA SER A 2 -21.90 24.43 -40.27
C SER A 2 -20.75 24.83 -39.35
N SER A 3 -20.69 24.20 -38.18
CA SER A 3 -19.64 24.48 -37.21
C SER A 3 -18.87 23.22 -36.85
N GLY A 4 -17.54 23.32 -36.89
CA GLY A 4 -16.71 22.18 -36.56
C GLY A 4 -15.35 22.24 -37.23
N SER A 5 -14.34 21.67 -36.58
CA SER A 5 -12.99 21.67 -37.11
C SER A 5 -12.47 20.25 -37.28
N SER A 6 -11.48 20.07 -38.16
CA SER A 6 -10.90 18.77 -38.41
C SER A 6 -9.61 18.58 -37.62
N GLY A 7 -9.60 17.58 -36.74
CA GLY A 7 -8.42 17.32 -35.94
C GLY A 7 -8.52 16.01 -35.18
N THR A 8 -7.57 15.12 -35.43
CA THR A 8 -7.55 13.81 -34.77
C THR A 8 -6.91 13.91 -33.40
N ILE A 9 -7.63 13.47 -32.37
CA ILE A 9 -7.12 13.51 -31.00
C ILE A 9 -6.80 12.11 -30.51
N GLU A 10 -5.55 11.92 -30.08
CA GLU A 10 -5.11 10.63 -29.57
C GLU A 10 -3.97 10.79 -28.58
N ALA A 11 -3.89 9.87 -27.62
CA ALA A 11 -2.84 9.91 -26.61
C ALA A 11 -2.42 8.50 -26.19
N ARG A 12 -1.14 8.19 -26.39
CA ARG A 12 -0.61 6.88 -26.04
C ARG A 12 0.03 6.90 -24.66
N THR A 13 -0.64 6.29 -23.69
CA THR A 13 -0.15 6.25 -22.32
C THR A 13 0.56 4.93 -22.05
N ALA A 14 1.87 4.89 -22.32
CA ALA A 14 2.66 3.69 -22.11
C ALA A 14 4.14 3.96 -22.37
N GLN A 15 4.96 2.91 -22.25
CA GLN A 15 6.39 3.03 -22.47
C GLN A 15 7.07 3.75 -21.32
N SER A 16 6.48 3.64 -20.13
CA SER A 16 7.03 4.29 -18.94
C SER A 16 6.27 3.87 -17.70
N THR A 17 6.80 4.23 -16.54
CA THR A 17 6.16 3.90 -15.26
C THR A 17 5.62 5.14 -14.58
N PRO A 18 4.57 4.94 -13.76
CA PRO A 18 3.93 6.04 -13.02
C PRO A 18 4.82 6.59 -11.91
N SER A 19 4.43 7.74 -11.37
CA SER A 19 5.20 8.37 -10.30
C SER A 19 4.38 8.47 -9.03
N ALA A 20 3.34 9.29 -9.05
CA ALA A 20 2.47 9.47 -7.90
C ALA A 20 1.71 8.20 -7.58
N PRO A 21 0.90 7.73 -8.55
CA PRO A 21 0.10 6.51 -8.39
C PRO A 21 0.96 5.26 -8.37
N PRO A 22 0.71 4.38 -7.39
CA PRO A 22 -0.33 4.60 -6.38
C PRO A 22 0.02 5.73 -5.42
N GLN A 23 -0.89 6.68 -5.27
CA GLN A 23 -0.66 7.82 -4.38
C GLN A 23 -1.70 7.84 -3.26
N LYS A 24 -1.57 8.81 -2.37
CA LYS A 24 -2.49 8.94 -1.24
C LYS A 24 -2.86 7.57 -0.68
N VAL A 25 -1.88 6.68 -0.61
CA VAL A 25 -2.10 5.34 -0.09
C VAL A 25 -2.49 5.38 1.38
N MET A 26 -3.75 5.03 1.67
CA MET A 26 -4.25 5.01 3.03
C MET A 26 -4.61 3.61 3.47
N CYS A 27 -3.88 3.09 4.45
CA CYS A 27 -4.13 1.74 4.95
C CYS A 27 -4.90 1.79 6.28
N VAL A 28 -5.80 0.84 6.46
CA VAL A 28 -6.60 0.78 7.68
C VAL A 28 -6.79 -0.67 8.13
N SER A 29 -6.65 -0.89 9.44
CA SER A 29 -6.81 -2.22 10.01
C SER A 29 -8.27 -2.65 10.00
N MET A 30 -8.61 -3.56 9.09
CA MET A 30 -9.97 -4.05 8.97
C MET A 30 -10.42 -4.70 10.27
N GLY A 31 -9.54 -5.46 10.90
CA GLY A 31 -9.86 -6.12 12.15
C GLY A 31 -8.64 -6.37 13.01
N SER A 32 -8.31 -7.64 13.22
CA SER A 32 -7.17 -8.01 14.04
C SER A 32 -6.10 -8.71 13.21
N THR A 33 -6.55 -9.56 12.29
CA THR A 33 -5.64 -10.30 11.42
C THR A 33 -5.89 -9.97 9.95
N THR A 34 -6.61 -8.87 9.72
CA THR A 34 -6.92 -8.44 8.36
C THR A 34 -6.72 -6.94 8.19
N VAL A 35 -6.14 -6.54 7.06
CA VAL A 35 -5.90 -5.14 6.78
C VAL A 35 -6.43 -4.75 5.41
N ARG A 36 -6.94 -3.52 5.31
CA ARG A 36 -7.49 -3.02 4.05
C ARG A 36 -6.74 -1.79 3.57
N VAL A 37 -5.94 -1.95 2.53
CA VAL A 37 -5.16 -0.84 1.97
C VAL A 37 -5.78 -0.33 0.68
N SER A 38 -5.88 0.99 0.57
CA SER A 38 -6.46 1.61 -0.61
C SER A 38 -5.57 2.75 -1.11
N TRP A 39 -5.46 2.87 -2.43
CA TRP A 39 -4.65 3.92 -3.04
C TRP A 39 -5.40 4.60 -4.18
N VAL A 40 -4.98 5.82 -4.52
CA VAL A 40 -5.62 6.57 -5.59
C VAL A 40 -5.05 6.18 -6.95
N PRO A 41 -5.93 5.80 -7.88
CA PRO A 41 -5.54 5.39 -9.23
C PRO A 41 -5.03 6.56 -10.06
N PRO A 42 -4.31 6.25 -11.15
CA PRO A 42 -3.76 7.27 -12.06
C PRO A 42 -4.84 7.99 -12.85
N PRO A 43 -4.82 9.33 -12.79
CA PRO A 43 -5.78 10.16 -13.50
C PRO A 43 -5.59 10.13 -15.02
N ALA A 44 -6.69 10.21 -15.76
CA ALA A 44 -6.63 10.19 -17.21
C ALA A 44 -6.23 11.56 -17.77
N ASP A 45 -5.22 12.16 -17.16
CA ASP A 45 -4.75 13.47 -17.60
C ASP A 45 -3.22 13.54 -17.56
N SER A 46 -2.60 13.54 -18.73
CA SER A 46 -1.15 13.58 -18.83
C SER A 46 -0.51 12.39 -18.14
N ARG A 47 -1.25 11.30 -18.06
CA ARG A 47 -0.77 10.09 -17.40
C ARG A 47 0.56 9.63 -18.02
N ASN A 48 1.31 8.84 -17.26
CA ASN A 48 2.61 8.36 -17.73
C ASN A 48 2.43 7.09 -18.57
N GLY A 49 1.94 6.02 -17.93
CA GLY A 49 1.74 4.76 -18.63
C GLY A 49 0.40 4.13 -18.31
N VAL A 50 0.33 2.82 -18.44
CA VAL A 50 -0.90 2.09 -18.16
C VAL A 50 -0.67 0.97 -17.14
N ILE A 51 -1.40 1.03 -16.04
CA ILE A 51 -1.27 0.02 -14.99
C ILE A 51 -1.89 -1.30 -15.42
N THR A 52 -1.07 -2.35 -15.51
CA THR A 52 -1.54 -3.66 -15.91
C THR A 52 -1.91 -4.50 -14.70
N GLN A 53 -1.36 -4.15 -13.54
CA GLN A 53 -1.64 -4.87 -12.30
C GLN A 53 -1.07 -4.13 -11.10
N TYR A 54 -1.45 -4.56 -9.91
CA TYR A 54 -0.99 -3.94 -8.67
C TYR A 54 -0.39 -4.98 -7.73
N SER A 55 0.78 -4.65 -7.17
CA SER A 55 1.46 -5.56 -6.26
C SER A 55 1.43 -5.02 -4.84
N VAL A 56 0.95 -5.83 -3.90
CA VAL A 56 0.85 -5.44 -2.51
C VAL A 56 1.78 -6.29 -1.64
N ALA A 57 2.29 -5.69 -0.56
CA ALA A 57 3.18 -6.38 0.35
C ALA A 57 3.03 -5.86 1.77
N TYR A 58 3.31 -6.71 2.75
CA TYR A 58 3.19 -6.35 4.16
C TYR A 58 4.22 -7.10 5.00
N GLU A 59 4.83 -6.39 5.95
CA GLU A 59 5.83 -6.98 6.82
C GLU A 59 5.75 -6.38 8.22
N ALA A 60 5.88 -7.24 9.24
CA ALA A 60 5.83 -6.79 10.62
C ALA A 60 7.14 -6.13 11.04
N VAL A 61 7.06 -4.86 11.43
CA VAL A 61 8.24 -4.12 11.86
C VAL A 61 8.48 -4.27 13.35
N ASP A 62 7.40 -4.47 14.11
CA ASP A 62 7.50 -4.64 15.55
C ASP A 62 6.86 -5.94 15.99
N GLY A 63 6.90 -6.94 15.11
CA GLY A 63 6.32 -8.24 15.43
C GLY A 63 7.36 -9.27 15.79
N GLU A 64 6.96 -10.54 15.82
CA GLU A 64 7.87 -11.62 16.15
C GLU A 64 8.65 -12.09 14.92
N ASP A 65 7.95 -12.16 13.79
CA ASP A 65 8.56 -12.58 12.53
C ASP A 65 8.72 -11.41 11.58
N ARG A 66 9.94 -11.22 11.09
CA ARG A 66 10.23 -10.12 10.17
C ARG A 66 10.07 -10.58 8.72
N GLY A 67 9.26 -11.62 8.51
CA GLY A 67 9.03 -12.13 7.18
C GLY A 67 8.01 -11.32 6.41
N ARG A 68 8.45 -10.68 5.33
CA ARG A 68 7.56 -9.86 4.51
C ARG A 68 6.79 -10.72 3.52
N HIS A 69 5.52 -10.39 3.33
CA HIS A 69 4.66 -11.15 2.42
C HIS A 69 4.36 -10.33 1.16
N VAL A 70 3.98 -11.00 0.09
CA VAL A 70 3.66 -10.35 -1.16
C VAL A 70 2.45 -10.99 -1.83
N VAL A 71 1.47 -10.16 -2.18
CA VAL A 71 0.25 -10.64 -2.83
C VAL A 71 0.42 -10.71 -4.34
N ASP A 72 -0.01 -11.82 -4.93
CA ASP A 72 0.10 -12.00 -6.38
C ASP A 72 -1.27 -12.30 -6.98
N GLY A 73 -1.46 -11.91 -8.24
CA GLY A 73 -2.71 -12.15 -8.91
C GLY A 73 -3.76 -11.10 -8.56
N ILE A 74 -3.38 -9.83 -8.62
CA ILE A 74 -4.30 -8.74 -8.30
C ILE A 74 -4.74 -8.02 -9.57
N SER A 75 -6.05 -7.83 -9.71
CA SER A 75 -6.61 -7.16 -10.88
C SER A 75 -6.24 -5.68 -10.87
N ARG A 76 -5.87 -5.17 -12.03
CA ARG A 76 -5.49 -3.76 -12.17
C ARG A 76 -6.67 -2.85 -11.81
N GLU A 77 -7.87 -3.40 -11.87
CA GLU A 77 -9.08 -2.64 -11.55
C GLU A 77 -9.36 -2.65 -10.05
N HIS A 78 -8.32 -2.90 -9.27
CA HIS A 78 -8.45 -2.94 -7.82
C HIS A 78 -7.50 -1.96 -7.15
N SER A 79 -8.04 -0.81 -6.73
CA SER A 79 -7.24 0.22 -6.09
C SER A 79 -7.11 -0.05 -4.59
N SER A 80 -7.50 -1.25 -4.18
CA SER A 80 -7.43 -1.63 -2.77
C SER A 80 -7.33 -3.15 -2.63
N TRP A 81 -6.88 -3.60 -1.46
CA TRP A 81 -6.73 -5.02 -1.20
C TRP A 81 -6.94 -5.33 0.28
N ASP A 82 -7.41 -6.53 0.58
CA ASP A 82 -7.65 -6.95 1.96
C ASP A 82 -6.70 -8.07 2.36
N LEU A 83 -5.64 -7.71 3.07
CA LEU A 83 -4.66 -8.69 3.52
C LEU A 83 -5.21 -9.55 4.66
N VAL A 84 -4.82 -10.82 4.68
CA VAL A 84 -5.27 -11.73 5.73
C VAL A 84 -4.13 -12.61 6.23
N GLY A 85 -4.07 -12.79 7.54
CA GLY A 85 -3.02 -13.60 8.12
C GLY A 85 -1.94 -12.77 8.79
N LEU A 86 -2.34 -11.94 9.75
CA LEU A 86 -1.39 -11.08 10.46
C LEU A 86 -1.58 -11.19 11.97
N GLU A 87 -0.57 -10.77 12.72
CA GLU A 87 -0.62 -10.82 14.17
C GLU A 87 -1.66 -9.84 14.71
N LYS A 88 -2.08 -10.06 15.95
CA LYS A 88 -3.06 -9.19 16.60
C LYS A 88 -2.38 -8.09 17.40
N TRP A 89 -2.82 -6.86 17.21
CA TRP A 89 -2.25 -5.72 17.92
C TRP A 89 -0.78 -5.54 17.58
N THR A 90 -0.45 -5.71 16.31
CA THR A 90 0.93 -5.57 15.85
C THR A 90 1.01 -4.66 14.62
N GLU A 91 2.09 -3.88 14.54
CA GLU A 91 2.28 -2.99 13.41
C GLU A 91 2.77 -3.74 12.18
N TYR A 92 2.28 -3.33 11.01
CA TYR A 92 2.66 -3.98 9.76
C TYR A 92 2.86 -2.95 8.66
N ARG A 93 4.07 -2.90 8.11
CA ARG A 93 4.38 -1.96 7.04
C ARG A 93 3.92 -2.49 5.68
N VAL A 94 2.87 -1.87 5.15
CA VAL A 94 2.33 -2.27 3.85
C VAL A 94 2.89 -1.42 2.72
N TRP A 95 3.34 -2.08 1.66
CA TRP A 95 3.91 -1.38 0.51
C TRP A 95 3.17 -1.76 -0.77
N VAL A 96 2.50 -0.79 -1.37
CA VAL A 96 1.75 -1.02 -2.60
C VAL A 96 2.31 -0.18 -3.74
N ARG A 97 2.50 -0.81 -4.90
CA ARG A 97 3.02 -0.12 -6.07
C ARG A 97 2.29 -0.56 -7.33
N ALA A 98 2.35 0.28 -8.36
CA ALA A 98 1.69 -0.02 -9.63
C ALA A 98 2.66 -0.66 -10.62
N HIS A 99 2.12 -1.48 -11.51
CA HIS A 99 2.94 -2.16 -12.51
C HIS A 99 2.45 -1.86 -13.92
N THR A 100 3.38 -1.65 -14.85
CA THR A 100 3.03 -1.36 -16.23
C THR A 100 3.60 -2.41 -17.18
N ASP A 101 2.97 -2.55 -18.34
CA ASP A 101 3.41 -3.51 -19.34
C ASP A 101 4.90 -3.33 -19.65
N VAL A 102 5.41 -2.13 -19.38
CA VAL A 102 6.81 -1.82 -19.65
C VAL A 102 7.70 -2.34 -18.52
N GLY A 103 7.14 -2.43 -17.32
CA GLY A 103 7.89 -2.91 -16.18
C GLY A 103 7.36 -2.39 -14.86
N PRO A 104 7.94 -2.84 -13.75
CA PRO A 104 7.53 -2.43 -12.40
C PRO A 104 7.89 -0.98 -12.10
N GLY A 105 7.47 -0.49 -10.95
CA GLY A 105 7.76 0.88 -10.56
C GLY A 105 8.16 1.01 -9.12
N PRO A 106 8.32 2.25 -8.64
CA PRO A 106 8.72 2.54 -7.26
C PRO A 106 7.63 2.18 -6.26
N GLU A 107 7.97 2.21 -4.97
CA GLU A 107 7.01 1.91 -3.91
C GLU A 107 6.36 3.18 -3.39
N SER A 108 5.25 3.01 -2.67
CA SER A 108 4.52 4.15 -2.11
C SER A 108 4.86 4.33 -0.63
N SER A 109 4.18 5.27 0.01
CA SER A 109 4.40 5.55 1.42
C SER A 109 3.77 4.47 2.29
N PRO A 110 4.61 3.76 3.07
CA PRO A 110 4.16 2.69 3.97
C PRO A 110 3.36 3.22 5.15
N VAL A 111 2.08 2.85 5.21
CA VAL A 111 1.21 3.29 6.29
C VAL A 111 1.27 2.33 7.48
N LEU A 112 1.66 2.86 8.64
CA LEU A 112 1.77 2.04 9.85
C LEU A 112 0.39 1.83 10.48
N VAL A 113 -0.06 0.59 10.50
CA VAL A 113 -1.36 0.26 11.08
C VAL A 113 -1.22 -0.81 12.16
N ARG A 114 -1.87 -0.59 13.30
CA ARG A 114 -1.82 -1.53 14.41
C ARG A 114 -3.14 -2.29 14.54
N THR A 115 -3.15 -3.54 14.08
CA THR A 115 -4.35 -4.37 14.15
C THR A 115 -5.03 -4.24 15.51
N ASP A 116 -6.31 -4.61 15.56
CA ASP A 116 -7.08 -4.54 16.80
C ASP A 116 -6.39 -5.33 17.91
N GLU A 117 -6.73 -5.02 19.15
CA GLU A 117 -6.15 -5.71 20.30
C GLU A 117 -7.12 -6.75 20.86
N ASP A 118 -6.57 -7.84 21.37
CA ASP A 118 -7.38 -8.91 21.94
C ASP A 118 -7.95 -8.50 23.29
N VAL A 119 -7.12 -7.91 24.13
CA VAL A 119 -7.53 -7.47 25.45
C VAL A 119 -8.67 -6.45 25.36
N PRO A 120 -9.55 -6.44 26.37
CA PRO A 120 -10.69 -5.52 26.42
C PRO A 120 -10.25 -4.08 26.66
N SER A 121 -8.95 -3.86 26.72
CA SER A 121 -8.41 -2.52 26.95
C SER A 121 -7.48 -2.11 25.80
N GLY A 122 -7.98 -1.22 24.94
CA GLY A 122 -7.19 -0.75 23.82
C GLY A 122 -6.98 0.75 23.84
N PRO A 123 -7.85 1.48 23.14
CA PRO A 123 -7.78 2.94 23.06
C PRO A 123 -8.13 3.62 24.39
N PRO A 124 -7.13 4.24 25.02
CA PRO A 124 -7.31 4.93 26.31
C PRO A 124 -8.15 6.20 26.16
N ARG A 125 -8.41 6.86 27.29
CA ARG A 125 -9.19 8.08 27.30
C ARG A 125 -8.29 9.31 27.26
N LYS A 126 -8.85 10.44 26.84
CA LYS A 126 -8.10 11.68 26.75
C LYS A 126 -7.13 11.65 25.56
N VAL A 127 -7.67 11.37 24.39
CA VAL A 127 -6.87 11.31 23.16
C VAL A 127 -7.06 12.57 22.33
N GLU A 128 -5.97 13.05 21.73
CA GLU A 128 -6.00 14.25 20.90
C GLU A 128 -6.47 13.91 19.49
N SER A 129 -7.11 14.88 18.84
CA SER A 129 -7.61 14.70 17.48
C SER A 129 -6.96 15.67 16.52
N GLY A 130 -6.93 15.32 15.24
CA GLY A 130 -6.33 16.18 14.23
C GLY A 130 -7.05 17.50 14.11
N PRO A 131 -6.57 18.36 13.20
CA PRO A 131 -7.16 19.68 12.97
C PRO A 131 -8.52 19.60 12.29
N SER A 132 -9.37 20.59 12.54
CA SER A 132 -10.70 20.63 11.96
C SER A 132 -10.90 21.88 11.12
N SER A 133 -11.92 21.86 10.27
CA SER A 133 -12.21 22.99 9.39
C SER A 133 -13.26 23.91 10.03
N GLY A 134 -13.04 25.21 9.92
CA GLY A 134 -13.97 26.17 10.49
C GLY A 134 -13.34 27.53 10.71
N GLY A 1 -14.28 8.39 -14.58
CA GLY A 1 -15.29 9.16 -15.27
C GLY A 1 -14.86 9.57 -16.67
N SER A 2 -15.64 10.45 -17.30
CA SER A 2 -15.35 10.90 -18.65
C SER A 2 -14.58 12.22 -18.62
N SER A 3 -13.29 12.15 -18.94
CA SER A 3 -12.44 13.34 -18.95
C SER A 3 -13.00 14.41 -19.89
N GLY A 4 -12.90 15.66 -19.47
CA GLY A 4 -13.41 16.75 -20.29
C GLY A 4 -12.29 17.49 -21.02
N SER A 5 -12.06 17.11 -22.27
CA SER A 5 -11.02 17.74 -23.08
C SER A 5 -11.54 18.07 -24.47
N SER A 6 -11.47 19.35 -24.84
CA SER A 6 -11.93 19.80 -26.14
C SER A 6 -11.04 19.27 -27.26
N GLY A 7 -11.62 18.48 -28.15
CA GLY A 7 -10.85 17.92 -29.25
C GLY A 7 -11.07 16.43 -29.41
N THR A 8 -11.35 16.00 -30.63
CA THR A 8 -11.59 14.59 -30.92
C THR A 8 -10.72 13.70 -30.03
N ILE A 9 -11.38 12.86 -29.23
CA ILE A 9 -10.68 11.96 -28.34
C ILE A 9 -9.51 11.27 -29.04
N GLU A 10 -8.61 10.68 -28.27
CA GLU A 10 -7.45 9.99 -28.82
C GLU A 10 -6.91 8.97 -27.83
N ALA A 11 -6.90 7.70 -28.24
CA ALA A 11 -6.40 6.63 -27.40
C ALA A 11 -4.90 6.44 -27.57
N ARG A 12 -4.12 7.30 -26.92
CA ARG A 12 -2.67 7.23 -27.01
C ARG A 12 -2.10 6.30 -25.93
N THR A 13 -1.33 5.31 -26.36
CA THR A 13 -0.73 4.35 -25.45
C THR A 13 0.41 4.99 -24.65
N ALA A 14 0.64 4.48 -23.45
CA ALA A 14 1.70 5.00 -22.59
C ALA A 14 2.98 4.20 -22.76
N GLN A 15 4.11 4.91 -22.82
CA GLN A 15 5.41 4.26 -22.98
C GLN A 15 6.35 4.64 -21.85
N SER A 16 5.86 4.54 -20.61
CA SER A 16 6.67 4.87 -19.44
C SER A 16 5.95 4.47 -18.16
N THR A 17 6.69 4.44 -17.06
CA THR A 17 6.13 4.07 -15.77
C THR A 17 5.72 5.30 -14.97
N PRO A 18 4.62 5.18 -14.22
CA PRO A 18 4.10 6.27 -13.40
C PRO A 18 4.99 6.58 -12.20
N SER A 19 5.05 7.85 -11.83
CA SER A 19 5.89 8.28 -10.70
C SER A 19 5.02 8.54 -9.47
N ALA A 20 4.12 9.52 -9.59
CA ALA A 20 3.23 9.87 -8.49
C ALA A 20 2.39 8.68 -8.05
N PRO A 21 1.48 8.25 -8.92
CA PRO A 21 0.59 7.11 -8.64
C PRO A 21 1.34 5.79 -8.63
N PRO A 22 0.99 4.91 -7.68
CA PRO A 22 -0.07 5.20 -6.70
C PRO A 22 0.35 6.26 -5.69
N GLN A 23 -0.60 7.08 -5.27
CA GLN A 23 -0.33 8.15 -4.31
C GLN A 23 -1.35 8.12 -3.18
N LYS A 24 -1.17 9.02 -2.20
CA LYS A 24 -2.07 9.11 -1.07
C LYS A 24 -2.48 7.72 -0.59
N VAL A 25 -1.52 6.80 -0.55
CA VAL A 25 -1.79 5.44 -0.11
C VAL A 25 -2.12 5.39 1.37
N MET A 26 -3.37 5.05 1.68
CA MET A 26 -3.83 4.97 3.06
C MET A 26 -4.21 3.54 3.43
N CYS A 27 -3.69 3.06 4.55
CA CYS A 27 -3.98 1.70 5.01
C CYS A 27 -4.75 1.73 6.32
N VAL A 28 -5.63 0.75 6.50
CA VAL A 28 -6.43 0.66 7.72
C VAL A 28 -6.79 -0.79 8.04
N SER A 29 -6.61 -1.16 9.30
CA SER A 29 -6.91 -2.53 9.73
C SER A 29 -8.42 -2.77 9.76
N MET A 30 -8.86 -3.80 9.03
CA MET A 30 -10.28 -4.14 8.97
C MET A 30 -10.74 -4.76 10.28
N GLY A 31 -9.84 -5.48 10.95
CA GLY A 31 -10.19 -6.12 12.20
C GLY A 31 -8.97 -6.31 13.09
N SER A 32 -8.58 -7.56 13.29
CA SER A 32 -7.44 -7.88 14.14
C SER A 32 -6.37 -8.65 13.36
N THR A 33 -6.83 -9.41 12.37
CA THR A 33 -5.91 -10.20 11.54
C THR A 33 -6.11 -9.90 10.06
N THR A 34 -6.83 -8.82 9.78
CA THR A 34 -7.08 -8.42 8.39
C THR A 34 -6.90 -6.91 8.22
N VAL A 35 -6.28 -6.52 7.12
CA VAL A 35 -6.04 -5.11 6.83
C VAL A 35 -6.51 -4.75 5.42
N ARG A 36 -7.06 -3.56 5.27
CA ARG A 36 -7.55 -3.10 3.99
C ARG A 36 -6.84 -1.81 3.56
N VAL A 37 -5.95 -1.94 2.57
CA VAL A 37 -5.20 -0.79 2.08
C VAL A 37 -5.79 -0.27 0.77
N SER A 38 -5.88 1.05 0.65
CA SER A 38 -6.43 1.68 -0.54
C SER A 38 -5.53 2.80 -1.03
N TRP A 39 -5.35 2.87 -2.35
CA TRP A 39 -4.50 3.89 -2.95
C TRP A 39 -5.26 4.64 -4.05
N VAL A 40 -4.83 5.87 -4.32
CA VAL A 40 -5.46 6.69 -5.34
C VAL A 40 -5.56 5.94 -6.66
N PRO A 41 -6.71 6.08 -7.35
CA PRO A 41 -6.95 5.42 -8.63
C PRO A 41 -6.11 6.01 -9.76
N PRO A 42 -5.98 5.25 -10.85
CA PRO A 42 -5.20 5.68 -12.02
C PRO A 42 -5.86 6.83 -12.77
N PRO A 43 -5.25 8.02 -12.71
CA PRO A 43 -5.77 9.21 -13.37
C PRO A 43 -5.65 9.13 -14.89
N ALA A 44 -5.80 10.27 -15.56
CA ALA A 44 -5.71 10.32 -17.01
C ALA A 44 -4.45 11.06 -17.46
N ASP A 45 -3.62 11.42 -16.49
CA ASP A 45 -2.38 12.13 -16.79
C ASP A 45 -1.21 11.52 -16.03
N SER A 46 -1.15 11.78 -14.72
CA SER A 46 -0.08 11.25 -13.88
C SER A 46 0.16 9.77 -14.16
N ARG A 47 -0.89 9.09 -14.63
CA ARG A 47 -0.80 7.67 -14.93
C ARG A 47 0.36 7.39 -15.89
N ASN A 48 0.42 8.14 -16.97
CA ASN A 48 1.48 7.99 -17.96
C ASN A 48 1.89 6.52 -18.08
N GLY A 49 0.92 5.63 -17.91
CA GLY A 49 1.20 4.20 -18.00
C GLY A 49 -0.05 3.36 -17.93
N VAL A 50 -0.14 2.33 -18.77
CA VAL A 50 -1.29 1.44 -18.79
C VAL A 50 -1.25 0.45 -17.63
N ILE A 51 -1.99 0.76 -16.57
CA ILE A 51 -2.04 -0.11 -15.41
C ILE A 51 -2.28 -1.56 -15.80
N THR A 52 -1.27 -2.40 -15.61
CA THR A 52 -1.37 -3.82 -15.95
C THR A 52 -1.80 -4.63 -14.74
N GLN A 53 -1.19 -4.37 -13.59
CA GLN A 53 -1.51 -5.10 -12.37
C GLN A 53 -0.99 -4.35 -11.15
N TYR A 54 -1.47 -4.74 -9.98
CA TYR A 54 -1.05 -4.11 -8.73
C TYR A 54 -0.42 -5.13 -7.78
N SER A 55 0.61 -4.69 -7.06
CA SER A 55 1.31 -5.57 -6.12
C SER A 55 1.26 -4.99 -4.71
N VAL A 56 1.19 -5.87 -3.72
CA VAL A 56 1.15 -5.44 -2.33
C VAL A 56 2.01 -6.35 -1.45
N ALA A 57 2.78 -5.72 -0.56
CA ALA A 57 3.66 -6.46 0.34
C ALA A 57 3.52 -5.98 1.77
N TYR A 58 3.46 -6.92 2.71
CA TYR A 58 3.31 -6.59 4.12
C TYR A 58 4.44 -7.21 4.94
N GLU A 59 4.87 -6.50 5.98
CA GLU A 59 5.93 -6.99 6.85
C GLU A 59 5.78 -6.44 8.26
N ALA A 60 5.81 -7.33 9.24
CA ALA A 60 5.68 -6.94 10.64
C ALA A 60 6.94 -6.27 11.15
N VAL A 61 6.80 -5.02 11.60
CA VAL A 61 7.94 -4.27 12.11
C VAL A 61 8.16 -4.53 13.60
N ASP A 62 7.06 -4.70 14.32
CA ASP A 62 7.13 -4.97 15.76
C ASP A 62 6.70 -6.39 16.07
N GLY A 63 6.66 -7.23 15.04
CA GLY A 63 6.26 -8.62 15.22
C GLY A 63 7.45 -9.53 15.45
N GLU A 64 7.18 -10.83 15.61
CA GLU A 64 8.23 -11.80 15.84
C GLU A 64 9.02 -12.08 14.56
N ASP A 65 8.30 -12.27 13.46
CA ASP A 65 8.93 -12.54 12.17
C ASP A 65 8.86 -11.30 11.28
N ARG A 66 10.03 -10.85 10.81
CA ARG A 66 10.10 -9.67 9.95
C ARG A 66 10.04 -10.08 8.48
N GLY A 67 9.42 -11.22 8.21
CA GLY A 67 9.30 -11.70 6.85
C GLY A 67 8.29 -10.92 6.04
N ARG A 68 8.75 -10.24 5.01
CA ARG A 68 7.88 -9.45 4.16
C ARG A 68 7.20 -10.33 3.10
N HIS A 69 5.87 -10.37 3.15
CA HIS A 69 5.10 -11.17 2.20
C HIS A 69 4.69 -10.34 0.99
N VAL A 70 4.35 -11.01 -0.11
CA VAL A 70 3.93 -10.34 -1.33
C VAL A 70 2.68 -10.97 -1.91
N VAL A 71 1.78 -10.12 -2.42
CA VAL A 71 0.53 -10.60 -3.00
C VAL A 71 0.60 -10.58 -4.52
N ASP A 72 0.18 -11.68 -5.14
CA ASP A 72 0.19 -11.78 -6.60
C ASP A 72 -1.21 -12.09 -7.13
N GLY A 73 -1.49 -11.63 -8.35
CA GLY A 73 -2.79 -11.87 -8.95
C GLY A 73 -3.84 -10.88 -8.46
N ILE A 74 -3.53 -9.59 -8.59
CA ILE A 74 -4.46 -8.55 -8.17
C ILE A 74 -5.02 -7.80 -9.37
N SER A 75 -6.34 -7.74 -9.46
CA SER A 75 -7.01 -7.05 -10.55
C SER A 75 -6.55 -5.60 -10.64
N ARG A 76 -6.15 -5.18 -11.84
CA ARG A 76 -5.69 -3.81 -12.06
C ARG A 76 -6.81 -2.81 -11.80
N GLU A 77 -8.04 -3.33 -11.71
CA GLU A 77 -9.20 -2.48 -11.47
C GLU A 77 -9.47 -2.33 -9.97
N HIS A 78 -8.58 -2.89 -9.16
CA HIS A 78 -8.72 -2.82 -7.71
C HIS A 78 -7.61 -1.98 -7.09
N SER A 79 -7.98 -0.77 -6.67
CA SER A 79 -7.01 0.15 -6.07
C SER A 79 -6.89 -0.11 -4.57
N SER A 80 -7.36 -1.27 -4.13
CA SER A 80 -7.31 -1.64 -2.72
C SER A 80 -7.18 -3.15 -2.56
N TRP A 81 -6.69 -3.57 -1.39
CA TRP A 81 -6.52 -4.99 -1.10
C TRP A 81 -6.81 -5.29 0.36
N ASP A 82 -7.26 -6.51 0.63
CA ASP A 82 -7.57 -6.93 1.99
C ASP A 82 -6.62 -8.03 2.46
N LEU A 83 -5.59 -7.65 3.20
CA LEU A 83 -4.62 -8.61 3.70
C LEU A 83 -5.23 -9.50 4.77
N VAL A 84 -4.84 -10.78 4.77
CA VAL A 84 -5.35 -11.73 5.75
C VAL A 84 -4.25 -12.68 6.23
N GLY A 85 -4.08 -12.75 7.54
CA GLY A 85 -3.06 -13.62 8.10
C GLY A 85 -1.98 -12.84 8.83
N LEU A 86 -2.39 -11.94 9.71
CA LEU A 86 -1.45 -11.13 10.47
C LEU A 86 -1.66 -11.32 11.97
N GLU A 87 -0.80 -10.68 12.77
CA GLU A 87 -0.89 -10.79 14.22
C GLU A 87 -1.88 -9.77 14.77
N LYS A 88 -2.27 -9.95 16.03
CA LYS A 88 -3.21 -9.04 16.68
C LYS A 88 -2.49 -7.91 17.40
N TRP A 89 -3.05 -6.72 17.35
CA TRP A 89 -2.46 -5.55 17.99
C TRP A 89 -0.98 -5.44 17.64
N THR A 90 -0.68 -5.47 16.34
CA THR A 90 0.69 -5.37 15.87
C THR A 90 0.78 -4.49 14.63
N GLU A 91 1.77 -3.59 14.61
CA GLU A 91 1.96 -2.70 13.48
C GLU A 91 2.51 -3.44 12.28
N TYR A 92 1.97 -3.16 11.10
CA TYR A 92 2.40 -3.81 9.87
C TYR A 92 2.67 -2.78 8.77
N ARG A 93 3.79 -2.95 8.08
CA ARG A 93 4.17 -2.03 7.00
C ARG A 93 3.75 -2.59 5.65
N VAL A 94 2.74 -1.97 5.04
CA VAL A 94 2.25 -2.40 3.74
C VAL A 94 2.78 -1.50 2.62
N TRP A 95 3.19 -2.12 1.52
CA TRP A 95 3.72 -1.37 0.38
C TRP A 95 2.99 -1.76 -0.90
N VAL A 96 2.25 -0.80 -1.46
CA VAL A 96 1.50 -1.04 -2.69
C VAL A 96 2.07 -0.22 -3.84
N ARG A 97 2.36 -0.89 -4.94
CA ARG A 97 2.91 -0.22 -6.12
C ARG A 97 2.11 -0.56 -7.37
N ALA A 98 2.30 0.22 -8.43
CA ALA A 98 1.60 -0.01 -9.69
C ALA A 98 2.54 -0.55 -10.76
N HIS A 99 2.06 -1.55 -11.50
CA HIS A 99 2.87 -2.15 -12.56
C HIS A 99 2.26 -1.88 -13.93
N THR A 100 3.08 -1.41 -14.86
CA THR A 100 2.63 -1.10 -16.20
C THR A 100 3.25 -2.04 -17.23
N ASP A 101 2.66 -2.09 -18.42
CA ASP A 101 3.17 -2.95 -19.48
C ASP A 101 4.63 -2.66 -19.78
N VAL A 102 5.07 -1.45 -19.42
CA VAL A 102 6.45 -1.05 -19.65
C VAL A 102 7.36 -1.54 -18.54
N GLY A 103 6.81 -1.63 -17.32
CA GLY A 103 7.58 -2.09 -16.20
C GLY A 103 6.92 -1.77 -14.87
N PRO A 104 7.52 -2.25 -13.76
CA PRO A 104 7.00 -2.01 -12.42
C PRO A 104 7.15 -0.56 -11.98
N GLY A 105 6.47 -0.20 -10.89
CA GLY A 105 6.55 1.16 -10.39
C GLY A 105 7.10 1.23 -8.98
N PRO A 106 7.48 2.45 -8.55
CA PRO A 106 8.03 2.67 -7.22
C PRO A 106 7.00 2.49 -6.12
N GLU A 107 7.45 1.96 -4.98
CA GLU A 107 6.55 1.73 -3.84
C GLU A 107 5.88 3.04 -3.41
N SER A 108 5.08 2.96 -2.36
CA SER A 108 4.38 4.13 -1.84
C SER A 108 4.57 4.26 -0.33
N SER A 109 4.35 5.46 0.19
CA SER A 109 4.50 5.72 1.61
C SER A 109 3.84 4.63 2.43
N PRO A 110 4.65 3.91 3.23
CA PRO A 110 4.17 2.82 4.08
C PRO A 110 3.33 3.34 5.25
N VAL A 111 2.05 2.95 5.27
CA VAL A 111 1.14 3.37 6.33
C VAL A 111 1.16 2.37 7.49
N LEU A 112 1.51 2.86 8.67
CA LEU A 112 1.56 2.02 9.86
C LEU A 112 0.18 1.87 10.48
N VAL A 113 -0.29 0.62 10.59
CA VAL A 113 -1.60 0.34 11.16
C VAL A 113 -1.49 -0.72 12.26
N ARG A 114 -2.17 -0.47 13.38
CA ARG A 114 -2.16 -1.41 14.49
C ARG A 114 -3.47 -2.17 14.58
N THR A 115 -3.43 -3.44 14.15
CA THR A 115 -4.63 -4.29 14.18
C THR A 115 -5.35 -4.18 15.52
N ASP A 116 -6.64 -4.46 15.50
CA ASP A 116 -7.45 -4.41 16.71
C ASP A 116 -6.78 -5.18 17.85
N GLU A 117 -6.91 -4.66 19.07
CA GLU A 117 -6.32 -5.30 20.23
C GLU A 117 -7.26 -6.35 20.82
N ASP A 118 -6.71 -7.28 21.58
CA ASP A 118 -7.50 -8.35 22.20
C ASP A 118 -7.75 -8.04 23.67
N VAL A 119 -6.75 -7.47 24.33
CA VAL A 119 -6.88 -7.14 25.75
C VAL A 119 -7.39 -5.71 25.94
N PRO A 120 -8.22 -5.51 26.96
CA PRO A 120 -8.80 -4.20 27.28
C PRO A 120 -7.76 -3.22 27.81
N SER A 121 -6.50 -3.65 27.81
CA SER A 121 -5.41 -2.81 28.29
C SER A 121 -5.70 -1.34 28.03
N GLY A 122 -6.27 -1.05 26.87
CA GLY A 122 -6.59 0.32 26.51
C GLY A 122 -6.92 0.48 25.04
N PRO A 123 -8.22 0.43 24.72
CA PRO A 123 -8.70 0.57 23.33
C PRO A 123 -8.51 1.97 22.79
N PRO A 124 -8.34 2.09 21.47
CA PRO A 124 -8.15 3.37 20.80
C PRO A 124 -9.42 4.22 20.80
N ARG A 125 -9.35 5.38 20.14
CA ARG A 125 -10.50 6.28 20.08
C ARG A 125 -11.41 5.92 18.92
N LYS A 126 -12.69 5.73 19.22
CA LYS A 126 -13.67 5.37 18.20
C LYS A 126 -14.24 6.62 17.52
N VAL A 127 -13.88 6.81 16.26
CA VAL A 127 -14.34 7.97 15.50
C VAL A 127 -14.92 7.54 14.15
N GLU A 128 -15.98 8.21 13.74
CA GLU A 128 -16.62 7.90 12.46
C GLU A 128 -16.01 8.70 11.33
N SER A 129 -15.95 8.11 10.14
CA SER A 129 -15.38 8.78 8.98
C SER A 129 -15.83 8.08 7.69
N GLY A 130 -16.27 8.89 6.72
CA GLY A 130 -16.72 8.34 5.46
C GLY A 130 -16.44 9.27 4.29
N PRO A 131 -15.16 9.35 3.89
CA PRO A 131 -14.74 10.21 2.78
C PRO A 131 -15.23 9.69 1.43
N SER A 132 -15.70 10.60 0.59
CA SER A 132 -16.21 10.26 -0.72
C SER A 132 -15.32 10.82 -1.82
N SER A 133 -15.14 10.06 -2.90
CA SER A 133 -14.31 10.49 -4.02
C SER A 133 -14.98 11.62 -4.79
N GLY A 134 -14.19 12.57 -5.25
CA GLY A 134 -14.72 13.69 -6.00
C GLY A 134 -13.81 14.12 -7.14
N GLY A 1 3.08 33.14 -31.35
CA GLY A 1 2.46 31.83 -31.50
C GLY A 1 1.47 31.80 -32.65
N SER A 2 1.92 31.28 -33.79
CA SER A 2 1.07 31.20 -34.97
C SER A 2 0.43 29.82 -35.08
N SER A 3 -0.89 29.76 -34.91
CA SER A 3 -1.61 28.50 -34.99
C SER A 3 -2.33 28.37 -36.32
N GLY A 4 -2.10 27.25 -37.01
CA GLY A 4 -2.74 27.03 -38.29
C GLY A 4 -2.87 25.56 -38.63
N SER A 5 -3.78 24.88 -37.93
CA SER A 5 -4.00 23.46 -38.16
C SER A 5 -5.25 22.98 -37.42
N SER A 6 -6.28 22.63 -38.19
CA SER A 6 -7.53 22.15 -37.62
C SER A 6 -7.35 20.80 -36.95
N GLY A 7 -7.00 20.83 -35.67
CA GLY A 7 -6.79 19.59 -34.92
C GLY A 7 -5.52 19.61 -34.10
N THR A 8 -5.64 19.26 -32.82
CA THR A 8 -4.49 19.25 -31.93
C THR A 8 -4.02 17.82 -31.66
N ILE A 9 -2.79 17.54 -32.03
CA ILE A 9 -2.22 16.21 -31.82
C ILE A 9 -1.11 16.24 -30.77
N GLU A 10 -1.47 15.88 -29.54
CA GLU A 10 -0.50 15.87 -28.45
C GLU A 10 -0.62 14.58 -27.64
N ALA A 11 -0.91 13.48 -28.32
CA ALA A 11 -1.05 12.18 -27.67
C ALA A 11 0.11 11.26 -28.03
N ARG A 12 0.56 10.47 -27.06
CA ARG A 12 1.65 9.54 -27.27
C ARG A 12 1.52 8.31 -26.37
N THR A 13 1.95 7.16 -26.87
CA THR A 13 1.88 5.92 -26.11
C THR A 13 2.67 6.02 -24.81
N ALA A 14 2.15 5.42 -23.75
CA ALA A 14 2.81 5.45 -22.46
C ALA A 14 3.98 4.48 -22.43
N GLN A 15 5.20 5.02 -22.39
CA GLN A 15 6.41 4.20 -22.36
C GLN A 15 7.30 4.58 -21.19
N SER A 16 6.78 4.42 -19.98
CA SER A 16 7.54 4.76 -18.78
C SER A 16 6.78 4.34 -17.52
N THR A 17 7.44 4.46 -16.37
CA THR A 17 6.83 4.10 -15.10
C THR A 17 6.36 5.33 -14.33
N PRO A 18 5.25 5.18 -13.59
CA PRO A 18 4.69 6.28 -12.80
C PRO A 18 5.56 6.63 -11.60
N SER A 19 5.21 7.73 -10.93
CA SER A 19 5.97 8.18 -9.76
C SER A 19 5.08 8.22 -8.52
N ALA A 20 4.14 9.17 -8.51
CA ALA A 20 3.22 9.32 -7.39
C ALA A 20 2.34 8.09 -7.23
N PRO A 21 1.56 7.78 -8.27
CA PRO A 21 0.67 6.61 -8.28
C PRO A 21 1.43 5.29 -8.32
N PRO A 22 1.06 4.37 -7.41
CA PRO A 22 -0.01 4.60 -6.44
C PRO A 22 0.40 5.62 -5.37
N GLN A 23 -0.43 6.65 -5.22
CA GLN A 23 -0.16 7.70 -4.24
C GLN A 23 -1.23 7.71 -3.15
N LYS A 24 -1.11 8.65 -2.23
CA LYS A 24 -2.07 8.79 -1.14
C LYS A 24 -2.54 7.41 -0.67
N VAL A 25 -1.61 6.48 -0.53
CA VAL A 25 -1.94 5.13 -0.08
C VAL A 25 -2.32 5.12 1.40
N MET A 26 -3.60 4.86 1.66
CA MET A 26 -4.10 4.83 3.03
C MET A 26 -4.56 3.41 3.39
N CYS A 27 -4.04 2.90 4.50
CA CYS A 27 -4.39 1.56 4.96
C CYS A 27 -5.27 1.62 6.21
N VAL A 28 -6.08 0.60 6.41
CA VAL A 28 -6.97 0.53 7.57
C VAL A 28 -7.00 -0.86 8.17
N SER A 29 -7.05 -0.93 9.49
CA SER A 29 -7.07 -2.21 10.19
C SER A 29 -8.51 -2.67 10.44
N MET A 30 -8.97 -3.59 9.60
CA MET A 30 -10.33 -4.12 9.73
C MET A 30 -10.52 -4.84 11.06
N GLY A 31 -9.62 -5.78 11.36
CA GLY A 31 -9.70 -6.52 12.59
C GLY A 31 -8.36 -6.66 13.28
N SER A 32 -7.84 -7.88 13.32
CA SER A 32 -6.56 -8.15 13.95
C SER A 32 -5.61 -8.86 12.99
N THR A 33 -6.19 -9.56 12.01
CA THR A 33 -5.39 -10.28 11.03
C THR A 33 -5.75 -9.85 9.61
N THR A 34 -6.63 -8.86 9.50
CA THR A 34 -7.05 -8.35 8.21
C THR A 34 -6.92 -6.83 8.14
N VAL A 35 -6.47 -6.32 7.00
CA VAL A 35 -6.31 -4.89 6.80
C VAL A 35 -6.67 -4.48 5.39
N ARG A 36 -7.36 -3.35 5.27
CA ARG A 36 -7.77 -2.85 3.95
C ARG A 36 -6.86 -1.72 3.50
N VAL A 37 -6.07 -1.97 2.46
CA VAL A 37 -5.15 -0.98 1.94
C VAL A 37 -5.62 -0.47 0.57
N SER A 38 -5.81 0.84 0.47
CA SER A 38 -6.26 1.46 -0.78
C SER A 38 -5.31 2.57 -1.20
N TRP A 39 -5.18 2.76 -2.51
CA TRP A 39 -4.31 3.79 -3.05
C TRP A 39 -5.02 4.58 -4.16
N VAL A 40 -4.58 5.82 -4.37
CA VAL A 40 -5.17 6.67 -5.40
C VAL A 40 -4.58 6.36 -6.77
N PRO A 41 -5.44 5.93 -7.70
CA PRO A 41 -5.03 5.60 -9.07
C PRO A 41 -4.62 6.83 -9.87
N PRO A 42 -3.78 6.62 -10.90
CA PRO A 42 -3.31 7.71 -11.76
C PRO A 42 -4.42 8.27 -12.65
N PRO A 43 -4.15 9.42 -13.27
CA PRO A 43 -5.11 10.09 -14.16
C PRO A 43 -5.32 9.33 -15.46
N ALA A 44 -6.04 9.95 -16.39
CA ALA A 44 -6.31 9.33 -17.68
C ALA A 44 -5.68 10.13 -18.81
N ASP A 45 -6.15 11.36 -18.99
CA ASP A 45 -5.65 12.23 -20.05
C ASP A 45 -4.13 12.12 -20.15
N SER A 46 -3.44 12.47 -19.06
CA SER A 46 -1.98 12.42 -19.04
C SER A 46 -1.50 11.31 -18.10
N ARG A 47 -1.93 10.09 -18.37
CA ARG A 47 -1.55 8.95 -17.55
C ARG A 47 -0.07 8.59 -17.78
N ASN A 48 0.71 8.65 -16.72
CA ASN A 48 2.13 8.32 -16.79
C ASN A 48 2.35 6.94 -17.37
N GLY A 49 1.43 6.02 -17.07
CA GLY A 49 1.53 4.67 -17.57
C GLY A 49 0.27 3.87 -17.36
N VAL A 50 -0.04 2.98 -18.29
CA VAL A 50 -1.23 2.15 -18.21
C VAL A 50 -1.02 0.98 -17.25
N ILE A 51 -1.66 1.06 -16.08
CA ILE A 51 -1.54 0.01 -15.08
C ILE A 51 -2.10 -1.31 -15.59
N THR A 52 -1.35 -2.39 -15.40
CA THR A 52 -1.77 -3.71 -15.84
C THR A 52 -2.03 -4.64 -14.65
N GLN A 53 -1.52 -4.24 -13.49
CA GLN A 53 -1.69 -5.04 -12.28
C GLN A 53 -1.14 -4.31 -11.06
N TYR A 54 -1.69 -4.61 -9.89
CA TYR A 54 -1.24 -3.98 -8.66
C TYR A 54 -0.64 -5.01 -7.70
N SER A 55 0.42 -4.61 -7.02
CA SER A 55 1.09 -5.50 -6.07
C SER A 55 1.04 -4.93 -4.66
N VAL A 56 0.94 -5.81 -3.67
CA VAL A 56 0.88 -5.40 -2.28
C VAL A 56 1.75 -6.29 -1.40
N ALA A 57 2.58 -5.67 -0.56
CA ALA A 57 3.46 -6.40 0.33
C ALA A 57 3.30 -5.93 1.77
N TYR A 58 3.51 -6.85 2.71
CA TYR A 58 3.39 -6.54 4.12
C TYR A 58 4.50 -7.21 4.94
N GLU A 59 4.95 -6.52 5.98
CA GLU A 59 6.01 -7.05 6.83
C GLU A 59 5.93 -6.45 8.23
N ALA A 60 6.02 -7.32 9.25
CA ALA A 60 5.95 -6.87 10.63
C ALA A 60 7.21 -6.11 11.02
N VAL A 61 7.03 -4.90 11.53
CA VAL A 61 8.15 -4.06 11.94
C VAL A 61 8.50 -4.29 13.41
N ASP A 62 7.47 -4.54 14.22
CA ASP A 62 7.67 -4.78 15.65
C ASP A 62 7.14 -6.15 16.04
N GLY A 63 7.11 -7.08 15.08
CA GLY A 63 6.62 -8.42 15.35
C GLY A 63 7.74 -9.42 15.53
N GLU A 64 7.38 -10.70 15.64
CA GLU A 64 8.37 -11.76 15.80
C GLU A 64 9.09 -12.06 14.50
N ASP A 65 8.31 -12.31 13.45
CA ASP A 65 8.86 -12.60 12.14
C ASP A 65 8.95 -11.35 11.28
N ARG A 66 10.16 -10.98 10.88
CA ARG A 66 10.37 -9.80 10.06
C ARG A 66 10.31 -10.15 8.57
N GLY A 67 9.59 -11.22 8.25
CA GLY A 67 9.47 -11.64 6.87
C GLY A 67 8.45 -10.83 6.09
N ARG A 68 8.86 -10.29 4.96
CA ARG A 68 7.97 -9.48 4.12
C ARG A 68 7.27 -10.36 3.09
N HIS A 69 5.94 -10.37 3.14
CA HIS A 69 5.14 -11.16 2.20
C HIS A 69 4.72 -10.31 1.01
N VAL A 70 4.35 -10.98 -0.08
CA VAL A 70 3.92 -10.29 -1.29
C VAL A 70 2.64 -10.91 -1.85
N VAL A 71 1.73 -10.06 -2.32
CA VAL A 71 0.48 -10.54 -2.89
C VAL A 71 0.54 -10.59 -4.42
N ASP A 72 0.11 -11.71 -4.98
CA ASP A 72 0.13 -11.89 -6.43
C ASP A 72 -1.27 -12.24 -6.94
N GLY A 73 -1.54 -11.84 -8.19
CA GLY A 73 -2.85 -12.12 -8.78
C GLY A 73 -3.89 -11.11 -8.36
N ILE A 74 -3.58 -9.83 -8.51
CA ILE A 74 -4.51 -8.77 -8.14
C ILE A 74 -5.07 -8.07 -9.39
N SER A 75 -6.39 -7.96 -9.45
CA SER A 75 -7.05 -7.32 -10.58
C SER A 75 -6.75 -5.82 -10.60
N ARG A 76 -6.42 -5.30 -11.79
CA ARG A 76 -6.12 -3.88 -11.93
C ARG A 76 -7.35 -3.02 -11.65
N GLU A 77 -8.52 -3.66 -11.63
CA GLU A 77 -9.77 -2.96 -11.36
C GLU A 77 -9.99 -2.79 -9.86
N HIS A 78 -8.93 -3.04 -9.08
CA HIS A 78 -9.01 -2.92 -7.63
C HIS A 78 -7.92 -1.99 -7.11
N SER A 79 -8.31 -0.79 -6.68
CA SER A 79 -7.36 0.17 -6.16
C SER A 79 -7.07 -0.08 -4.69
N SER A 80 -7.56 -1.20 -4.18
CA SER A 80 -7.36 -1.57 -2.79
C SER A 80 -7.24 -3.08 -2.63
N TRP A 81 -6.81 -3.52 -1.45
CA TRP A 81 -6.66 -4.94 -1.17
C TRP A 81 -6.84 -5.23 0.32
N ASP A 82 -7.28 -6.44 0.63
CA ASP A 82 -7.50 -6.84 2.02
C ASP A 82 -6.51 -7.93 2.43
N LEU A 83 -5.50 -7.54 3.20
CA LEU A 83 -4.49 -8.50 3.66
C LEU A 83 -5.10 -9.52 4.62
N VAL A 84 -4.54 -10.73 4.62
CA VAL A 84 -5.01 -11.78 5.50
C VAL A 84 -3.87 -12.63 6.02
N GLY A 85 -3.79 -12.76 7.34
CA GLY A 85 -2.72 -13.55 7.95
C GLY A 85 -1.68 -12.69 8.64
N LEU A 86 -2.15 -11.70 9.40
CA LEU A 86 -1.24 -10.80 10.11
C LEU A 86 -1.35 -11.00 11.62
N GLU A 87 -0.34 -10.56 12.35
CA GLU A 87 -0.32 -10.69 13.80
C GLU A 87 -1.28 -9.69 14.45
N LYS A 88 -1.72 -10.00 15.66
CA LYS A 88 -2.64 -9.13 16.38
C LYS A 88 -1.87 -8.08 17.18
N TRP A 89 -2.46 -6.89 17.30
CA TRP A 89 -1.82 -5.81 18.03
C TRP A 89 -0.36 -5.65 17.63
N THR A 90 -0.12 -5.51 16.32
CA THR A 90 1.23 -5.36 15.80
C THR A 90 1.24 -4.50 14.54
N GLU A 91 2.15 -3.53 14.51
CA GLU A 91 2.27 -2.64 13.36
C GLU A 91 2.79 -3.39 12.13
N TYR A 92 2.11 -3.19 11.00
CA TYR A 92 2.51 -3.86 9.76
C TYR A 92 2.72 -2.83 8.65
N ARG A 93 3.92 -2.81 8.09
CA ARG A 93 4.25 -1.89 7.02
C ARG A 93 3.83 -2.45 5.67
N VAL A 94 2.79 -1.86 5.08
CA VAL A 94 2.28 -2.31 3.79
C VAL A 94 2.81 -1.43 2.67
N TRP A 95 3.27 -2.07 1.59
CA TRP A 95 3.80 -1.35 0.44
C TRP A 95 3.10 -1.76 -0.84
N VAL A 96 2.35 -0.84 -1.43
CA VAL A 96 1.62 -1.11 -2.67
C VAL A 96 2.16 -0.26 -3.81
N ARG A 97 2.42 -0.90 -4.95
CA ARG A 97 2.93 -0.21 -6.12
C ARG A 97 2.13 -0.57 -7.37
N ALA A 98 2.30 0.20 -8.43
CA ALA A 98 1.60 -0.04 -9.68
C ALA A 98 2.54 -0.58 -10.75
N HIS A 99 2.09 -1.63 -11.44
CA HIS A 99 2.90 -2.25 -12.49
C HIS A 99 2.34 -1.93 -13.87
N THR A 100 3.18 -1.37 -14.72
CA THR A 100 2.77 -1.00 -16.07
C THR A 100 3.35 -1.97 -17.10
N ASP A 101 2.70 -2.06 -18.26
CA ASP A 101 3.16 -2.94 -19.32
C ASP A 101 4.61 -2.65 -19.69
N VAL A 102 5.07 -1.45 -19.34
CA VAL A 102 6.45 -1.05 -19.64
C VAL A 102 7.42 -1.67 -18.63
N GLY A 103 6.95 -1.85 -17.40
CA GLY A 103 7.79 -2.43 -16.37
C GLY A 103 7.29 -2.13 -14.97
N PRO A 104 7.86 -2.81 -13.97
CA PRO A 104 7.48 -2.62 -12.57
C PRO A 104 7.91 -1.26 -12.03
N GLY A 105 7.43 -0.94 -10.83
CA GLY A 105 7.77 0.33 -10.22
C GLY A 105 8.08 0.19 -8.74
N PRO A 106 8.63 1.27 -8.15
CA PRO A 106 8.98 1.29 -6.72
C PRO A 106 7.76 1.30 -5.82
N GLU A 107 7.97 1.05 -4.53
CA GLU A 107 6.88 1.03 -3.56
C GLU A 107 6.33 2.43 -3.34
N SER A 108 5.34 2.54 -2.45
CA SER A 108 4.72 3.83 -2.15
C SER A 108 4.80 4.13 -0.66
N SER A 109 4.20 5.25 -0.25
CA SER A 109 4.20 5.65 1.15
C SER A 109 3.54 4.59 2.03
N PRO A 110 4.36 3.90 2.84
CA PRO A 110 3.87 2.85 3.74
C PRO A 110 3.04 3.41 4.88
N VAL A 111 1.90 2.76 5.15
CA VAL A 111 1.01 3.18 6.22
C VAL A 111 1.11 2.25 7.43
N LEU A 112 1.40 2.82 8.59
CA LEU A 112 1.52 2.04 9.81
C LEU A 112 0.16 1.86 10.48
N VAL A 113 -0.31 0.61 10.54
CA VAL A 113 -1.59 0.30 11.15
C VAL A 113 -1.43 -0.72 12.27
N ARG A 114 -2.02 -0.40 13.43
CA ARG A 114 -1.94 -1.29 14.59
C ARG A 114 -3.17 -2.19 14.66
N THR A 115 -3.00 -3.45 14.29
CA THR A 115 -4.10 -4.41 14.33
C THR A 115 -4.77 -4.44 15.70
N ASP A 116 -6.03 -4.82 15.72
CA ASP A 116 -6.79 -4.89 16.96
C ASP A 116 -6.15 -5.89 17.93
N GLU A 117 -6.33 -5.65 19.22
CA GLU A 117 -5.77 -6.53 20.24
C GLU A 117 -6.59 -7.81 20.36
N ASP A 118 -5.91 -8.91 20.68
CA ASP A 118 -6.57 -10.20 20.82
C ASP A 118 -7.96 -10.04 21.43
N VAL A 119 -8.05 -9.18 22.45
CA VAL A 119 -9.33 -8.93 23.12
C VAL A 119 -10.25 -8.07 22.25
N PRO A 120 -11.56 -8.29 22.39
CA PRO A 120 -12.57 -7.55 21.63
C PRO A 120 -12.68 -6.09 22.09
N SER A 121 -11.81 -5.71 23.03
CA SER A 121 -11.82 -4.35 23.55
C SER A 121 -11.06 -3.40 22.61
N GLY A 122 -11.81 -2.61 21.85
CA GLY A 122 -11.21 -1.68 20.92
C GLY A 122 -11.26 -0.25 21.42
N PRO A 123 -11.14 0.71 20.49
CA PRO A 123 -11.18 2.14 20.81
C PRO A 123 -12.56 2.60 21.26
N PRO A 124 -12.60 3.55 22.20
CA PRO A 124 -13.86 4.10 22.72
C PRO A 124 -14.60 4.94 21.69
N ARG A 125 -15.84 4.56 21.40
CA ARG A 125 -16.65 5.29 20.43
C ARG A 125 -18.07 5.50 20.96
N LYS A 126 -18.47 6.76 21.08
CA LYS A 126 -19.79 7.10 21.57
C LYS A 126 -20.63 7.75 20.49
N VAL A 127 -21.90 7.36 20.40
CA VAL A 127 -22.80 7.91 19.39
C VAL A 127 -22.58 9.41 19.22
N GLU A 128 -22.94 9.92 18.06
CA GLU A 128 -22.78 11.34 17.75
C GLU A 128 -23.50 11.72 16.46
N SER A 129 -23.83 12.99 16.31
CA SER A 129 -24.52 13.47 15.12
C SER A 129 -24.18 14.93 14.85
N GLY A 130 -24.61 15.43 13.69
CA GLY A 130 -24.34 16.81 13.33
C GLY A 130 -24.78 17.79 14.41
N PRO A 131 -24.03 18.89 14.56
CA PRO A 131 -24.34 19.92 15.55
C PRO A 131 -25.59 20.72 15.20
N SER A 132 -26.04 21.54 16.14
CA SER A 132 -27.24 22.35 15.94
C SER A 132 -26.99 23.79 16.36
N SER A 133 -26.80 24.66 15.37
CA SER A 133 -26.54 26.07 15.63
C SER A 133 -27.26 26.95 14.60
N GLY A 134 -27.15 28.26 14.78
CA GLY A 134 -27.77 29.19 13.86
C GLY A 134 -27.73 28.71 12.43
N GLY A 1 25.46 24.00 -14.83
CA GLY A 1 25.31 23.29 -16.07
C GLY A 1 23.95 23.52 -16.71
N SER A 2 23.27 22.44 -17.08
CA SER A 2 21.96 22.53 -17.71
C SER A 2 20.85 22.44 -16.66
N SER A 3 19.94 23.40 -16.70
CA SER A 3 18.83 23.44 -15.75
C SER A 3 18.09 22.10 -15.73
N GLY A 4 17.31 21.89 -14.68
CA GLY A 4 16.55 20.65 -14.56
C GLY A 4 15.41 20.57 -15.55
N SER A 5 15.15 19.37 -16.07
CA SER A 5 14.09 19.16 -17.03
C SER A 5 12.72 19.36 -16.39
N SER A 6 12.21 20.58 -16.46
CA SER A 6 10.91 20.90 -15.87
C SER A 6 9.82 20.95 -16.95
N GLY A 7 8.78 20.17 -16.76
CA GLY A 7 7.69 20.14 -17.72
C GLY A 7 6.71 19.01 -17.45
N THR A 8 5.85 18.72 -18.43
CA THR A 8 4.86 17.67 -18.29
C THR A 8 4.99 16.64 -19.42
N ILE A 9 4.88 15.37 -19.07
CA ILE A 9 4.99 14.29 -20.05
C ILE A 9 3.66 14.10 -20.79
N GLU A 10 3.76 13.78 -22.07
CA GLU A 10 2.58 13.57 -22.89
C GLU A 10 2.64 12.22 -23.61
N ALA A 11 2.14 11.18 -22.95
CA ALA A 11 2.15 9.84 -23.52
C ALA A 11 1.10 8.95 -22.85
N ARG A 12 0.41 8.15 -23.66
CA ARG A 12 -0.61 7.25 -23.14
C ARG A 12 0.00 6.00 -22.54
N THR A 13 1.06 5.50 -23.18
CA THR A 13 1.75 4.30 -22.70
C THR A 13 3.03 4.66 -21.97
N ALA A 14 3.01 4.52 -20.64
CA ALA A 14 4.17 4.83 -19.82
C ALA A 14 5.44 4.24 -20.43
N GLN A 15 6.53 5.00 -20.37
CA GLN A 15 7.80 4.55 -20.91
C GLN A 15 8.47 3.54 -19.97
N SER A 16 8.70 3.94 -18.73
CA SER A 16 9.33 3.08 -17.75
C SER A 16 8.38 2.77 -16.60
N THR A 17 8.18 3.75 -15.73
CA THR A 17 7.29 3.59 -14.59
C THR A 17 6.84 4.94 -14.04
N PRO A 18 5.70 4.93 -13.32
CA PRO A 18 5.14 6.16 -12.74
C PRO A 18 6.00 6.69 -11.58
N SER A 19 5.83 7.98 -11.27
CA SER A 19 6.59 8.60 -10.20
C SER A 19 5.72 8.76 -8.95
N ALA A 20 4.75 9.66 -9.02
CA ALA A 20 3.85 9.90 -7.90
C ALA A 20 2.99 8.68 -7.61
N PRO A 21 2.12 8.32 -8.56
CA PRO A 21 1.22 7.17 -8.43
C PRO A 21 1.98 5.84 -8.48
N PRO A 22 1.51 4.86 -7.70
CA PRO A 22 0.34 5.03 -6.84
C PRO A 22 0.61 5.96 -5.67
N GLN A 23 -0.36 6.81 -5.33
CA GLN A 23 -0.22 7.75 -4.23
C GLN A 23 -1.47 7.74 -3.35
N LYS A 24 -1.49 8.64 -2.36
CA LYS A 24 -2.62 8.74 -1.45
C LYS A 24 -2.96 7.39 -0.85
N VAL A 25 -1.95 6.54 -0.71
CA VAL A 25 -2.14 5.21 -0.15
C VAL A 25 -2.55 5.29 1.32
N MET A 26 -3.79 4.91 1.60
CA MET A 26 -4.31 4.94 2.97
C MET A 26 -4.65 3.54 3.44
N CYS A 27 -3.90 3.05 4.43
CA CYS A 27 -4.13 1.72 4.97
C CYS A 27 -4.91 1.80 6.29
N VAL A 28 -5.80 0.83 6.50
CA VAL A 28 -6.61 0.79 7.71
C VAL A 28 -6.80 -0.64 8.19
N SER A 29 -6.68 -0.85 9.50
CA SER A 29 -6.84 -2.17 10.08
C SER A 29 -8.31 -2.59 10.09
N MET A 30 -8.63 -3.65 9.36
CA MET A 30 -10.00 -4.15 9.29
C MET A 30 -10.43 -4.73 10.63
N GLY A 31 -9.61 -5.62 11.18
CA GLY A 31 -9.93 -6.25 12.45
C GLY A 31 -8.70 -6.47 13.32
N SER A 32 -8.30 -7.73 13.46
CA SER A 32 -7.14 -8.08 14.26
C SER A 32 -6.07 -8.75 13.41
N THR A 33 -6.50 -9.55 12.44
CA THR A 33 -5.58 -10.26 11.56
C THR A 33 -5.86 -9.93 10.10
N THR A 34 -6.60 -8.84 9.87
CA THR A 34 -6.94 -8.42 8.52
C THR A 34 -6.76 -6.91 8.36
N VAL A 35 -6.17 -6.52 7.23
CA VAL A 35 -5.95 -5.10 6.95
C VAL A 35 -6.44 -4.73 5.55
N ARG A 36 -6.85 -3.48 5.39
CA ARG A 36 -7.34 -3.00 4.11
C ARG A 36 -6.55 -1.79 3.63
N VAL A 37 -5.82 -1.96 2.53
CA VAL A 37 -5.02 -0.89 1.97
C VAL A 37 -5.57 -0.42 0.63
N SER A 38 -5.72 0.89 0.48
CA SER A 38 -6.24 1.46 -0.75
C SER A 38 -5.39 2.65 -1.21
N TRP A 39 -5.41 2.91 -2.51
CA TRP A 39 -4.64 4.01 -3.07
C TRP A 39 -5.42 4.72 -4.17
N VAL A 40 -5.06 5.97 -4.45
CA VAL A 40 -5.73 6.75 -5.47
C VAL A 40 -5.92 5.93 -6.75
N PRO A 41 -7.14 5.98 -7.30
CA PRO A 41 -7.49 5.26 -8.52
C PRO A 41 -6.80 5.84 -9.76
N PRO A 42 -6.53 4.97 -10.74
CA PRO A 42 -5.87 5.37 -11.99
C PRO A 42 -6.78 6.23 -12.86
N PRO A 43 -6.43 7.52 -12.98
CA PRO A 43 -7.19 8.48 -13.78
C PRO A 43 -7.07 8.21 -15.29
N ALA A 44 -7.58 9.13 -16.09
CA ALA A 44 -7.52 9.00 -17.54
C ALA A 44 -6.89 10.22 -18.19
N ASP A 45 -6.78 11.30 -17.41
CA ASP A 45 -6.20 12.55 -17.91
C ASP A 45 -4.69 12.40 -18.09
N SER A 46 -4.26 12.15 -19.31
CA SER A 46 -2.85 11.99 -19.62
C SER A 46 -2.12 11.31 -18.46
N ARG A 47 -2.62 10.16 -18.04
CA ARG A 47 -2.01 9.42 -16.94
C ARG A 47 -0.62 8.93 -17.32
N ASN A 48 0.23 8.77 -16.30
CA ASN A 48 1.59 8.31 -16.52
C ASN A 48 1.65 7.24 -17.61
N GLY A 49 0.74 6.27 -17.51
CA GLY A 49 0.69 5.20 -18.49
C GLY A 49 -0.50 4.28 -18.29
N VAL A 50 -0.34 3.03 -18.69
CA VAL A 50 -1.42 2.05 -18.55
C VAL A 50 -1.06 0.98 -17.52
N ILE A 51 -1.82 0.95 -16.42
CA ILE A 51 -1.58 -0.02 -15.36
C ILE A 51 -2.09 -1.40 -15.75
N THR A 52 -1.21 -2.39 -15.67
CA THR A 52 -1.57 -3.76 -16.03
C THR A 52 -1.97 -4.55 -14.80
N GLN A 53 -1.44 -4.16 -13.64
CA GLN A 53 -1.74 -4.83 -12.39
C GLN A 53 -1.13 -4.09 -11.20
N TYR A 54 -1.53 -4.47 -9.99
CA TYR A 54 -1.03 -3.83 -8.78
C TYR A 54 -0.44 -4.86 -7.84
N SER A 55 0.68 -4.51 -7.21
CA SER A 55 1.36 -5.42 -6.28
C SER A 55 1.20 -4.92 -4.84
N VAL A 56 1.16 -5.86 -3.90
CA VAL A 56 1.02 -5.52 -2.49
C VAL A 56 1.99 -6.32 -1.63
N ALA A 57 2.50 -5.69 -0.59
CA ALA A 57 3.44 -6.35 0.31
C ALA A 57 3.22 -5.92 1.76
N TYR A 58 3.50 -6.80 2.70
CA TYR A 58 3.33 -6.51 4.12
C TYR A 58 4.35 -7.26 4.96
N GLU A 59 4.89 -6.59 5.97
CA GLU A 59 5.88 -7.20 6.85
C GLU A 59 5.76 -6.63 8.27
N ALA A 60 5.74 -7.52 9.25
CA ALA A 60 5.64 -7.11 10.65
C ALA A 60 6.82 -6.24 11.05
N VAL A 61 6.56 -5.22 11.86
CA VAL A 61 7.60 -4.31 12.32
C VAL A 61 8.20 -4.79 13.64
N ASP A 62 7.33 -5.11 14.60
CA ASP A 62 7.77 -5.57 15.90
C ASP A 62 7.10 -6.90 16.26
N GLY A 63 6.92 -7.75 15.26
CA GLY A 63 6.29 -9.04 15.49
C GLY A 63 7.30 -10.16 15.66
N GLU A 64 6.81 -11.40 15.67
CA GLU A 64 7.68 -12.56 15.84
C GLU A 64 8.46 -12.84 14.55
N ASP A 65 7.75 -12.87 13.43
CA ASP A 65 8.37 -13.12 12.14
C ASP A 65 8.31 -11.88 11.25
N ARG A 66 9.48 -11.35 10.91
CA ARG A 66 9.56 -10.16 10.07
C ARG A 66 9.53 -10.54 8.59
N GLY A 67 8.91 -11.67 8.29
CA GLY A 67 8.82 -12.13 6.91
C GLY A 67 7.92 -11.24 6.06
N ARG A 68 8.49 -10.65 5.02
CA ARG A 68 7.74 -9.78 4.13
C ARG A 68 6.99 -10.58 3.07
N HIS A 69 5.67 -10.48 3.08
CA HIS A 69 4.84 -11.20 2.14
C HIS A 69 4.46 -10.31 0.96
N VAL A 70 4.07 -10.93 -0.15
CA VAL A 70 3.69 -10.19 -1.35
C VAL A 70 2.50 -10.85 -2.04
N VAL A 71 1.46 -10.06 -2.30
CA VAL A 71 0.26 -10.56 -2.95
C VAL A 71 0.42 -10.54 -4.47
N ASP A 72 0.04 -11.64 -5.12
CA ASP A 72 0.13 -11.75 -6.57
C ASP A 72 -1.23 -12.05 -7.18
N GLY A 73 -1.43 -11.59 -8.42
CA GLY A 73 -2.70 -11.82 -9.10
C GLY A 73 -3.77 -10.83 -8.68
N ILE A 74 -3.45 -9.54 -8.78
CA ILE A 74 -4.39 -8.49 -8.42
C ILE A 74 -4.87 -7.73 -9.65
N SER A 75 -6.19 -7.58 -9.77
CA SER A 75 -6.78 -6.89 -10.90
C SER A 75 -6.38 -5.41 -10.90
N ARG A 76 -6.06 -4.89 -12.08
CA ARG A 76 -5.66 -3.49 -12.21
C ARG A 76 -6.78 -2.56 -11.76
N GLU A 77 -8.01 -3.03 -11.88
CA GLU A 77 -9.18 -2.24 -11.49
C GLU A 77 -9.40 -2.30 -9.99
N HIS A 78 -8.43 -2.86 -9.28
CA HIS A 78 -8.51 -2.99 -7.83
C HIS A 78 -7.41 -2.18 -7.14
N SER A 79 -7.70 -0.92 -6.85
CA SER A 79 -6.73 -0.05 -6.20
C SER A 79 -6.72 -0.26 -4.69
N SER A 80 -7.25 -1.41 -4.26
CA SER A 80 -7.31 -1.75 -2.85
C SER A 80 -7.21 -3.25 -2.64
N TRP A 81 -6.78 -3.65 -1.44
CA TRP A 81 -6.64 -5.06 -1.12
C TRP A 81 -6.89 -5.30 0.37
N ASP A 82 -7.29 -6.52 0.71
CA ASP A 82 -7.57 -6.88 2.10
C ASP A 82 -6.69 -8.04 2.54
N LEU A 83 -5.60 -7.72 3.22
CA LEU A 83 -4.67 -8.75 3.71
C LEU A 83 -5.29 -9.55 4.84
N VAL A 84 -4.97 -10.84 4.88
CA VAL A 84 -5.50 -11.72 5.91
C VAL A 84 -4.43 -12.70 6.39
N GLY A 85 -4.39 -12.94 7.69
CA GLY A 85 -3.42 -13.85 8.25
C GLY A 85 -2.27 -13.13 8.94
N LEU A 86 -2.59 -12.12 9.73
CA LEU A 86 -1.58 -11.34 10.44
C LEU A 86 -1.76 -11.47 11.95
N GLU A 87 -0.78 -10.96 12.71
CA GLU A 87 -0.84 -11.01 14.16
C GLU A 87 -1.82 -9.98 14.70
N LYS A 88 -2.29 -10.21 15.93
CA LYS A 88 -3.23 -9.30 16.57
C LYS A 88 -2.50 -8.24 17.39
N TRP A 89 -2.98 -7.00 17.31
CA TRP A 89 -2.38 -5.90 18.05
C TRP A 89 -0.91 -5.75 17.69
N THR A 90 -0.61 -5.78 16.40
CA THR A 90 0.76 -5.65 15.92
C THR A 90 0.84 -4.77 14.67
N GLU A 91 1.79 -3.84 14.67
CA GLU A 91 1.97 -2.94 13.53
C GLU A 91 2.53 -3.69 12.32
N TYR A 92 2.14 -3.25 11.14
CA TYR A 92 2.60 -3.88 9.91
C TYR A 92 2.84 -2.83 8.82
N ARG A 93 3.99 -2.93 8.15
CA ARG A 93 4.35 -2.00 7.10
C ARG A 93 3.92 -2.53 5.73
N VAL A 94 2.90 -1.92 5.15
CA VAL A 94 2.40 -2.34 3.85
C VAL A 94 2.98 -1.48 2.74
N TRP A 95 3.42 -2.14 1.66
CA TRP A 95 4.00 -1.43 0.52
C TRP A 95 3.30 -1.80 -0.78
N VAL A 96 2.59 -0.84 -1.35
CA VAL A 96 1.86 -1.06 -2.60
C VAL A 96 2.41 -0.18 -3.71
N ARG A 97 2.55 -0.76 -4.91
CA ARG A 97 3.05 -0.03 -6.06
C ARG A 97 2.31 -0.44 -7.33
N ALA A 98 2.39 0.41 -8.34
CA ALA A 98 1.72 0.14 -9.62
C ALA A 98 2.67 -0.58 -10.59
N HIS A 99 2.09 -1.41 -11.45
CA HIS A 99 2.88 -2.16 -12.43
C HIS A 99 2.44 -1.83 -13.84
N THR A 100 3.41 -1.53 -14.70
CA THR A 100 3.14 -1.19 -16.09
C THR A 100 3.66 -2.27 -17.04
N ASP A 101 3.00 -2.41 -18.18
CA ASP A 101 3.39 -3.40 -19.18
C ASP A 101 4.90 -3.41 -19.35
N VAL A 102 5.52 -2.24 -19.26
CA VAL A 102 6.96 -2.11 -19.42
C VAL A 102 7.70 -2.71 -18.21
N GLY A 103 7.12 -2.56 -17.03
CA GLY A 103 7.73 -3.09 -15.83
C GLY A 103 7.34 -2.31 -14.59
N PRO A 104 7.52 -2.94 -13.41
CA PRO A 104 7.20 -2.32 -12.13
C PRO A 104 8.14 -1.18 -11.78
N GLY A 105 7.80 -0.43 -10.74
CA GLY A 105 8.63 0.68 -10.32
C GLY A 105 8.91 0.67 -8.82
N PRO A 106 9.15 1.86 -8.25
CA PRO A 106 9.44 2.00 -6.82
C PRO A 106 8.21 1.73 -5.96
N GLU A 107 8.38 1.86 -4.65
CA GLU A 107 7.28 1.63 -3.71
C GLU A 107 6.60 2.94 -3.32
N SER A 108 5.55 2.84 -2.52
CA SER A 108 4.81 4.01 -2.08
C SER A 108 5.02 4.25 -0.58
N SER A 109 4.41 5.33 -0.08
CA SER A 109 4.52 5.67 1.33
C SER A 109 3.85 4.62 2.20
N PRO A 110 4.66 3.90 2.99
CA PRO A 110 4.17 2.84 3.88
C PRO A 110 3.39 3.41 5.06
N VAL A 111 2.14 2.94 5.22
CA VAL A 111 1.28 3.39 6.29
C VAL A 111 1.35 2.45 7.49
N LEU A 112 1.57 3.01 8.67
CA LEU A 112 1.66 2.21 9.89
C LEU A 112 0.27 1.96 10.48
N VAL A 113 -0.14 0.70 10.51
CA VAL A 113 -1.44 0.34 11.04
C VAL A 113 -1.30 -0.71 12.15
N ARG A 114 -2.00 -0.48 13.26
CA ARG A 114 -1.95 -1.40 14.39
C ARG A 114 -3.25 -2.18 14.51
N THR A 115 -3.20 -3.47 14.19
CA THR A 115 -4.38 -4.33 14.26
C THR A 115 -5.07 -4.20 15.62
N ASP A 116 -6.33 -4.62 15.67
CA ASP A 116 -7.10 -4.56 16.92
C ASP A 116 -6.33 -5.19 18.06
N GLU A 117 -6.63 -4.75 19.28
CA GLU A 117 -5.97 -5.27 20.46
C GLU A 117 -6.71 -6.48 21.02
N ASP A 118 -5.97 -7.43 21.57
CA ASP A 118 -6.57 -8.63 22.14
C ASP A 118 -6.73 -8.49 23.65
N VAL A 119 -5.72 -7.92 24.31
CA VAL A 119 -5.76 -7.72 25.75
C VAL A 119 -7.02 -6.99 26.17
N PRO A 120 -7.47 -7.25 27.41
CA PRO A 120 -8.67 -6.62 27.96
C PRO A 120 -8.47 -5.13 28.25
N SER A 121 -7.30 -4.62 27.88
CA SER A 121 -6.98 -3.22 28.10
C SER A 121 -7.98 -2.32 27.37
N GLY A 122 -8.06 -1.06 27.82
CA GLY A 122 -8.98 -0.12 27.20
C GLY A 122 -8.26 1.06 26.57
N PRO A 123 -8.48 1.25 25.26
CA PRO A 123 -7.86 2.34 24.51
C PRO A 123 -8.42 3.71 24.90
N PRO A 124 -7.67 4.77 24.59
CA PRO A 124 -8.06 6.15 24.90
C PRO A 124 -9.24 6.62 24.05
N ARG A 125 -10.30 7.07 24.72
CA ARG A 125 -11.49 7.54 24.03
C ARG A 125 -11.59 9.06 24.08
N LYS A 126 -11.62 9.69 22.91
CA LYS A 126 -11.71 11.14 22.82
C LYS A 126 -10.54 11.80 23.54
N VAL A 127 -9.33 11.31 23.28
CA VAL A 127 -8.13 11.86 23.90
C VAL A 127 -6.94 11.79 22.94
N GLU A 128 -6.49 12.95 22.49
CA GLU A 128 -5.36 13.02 21.57
C GLU A 128 -4.05 12.72 22.29
N SER A 129 -3.24 11.85 21.70
CA SER A 129 -1.96 11.48 22.28
C SER A 129 -0.96 11.08 21.20
N GLY A 130 0.23 11.67 21.26
CA GLY A 130 1.26 11.37 20.28
C GLY A 130 1.16 12.24 19.05
N PRO A 131 2.29 12.86 18.67
CA PRO A 131 2.35 13.75 17.50
C PRO A 131 2.23 12.97 16.19
N SER A 132 1.06 13.09 15.55
CA SER A 132 0.82 12.41 14.29
C SER A 132 1.46 13.15 13.12
N SER A 133 2.58 12.61 12.64
CA SER A 133 3.29 13.23 11.52
C SER A 133 2.75 12.74 10.18
N GLY A 134 2.74 13.63 9.20
CA GLY A 134 2.25 13.26 7.87
C GLY A 134 2.98 12.08 7.28
N GLY A 1 19.64 16.86 -21.76
CA GLY A 1 19.25 15.50 -22.14
C GLY A 1 19.07 15.35 -23.63
N SER A 2 18.37 14.30 -24.03
CA SER A 2 18.13 14.02 -25.44
C SER A 2 16.75 13.43 -25.66
N SER A 3 16.35 13.29 -26.92
CA SER A 3 15.06 12.73 -27.26
C SER A 3 15.20 11.35 -27.91
N GLY A 4 14.13 10.58 -27.87
CA GLY A 4 14.15 9.24 -28.44
C GLY A 4 13.23 9.11 -29.63
N SER A 5 12.21 8.27 -29.49
CA SER A 5 11.24 8.05 -30.56
C SER A 5 10.41 9.30 -30.82
N SER A 6 10.71 9.98 -31.93
CA SER A 6 10.00 11.20 -32.29
C SER A 6 8.94 10.92 -33.35
N GLY A 7 7.70 10.68 -32.90
CA GLY A 7 6.62 10.41 -33.83
C GLY A 7 5.30 10.20 -33.11
N THR A 8 4.27 9.82 -33.88
CA THR A 8 2.95 9.59 -33.32
C THR A 8 2.65 8.11 -33.18
N ILE A 9 3.27 7.47 -32.20
CA ILE A 9 3.07 6.05 -31.96
C ILE A 9 1.96 5.81 -30.95
N GLU A 10 1.22 4.71 -31.13
CA GLU A 10 0.12 4.37 -30.24
C GLU A 10 0.04 2.86 -30.03
N ALA A 11 0.41 2.40 -28.85
CA ALA A 11 0.38 0.98 -28.54
C ALA A 11 0.19 0.75 -27.04
N ARG A 12 0.17 -0.51 -26.64
CA ARG A 12 0.00 -0.87 -25.24
C ARG A 12 1.33 -0.83 -24.49
N THR A 13 2.35 -1.43 -25.10
CA THR A 13 3.68 -1.46 -24.49
C THR A 13 3.96 -0.20 -23.70
N ALA A 14 3.77 -0.27 -22.39
CA ALA A 14 4.01 0.88 -21.52
C ALA A 14 5.35 1.54 -21.82
N GLN A 15 5.49 2.79 -21.41
CA GLN A 15 6.73 3.53 -21.64
C GLN A 15 7.70 3.36 -20.48
N SER A 16 7.21 3.63 -19.27
CA SER A 16 8.03 3.50 -18.07
C SER A 16 7.17 3.61 -16.81
N THR A 17 7.54 2.84 -15.79
CA THR A 17 6.81 2.84 -14.53
C THR A 17 6.49 4.26 -14.08
N PRO A 18 5.39 4.42 -13.33
CA PRO A 18 4.95 5.72 -12.82
C PRO A 18 5.88 6.26 -11.74
N SER A 19 5.75 7.56 -11.45
CA SER A 19 6.59 8.20 -10.44
C SER A 19 5.78 8.48 -9.18
N ALA A 20 4.83 9.41 -9.28
CA ALA A 20 4.00 9.77 -8.15
C ALA A 20 3.07 8.63 -7.76
N PRO A 21 2.17 8.26 -8.69
CA PRO A 21 1.21 7.17 -8.46
C PRO A 21 1.87 5.81 -8.42
N PRO A 22 1.31 4.89 -7.62
CA PRO A 22 0.11 5.18 -6.82
C PRO A 22 0.39 6.14 -5.68
N GLN A 23 -0.55 7.04 -5.42
CA GLN A 23 -0.41 8.02 -4.36
C GLN A 23 -1.59 7.97 -3.40
N LYS A 24 -1.57 8.82 -2.39
CA LYS A 24 -2.64 8.87 -1.40
C LYS A 24 -2.90 7.50 -0.79
N VAL A 25 -1.86 6.67 -0.76
CA VAL A 25 -1.96 5.33 -0.21
C VAL A 25 -2.39 5.37 1.25
N MET A 26 -3.61 4.95 1.52
CA MET A 26 -4.13 4.94 2.89
C MET A 26 -4.49 3.52 3.33
N CYS A 27 -3.84 3.05 4.39
CA CYS A 27 -4.09 1.71 4.90
C CYS A 27 -4.87 1.77 6.21
N VAL A 28 -5.85 0.88 6.36
CA VAL A 28 -6.67 0.83 7.56
C VAL A 28 -6.89 -0.61 8.02
N SER A 29 -6.62 -0.87 9.30
CA SER A 29 -6.78 -2.20 9.85
C SER A 29 -8.25 -2.58 9.94
N MET A 30 -8.59 -3.73 9.35
CA MET A 30 -9.97 -4.21 9.35
C MET A 30 -10.30 -4.88 10.68
N GLY A 31 -9.52 -5.89 11.04
CA GLY A 31 -9.75 -6.61 12.28
C GLY A 31 -8.49 -6.74 13.12
N SER A 32 -8.05 -7.97 13.33
CA SER A 32 -6.85 -8.23 14.13
C SER A 32 -5.79 -8.94 13.30
N THR A 33 -6.24 -9.67 12.28
CA THR A 33 -5.33 -10.40 11.40
C THR A 33 -5.58 -10.05 9.94
N THR A 34 -6.38 -9.02 9.71
CA THR A 34 -6.68 -8.59 8.35
C THR A 34 -6.58 -7.07 8.22
N VAL A 35 -6.05 -6.61 7.09
CA VAL A 35 -5.89 -5.18 6.84
C VAL A 35 -6.39 -4.81 5.45
N ARG A 36 -6.88 -3.58 5.31
CA ARG A 36 -7.39 -3.10 4.04
C ARG A 36 -6.62 -1.87 3.57
N VAL A 37 -5.98 -1.98 2.41
CA VAL A 37 -5.21 -0.87 1.85
C VAL A 37 -5.76 -0.44 0.50
N SER A 38 -5.98 0.86 0.35
CA SER A 38 -6.52 1.40 -0.89
C SER A 38 -5.74 2.65 -1.32
N TRP A 39 -5.74 2.92 -2.62
CA TRP A 39 -5.03 4.07 -3.16
C TRP A 39 -5.91 4.82 -4.16
N VAL A 40 -5.46 6.01 -4.56
CA VAL A 40 -6.20 6.83 -5.50
C VAL A 40 -5.94 6.36 -6.94
N PRO A 41 -7.04 6.03 -7.65
CA PRO A 41 -6.96 5.56 -9.04
C PRO A 41 -6.54 6.67 -10.00
N PRO A 42 -5.36 6.52 -10.60
CA PRO A 42 -4.82 7.49 -11.56
C PRO A 42 -5.59 7.50 -12.87
N PRO A 43 -5.74 8.71 -13.45
CA PRO A 43 -6.46 8.88 -14.72
C PRO A 43 -5.71 8.30 -15.90
N ALA A 44 -6.16 7.14 -16.37
CA ALA A 44 -5.52 6.47 -17.50
C ALA A 44 -5.08 7.48 -18.55
N ASP A 45 -5.88 8.53 -18.73
CA ASP A 45 -5.57 9.57 -19.72
C ASP A 45 -4.30 10.32 -19.32
N SER A 46 -3.50 10.68 -20.31
CA SER A 46 -2.26 11.40 -20.06
C SER A 46 -1.41 10.68 -19.03
N ARG A 47 -1.14 9.41 -19.27
CA ARG A 47 -0.33 8.60 -18.35
C ARG A 47 0.96 8.13 -19.03
N ASN A 48 1.98 7.89 -18.22
CA ASN A 48 3.27 7.44 -18.74
C ASN A 48 3.38 5.91 -18.67
N GLY A 49 2.39 5.28 -18.04
CA GLY A 49 2.40 3.84 -17.91
C GLY A 49 1.00 3.26 -17.76
N VAL A 50 0.77 2.12 -18.40
CA VAL A 50 -0.53 1.47 -18.35
C VAL A 50 -0.62 0.51 -17.17
N ILE A 51 -1.17 0.99 -16.06
CA ILE A 51 -1.32 0.18 -14.86
C ILE A 51 -1.75 -1.23 -15.20
N THR A 52 -0.77 -2.12 -15.38
CA THR A 52 -1.05 -3.50 -15.71
C THR A 52 -1.64 -4.25 -14.52
N GLN A 53 -1.12 -3.97 -13.33
CA GLN A 53 -1.60 -4.61 -12.12
C GLN A 53 -1.05 -3.90 -10.89
N TYR A 54 -1.52 -4.31 -9.71
CA TYR A 54 -1.08 -3.72 -8.45
C TYR A 54 -0.47 -4.78 -7.54
N SER A 55 0.78 -4.56 -7.15
CA SER A 55 1.49 -5.49 -6.27
C SER A 55 1.47 -4.99 -4.83
N VAL A 56 0.93 -5.82 -3.94
CA VAL A 56 0.85 -5.47 -2.52
C VAL A 56 1.75 -6.37 -1.69
N ALA A 57 2.32 -5.81 -0.63
CA ALA A 57 3.19 -6.56 0.26
C ALA A 57 3.12 -6.04 1.69
N TYR A 58 3.44 -6.90 2.66
CA TYR A 58 3.40 -6.52 4.06
C TYR A 58 4.49 -7.25 4.85
N GLU A 59 4.93 -6.64 5.95
CA GLU A 59 5.96 -7.23 6.79
C GLU A 59 5.95 -6.60 8.18
N ALA A 60 6.05 -7.45 9.20
CA ALA A 60 6.04 -6.99 10.59
C ALA A 60 7.35 -6.27 10.93
N VAL A 61 7.23 -5.08 11.49
CA VAL A 61 8.41 -4.29 11.87
C VAL A 61 8.78 -4.52 13.32
N ASP A 62 7.77 -4.61 14.19
CA ASP A 62 7.99 -4.83 15.61
C ASP A 62 7.34 -6.12 16.06
N GLY A 63 7.34 -7.13 15.19
CA GLY A 63 6.74 -8.40 15.53
C GLY A 63 7.76 -9.52 15.63
N GLU A 64 7.34 -10.66 16.15
CA GLU A 64 8.23 -11.80 16.31
C GLU A 64 8.77 -12.26 14.96
N ASP A 65 7.87 -12.46 14.00
CA ASP A 65 8.24 -12.90 12.67
C ASP A 65 8.31 -11.72 11.71
N ARG A 66 9.49 -11.52 11.11
CA ARG A 66 9.69 -10.43 10.18
C ARG A 66 9.56 -10.91 8.73
N GLY A 67 8.85 -12.02 8.55
CA GLY A 67 8.66 -12.57 7.22
C GLY A 67 7.74 -11.72 6.37
N ARG A 68 8.31 -11.06 5.36
CA ARG A 68 7.53 -10.21 4.48
C ARG A 68 6.76 -11.04 3.46
N HIS A 69 5.47 -10.74 3.31
CA HIS A 69 4.61 -11.46 2.39
C HIS A 69 4.31 -10.62 1.16
N VAL A 70 3.87 -11.27 0.08
CA VAL A 70 3.55 -10.58 -1.16
C VAL A 70 2.30 -11.17 -1.80
N VAL A 71 1.38 -10.30 -2.21
CA VAL A 71 0.14 -10.73 -2.84
C VAL A 71 0.30 -10.79 -4.36
N ASP A 72 -0.16 -11.89 -4.96
CA ASP A 72 -0.07 -12.07 -6.40
C ASP A 72 -1.46 -12.28 -7.00
N GLY A 73 -1.63 -11.87 -8.25
CA GLY A 73 -2.91 -12.03 -8.92
C GLY A 73 -3.89 -10.94 -8.56
N ILE A 74 -3.46 -9.68 -8.68
CA ILE A 74 -4.31 -8.54 -8.36
C ILE A 74 -4.69 -7.77 -9.63
N SER A 75 -5.99 -7.66 -9.87
CA SER A 75 -6.49 -6.95 -11.04
C SER A 75 -6.14 -5.47 -10.97
N ARG A 76 -5.82 -4.89 -12.12
CA ARG A 76 -5.45 -3.48 -12.20
C ARG A 76 -6.65 -2.60 -11.86
N GLU A 77 -7.85 -3.14 -12.02
CA GLU A 77 -9.07 -2.41 -11.74
C GLU A 77 -9.40 -2.44 -10.25
N HIS A 78 -8.41 -2.81 -9.44
CA HIS A 78 -8.60 -2.89 -8.00
C HIS A 78 -7.55 -2.05 -7.28
N SER A 79 -7.90 -0.81 -6.96
CA SER A 79 -6.99 0.11 -6.27
C SER A 79 -7.03 -0.14 -4.77
N SER A 80 -7.46 -1.32 -4.36
CA SER A 80 -7.55 -1.67 -2.96
C SER A 80 -7.42 -3.18 -2.75
N TRP A 81 -6.95 -3.57 -1.58
CA TRP A 81 -6.77 -4.99 -1.26
C TRP A 81 -6.92 -5.23 0.24
N ASP A 82 -7.38 -6.42 0.60
CA ASP A 82 -7.57 -6.77 2.00
C ASP A 82 -6.62 -7.89 2.41
N LEU A 83 -5.54 -7.52 3.10
CA LEU A 83 -4.55 -8.49 3.55
C LEU A 83 -5.12 -9.40 4.62
N VAL A 84 -4.76 -10.67 4.58
CA VAL A 84 -5.23 -11.65 5.55
C VAL A 84 -4.12 -12.59 5.99
N GLY A 85 -3.95 -12.73 7.29
CA GLY A 85 -2.91 -13.60 7.82
C GLY A 85 -1.81 -12.83 8.51
N LEU A 86 -2.18 -12.02 9.50
CA LEU A 86 -1.21 -11.23 10.24
C LEU A 86 -1.39 -11.40 11.74
N GLU A 87 -0.58 -10.69 12.52
CA GLU A 87 -0.66 -10.76 13.98
C GLU A 87 -1.61 -9.70 14.53
N LYS A 88 -1.92 -9.80 15.81
CA LYS A 88 -2.82 -8.85 16.46
C LYS A 88 -2.04 -7.90 17.37
N TRP A 89 -2.41 -6.62 17.32
CA TRP A 89 -1.74 -5.61 18.14
C TRP A 89 -0.28 -5.46 17.73
N THR A 90 -0.02 -5.50 16.43
CA THR A 90 1.33 -5.37 15.91
C THR A 90 1.36 -4.52 14.64
N GLU A 91 2.27 -3.55 14.61
CA GLU A 91 2.40 -2.67 13.46
C GLU A 91 2.90 -3.43 12.24
N TYR A 92 2.35 -3.11 11.07
CA TYR A 92 2.74 -3.78 9.83
C TYR A 92 2.94 -2.77 8.71
N ARG A 93 4.08 -2.88 8.02
CA ARG A 93 4.39 -1.96 6.92
C ARG A 93 3.87 -2.51 5.60
N VAL A 94 2.82 -1.87 5.07
CA VAL A 94 2.23 -2.30 3.81
C VAL A 94 2.78 -1.47 2.64
N TRP A 95 3.16 -2.16 1.58
CA TRP A 95 3.71 -1.49 0.39
C TRP A 95 2.91 -1.87 -0.85
N VAL A 96 2.19 -0.89 -1.40
CA VAL A 96 1.39 -1.11 -2.60
C VAL A 96 1.79 -0.16 -3.71
N ARG A 97 2.26 -0.72 -4.82
CA ARG A 97 2.67 0.08 -5.97
C ARG A 97 1.91 -0.33 -7.22
N ALA A 98 2.10 0.42 -8.30
CA ALA A 98 1.43 0.14 -9.56
C ALA A 98 2.41 -0.43 -10.58
N HIS A 99 2.21 -1.71 -10.93
CA HIS A 99 3.07 -2.37 -11.90
C HIS A 99 2.64 -2.06 -13.32
N THR A 100 3.60 -1.94 -14.22
CA THR A 100 3.31 -1.64 -15.62
C THR A 100 3.92 -2.69 -16.54
N ASP A 101 3.47 -2.70 -17.79
CA ASP A 101 3.98 -3.65 -18.78
C ASP A 101 5.50 -3.55 -18.89
N VAL A 102 6.04 -2.37 -18.62
CA VAL A 102 7.47 -2.14 -18.69
C VAL A 102 8.20 -2.84 -17.54
N GLY A 103 7.47 -3.10 -16.46
CA GLY A 103 8.06 -3.76 -15.31
C GLY A 103 7.70 -3.08 -14.01
N PRO A 104 7.92 -3.78 -12.88
CA PRO A 104 7.62 -3.24 -11.55
C PRO A 104 8.58 -2.12 -11.16
N GLY A 105 8.23 -1.40 -10.09
CA GLY A 105 9.07 -0.31 -9.63
C GLY A 105 9.23 -0.31 -8.12
N PRO A 106 9.62 0.85 -7.57
CA PRO A 106 9.83 1.00 -6.12
C PRO A 106 8.52 0.96 -5.34
N GLU A 107 8.61 0.76 -4.04
CA GLU A 107 7.43 0.70 -3.18
C GLU A 107 6.90 2.10 -2.90
N SER A 108 5.60 2.19 -2.62
CA SER A 108 4.96 3.46 -2.34
C SER A 108 5.07 3.83 -0.86
N SER A 109 4.48 4.94 -0.49
CA SER A 109 4.52 5.40 0.90
C SER A 109 3.87 4.37 1.83
N PRO A 110 4.70 3.72 2.66
CA PRO A 110 4.24 2.71 3.60
C PRO A 110 3.41 3.31 4.74
N VAL A 111 2.30 2.65 5.06
CA VAL A 111 1.42 3.12 6.12
C VAL A 111 1.46 2.18 7.32
N LEU A 112 1.68 2.74 8.50
CA LEU A 112 1.73 1.95 9.73
C LEU A 112 0.36 1.81 10.36
N VAL A 113 -0.06 0.57 10.58
CA VAL A 113 -1.37 0.31 11.17
C VAL A 113 -1.26 -0.72 12.30
N ARG A 114 -1.85 -0.40 13.44
CA ARG A 114 -1.81 -1.30 14.60
C ARG A 114 -3.08 -2.15 14.66
N THR A 115 -2.93 -3.43 14.34
CA THR A 115 -4.05 -4.37 14.34
C THR A 115 -4.70 -4.42 15.73
N ASP A 116 -5.98 -4.77 15.76
CA ASP A 116 -6.71 -4.86 17.01
C ASP A 116 -5.96 -5.72 18.02
N GLU A 117 -6.18 -5.46 19.30
CA GLU A 117 -5.51 -6.20 20.36
C GLU A 117 -6.32 -7.44 20.74
N ASP A 118 -5.62 -8.56 20.94
CA ASP A 118 -6.28 -9.81 21.32
C ASP A 118 -6.62 -9.83 22.80
N VAL A 119 -5.60 -9.63 23.64
CA VAL A 119 -5.80 -9.62 25.08
C VAL A 119 -6.64 -8.43 25.52
N PRO A 120 -7.43 -8.63 26.59
CA PRO A 120 -8.30 -7.59 27.13
C PRO A 120 -7.51 -6.47 27.81
N SER A 121 -6.18 -6.57 27.75
CA SER A 121 -5.32 -5.57 28.36
C SER A 121 -5.72 -4.16 27.93
N GLY A 122 -5.51 -3.20 28.82
CA GLY A 122 -5.85 -1.83 28.51
C GLY A 122 -4.63 -0.93 28.37
N PRO A 123 -4.68 -0.02 27.38
CA PRO A 123 -3.58 0.91 27.12
C PRO A 123 -3.41 1.96 28.21
N PRO A 124 -2.17 2.40 28.43
CA PRO A 124 -1.85 3.40 29.46
C PRO A 124 -2.38 4.78 29.09
N ARG A 125 -3.15 5.37 30.00
CA ARG A 125 -3.72 6.69 29.78
C ARG A 125 -3.34 7.65 30.89
N LYS A 126 -2.25 8.39 30.69
CA LYS A 126 -1.76 9.34 31.68
C LYS A 126 -2.27 10.74 31.36
N VAL A 127 -2.66 11.47 32.41
CA VAL A 127 -3.17 12.82 32.25
C VAL A 127 -2.18 13.69 31.47
N GLU A 128 -2.54 14.01 30.23
CA GLU A 128 -1.68 14.83 29.38
C GLU A 128 -2.51 15.81 28.56
N SER A 129 -2.01 17.04 28.43
CA SER A 129 -2.71 18.07 27.68
C SER A 129 -3.04 17.59 26.27
N GLY A 130 -4.22 17.99 25.79
CA GLY A 130 -4.64 17.59 24.45
C GLY A 130 -5.11 18.77 23.61
N PRO A 131 -4.17 19.68 23.30
CA PRO A 131 -4.48 20.86 22.49
C PRO A 131 -4.79 20.53 21.04
N SER A 132 -5.38 21.48 20.32
CA SER A 132 -5.72 21.27 18.91
C SER A 132 -6.03 22.60 18.24
N SER A 133 -5.97 22.60 16.91
CA SER A 133 -6.25 23.80 16.13
C SER A 133 -7.67 23.79 15.58
N GLY A 134 -8.33 24.94 15.61
CA GLY A 134 -9.69 25.03 15.10
C GLY A 134 -9.99 26.38 14.48
N GLY A 1 34.58 18.08 -15.58
CA GLY A 1 33.34 18.00 -14.82
C GLY A 1 33.58 17.69 -13.35
N SER A 2 32.98 16.61 -12.88
CA SER A 2 33.12 16.20 -11.48
C SER A 2 34.30 15.24 -11.31
N SER A 3 34.61 14.91 -10.06
CA SER A 3 35.70 14.00 -9.76
C SER A 3 35.50 12.65 -10.45
N GLY A 4 34.35 12.03 -10.18
CA GLY A 4 34.04 10.74 -10.78
C GLY A 4 34.21 9.60 -9.81
N SER A 5 33.52 8.49 -10.07
CA SER A 5 33.58 7.32 -9.21
C SER A 5 33.27 6.05 -9.99
N SER A 6 33.85 4.94 -9.55
CA SER A 6 33.64 3.65 -10.21
C SER A 6 32.87 2.70 -9.30
N GLY A 7 31.56 2.63 -9.49
CA GLY A 7 30.73 1.75 -8.69
C GLY A 7 29.26 2.09 -8.78
N THR A 8 28.95 3.39 -8.74
CA THR A 8 27.56 3.84 -8.82
C THR A 8 26.92 3.42 -10.13
N ILE A 9 25.87 2.61 -10.04
CA ILE A 9 25.16 2.14 -11.22
C ILE A 9 23.88 2.95 -11.46
N GLU A 10 23.68 3.36 -12.71
CA GLU A 10 22.49 4.13 -13.07
C GLU A 10 21.91 3.66 -14.40
N ALA A 11 20.73 3.05 -14.32
CA ALA A 11 20.06 2.55 -15.52
C ALA A 11 18.54 2.47 -15.31
N ARG A 12 17.82 3.37 -15.97
CA ARG A 12 16.36 3.40 -15.85
C ARG A 12 15.77 2.01 -16.09
N THR A 13 14.73 1.68 -15.33
CA THR A 13 14.07 0.39 -15.44
C THR A 13 13.01 0.42 -16.54
N ALA A 14 12.07 1.34 -16.42
CA ALA A 14 11.00 1.47 -17.40
C ALA A 14 10.49 2.90 -17.47
N GLN A 15 9.88 3.27 -18.60
CA GLN A 15 9.35 4.60 -18.79
C GLN A 15 7.85 4.63 -18.57
N SER A 16 7.13 3.75 -19.26
CA SER A 16 5.68 3.66 -19.14
C SER A 16 5.26 3.53 -17.68
N THR A 17 6.20 3.12 -16.84
CA THR A 17 5.93 2.95 -15.42
C THR A 17 5.53 4.28 -14.78
N PRO A 18 4.58 4.21 -13.82
CA PRO A 18 4.09 5.40 -13.11
C PRO A 18 5.14 5.99 -12.17
N SER A 19 5.09 7.31 -12.00
CA SER A 19 6.04 7.99 -11.13
C SER A 19 5.39 8.35 -9.79
N ALA A 20 4.38 9.22 -9.86
CA ALA A 20 3.67 9.65 -8.65
C ALA A 20 2.86 8.50 -8.06
N PRO A 21 1.85 8.03 -8.82
CA PRO A 21 0.97 6.94 -8.39
C PRO A 21 1.71 5.61 -8.35
N PRO A 22 1.22 4.70 -7.48
CA PRO A 22 0.07 4.95 -6.62
C PRO A 22 0.38 5.97 -5.53
N GLN A 23 -0.55 6.90 -5.30
CA GLN A 23 -0.38 7.92 -4.28
C GLN A 23 -1.53 7.92 -3.29
N LYS A 24 -1.42 8.73 -2.26
CA LYS A 24 -2.46 8.82 -1.23
C LYS A 24 -2.77 7.44 -0.65
N VAL A 25 -1.77 6.57 -0.66
CA VAL A 25 -1.95 5.21 -0.13
C VAL A 25 -2.35 5.24 1.33
N MET A 26 -3.61 4.91 1.61
CA MET A 26 -4.12 4.90 2.97
C MET A 26 -4.47 3.48 3.41
N CYS A 27 -3.76 2.98 4.41
CA CYS A 27 -3.99 1.63 4.91
C CYS A 27 -4.75 1.67 6.24
N VAL A 28 -5.74 0.80 6.38
CA VAL A 28 -6.54 0.74 7.59
C VAL A 28 -6.78 -0.70 8.02
N SER A 29 -6.61 -0.97 9.31
CA SER A 29 -6.81 -2.31 9.85
C SER A 29 -8.29 -2.67 9.88
N MET A 30 -8.67 -3.64 9.06
CA MET A 30 -10.07 -4.09 8.98
C MET A 30 -10.49 -4.74 10.30
N GLY A 31 -9.60 -5.54 10.87
CA GLY A 31 -9.90 -6.21 12.13
C GLY A 31 -8.68 -6.41 12.99
N SER A 32 -8.31 -7.67 13.22
CA SER A 32 -7.15 -7.99 14.04
C SER A 32 -6.11 -8.75 13.22
N THR A 33 -6.58 -9.61 12.31
CA THR A 33 -5.68 -10.39 11.46
C THR A 33 -5.88 -10.05 9.99
N THR A 34 -6.62 -8.97 9.73
CA THR A 34 -6.88 -8.55 8.36
C THR A 34 -6.68 -7.05 8.21
N VAL A 35 -6.12 -6.64 7.08
CA VAL A 35 -5.87 -5.23 6.80
C VAL A 35 -6.45 -4.83 5.45
N ARG A 36 -6.90 -3.59 5.35
CA ARG A 36 -7.46 -3.07 4.11
C ARG A 36 -6.70 -1.85 3.62
N VAL A 37 -5.92 -2.03 2.56
CA VAL A 37 -5.13 -0.95 2.00
C VAL A 37 -5.70 -0.48 0.66
N SER A 38 -5.89 0.83 0.54
CA SER A 38 -6.45 1.41 -0.69
C SER A 38 -5.65 2.64 -1.11
N TRP A 39 -5.57 2.86 -2.41
CA TRP A 39 -4.85 4.01 -2.96
C TRP A 39 -5.71 4.77 -3.96
N VAL A 40 -5.32 6.02 -4.23
CA VAL A 40 -6.05 6.85 -5.17
C VAL A 40 -5.69 6.50 -6.61
N PRO A 41 -6.71 6.09 -7.38
CA PRO A 41 -6.53 5.71 -8.79
C PRO A 41 -6.22 6.91 -9.67
N PRO A 42 -5.38 6.69 -10.69
CA PRO A 42 -4.98 7.74 -11.64
C PRO A 42 -6.13 8.18 -12.55
N PRO A 43 -6.40 9.50 -12.56
CA PRO A 43 -7.47 10.07 -13.38
C PRO A 43 -7.15 10.01 -14.87
N ALA A 44 -6.00 9.45 -15.20
CA ALA A 44 -5.57 9.33 -16.60
C ALA A 44 -5.20 10.69 -17.17
N ASP A 45 -4.57 11.53 -16.35
CA ASP A 45 -4.15 12.86 -16.78
C ASP A 45 -2.66 13.06 -16.52
N SER A 46 -2.12 12.34 -15.55
CA SER A 46 -0.71 12.45 -15.20
C SER A 46 0.04 11.20 -15.64
N ARG A 47 -0.54 10.03 -15.36
CA ARG A 47 0.08 8.77 -15.72
C ARG A 47 0.77 8.86 -17.08
N ASN A 48 1.87 8.14 -17.23
CA ASN A 48 2.62 8.13 -18.48
C ASN A 48 2.33 6.87 -19.29
N GLY A 49 2.17 5.76 -18.60
CA GLY A 49 1.89 4.50 -19.27
C GLY A 49 0.52 3.95 -18.91
N VAL A 50 0.38 2.62 -19.00
CA VAL A 50 -0.88 1.97 -18.69
C VAL A 50 -0.72 0.94 -17.58
N ILE A 51 -1.52 1.06 -16.54
CA ILE A 51 -1.46 0.14 -15.41
C ILE A 51 -1.96 -1.24 -15.81
N THR A 52 -1.14 -2.26 -15.60
CA THR A 52 -1.49 -3.63 -15.93
C THR A 52 -1.98 -4.39 -14.70
N GLN A 53 -1.40 -4.07 -13.55
CA GLN A 53 -1.79 -4.72 -12.30
C GLN A 53 -1.14 -4.03 -11.11
N TYR A 54 -1.61 -4.36 -9.91
CA TYR A 54 -1.08 -3.77 -8.69
C TYR A 54 -0.51 -4.84 -7.76
N SER A 55 0.61 -4.54 -7.13
CA SER A 55 1.26 -5.47 -6.22
C SER A 55 1.29 -4.92 -4.80
N VAL A 56 1.15 -5.80 -3.82
CA VAL A 56 1.16 -5.40 -2.41
C VAL A 56 2.15 -6.25 -1.61
N ALA A 57 2.63 -5.69 -0.51
CA ALA A 57 3.58 -6.39 0.35
C ALA A 57 3.49 -5.90 1.79
N TYR A 58 3.32 -6.82 2.72
CA TYR A 58 3.21 -6.49 4.13
C TYR A 58 4.31 -7.17 4.94
N GLU A 59 4.76 -6.50 6.00
CA GLU A 59 5.81 -7.05 6.85
C GLU A 59 5.73 -6.44 8.26
N ALA A 60 5.76 -7.30 9.27
CA ALA A 60 5.69 -6.85 10.65
C ALA A 60 7.03 -6.27 11.10
N VAL A 61 7.01 -5.03 11.56
CA VAL A 61 8.22 -4.36 12.02
C VAL A 61 8.46 -4.63 13.51
N ASP A 62 7.40 -4.65 14.29
CA ASP A 62 7.50 -4.90 15.72
C ASP A 62 7.06 -6.32 16.05
N GLY A 63 6.89 -7.13 15.02
CA GLY A 63 6.48 -8.52 15.22
C GLY A 63 7.65 -9.46 15.38
N GLU A 64 7.36 -10.74 15.62
CA GLU A 64 8.41 -11.73 15.79
C GLU A 64 9.00 -12.13 14.44
N ASP A 65 8.14 -12.34 13.46
CA ASP A 65 8.58 -12.73 12.12
C ASP A 65 8.61 -11.52 11.19
N ARG A 66 9.81 -11.20 10.70
CA ARG A 66 9.98 -10.06 9.80
C ARG A 66 9.80 -10.49 8.35
N GLY A 67 9.08 -11.58 8.14
CA GLY A 67 8.87 -12.07 6.79
C GLY A 67 7.92 -11.20 6.00
N ARG A 68 8.45 -10.53 4.98
CA ARG A 68 7.65 -9.65 4.14
C ARG A 68 6.90 -10.45 3.08
N HIS A 69 5.58 -10.50 3.21
CA HIS A 69 4.75 -11.22 2.26
C HIS A 69 4.40 -10.35 1.06
N VAL A 70 3.99 -10.99 -0.03
CA VAL A 70 3.64 -10.27 -1.25
C VAL A 70 2.37 -10.84 -1.87
N VAL A 71 1.53 -9.96 -2.42
CA VAL A 71 0.29 -10.38 -3.06
C VAL A 71 0.41 -10.37 -4.57
N ASP A 72 -0.01 -11.46 -5.19
CA ASP A 72 0.03 -11.58 -6.65
C ASP A 72 -1.34 -11.89 -7.22
N GLY A 73 -1.58 -11.44 -8.45
CA GLY A 73 -2.86 -11.68 -9.09
C GLY A 73 -3.92 -10.70 -8.66
N ILE A 74 -3.61 -9.41 -8.75
CA ILE A 74 -4.55 -8.36 -8.35
C ILE A 74 -5.05 -7.60 -9.57
N SER A 75 -6.37 -7.59 -9.74
CA SER A 75 -6.99 -6.89 -10.87
C SER A 75 -6.56 -5.42 -10.90
N ARG A 76 -6.14 -4.97 -12.07
CA ARG A 76 -5.70 -3.58 -12.23
C ARG A 76 -6.82 -2.61 -11.86
N GLU A 77 -8.04 -3.13 -11.73
CA GLU A 77 -9.18 -2.31 -11.39
C GLU A 77 -9.42 -2.32 -9.88
N HIS A 78 -8.49 -2.91 -9.15
CA HIS A 78 -8.59 -2.99 -7.69
C HIS A 78 -7.60 -2.04 -7.03
N SER A 79 -8.05 -0.83 -6.73
CA SER A 79 -7.21 0.17 -6.08
C SER A 79 -7.05 -0.11 -4.60
N SER A 80 -7.52 -1.28 -4.17
CA SER A 80 -7.45 -1.67 -2.77
C SER A 80 -7.32 -3.18 -2.63
N TRP A 81 -6.89 -3.63 -1.46
CA TRP A 81 -6.74 -5.06 -1.20
C TRP A 81 -6.93 -5.37 0.28
N ASP A 82 -7.47 -6.55 0.57
CA ASP A 82 -7.71 -6.96 1.94
C ASP A 82 -6.73 -8.06 2.36
N LEU A 83 -5.68 -7.67 3.08
CA LEU A 83 -4.67 -8.62 3.53
C LEU A 83 -5.23 -9.51 4.65
N VAL A 84 -4.87 -10.79 4.61
CA VAL A 84 -5.33 -11.74 5.61
C VAL A 84 -4.20 -12.67 6.04
N GLY A 85 -4.01 -12.80 7.35
CA GLY A 85 -2.96 -13.67 7.86
C GLY A 85 -1.86 -12.89 8.55
N LEU A 86 -2.24 -11.93 9.40
CA LEU A 86 -1.27 -11.11 10.11
C LEU A 86 -1.40 -11.31 11.62
N GLU A 87 -0.55 -10.63 12.37
CA GLU A 87 -0.57 -10.73 13.83
C GLU A 87 -1.60 -9.78 14.43
N LYS A 88 -1.93 -10.00 15.69
CA LYS A 88 -2.92 -9.17 16.37
C LYS A 88 -2.22 -8.11 17.22
N TRP A 89 -2.78 -6.89 17.21
CA TRP A 89 -2.21 -5.79 17.97
C TRP A 89 -0.74 -5.59 17.64
N THR A 90 -0.43 -5.56 16.34
CA THR A 90 0.95 -5.39 15.89
C THR A 90 1.01 -4.47 14.67
N GLU A 91 2.05 -3.65 14.61
CA GLU A 91 2.22 -2.72 13.49
C GLU A 91 2.79 -3.45 12.28
N TYR A 92 2.17 -3.21 11.12
CA TYR A 92 2.60 -3.84 9.88
C TYR A 92 2.84 -2.80 8.79
N ARG A 93 4.00 -2.88 8.15
CA ARG A 93 4.35 -1.94 7.09
C ARG A 93 3.92 -2.48 5.73
N VAL A 94 2.90 -1.86 5.15
CA VAL A 94 2.39 -2.27 3.85
C VAL A 94 2.96 -1.40 2.73
N TRP A 95 3.30 -2.03 1.61
CA TRP A 95 3.85 -1.32 0.47
C TRP A 95 3.13 -1.69 -0.82
N VAL A 96 2.37 -0.74 -1.36
CA VAL A 96 1.63 -0.96 -2.59
C VAL A 96 2.22 -0.17 -3.75
N ARG A 97 2.47 -0.85 -4.86
CA ARG A 97 3.04 -0.21 -6.04
C ARG A 97 2.24 -0.57 -7.30
N ALA A 98 2.53 0.13 -8.40
CA ALA A 98 1.84 -0.12 -9.65
C ALA A 98 2.75 -0.83 -10.65
N HIS A 99 2.18 -1.77 -11.40
CA HIS A 99 2.95 -2.52 -12.38
C HIS A 99 2.48 -2.19 -13.80
N THR A 100 3.44 -2.00 -14.71
CA THR A 100 3.12 -1.67 -16.08
C THR A 100 3.59 -2.78 -17.03
N ASP A 101 3.08 -2.75 -18.26
CA ASP A 101 3.45 -3.75 -19.26
C ASP A 101 4.94 -3.72 -19.53
N VAL A 102 5.58 -2.58 -19.23
CA VAL A 102 7.00 -2.43 -19.45
C VAL A 102 7.81 -3.01 -18.30
N GLY A 103 7.19 -3.05 -17.12
CA GLY A 103 7.87 -3.60 -15.95
C GLY A 103 7.25 -3.12 -14.65
N PRO A 104 7.86 -3.53 -13.52
CA PRO A 104 7.38 -3.15 -12.19
C PRO A 104 7.60 -1.67 -11.89
N GLY A 105 7.05 -1.20 -10.78
CA GLY A 105 7.20 0.20 -10.41
C GLY A 105 7.73 0.36 -9.00
N PRO A 106 8.06 1.61 -8.64
CA PRO A 106 8.59 1.93 -7.30
C PRO A 106 7.54 1.78 -6.20
N GLU A 107 8.00 1.63 -4.97
CA GLU A 107 7.09 1.48 -3.84
C GLU A 107 6.49 2.82 -3.45
N SER A 108 5.57 2.79 -2.48
CA SER A 108 4.92 4.00 -2.01
C SER A 108 5.16 4.21 -0.52
N SER A 109 4.60 5.29 0.02
CA SER A 109 4.76 5.61 1.43
C SER A 109 4.08 4.56 2.30
N PRO A 110 4.87 3.90 3.15
CA PRO A 110 4.37 2.86 4.06
C PRO A 110 3.49 3.43 5.17
N VAL A 111 2.31 2.87 5.33
CA VAL A 111 1.38 3.33 6.36
C VAL A 111 1.36 2.37 7.55
N LEU A 112 1.71 2.89 8.72
CA LEU A 112 1.75 2.09 9.93
C LEU A 112 0.34 1.91 10.51
N VAL A 113 -0.11 0.66 10.56
CA VAL A 113 -1.43 0.36 11.09
C VAL A 113 -1.35 -0.66 12.22
N ARG A 114 -2.04 -0.38 13.31
CA ARG A 114 -2.05 -1.27 14.47
C ARG A 114 -3.34 -2.08 14.52
N THR A 115 -3.26 -3.35 14.16
CA THR A 115 -4.42 -4.24 14.16
C THR A 115 -5.10 -4.23 15.52
N ASP A 116 -6.40 -4.53 15.53
CA ASP A 116 -7.17 -4.56 16.77
C ASP A 116 -6.49 -5.46 17.80
N GLU A 117 -6.73 -5.16 19.08
CA GLU A 117 -6.14 -5.95 20.16
C GLU A 117 -7.08 -7.07 20.59
N ASP A 118 -6.50 -8.18 21.04
CA ASP A 118 -7.29 -9.32 21.48
C ASP A 118 -7.66 -9.19 22.96
N VAL A 119 -6.72 -8.68 23.76
CA VAL A 119 -6.96 -8.50 25.18
C VAL A 119 -8.22 -7.68 25.44
N PRO A 120 -8.89 -7.94 26.57
CA PRO A 120 -10.11 -7.23 26.94
C PRO A 120 -9.84 -5.78 27.34
N SER A 121 -8.58 -5.37 27.21
CA SER A 121 -8.18 -4.01 27.57
C SER A 121 -8.55 -3.03 26.44
N GLY A 122 -9.82 -2.64 26.40
CA GLY A 122 -10.27 -1.71 25.40
C GLY A 122 -11.63 -1.12 25.71
N PRO A 123 -11.65 0.14 26.18
CA PRO A 123 -12.88 0.84 26.54
C PRO A 123 -13.72 1.19 25.32
N PRO A 124 -14.93 0.62 25.25
CA PRO A 124 -15.86 0.86 24.13
C PRO A 124 -16.42 2.28 24.14
N ARG A 125 -15.80 3.15 24.93
CA ARG A 125 -16.24 4.53 25.03
C ARG A 125 -16.32 5.18 23.65
N LYS A 126 -16.85 6.39 23.59
CA LYS A 126 -17.00 7.12 22.34
C LYS A 126 -15.64 7.33 21.68
N VAL A 127 -15.64 7.53 20.36
CA VAL A 127 -14.41 7.75 19.62
C VAL A 127 -13.85 9.14 19.88
N GLU A 128 -12.54 9.29 19.67
CA GLU A 128 -11.88 10.58 19.89
C GLU A 128 -10.91 10.89 18.75
N SER A 129 -11.16 12.00 18.08
CA SER A 129 -10.31 12.42 16.96
C SER A 129 -10.13 13.94 16.95
N GLY A 130 -8.94 14.37 16.57
CA GLY A 130 -8.65 15.80 16.52
C GLY A 130 -7.51 16.13 15.58
N PRO A 131 -7.58 17.32 14.95
CA PRO A 131 -6.55 17.78 14.01
C PRO A 131 -5.24 18.10 14.71
N SER A 132 -4.17 18.20 13.93
CA SER A 132 -2.85 18.51 14.47
C SER A 132 -2.22 19.68 13.72
N SER A 133 -2.41 20.89 14.24
CA SER A 133 -1.87 22.09 13.63
C SER A 133 -0.43 21.86 13.16
N GLY A 134 -0.15 22.22 11.91
CA GLY A 134 1.18 22.04 11.36
C GLY A 134 2.25 22.64 12.26
N GLY A 1 40.23 -0.48 6.11
CA GLY A 1 39.18 -0.18 5.17
C GLY A 1 39.37 -0.86 3.83
N SER A 2 38.50 -0.54 2.87
CA SER A 2 38.58 -1.13 1.54
C SER A 2 37.86 -0.26 0.52
N SER A 3 38.54 0.06 -0.57
CA SER A 3 37.97 0.89 -1.62
C SER A 3 37.29 0.02 -2.68
N GLY A 4 35.96 0.08 -2.70
CA GLY A 4 35.21 -0.70 -3.67
C GLY A 4 33.71 -0.49 -3.55
N SER A 5 32.98 -0.76 -4.62
CA SER A 5 31.54 -0.59 -4.64
C SER A 5 30.93 -1.10 -3.34
N SER A 6 30.00 -0.32 -2.78
CA SER A 6 29.34 -0.69 -1.54
C SER A 6 28.53 -1.97 -1.71
N GLY A 7 27.79 -2.05 -2.81
CA GLY A 7 26.98 -3.23 -3.08
C GLY A 7 25.61 -2.88 -3.60
N THR A 8 25.56 -2.33 -4.80
CA THR A 8 24.29 -1.94 -5.42
C THR A 8 23.57 -3.15 -6.00
N ILE A 9 22.25 -3.12 -5.94
CA ILE A 9 21.43 -4.22 -6.47
C ILE A 9 21.01 -3.95 -7.91
N GLU A 10 20.85 -5.02 -8.67
CA GLU A 10 20.44 -4.90 -10.08
C GLU A 10 19.06 -5.50 -10.29
N ALA A 11 18.31 -4.92 -11.21
CA ALA A 11 16.97 -5.40 -11.52
C ALA A 11 16.43 -4.77 -12.81
N ARG A 12 15.78 -5.58 -13.63
CA ARG A 12 15.23 -5.11 -14.90
C ARG A 12 14.62 -3.72 -14.73
N THR A 13 14.98 -2.80 -15.64
CA THR A 13 14.46 -1.44 -15.59
C THR A 13 13.40 -1.21 -16.65
N ALA A 14 12.23 -0.76 -16.22
CA ALA A 14 11.12 -0.50 -17.13
C ALA A 14 11.19 0.91 -17.69
N GLN A 15 10.50 1.13 -18.81
CA GLN A 15 10.49 2.45 -19.44
C GLN A 15 9.26 3.25 -19.02
N SER A 16 8.08 2.72 -19.33
CA SER A 16 6.83 3.38 -18.99
C SER A 16 6.30 2.90 -17.64
N THR A 17 6.72 3.58 -16.58
CA THR A 17 6.30 3.22 -15.23
C THR A 17 5.98 4.46 -14.41
N PRO A 18 4.98 4.33 -13.51
CA PRO A 18 4.55 5.44 -12.64
C PRO A 18 5.59 5.79 -11.59
N SER A 19 5.97 7.06 -11.54
CA SER A 19 6.96 7.52 -10.57
C SER A 19 6.28 8.05 -9.30
N ALA A 20 5.26 8.87 -9.50
CA ALA A 20 4.52 9.45 -8.37
C ALA A 20 3.61 8.41 -7.73
N PRO A 21 2.56 8.01 -8.48
CA PRO A 21 1.59 7.02 -8.00
C PRO A 21 2.18 5.62 -7.89
N PRO A 22 1.51 4.75 -7.14
CA PRO A 22 0.26 5.09 -6.46
C PRO A 22 0.49 6.05 -5.29
N GLN A 23 -0.35 7.08 -5.21
CA GLN A 23 -0.24 8.07 -4.15
C GLN A 23 -1.46 8.04 -3.24
N LYS A 24 -1.44 8.85 -2.19
CA LYS A 24 -2.54 8.92 -1.24
C LYS A 24 -2.86 7.53 -0.70
N VAL A 25 -1.85 6.68 -0.62
CA VAL A 25 -2.03 5.32 -0.11
C VAL A 25 -2.51 5.33 1.33
N MET A 26 -3.76 4.95 1.54
CA MET A 26 -4.35 4.92 2.87
C MET A 26 -4.63 3.48 3.30
N CYS A 27 -4.04 3.08 4.43
CA CYS A 27 -4.23 1.74 4.95
C CYS A 27 -4.99 1.76 6.27
N VAL A 28 -5.93 0.84 6.43
CA VAL A 28 -6.74 0.77 7.65
C VAL A 28 -6.96 -0.68 8.07
N SER A 29 -6.61 -0.99 9.31
CA SER A 29 -6.77 -2.34 9.84
C SER A 29 -8.24 -2.75 9.85
N MET A 30 -8.59 -3.73 9.03
CA MET A 30 -9.97 -4.21 8.95
C MET A 30 -10.39 -4.87 10.26
N GLY A 31 -9.47 -5.60 10.88
CA GLY A 31 -9.76 -6.27 12.12
C GLY A 31 -8.52 -6.53 12.96
N SER A 32 -8.18 -7.79 13.14
CA SER A 32 -7.01 -8.17 13.93
C SER A 32 -5.99 -8.91 13.07
N THR A 33 -6.49 -9.73 12.15
CA THR A 33 -5.63 -10.50 11.27
C THR A 33 -5.87 -10.15 9.80
N THR A 34 -6.59 -9.04 9.59
CA THR A 34 -6.89 -8.59 8.23
C THR A 34 -6.69 -7.08 8.10
N VAL A 35 -6.10 -6.66 6.99
CA VAL A 35 -5.86 -5.25 6.73
C VAL A 35 -6.41 -4.82 5.38
N ARG A 36 -6.85 -3.57 5.30
CA ARG A 36 -7.41 -3.04 4.06
C ARG A 36 -6.64 -1.81 3.60
N VAL A 37 -6.01 -1.91 2.44
CA VAL A 37 -5.24 -0.80 1.88
C VAL A 37 -5.80 -0.35 0.54
N SER A 38 -5.88 0.96 0.34
CA SER A 38 -6.39 1.52 -0.91
C SER A 38 -5.57 2.73 -1.34
N TRP A 39 -5.59 3.00 -2.65
CA TRP A 39 -4.85 4.13 -3.19
C TRP A 39 -5.73 4.96 -4.13
N VAL A 40 -5.21 6.10 -4.56
CA VAL A 40 -5.95 6.98 -5.46
C VAL A 40 -5.75 6.57 -6.91
N PRO A 41 -6.83 6.08 -7.54
CA PRO A 41 -6.81 5.65 -8.94
C PRO A 41 -6.66 6.82 -9.90
N PRO A 42 -5.49 6.90 -10.55
CA PRO A 42 -5.20 7.97 -11.52
C PRO A 42 -6.02 7.83 -12.80
N PRO A 43 -6.69 8.92 -13.18
CA PRO A 43 -7.52 8.94 -14.40
C PRO A 43 -6.68 8.89 -15.67
N ALA A 44 -7.28 8.39 -16.75
CA ALA A 44 -6.59 8.28 -18.03
C ALA A 44 -5.95 9.61 -18.42
N ASP A 45 -6.47 10.69 -17.86
CA ASP A 45 -5.95 12.03 -18.14
C ASP A 45 -4.58 12.23 -17.50
N SER A 46 -4.54 12.13 -16.18
CA SER A 46 -3.29 12.32 -15.44
C SER A 46 -2.56 10.98 -15.27
N ARG A 47 -1.70 10.66 -16.23
CA ARG A 47 -0.94 9.41 -16.17
C ARG A 47 0.21 9.43 -17.17
N ASN A 48 1.20 8.58 -16.94
CA ASN A 48 2.36 8.50 -17.83
C ASN A 48 2.53 7.09 -18.39
N GLY A 49 1.93 6.12 -17.72
CA GLY A 49 2.03 4.74 -18.17
C GLY A 49 0.69 4.03 -18.14
N VAL A 50 0.71 2.70 -18.21
CA VAL A 50 -0.50 1.91 -18.19
C VAL A 50 -0.45 0.84 -17.11
N ILE A 51 -1.24 1.02 -16.05
CA ILE A 51 -1.28 0.07 -14.96
C ILE A 51 -1.92 -1.24 -15.39
N THR A 52 -1.17 -2.33 -15.29
CA THR A 52 -1.66 -3.64 -15.67
C THR A 52 -2.10 -4.44 -14.44
N GLN A 53 -1.37 -4.29 -13.35
CA GLN A 53 -1.70 -4.99 -12.11
C GLN A 53 -1.06 -4.30 -10.91
N TYR A 54 -1.67 -4.47 -9.75
CA TYR A 54 -1.17 -3.85 -8.52
C TYR A 54 -0.60 -4.91 -7.58
N SER A 55 0.56 -4.60 -7.00
CA SER A 55 1.21 -5.53 -6.09
C SER A 55 1.24 -4.97 -4.67
N VAL A 56 1.14 -5.86 -3.68
CA VAL A 56 1.15 -5.44 -2.28
C VAL A 56 2.11 -6.30 -1.46
N ALA A 57 2.73 -5.70 -0.45
CA ALA A 57 3.67 -6.40 0.41
C ALA A 57 3.56 -5.93 1.85
N TYR A 58 3.44 -6.88 2.77
CA TYR A 58 3.32 -6.55 4.19
C TYR A 58 4.40 -7.26 5.00
N GLU A 59 5.00 -6.54 5.93
CA GLU A 59 6.05 -7.09 6.79
C GLU A 59 6.02 -6.48 8.17
N ALA A 60 5.96 -7.33 9.20
CA ALA A 60 5.93 -6.85 10.58
C ALA A 60 7.19 -6.09 10.93
N VAL A 61 7.03 -4.86 11.40
CA VAL A 61 8.16 -4.02 11.78
C VAL A 61 8.59 -4.28 13.22
N ASP A 62 7.61 -4.50 14.08
CA ASP A 62 7.88 -4.77 15.49
C ASP A 62 7.35 -6.14 15.90
N GLY A 63 6.93 -6.93 14.91
CA GLY A 63 6.41 -8.25 15.19
C GLY A 63 7.49 -9.23 15.56
N GLU A 64 7.15 -10.52 15.59
CA GLU A 64 8.11 -11.56 15.92
C GLU A 64 8.88 -12.01 14.69
N ASP A 65 8.20 -12.06 13.55
CA ASP A 65 8.83 -12.47 12.29
C ASP A 65 8.92 -11.30 11.33
N ARG A 66 10.13 -11.06 10.82
CA ARG A 66 10.35 -9.97 9.88
C ARG A 66 10.17 -10.44 8.44
N GLY A 67 9.36 -11.48 8.26
CA GLY A 67 9.11 -12.01 6.93
C GLY A 67 8.14 -11.17 6.13
N ARG A 68 8.62 -10.59 5.04
CA ARG A 68 7.78 -9.75 4.19
C ARG A 68 7.03 -10.59 3.16
N HIS A 69 5.71 -10.51 3.19
CA HIS A 69 4.87 -11.25 2.26
C HIS A 69 4.50 -10.41 1.05
N VAL A 70 4.09 -11.07 -0.03
CA VAL A 70 3.72 -10.37 -1.26
C VAL A 70 2.43 -10.95 -1.85
N VAL A 71 1.56 -10.07 -2.34
CA VAL A 71 0.31 -10.49 -2.93
C VAL A 71 0.38 -10.48 -4.46
N ASP A 72 -0.08 -11.56 -5.07
CA ASP A 72 -0.08 -11.67 -6.54
C ASP A 72 -1.47 -11.97 -7.06
N GLY A 73 -1.75 -11.50 -8.27
CA GLY A 73 -3.05 -11.72 -8.88
C GLY A 73 -4.10 -10.73 -8.40
N ILE A 74 -3.77 -9.44 -8.49
CA ILE A 74 -4.69 -8.39 -8.06
C ILE A 74 -5.23 -7.61 -9.25
N SER A 75 -6.56 -7.60 -9.37
CA SER A 75 -7.22 -6.90 -10.47
C SER A 75 -6.82 -5.43 -10.49
N ARG A 76 -6.40 -4.95 -11.65
CA ARG A 76 -5.99 -3.55 -11.81
C ARG A 76 -7.14 -2.61 -11.51
N GLU A 77 -8.36 -3.07 -11.76
CA GLU A 77 -9.55 -2.26 -11.51
C GLU A 77 -9.80 -2.10 -10.01
N HIS A 78 -8.97 -2.77 -9.20
CA HIS A 78 -9.10 -2.70 -7.75
C HIS A 78 -7.98 -1.87 -7.15
N SER A 79 -8.31 -0.63 -6.77
CA SER A 79 -7.32 0.27 -6.18
C SER A 79 -7.16 0.00 -4.70
N SER A 80 -7.60 -1.17 -4.26
CA SER A 80 -7.51 -1.55 -2.85
C SER A 80 -7.40 -3.07 -2.71
N TRP A 81 -6.97 -3.52 -1.54
CA TRP A 81 -6.82 -4.95 -1.28
C TRP A 81 -7.01 -5.24 0.21
N ASP A 82 -7.51 -6.43 0.52
CA ASP A 82 -7.74 -6.84 1.89
C ASP A 82 -6.76 -7.94 2.31
N LEU A 83 -5.69 -7.54 2.99
CA LEU A 83 -4.69 -8.50 3.44
C LEU A 83 -5.25 -9.43 4.50
N VAL A 84 -4.82 -10.68 4.46
CA VAL A 84 -5.28 -11.68 5.43
C VAL A 84 -4.16 -12.63 5.82
N GLY A 85 -3.96 -12.81 7.12
CA GLY A 85 -2.92 -13.69 7.61
C GLY A 85 -1.79 -12.94 8.30
N LEU A 86 -2.16 -12.03 9.20
CA LEU A 86 -1.18 -11.24 9.94
C LEU A 86 -1.36 -11.43 11.45
N GLU A 87 -0.42 -10.88 12.22
CA GLU A 87 -0.48 -10.97 13.66
C GLU A 87 -1.48 -9.98 14.25
N LYS A 88 -1.95 -10.26 15.46
CA LYS A 88 -2.92 -9.39 16.12
C LYS A 88 -2.22 -8.39 17.04
N TRP A 89 -2.77 -7.18 17.11
CA TRP A 89 -2.20 -6.14 17.95
C TRP A 89 -0.71 -5.93 17.64
N THR A 90 -0.41 -5.73 16.36
CA THR A 90 0.98 -5.53 15.94
C THR A 90 1.04 -4.65 14.68
N GLU A 91 2.01 -3.74 14.65
CA GLU A 91 2.17 -2.85 13.51
C GLU A 91 2.73 -3.60 12.30
N TYR A 92 2.31 -3.19 11.11
CA TYR A 92 2.77 -3.83 9.88
C TYR A 92 2.98 -2.79 8.78
N ARG A 93 4.13 -2.88 8.12
CA ARG A 93 4.46 -1.95 7.04
C ARG A 93 3.98 -2.49 5.69
N VAL A 94 2.95 -1.87 5.15
CA VAL A 94 2.40 -2.28 3.85
C VAL A 94 2.94 -1.41 2.72
N TRP A 95 3.30 -2.06 1.63
CA TRP A 95 3.84 -1.35 0.46
C TRP A 95 3.06 -1.71 -0.80
N VAL A 96 2.31 -0.74 -1.32
CA VAL A 96 1.52 -0.95 -2.52
C VAL A 96 2.06 -0.12 -3.69
N ARG A 97 2.27 -0.78 -4.82
CA ARG A 97 2.80 -0.11 -6.00
C ARG A 97 2.04 -0.55 -7.25
N ALA A 98 2.29 0.13 -8.37
CA ALA A 98 1.64 -0.20 -9.63
C ALA A 98 2.64 -0.79 -10.62
N HIS A 99 2.20 -1.82 -11.35
CA HIS A 99 3.05 -2.48 -12.34
C HIS A 99 2.54 -2.22 -13.75
N THR A 100 3.47 -1.96 -14.66
CA THR A 100 3.13 -1.69 -16.04
C THR A 100 3.53 -2.85 -16.95
N ASP A 101 2.96 -2.89 -18.16
CA ASP A 101 3.26 -3.95 -19.11
C ASP A 101 4.76 -4.06 -19.35
N VAL A 102 5.45 -2.91 -19.28
CA VAL A 102 6.89 -2.89 -19.49
C VAL A 102 7.62 -3.50 -18.31
N GLY A 103 6.99 -3.46 -17.14
CA GLY A 103 7.61 -4.01 -15.95
C GLY A 103 7.08 -3.36 -14.68
N PRO A 104 7.65 -3.76 -13.53
CA PRO A 104 7.26 -3.23 -12.22
C PRO A 104 7.68 -1.77 -12.04
N GLY A 105 7.55 -1.28 -10.82
CA GLY A 105 7.92 0.09 -10.53
C GLY A 105 8.32 0.30 -9.08
N PRO A 106 8.49 1.57 -8.69
CA PRO A 106 8.87 1.93 -7.32
C PRO A 106 7.76 1.66 -6.31
N GLU A 107 8.08 1.79 -5.03
CA GLU A 107 7.11 1.55 -3.97
C GLU A 107 6.47 2.86 -3.51
N SER A 108 5.48 2.75 -2.64
CA SER A 108 4.79 3.93 -2.13
C SER A 108 5.09 4.14 -0.65
N SER A 109 4.44 5.15 -0.06
CA SER A 109 4.64 5.46 1.35
C SER A 109 3.99 4.39 2.24
N PRO A 110 4.81 3.74 3.07
CA PRO A 110 4.34 2.70 3.99
C PRO A 110 3.48 3.26 5.11
N VAL A 111 2.27 2.73 5.26
CA VAL A 111 1.36 3.18 6.30
C VAL A 111 1.39 2.25 7.51
N LEU A 112 1.67 2.82 8.67
CA LEU A 112 1.75 2.03 9.91
C LEU A 112 0.35 1.82 10.49
N VAL A 113 -0.08 0.56 10.55
CA VAL A 113 -1.38 0.23 11.10
C VAL A 113 -1.27 -0.80 12.22
N ARG A 114 -1.94 -0.53 13.33
CA ARG A 114 -1.92 -1.42 14.48
C ARG A 114 -3.20 -2.25 14.56
N THR A 115 -3.10 -3.52 14.21
CA THR A 115 -4.25 -4.41 14.24
C THR A 115 -4.96 -4.35 15.59
N ASP A 116 -6.22 -4.77 15.61
CA ASP A 116 -7.01 -4.76 16.83
C ASP A 116 -6.39 -5.67 17.89
N GLU A 117 -6.61 -5.34 19.16
CA GLU A 117 -6.07 -6.13 20.26
C GLU A 117 -7.04 -7.23 20.68
N ASP A 118 -6.50 -8.33 21.17
CA ASP A 118 -7.32 -9.46 21.59
C ASP A 118 -7.78 -9.28 23.04
N VAL A 119 -6.86 -8.83 23.90
CA VAL A 119 -7.17 -8.61 25.30
C VAL A 119 -8.06 -7.38 25.49
N PRO A 120 -8.98 -7.45 26.46
CA PRO A 120 -9.90 -6.36 26.76
C PRO A 120 -9.19 -5.16 27.38
N SER A 121 -7.87 -5.25 27.48
CA SER A 121 -7.07 -4.17 28.06
C SER A 121 -6.82 -3.07 27.03
N GLY A 122 -6.82 -1.82 27.50
CA GLY A 122 -6.58 -0.69 26.61
C GLY A 122 -7.44 0.50 26.96
N PRO A 123 -6.87 1.71 26.81
CA PRO A 123 -7.58 2.95 27.11
C PRO A 123 -8.68 3.25 26.09
N PRO A 124 -9.81 3.78 26.59
CA PRO A 124 -10.96 4.12 25.75
C PRO A 124 -10.69 5.32 24.85
N ARG A 125 -9.41 5.69 24.74
CA ARG A 125 -9.02 6.83 23.91
C ARG A 125 -8.97 6.43 22.44
N LYS A 126 -9.27 7.38 21.56
CA LYS A 126 -9.25 7.13 20.13
C LYS A 126 -9.23 8.44 19.35
N VAL A 127 -8.79 8.38 18.10
CA VAL A 127 -8.73 9.56 17.25
C VAL A 127 -9.92 9.61 16.29
N GLU A 128 -10.29 10.82 15.90
CA GLU A 128 -11.41 11.02 14.97
C GLU A 128 -11.07 12.03 13.89
N SER A 129 -11.68 11.88 12.73
CA SER A 129 -11.44 12.78 11.61
C SER A 129 -12.71 13.03 10.81
N GLY A 130 -12.72 14.09 10.03
CA GLY A 130 -13.89 14.42 9.22
C GLY A 130 -14.14 13.41 8.12
N PRO A 131 -15.41 13.03 7.93
CA PRO A 131 -15.80 12.06 6.90
C PRO A 131 -15.66 12.62 5.50
N SER A 132 -15.47 11.73 4.53
CA SER A 132 -15.31 12.13 3.14
C SER A 132 -16.65 12.15 2.42
N SER A 133 -16.76 12.98 1.39
CA SER A 133 -17.99 13.09 0.62
C SER A 133 -18.15 11.90 -0.33
N GLY A 134 -17.17 11.72 -1.20
CA GLY A 134 -17.22 10.62 -2.15
C GLY A 134 -17.46 11.09 -3.57
N GLY A 1 15.46 15.31 4.18
CA GLY A 1 14.73 15.29 2.92
C GLY A 1 15.54 15.88 1.78
N SER A 2 15.05 15.69 0.56
CA SER A 2 15.74 16.20 -0.63
C SER A 2 14.77 16.93 -1.55
N SER A 3 15.30 17.69 -2.49
CA SER A 3 14.48 18.44 -3.44
C SER A 3 15.10 18.40 -4.83
N GLY A 4 14.34 17.88 -5.80
CA GLY A 4 14.81 17.80 -7.16
C GLY A 4 13.72 17.42 -8.14
N SER A 5 13.04 18.42 -8.67
CA SER A 5 11.96 18.19 -9.62
C SER A 5 12.44 17.37 -10.82
N SER A 6 11.50 16.88 -11.62
CA SER A 6 11.84 16.09 -12.79
C SER A 6 12.04 16.97 -14.02
N GLY A 7 11.16 17.94 -14.20
CA GLY A 7 11.26 18.84 -15.33
C GLY A 7 10.04 19.72 -15.49
N THR A 8 9.57 19.89 -16.73
CA THR A 8 8.41 20.70 -17.01
C THR A 8 7.65 20.17 -18.22
N ILE A 9 6.37 19.86 -18.01
CA ILE A 9 5.54 19.34 -19.09
C ILE A 9 6.01 17.97 -19.55
N GLU A 10 6.31 17.10 -18.59
CA GLU A 10 6.77 15.76 -18.90
C GLU A 10 5.59 14.81 -19.10
N ALA A 11 4.39 15.37 -19.21
CA ALA A 11 3.19 14.58 -19.40
C ALA A 11 3.21 13.87 -20.75
N ARG A 12 3.62 12.61 -20.76
CA ARG A 12 3.69 11.83 -21.98
C ARG A 12 3.64 10.34 -21.68
N THR A 13 3.14 9.56 -22.64
CA THR A 13 3.03 8.11 -22.47
C THR A 13 4.23 7.56 -21.70
N ALA A 14 3.94 6.73 -20.70
CA ALA A 14 4.99 6.13 -19.89
C ALA A 14 6.05 5.46 -20.77
N GLN A 15 7.25 5.30 -20.22
CA GLN A 15 8.34 4.68 -20.94
C GLN A 15 9.02 3.60 -20.10
N SER A 16 9.04 3.81 -18.78
CA SER A 16 9.65 2.87 -17.87
C SER A 16 8.73 2.56 -16.69
N THR A 17 8.23 3.61 -16.05
CA THR A 17 7.32 3.46 -14.91
C THR A 17 6.80 4.81 -14.45
N PRO A 18 5.69 4.79 -13.70
CA PRO A 18 5.06 6.01 -13.17
C PRO A 18 5.91 6.68 -12.09
N SER A 19 5.60 7.94 -11.80
CA SER A 19 6.33 8.69 -10.79
C SER A 19 5.48 8.89 -9.54
N ALA A 20 4.43 9.70 -9.66
CA ALA A 20 3.55 9.98 -8.54
C ALA A 20 2.82 8.71 -8.10
N PRO A 21 1.98 8.16 -8.99
CA PRO A 21 1.21 6.95 -8.71
C PRO A 21 2.09 5.72 -8.63
N PRO A 22 1.75 4.80 -7.71
CA PRO A 22 0.60 4.97 -6.81
C PRO A 22 0.83 6.08 -5.79
N GLN A 23 -0.25 6.79 -5.46
CA GLN A 23 -0.16 7.89 -4.49
C GLN A 23 -1.39 7.90 -3.58
N LYS A 24 -1.29 8.62 -2.47
CA LYS A 24 -2.40 8.71 -1.52
C LYS A 24 -2.78 7.33 -0.99
N VAL A 25 -1.77 6.49 -0.76
CA VAL A 25 -2.01 5.15 -0.27
C VAL A 25 -2.41 5.17 1.21
N MET A 26 -3.66 4.77 1.48
CA MET A 26 -4.17 4.76 2.84
C MET A 26 -4.48 3.33 3.29
N CYS A 27 -3.81 2.89 4.35
CA CYS A 27 -4.01 1.55 4.88
C CYS A 27 -4.70 1.59 6.24
N VAL A 28 -5.61 0.65 6.46
CA VAL A 28 -6.34 0.58 7.73
C VAL A 28 -6.50 -0.87 8.19
N SER A 29 -6.68 -1.04 9.49
CA SER A 29 -6.84 -2.38 10.07
C SER A 29 -8.31 -2.81 10.01
N MET A 30 -8.62 -3.67 9.05
CA MET A 30 -9.97 -4.18 8.89
C MET A 30 -10.49 -4.79 10.18
N GLY A 31 -9.58 -5.41 10.94
CA GLY A 31 -9.96 -6.04 12.19
C GLY A 31 -8.77 -6.29 13.10
N SER A 32 -8.50 -7.56 13.38
CA SER A 32 -7.38 -7.93 14.25
C SER A 32 -6.29 -8.61 13.44
N THR A 33 -6.69 -9.44 12.48
CA THR A 33 -5.74 -10.17 11.65
C THR A 33 -5.98 -9.87 10.17
N THR A 34 -6.67 -8.78 9.90
CA THR A 34 -6.97 -8.38 8.53
C THR A 34 -6.71 -6.89 8.31
N VAL A 35 -6.11 -6.56 7.18
CA VAL A 35 -5.81 -5.16 6.86
C VAL A 35 -6.33 -4.80 5.46
N ARG A 36 -6.78 -3.56 5.31
CA ARG A 36 -7.29 -3.09 4.03
C ARG A 36 -6.50 -1.89 3.53
N VAL A 37 -5.74 -2.08 2.46
CA VAL A 37 -4.94 -1.01 1.89
C VAL A 37 -5.48 -0.57 0.53
N SER A 38 -5.73 0.72 0.39
CA SER A 38 -6.26 1.27 -0.86
C SER A 38 -5.44 2.48 -1.31
N TRP A 39 -5.49 2.77 -2.61
CA TRP A 39 -4.76 3.90 -3.17
C TRP A 39 -5.63 4.67 -4.16
N VAL A 40 -5.15 5.83 -4.58
CA VAL A 40 -5.88 6.67 -5.53
C VAL A 40 -5.59 6.25 -6.96
N PRO A 41 -6.65 5.95 -7.73
CA PRO A 41 -6.54 5.54 -9.13
C PRO A 41 -6.07 6.68 -10.04
N PRO A 42 -5.09 6.39 -10.89
CA PRO A 42 -4.54 7.38 -11.82
C PRO A 42 -5.52 7.74 -12.93
N PRO A 43 -5.96 9.01 -12.94
CA PRO A 43 -6.91 9.51 -13.93
C PRO A 43 -6.30 9.62 -15.33
N ALA A 44 -7.06 9.23 -16.34
CA ALA A 44 -6.59 9.28 -17.72
C ALA A 44 -5.85 10.58 -18.00
N ASP A 45 -6.57 11.69 -17.94
CA ASP A 45 -5.99 13.01 -18.18
C ASP A 45 -4.61 13.11 -17.54
N SER A 46 -4.59 13.14 -16.21
CA SER A 46 -3.33 13.25 -15.47
C SER A 46 -2.82 11.87 -15.06
N ARG A 47 -1.91 11.32 -15.84
CA ARG A 47 -1.34 10.00 -15.56
C ARG A 47 -0.18 9.69 -16.51
N ASN A 48 0.89 9.13 -15.95
CA ASN A 48 2.07 8.79 -16.75
C ASN A 48 2.43 7.32 -16.58
N GLY A 49 1.51 6.44 -16.99
CA GLY A 49 1.75 5.01 -16.87
C GLY A 49 0.46 4.21 -16.91
N VAL A 50 0.40 3.25 -17.82
CA VAL A 50 -0.78 2.40 -17.96
C VAL A 50 -0.76 1.26 -16.94
N ILE A 51 -1.62 1.36 -15.93
CA ILE A 51 -1.69 0.35 -14.90
C ILE A 51 -2.18 -0.98 -15.48
N THR A 52 -1.38 -2.03 -15.28
CA THR A 52 -1.73 -3.35 -15.78
C THR A 52 -1.95 -4.34 -14.64
N GLN A 53 -1.41 -3.99 -13.47
CA GLN A 53 -1.55 -4.85 -12.30
C GLN A 53 -0.97 -4.17 -11.05
N TYR A 54 -1.55 -4.47 -9.89
CA TYR A 54 -1.08 -3.89 -8.64
C TYR A 54 -0.46 -4.95 -7.74
N SER A 55 0.61 -4.58 -7.04
CA SER A 55 1.30 -5.50 -6.15
C SER A 55 1.28 -4.98 -4.72
N VAL A 56 0.83 -5.83 -3.80
CA VAL A 56 0.75 -5.46 -2.39
C VAL A 56 1.72 -6.29 -1.56
N ALA A 57 2.28 -5.67 -0.51
CA ALA A 57 3.22 -6.36 0.37
C ALA A 57 3.06 -5.90 1.81
N TYR A 58 3.36 -6.78 2.75
CA TYR A 58 3.24 -6.46 4.17
C TYR A 58 4.28 -7.23 4.98
N GLU A 59 4.85 -6.56 5.98
CA GLU A 59 5.86 -7.18 6.84
C GLU A 59 5.83 -6.57 8.23
N ALA A 60 5.69 -7.42 9.24
CA ALA A 60 5.65 -6.97 10.63
C ALA A 60 6.85 -6.08 10.95
N VAL A 61 6.59 -4.79 11.18
CA VAL A 61 7.64 -3.84 11.49
C VAL A 61 8.07 -3.96 12.96
N ASP A 62 7.12 -4.28 13.82
CA ASP A 62 7.40 -4.43 15.25
C ASP A 62 6.81 -5.74 15.78
N GLY A 63 6.87 -6.79 14.97
CA GLY A 63 6.35 -8.08 15.38
C GLY A 63 7.44 -9.10 15.63
N GLU A 64 7.04 -10.30 16.04
CA GLU A 64 7.99 -11.37 16.32
C GLU A 64 8.64 -11.86 15.04
N ASP A 65 7.83 -12.14 14.03
CA ASP A 65 8.33 -12.61 12.75
C ASP A 65 8.48 -11.46 11.76
N ARG A 66 9.71 -11.25 11.28
CA ARG A 66 9.99 -10.17 10.34
C ARG A 66 9.84 -10.66 8.90
N GLY A 67 8.99 -11.67 8.71
CA GLY A 67 8.77 -12.21 7.38
C GLY A 67 7.84 -11.36 6.55
N ARG A 68 8.34 -10.87 5.41
CA ARG A 68 7.54 -10.03 4.53
C ARG A 68 6.81 -10.88 3.50
N HIS A 69 5.54 -10.55 3.26
CA HIS A 69 4.72 -11.27 2.30
C HIS A 69 4.40 -10.39 1.08
N VAL A 70 4.02 -11.03 -0.02
CA VAL A 70 3.67 -10.30 -1.24
C VAL A 70 2.48 -10.95 -1.94
N VAL A 71 1.46 -10.14 -2.21
CA VAL A 71 0.26 -10.63 -2.89
C VAL A 71 0.44 -10.62 -4.39
N ASP A 72 0.04 -11.71 -5.04
CA ASP A 72 0.15 -11.83 -6.49
C ASP A 72 -1.21 -12.14 -7.12
N GLY A 73 -1.40 -11.68 -8.35
CA GLY A 73 -2.65 -11.92 -9.04
C GLY A 73 -3.72 -10.92 -8.65
N ILE A 74 -3.40 -9.64 -8.77
CA ILE A 74 -4.35 -8.58 -8.43
C ILE A 74 -4.81 -7.83 -9.67
N SER A 75 -6.12 -7.70 -9.82
CA SER A 75 -6.69 -7.00 -10.97
C SER A 75 -6.37 -5.51 -10.92
N ARG A 76 -6.05 -4.95 -12.08
CA ARG A 76 -5.72 -3.53 -12.17
C ARG A 76 -6.90 -2.66 -11.74
N GLU A 77 -8.11 -3.21 -11.86
CA GLU A 77 -9.32 -2.49 -11.49
C GLU A 77 -9.54 -2.55 -9.98
N HIS A 78 -8.55 -3.05 -9.26
CA HIS A 78 -8.63 -3.15 -7.81
C HIS A 78 -7.56 -2.29 -7.13
N SER A 79 -7.92 -1.05 -6.84
CA SER A 79 -6.99 -0.11 -6.21
C SER A 79 -6.98 -0.31 -4.69
N SER A 80 -7.40 -1.49 -4.26
CA SER A 80 -7.44 -1.82 -2.84
C SER A 80 -7.36 -3.32 -2.62
N TRP A 81 -6.78 -3.73 -1.49
CA TRP A 81 -6.65 -5.13 -1.16
C TRP A 81 -6.85 -5.38 0.33
N ASP A 82 -7.33 -6.56 0.67
CA ASP A 82 -7.57 -6.92 2.07
C ASP A 82 -6.66 -8.06 2.50
N LEU A 83 -5.58 -7.71 3.19
CA LEU A 83 -4.62 -8.70 3.67
C LEU A 83 -5.20 -9.50 4.84
N VAL A 84 -4.98 -10.80 4.82
CA VAL A 84 -5.48 -11.67 5.88
C VAL A 84 -4.42 -12.68 6.31
N GLY A 85 -4.22 -12.79 7.62
CA GLY A 85 -3.23 -13.71 8.15
C GLY A 85 -2.09 -12.99 8.84
N LEU A 86 -2.42 -12.00 9.65
CA LEU A 86 -1.42 -11.22 10.38
C LEU A 86 -1.61 -11.36 11.89
N GLU A 87 -0.69 -10.78 12.65
CA GLU A 87 -0.75 -10.84 14.10
C GLU A 87 -1.73 -9.79 14.65
N LYS A 88 -2.22 -10.02 15.86
CA LYS A 88 -3.16 -9.11 16.50
C LYS A 88 -2.42 -8.09 17.37
N TRP A 89 -2.87 -6.84 17.29
CA TRP A 89 -2.26 -5.77 18.07
C TRP A 89 -0.78 -5.60 17.71
N THR A 90 -0.50 -5.57 16.41
CA THR A 90 0.86 -5.42 15.93
C THR A 90 0.91 -4.55 14.68
N GLU A 91 1.88 -3.63 14.62
CA GLU A 91 2.03 -2.75 13.48
C GLU A 91 2.59 -3.50 12.28
N TYR A 92 2.18 -3.09 11.09
CA TYR A 92 2.63 -3.74 9.86
C TYR A 92 2.83 -2.71 8.75
N ARG A 93 3.99 -2.75 8.11
CA ARG A 93 4.31 -1.83 7.03
C ARG A 93 3.87 -2.39 5.68
N VAL A 94 2.82 -1.81 5.11
CA VAL A 94 2.31 -2.25 3.83
C VAL A 94 2.91 -1.44 2.68
N TRP A 95 3.31 -2.13 1.62
CA TRP A 95 3.90 -1.47 0.46
C TRP A 95 3.17 -1.87 -0.82
N VAL A 96 2.53 -0.89 -1.45
CA VAL A 96 1.79 -1.14 -2.68
C VAL A 96 2.38 -0.34 -3.84
N ARG A 97 2.68 -1.04 -4.94
CA ARG A 97 3.25 -0.39 -6.12
C ARG A 97 2.38 -0.61 -7.34
N ALA A 98 2.48 0.28 -8.31
CA ALA A 98 1.69 0.18 -9.53
C ALA A 98 2.54 -0.32 -10.69
N HIS A 99 2.26 -1.54 -11.16
CA HIS A 99 3.00 -2.13 -12.26
C HIS A 99 2.43 -1.68 -13.61
N THR A 100 3.31 -1.32 -14.53
CA THR A 100 2.90 -0.86 -15.85
C THR A 100 3.42 -1.80 -16.94
N ASP A 101 2.80 -1.72 -18.11
CA ASP A 101 3.19 -2.57 -19.23
C ASP A 101 4.67 -2.40 -19.54
N VAL A 102 5.19 -1.19 -19.32
CA VAL A 102 6.60 -0.90 -19.56
C VAL A 102 7.49 -1.60 -18.54
N GLY A 103 6.92 -1.96 -17.41
CA GLY A 103 7.67 -2.63 -16.37
C GLY A 103 7.28 -2.17 -14.98
N PRO A 104 7.63 -2.98 -13.97
CA PRO A 104 7.32 -2.68 -12.57
C PRO A 104 8.13 -1.49 -12.04
N GLY A 105 7.72 -0.97 -10.89
CA GLY A 105 8.41 0.15 -10.30
C GLY A 105 8.64 -0.02 -8.81
N PRO A 106 9.11 1.04 -8.14
CA PRO A 106 9.36 1.04 -6.69
C PRO A 106 8.08 0.97 -5.88
N GLU A 107 8.23 0.88 -4.56
CA GLU A 107 7.08 0.81 -3.66
C GLU A 107 6.57 2.20 -3.33
N SER A 108 5.43 2.27 -2.66
CA SER A 108 4.82 3.54 -2.29
C SER A 108 5.06 3.83 -0.81
N SER A 109 4.48 4.93 -0.33
CA SER A 109 4.63 5.32 1.07
C SER A 109 3.94 4.33 1.99
N PRO A 110 4.75 3.65 2.83
CA PRO A 110 4.25 2.66 3.78
C PRO A 110 3.44 3.29 4.91
N VAL A 111 2.24 2.76 5.15
CA VAL A 111 1.37 3.27 6.20
C VAL A 111 1.40 2.36 7.43
N LEU A 112 1.57 2.97 8.59
CA LEU A 112 1.62 2.23 9.84
C LEU A 112 0.22 2.01 10.41
N VAL A 113 -0.20 0.75 10.46
CA VAL A 113 -1.53 0.41 10.97
C VAL A 113 -1.43 -0.61 12.10
N ARG A 114 -2.03 -0.29 13.24
CA ARG A 114 -2.02 -1.18 14.40
C ARG A 114 -3.29 -2.00 14.48
N THR A 115 -3.17 -3.30 14.22
CA THR A 115 -4.32 -4.20 14.26
C THR A 115 -5.01 -4.15 15.62
N ASP A 116 -6.32 -4.38 15.63
CA ASP A 116 -7.10 -4.37 16.86
C ASP A 116 -6.50 -5.33 17.88
N GLU A 117 -6.73 -5.04 19.16
CA GLU A 117 -6.22 -5.88 20.24
C GLU A 117 -7.08 -7.13 20.41
N ASP A 118 -6.44 -8.24 20.76
CA ASP A 118 -7.16 -9.50 20.95
C ASP A 118 -8.50 -9.26 21.63
N VAL A 119 -8.49 -8.46 22.69
CA VAL A 119 -9.72 -8.15 23.43
C VAL A 119 -10.79 -7.58 22.49
N PRO A 120 -12.06 -7.81 22.87
CA PRO A 120 -13.20 -7.32 22.09
C PRO A 120 -13.34 -5.81 22.14
N SER A 121 -12.40 -5.16 22.80
CA SER A 121 -12.42 -3.69 22.93
C SER A 121 -11.47 -3.05 21.92
N GLY A 122 -11.89 -1.91 21.38
CA GLY A 122 -11.07 -1.21 20.41
C GLY A 122 -10.26 -0.10 21.04
N PRO A 123 -9.46 0.59 20.21
CA PRO A 123 -8.60 1.69 20.67
C PRO A 123 -9.40 2.92 21.07
N PRO A 124 -8.74 3.89 21.71
CA PRO A 124 -9.38 5.13 22.16
C PRO A 124 -9.76 6.03 20.99
N ARG A 125 -10.60 7.03 21.27
CA ARG A 125 -11.04 7.96 20.24
C ARG A 125 -9.86 8.44 19.40
N LYS A 126 -10.15 8.88 18.19
CA LYS A 126 -9.13 9.38 17.28
C LYS A 126 -8.25 10.42 17.96
N VAL A 127 -6.95 10.23 17.89
CA VAL A 127 -6.00 11.16 18.50
C VAL A 127 -5.37 12.08 17.45
N GLU A 128 -5.10 13.32 17.84
CA GLU A 128 -4.51 14.29 16.94
C GLU A 128 -3.15 14.76 17.45
N SER A 129 -2.19 14.87 16.54
CA SER A 129 -0.83 15.30 16.91
C SER A 129 -0.85 16.75 17.40
N GLY A 130 -1.47 17.63 16.63
CA GLY A 130 -1.53 19.03 17.00
C GLY A 130 -2.63 19.78 16.26
N PRO A 131 -2.85 21.04 16.64
CA PRO A 131 -3.87 21.89 16.03
C PRO A 131 -3.52 22.28 14.59
N SER A 132 -4.54 22.58 13.80
CA SER A 132 -4.33 22.96 12.41
C SER A 132 -5.12 24.21 12.07
N SER A 133 -4.74 24.88 10.98
CA SER A 133 -5.41 26.09 10.55
C SER A 133 -6.38 25.81 9.41
N GLY A 134 -7.12 24.71 9.53
CA GLY A 134 -8.07 24.34 8.50
C GLY A 134 -9.10 25.43 8.23
#